data_8CGS
#
_entry.id   8CGS
#
_cell.length_a   90.378
_cell.length_b   109.210
_cell.length_c   117.342
_cell.angle_alpha   97.71
_cell.angle_beta   90.06
_cell.angle_gamma   96.28
#
_symmetry.space_group_name_H-M   'P 1'
#
loop_
_entity.id
_entity.type
_entity.pdbx_description
1 polymer 'Arsenite oxidase subunit AioA'
2 polymer AioB
3 non-polymer '2-AMINO-5,6-DIMERCAPTO-7-METHYL-3,7,8A,9-TETRAHYDRO-8-OXA-1,3,9,10-TETRAAZA-ANTHRACEN-4-ONE GUANOSINE DINUCLEOTIDE'
4 non-polymer 'OXYGEN ATOM'
5 non-polymer 'MOLYBDENUM(IV) ION'
6 non-polymer 'FE3-S4 CLUSTER'
7 non-polymer DI(HYDROXYETHYL)ETHER
8 non-polymer 'ACETATE ION'
9 non-polymer 'PHOSPHATE ION'
10 non-polymer tetrakis(oxidanyl)antimony
11 non-polymer 'CHLORIDE ION'
12 non-polymer GLYCEROL
13 non-polymer 2-AMINO-2-HYDROXYMETHYL-PROPANE-1,3-DIOL
14 non-polymer 'FE2/S2 (INORGANIC) CLUSTER'
15 non-polymer 1,2-ETHANEDIOL
16 non-polymer 'SULFATE ION'
17 non-polymer 'SODIUM ION'
18 water water
#
loop_
_entity_poly.entity_id
_entity_poly.type
_entity_poly.pdbx_seq_one_letter_code
_entity_poly.pdbx_strand_id
1 'polypeptide(L)'
;NDRITLPPANAQRTNMTCHFCIVGCGYHVYKWPELQEGGRAPEQNALGLDFRKQLPPLAVTLTPAMTNVVTEHNGRRYNI
MVVPDKACVVNSGLSSTRGGKMASYMYTPTGDGKQRLKAPRLYAADQWVDTTWDHAMALYAGLIKKTLDKDGPQGVFFSC
FDHGGAGGGFENTWGTGKLMFSAIQTPMVRIHNRPAYNSECHATREMGIGELNNAYEDAQLADVIWSIGNNPYESQTNYF
LNHWLPNLQGATTSKKKERFPNENFPQARIIFVDPRETPSVAIARHVAGNDRVLHLAIEPGTDTALFNGLFTYVVEQGWI
DKPFIEAHTKGFDDAVKTNRLSLDECSNITGVPVDMLKRAAEWSYKPKASGQAPRTMHAYEKGIIWGNDNYVIQSALLDL
VIATHNVGRRGTGCVRMGGHQEGYTRPPYPGDKKIYIDQELIKGKGRIMTWWGCNNFQTSNNAQALREAILQRSAIVKQA
MQKARGATTEEMVDVIYEATQNGGLFVTSINLYPTKLAEAAHLMLPAAHPGEMNLTSMNGERRIRLSEKFMDPPGTAMAD
CLIAARIANALRDMYQKDGKAEMAAQFEGFDWKTEEDAFNDGFRRAGQPGAPAIDSQGGSTGHLVTYDRLRKSGNNGVQL
PVVSWDESKGLVGTEMLYTEGKFDTDDGKAHFKPAPWNGLPATVQQQKDKYRFWLNNGRNNEVWQTAYHDQYNSLMQERY
PMAYIEMNPDDCKQLDVTGGDIVEVYNDFGSTFAMVYPVAEIKRGQTFMLFGYVNGIQGDVTTDWTDRNIIPYYKGTWGD
IRKVGSMEEFKRTVSFKSRRFA
;
A,C,E,G
2 'polypeptide(L)'
;RTTLQYPATQVSVAKNLKANEPVSFTYPDTSSPCVAVKLGSPVPGGVGPNNDIVAYSVLCTHMGCPTSYDKSSKTFKCPC
HFTEFDAEKAGQMICGQATENLPRVLLRYDEASDALTAVGVDGLIYGRQANVI
;
B,D,F,H
#
# COMPACT_ATOMS: atom_id res chain seq x y z
N ASN A 1 7.02 -2.44 -5.10
CA ASN A 1 5.91 -1.51 -5.49
C ASN A 1 6.35 -0.05 -5.80
N ASP A 2 5.38 0.86 -5.80
CA ASP A 2 5.52 2.06 -6.59
C ASP A 2 5.29 3.32 -5.80
N ARG A 3 5.47 3.24 -4.50
CA ARG A 3 5.40 4.45 -3.69
C ARG A 3 6.05 4.26 -2.36
N ILE A 4 6.27 5.35 -1.62
CA ILE A 4 6.85 5.23 -0.28
C ILE A 4 6.10 6.16 0.65
N THR A 5 6.15 5.85 1.92
CA THR A 5 5.53 6.70 2.95
C THR A 5 6.60 7.66 3.46
N LEU A 6 6.38 8.97 3.29
CA LEU A 6 7.34 9.96 3.73
C LEU A 6 7.29 10.16 5.23
N PRO A 7 8.44 10.46 5.86
CA PRO A 7 8.46 10.75 7.28
C PRO A 7 7.80 12.12 7.55
N PRO A 8 6.92 12.21 8.56
CA PRO A 8 6.30 13.50 8.90
C PRO A 8 7.32 14.48 9.28
N ALA A 9 6.99 15.75 9.17
CA ALA A 9 7.98 16.78 9.53
C ALA A 9 8.48 16.56 10.93
N ASN A 10 7.59 16.12 11.86
CA ASN A 10 7.98 15.99 13.26
C ASN A 10 8.38 14.58 13.64
N ALA A 11 8.69 13.75 12.66
CA ALA A 11 9.17 12.40 12.93
C ALA A 11 10.39 12.33 13.83
N GLN A 12 10.47 11.33 14.72
CA GLN A 12 11.71 11.12 15.51
C GLN A 12 12.86 10.81 14.56
N ARG A 13 14.06 11.28 14.88
CA ARG A 13 15.22 11.02 14.05
C ARG A 13 16.38 10.70 14.99
N THR A 14 17.00 9.56 14.78
CA THR A 14 18.18 9.25 15.52
C THR A 14 19.36 9.00 14.56
N ASN A 15 20.56 8.97 15.15
CA ASN A 15 21.80 8.72 14.41
C ASN A 15 22.15 7.23 14.42
N MET A 16 22.60 6.75 13.29
CA MET A 16 23.08 5.41 13.17
C MET A 16 24.27 5.37 12.23
N THR A 17 25.35 4.72 12.67
CA THR A 17 26.51 4.42 11.80
C THR A 17 26.12 3.15 11.08
N CYS A 18 26.47 3.07 9.79
CA CYS A 18 26.33 1.87 9.04
C CYS A 18 26.80 0.71 9.87
N HIS A 19 26.01 -0.34 9.84
CA HIS A 19 26.33 -1.63 10.54
C HIS A 19 27.58 -2.31 10.09
N PHE A 20 27.97 -2.09 8.84
CA PHE A 20 28.87 -2.98 8.11
C PHE A 20 30.32 -2.50 7.97
N CYS A 21 30.74 -2.01 6.80
CA CYS A 21 32.19 -1.91 6.62
C CYS A 21 32.85 -0.74 7.40
N ILE A 22 34.18 -0.86 7.46
CA ILE A 22 35.10 0.12 8.05
C ILE A 22 34.80 1.60 7.82
N VAL A 23 34.33 1.92 6.65
CA VAL A 23 34.09 3.36 6.35
C VAL A 23 33.19 4.02 7.37
N GLY A 24 32.08 3.35 7.80
CA GLY A 24 31.34 3.86 8.91
C GLY A 24 30.55 5.07 8.46
N CYS A 25 30.03 5.02 7.25
CA CYS A 25 29.11 6.07 6.82
C CYS A 25 27.98 6.41 7.82
N GLY A 26 27.63 7.70 7.84
CA GLY A 26 26.59 8.22 8.69
C GLY A 26 25.24 8.14 8.07
N TYR A 27 24.29 7.66 8.87
CA TYR A 27 22.88 7.58 8.55
C TYR A 27 21.99 8.23 9.63
N HIS A 28 20.76 8.53 9.24
CA HIS A 28 19.67 8.93 10.10
C HIS A 28 18.58 7.90 9.98
N VAL A 29 17.94 7.59 11.12
CA VAL A 29 16.79 6.70 11.18
C VAL A 29 15.63 7.58 11.55
N TYR A 30 14.61 7.61 10.69
CA TYR A 30 13.35 8.29 10.95
C TYR A 30 12.40 7.21 11.44
N LYS A 31 11.72 7.47 12.56
CA LYS A 31 10.72 6.54 13.14
C LYS A 31 9.43 7.28 13.42
N TRP A 32 8.30 6.69 13.00
CA TRP A 32 7.04 7.34 13.21
C TRP A 32 5.87 6.33 13.09
N PRO A 33 4.71 6.66 13.68
CA PRO A 33 3.59 5.72 13.72
C PRO A 33 3.24 5.22 12.31
N GLU A 34 2.97 3.93 12.21
CA GLU A 34 2.64 3.30 10.91
C GLU A 34 1.61 4.09 10.11
N LEU A 35 0.59 4.57 10.79
CA LEU A 35 -0.57 5.19 10.12
C LEU A 35 -0.44 6.69 9.82
N GLN A 36 0.76 7.26 10.05
CA GLN A 36 1.06 8.64 9.73
C GLN A 36 2.02 8.74 8.56
N GLU A 37 1.93 9.87 7.89
CA GLU A 37 2.89 10.22 6.84
C GLU A 37 3.11 11.73 6.71
N GLY A 38 4.28 12.07 6.16
CA GLY A 38 4.59 13.41 5.71
C GLY A 38 3.95 13.81 4.42
N GLY A 39 3.89 15.11 4.21
CA GLY A 39 3.39 15.70 2.99
C GLY A 39 4.52 15.83 1.98
N ARG A 40 4.14 15.99 0.74
CA ARG A 40 5.08 16.13 -0.34
C ARG A 40 5.80 17.47 -0.36
N ALA A 41 5.17 18.53 0.17
CA ALA A 41 5.88 19.81 0.29
C ALA A 41 7.08 19.69 1.18
N PRO A 42 8.19 20.39 0.83
CA PRO A 42 9.45 20.15 1.51
C PRO A 42 9.42 20.42 3.03
N GLU A 43 8.66 21.42 3.47
CA GLU A 43 8.58 21.70 4.89
C GLU A 43 7.56 20.81 5.61
N GLN A 44 6.88 19.92 4.89
CA GLN A 44 5.93 19.00 5.50
C GLN A 44 6.41 17.52 5.60
N ASN A 45 7.67 17.27 5.27
CA ASN A 45 8.27 15.96 5.53
C ASN A 45 9.63 16.15 6.15
N ALA A 46 10.09 15.15 6.91
CA ALA A 46 11.35 15.28 7.61
C ALA A 46 12.57 15.36 6.70
N LEU A 47 12.48 14.92 5.44
CA LEU A 47 13.68 15.02 4.57
C LEU A 47 13.95 16.43 4.08
N GLY A 48 12.98 17.33 4.20
CA GLY A 48 13.07 18.64 3.63
C GLY A 48 13.14 18.70 2.11
N LEU A 49 12.57 17.69 1.43
CA LEU A 49 12.70 17.60 -0.01
C LEU A 49 11.35 17.80 -0.63
N ASP A 50 11.35 18.33 -1.84
CA ASP A 50 10.11 18.70 -2.50
C ASP A 50 9.64 17.58 -3.41
N PHE A 51 8.67 16.80 -2.94
CA PHE A 51 8.17 15.70 -3.69
C PHE A 51 6.91 16.08 -4.49
N ARG A 52 6.63 17.39 -4.62
CA ARG A 52 5.54 17.85 -5.50
C ARG A 52 5.91 17.77 -6.98
N LYS A 53 7.20 17.71 -7.28
CA LYS A 53 7.72 17.54 -8.65
C LYS A 53 8.93 16.65 -8.58
N GLN A 54 9.33 16.10 -9.73
CA GLN A 54 10.55 15.27 -9.81
C GLN A 54 11.76 15.86 -9.06
N LEU A 55 12.45 15.06 -8.26
CA LEU A 55 13.72 15.56 -7.69
C LEU A 55 14.87 15.52 -8.69
N PRO A 56 15.77 16.54 -8.63
CA PRO A 56 16.98 16.40 -9.47
C PRO A 56 17.87 15.23 -8.99
N PRO A 57 18.77 14.80 -9.85
CA PRO A 57 19.73 13.76 -9.44
C PRO A 57 20.59 14.24 -8.28
N LEU A 58 21.05 13.30 -7.46
CA LEU A 58 21.86 13.51 -6.28
C LEU A 58 21.15 14.14 -5.13
N ALA A 59 19.85 14.38 -5.23
CA ALA A 59 19.14 15.03 -4.15
C ALA A 59 18.87 14.11 -3.01
N VAL A 60 18.84 12.81 -3.24
CA VAL A 60 18.40 11.89 -2.23
C VAL A 60 18.84 10.48 -2.63
N THR A 61 18.99 9.62 -1.63
CA THR A 61 19.12 8.21 -1.81
C THR A 61 17.91 7.59 -1.04
N LEU A 62 16.92 7.09 -1.77
CA LEU A 62 15.69 6.63 -1.18
C LEU A 62 15.02 5.63 -2.09
N THR A 63 14.95 4.39 -1.63
CA THR A 63 14.23 3.33 -2.29
C THR A 63 13.36 2.62 -1.27
N PRO A 64 12.51 1.72 -1.75
CA PRO A 64 11.70 0.96 -0.76
C PRO A 64 12.53 0.06 0.15
N ALA A 65 13.70 -0.41 -0.29
CA ALA A 65 14.54 -1.22 0.59
C ALA A 65 15.08 -0.40 1.78
N MET A 66 14.94 0.92 1.72
CA MET A 66 15.45 1.81 2.81
C MET A 66 14.34 2.17 3.78
N THR A 67 13.19 1.48 3.65
CA THR A 67 12.13 1.63 4.57
C THR A 67 11.68 0.29 5.12
N ASN A 68 10.96 0.33 6.24
CA ASN A 68 10.33 -0.81 6.81
C ASN A 68 9.26 -0.38 7.81
N VAL A 69 8.56 -1.40 8.30
CA VAL A 69 7.59 -1.21 9.38
C VAL A 69 7.93 -2.21 10.47
N VAL A 70 8.31 -1.72 11.63
CA VAL A 70 8.76 -2.57 12.73
C VAL A 70 7.59 -2.68 13.72
N THR A 71 7.58 -3.76 14.49
CA THR A 71 6.59 -3.99 15.53
C THR A 71 7.37 -4.09 16.86
N GLU A 72 7.09 -3.18 17.78
CA GLU A 72 7.79 -3.16 19.06
C GLU A 72 7.18 -4.18 20.05
N HIS A 73 7.81 -4.40 21.19
CA HIS A 73 7.32 -5.34 22.19
C HIS A 73 5.91 -5.05 22.69
N ASN A 74 5.54 -3.78 22.74
CA ASN A 74 4.19 -3.39 23.09
C ASN A 74 3.13 -3.57 21.99
N GLY A 75 3.52 -4.12 20.84
CA GLY A 75 2.62 -4.38 19.72
C GLY A 75 2.38 -3.21 18.77
N ARG A 76 2.92 -2.04 19.07
CA ARG A 76 2.69 -0.84 18.23
C ARG A 76 3.67 -0.86 17.02
N ARG A 77 3.14 -0.44 15.88
CA ARG A 77 3.81 -0.53 14.59
C ARG A 77 4.34 0.82 14.14
N TYR A 78 5.57 0.86 13.64
CA TYR A 78 6.22 2.14 13.31
C TYR A 78 6.85 2.03 11.96
N ASN A 79 6.60 3.02 11.14
CA ASN A 79 7.41 3.18 9.91
C ASN A 79 8.81 3.50 10.33
N ILE A 80 9.80 2.97 9.60
CA ILE A 80 11.17 3.44 9.75
C ILE A 80 11.72 3.76 8.37
N MET A 81 12.66 4.70 8.32
CA MET A 81 13.35 5.02 7.09
C MET A 81 14.78 5.27 7.49
N VAL A 82 15.74 4.57 6.86
CA VAL A 82 17.16 4.65 7.22
C VAL A 82 17.88 5.16 5.98
N VAL A 83 18.36 6.42 6.03
CA VAL A 83 18.90 7.06 4.88
C VAL A 83 20.20 7.77 5.23
N PRO A 84 21.08 7.94 4.24
CA PRO A 84 22.41 8.53 4.54
C PRO A 84 22.35 10.00 4.90
N ASP A 85 23.26 10.42 5.78
CA ASP A 85 23.36 11.77 6.28
C ASP A 85 24.24 12.62 5.36
N LYS A 86 23.62 13.60 4.70
CA LYS A 86 24.30 14.48 3.77
C LYS A 86 25.40 15.26 4.40
N ALA A 87 25.27 15.52 5.68
CA ALA A 87 26.18 16.43 6.36
C ALA A 87 27.24 15.66 7.10
N CYS A 88 27.24 14.33 7.05
CA CYS A 88 28.34 13.56 7.61
C CYS A 88 29.57 13.67 6.74
N VAL A 89 30.70 14.05 7.33
CA VAL A 89 31.92 14.21 6.54
C VAL A 89 32.48 12.91 5.94
N VAL A 90 32.13 11.77 6.53
CA VAL A 90 32.68 10.48 6.03
C VAL A 90 32.16 10.20 4.63
N ASN A 91 30.83 10.25 4.49
CA ASN A 91 30.13 9.87 3.27
C ASN A 91 29.45 10.98 2.50
N SER A 92 29.26 12.14 3.12
CA SER A 92 28.60 13.29 2.43
C SER A 92 27.32 12.87 1.76
N GLY A 93 26.48 12.09 2.47
CA GLY A 93 25.24 11.59 1.89
C GLY A 93 25.26 10.32 1.03
N LEU A 94 26.43 9.73 0.81
CA LEU A 94 26.49 8.49 0.05
C LEU A 94 26.06 7.28 0.91
N SER A 95 25.47 6.31 0.23
CA SER A 95 25.13 5.03 0.75
C SER A 95 25.62 3.97 -0.18
N SER A 96 26.29 2.94 0.32
CA SER A 96 26.56 1.78 -0.50
C SER A 96 25.33 0.87 -0.61
N THR A 97 25.46 -0.11 -1.50
CA THR A 97 24.38 -1.08 -1.62
C THR A 97 24.19 -1.91 -0.33
N ARG A 98 25.22 -2.02 0.52
CA ARG A 98 25.14 -2.83 1.69
C ARG A 98 24.45 -2.06 2.82
N GLY A 99 24.92 -0.85 3.09
CA GLY A 99 24.30 0.07 4.06
C GLY A 99 22.89 0.49 3.71
N GLY A 100 22.64 0.65 2.41
CA GLY A 100 21.38 1.05 1.90
C GLY A 100 20.28 0.05 2.23
N LYS A 101 20.64 -1.20 2.48
CA LYS A 101 19.68 -2.22 2.90
C LYS A 101 19.38 -2.25 4.39
N MET A 102 20.03 -1.41 5.19
CA MET A 102 19.82 -1.48 6.68
C MET A 102 18.38 -1.56 7.12
N ALA A 103 17.48 -0.72 6.60
CA ALA A 103 16.10 -0.80 6.99
C ALA A 103 15.49 -2.18 6.74
N SER A 104 15.84 -2.80 5.61
CA SER A 104 15.31 -4.10 5.23
C SER A 104 15.82 -5.16 6.17
N TYR A 105 17.01 -4.92 6.74
CA TYR A 105 17.64 -5.91 7.60
C TYR A 105 17.42 -5.67 9.08
N MET A 106 16.67 -4.64 9.44
CA MET A 106 16.11 -4.55 10.82
C MET A 106 15.07 -5.66 11.00
N TYR A 107 14.95 -6.11 12.23
CA TYR A 107 14.03 -7.16 12.57
C TYR A 107 12.59 -6.78 12.38
N THR A 108 11.87 -7.62 11.62
CA THR A 108 10.41 -7.61 11.58
C THR A 108 9.97 -9.06 11.53
N PRO A 109 8.76 -9.34 12.03
CA PRO A 109 8.30 -10.71 12.01
C PRO A 109 8.01 -11.24 10.62
N THR A 110 7.76 -10.39 9.65
CA THR A 110 7.41 -10.84 8.31
C THR A 110 8.50 -10.62 7.24
N GLY A 111 9.59 -9.92 7.55
CA GLY A 111 10.56 -9.50 6.54
C GLY A 111 11.81 -10.30 6.49
N ASP A 112 12.91 -9.65 6.04
CA ASP A 112 14.19 -10.34 5.88
C ASP A 112 14.72 -10.84 7.17
N GLY A 113 14.36 -10.20 8.28
CA GLY A 113 14.79 -10.71 9.57
C GLY A 113 13.89 -11.70 10.29
N LYS A 114 12.96 -12.35 9.59
CA LYS A 114 11.95 -13.19 10.25
C LYS A 114 12.61 -14.34 11.03
N GLN A 115 13.66 -14.91 10.50
CA GLN A 115 14.39 -16.04 11.12
C GLN A 115 15.42 -15.63 12.14
N ARG A 116 15.40 -14.35 12.56
CA ARG A 116 16.25 -13.98 13.68
C ARG A 116 16.06 -14.87 14.92
N LEU A 117 17.16 -15.17 15.60
CA LEU A 117 17.06 -15.81 16.88
C LEU A 117 16.28 -14.90 17.86
N LYS A 118 15.24 -15.48 18.45
CA LYS A 118 14.28 -14.76 19.34
C LYS A 118 14.27 -15.29 20.76
N ALA A 119 14.88 -16.43 20.99
CA ALA A 119 14.81 -17.17 22.22
C ALA A 119 16.03 -18.09 22.25
N PRO A 120 16.46 -18.55 23.43
CA PRO A 120 17.45 -19.61 23.44
C PRO A 120 16.94 -20.86 22.77
N ARG A 121 17.85 -21.54 22.06
CA ARG A 121 17.55 -22.74 21.32
C ARG A 121 18.47 -23.85 21.84
N LEU A 122 17.89 -25.00 22.06
CA LEU A 122 18.59 -26.15 22.61
C LEU A 122 18.39 -27.40 21.68
N TYR A 123 19.49 -28.08 21.33
CA TYR A 123 19.42 -29.31 20.57
C TYR A 123 19.41 -30.39 21.61
N ALA A 124 18.21 -30.92 21.90
CA ALA A 124 18.04 -31.86 22.99
C ALA A 124 18.16 -33.25 22.39
N ALA A 125 19.42 -33.59 22.06
CA ALA A 125 19.90 -34.89 21.49
C ALA A 125 19.57 -35.16 20.04
N ASP A 126 18.31 -34.92 19.65
CA ASP A 126 17.89 -35.18 18.29
C ASP A 126 16.85 -34.21 17.80
N GLN A 127 16.73 -33.03 18.43
CA GLN A 127 15.81 -32.06 17.92
C GLN A 127 16.10 -30.74 18.52
N TRP A 128 15.78 -29.72 17.74
CA TRP A 128 15.83 -28.35 18.20
C TRP A 128 14.56 -27.99 18.92
N VAL A 129 14.69 -27.43 20.11
CA VAL A 129 13.57 -26.85 20.83
C VAL A 129 13.96 -25.50 21.45
N ASP A 130 12.95 -24.69 21.80
CA ASP A 130 13.20 -23.50 22.60
C ASP A 130 13.57 -23.90 24.00
N THR A 131 14.34 -23.10 24.68
CA THR A 131 14.55 -23.24 26.11
C THR A 131 14.57 -21.87 26.75
N THR A 132 14.53 -21.84 28.08
CA THR A 132 14.49 -20.59 28.82
C THR A 132 15.92 -20.05 28.95
N TRP A 133 16.03 -18.75 29.06
CA TRP A 133 17.35 -18.13 29.36
C TRP A 133 17.97 -18.68 30.62
N ASP A 134 17.16 -18.90 31.66
CA ASP A 134 17.72 -19.37 32.90
C ASP A 134 18.18 -20.80 32.76
N HIS A 135 17.49 -21.63 31.97
CA HIS A 135 17.97 -23.00 31.78
C HIS A 135 19.23 -23.05 30.92
N ALA A 136 19.24 -22.24 29.85
CA ALA A 136 20.46 -22.07 29.02
C ALA A 136 21.67 -21.69 29.85
N MET A 137 21.50 -20.72 30.77
CA MET A 137 22.62 -20.23 31.57
C MET A 137 23.05 -21.33 32.55
N ALA A 138 22.08 -22.10 33.06
CA ALA A 138 22.39 -23.20 34.02
C ALA A 138 23.17 -24.27 33.38
N LEU A 139 22.87 -24.59 32.13
CA LEU A 139 23.64 -25.57 31.39
C LEU A 139 25.05 -25.05 30.96
N TYR A 140 25.06 -23.82 30.45
CA TYR A 140 26.30 -23.22 29.87
C TYR A 140 27.28 -22.88 30.99
N ALA A 141 26.84 -22.12 31.98
CA ALA A 141 27.66 -21.86 33.14
C ALA A 141 27.97 -23.18 33.86
N GLY A 142 27.00 -24.11 33.95
CA GLY A 142 27.25 -25.40 34.59
C GLY A 142 28.43 -26.14 33.99
N LEU A 143 28.42 -26.22 32.66
CA LEU A 143 29.54 -26.85 31.96
C LEU A 143 30.88 -26.11 32.10
N ILE A 144 30.82 -24.80 32.03
CA ILE A 144 32.03 -24.00 32.13
C ILE A 144 32.57 -24.20 33.55
N LYS A 145 31.69 -24.18 34.57
CA LYS A 145 32.12 -24.37 35.97
C LYS A 145 32.77 -25.75 36.19
N LYS A 146 32.15 -26.79 35.64
CA LYS A 146 32.71 -28.12 35.81
C LYS A 146 34.06 -28.22 35.11
N THR A 147 34.18 -27.58 33.95
CA THR A 147 35.44 -27.57 33.19
C THR A 147 36.50 -26.80 33.98
N LEU A 148 36.16 -25.64 34.50
CA LEU A 148 37.12 -24.89 35.33
C LEU A 148 37.54 -25.69 36.55
N ASP A 149 36.60 -26.36 37.20
CA ASP A 149 36.91 -27.12 38.41
C ASP A 149 37.79 -28.34 38.12
N LYS A 150 37.67 -28.97 36.96
CA LYS A 150 38.34 -30.23 36.67
C LYS A 150 39.53 -30.11 35.73
N ASP A 151 39.42 -29.25 34.71
CA ASP A 151 40.49 -29.07 33.76
C ASP A 151 41.16 -27.71 33.83
N GLY A 152 40.53 -26.75 34.47
CA GLY A 152 40.98 -25.37 34.40
C GLY A 152 40.52 -24.65 33.14
N PRO A 153 40.98 -23.39 32.97
CA PRO A 153 40.53 -22.55 31.84
C PRO A 153 40.86 -23.14 30.49
N GLN A 154 41.88 -23.97 30.39
CA GLN A 154 42.30 -24.51 29.09
C GLN A 154 41.27 -25.43 28.43
N GLY A 155 40.22 -25.85 29.15
CA GLY A 155 39.13 -26.66 28.54
C GLY A 155 37.99 -25.80 27.97
N VAL A 156 38.05 -24.47 28.13
CA VAL A 156 36.96 -23.56 27.69
C VAL A 156 37.48 -22.75 26.52
N PHE A 157 36.91 -22.99 25.34
CA PHE A 157 37.36 -22.40 24.10
C PHE A 157 36.36 -21.37 23.57
N PHE A 158 36.90 -20.34 22.94
CA PHE A 158 36.05 -19.34 22.23
C PHE A 158 36.62 -19.02 20.86
N SER A 159 35.73 -18.71 19.92
CA SER A 159 36.07 -17.89 18.79
C SER A 159 35.13 -16.70 18.84
N CYS A 160 35.69 -15.52 18.95
CA CYS A 160 34.89 -14.35 19.23
C CYS A 160 35.28 -13.19 18.33
N PHE A 161 34.28 -12.40 17.94
CA PHE A 161 34.55 -11.12 17.30
C PHE A 161 35.54 -10.28 18.16
N ASP A 162 36.42 -9.54 17.50
CA ASP A 162 37.19 -8.48 18.13
C ASP A 162 37.00 -7.10 17.48
N HIS A 163 36.01 -6.99 16.59
CA HIS A 163 35.85 -5.85 15.70
C HIS A 163 34.84 -4.86 16.20
N GLY A 164 34.60 -3.81 15.39
CA GLY A 164 33.55 -2.81 15.66
C GLY A 164 32.26 -3.04 14.89
N GLY A 165 31.42 -2.02 14.91
CA GLY A 165 30.18 -2.05 14.15
C GLY A 165 29.23 -3.09 14.72
N ALA A 166 28.30 -3.51 13.90
CA ALA A 166 27.31 -4.50 14.32
C ALA A 166 28.01 -5.84 14.61
N GLY A 167 27.71 -6.41 15.78
CA GLY A 167 28.38 -7.63 16.25
C GLY A 167 29.78 -7.34 16.73
N GLY A 168 29.99 -6.12 17.20
CA GLY A 168 31.20 -5.69 17.77
C GLY A 168 31.01 -4.41 18.52
N GLY A 169 32.11 -3.64 18.62
CA GLY A 169 32.09 -2.34 19.27
C GLY A 169 32.59 -2.33 20.70
N PHE A 170 32.75 -1.11 21.22
CA PHE A 170 33.52 -0.95 22.45
C PHE A 170 32.83 -1.61 23.66
N GLU A 171 31.50 -1.57 23.71
CA GLU A 171 30.69 -2.18 24.78
C GLU A 171 30.87 -3.68 24.74
N ASN A 172 30.71 -4.20 23.53
CA ASN A 172 30.72 -5.62 23.25
C ASN A 172 32.07 -6.31 23.33
N THR A 173 33.13 -5.70 22.78
CA THR A 173 34.45 -6.26 22.94
C THR A 173 34.91 -6.27 24.41
N TRP A 174 34.57 -5.24 25.18
CA TRP A 174 34.86 -5.23 26.61
C TRP A 174 34.10 -6.31 27.38
N GLY A 175 32.80 -6.42 27.14
CA GLY A 175 32.00 -7.41 27.85
C GLY A 175 32.51 -8.81 27.68
N THR A 176 32.73 -9.15 26.40
CA THR A 176 33.29 -10.44 26.06
C THR A 176 34.71 -10.62 26.52
N GLY A 177 35.56 -9.62 26.31
CA GLY A 177 36.94 -9.67 26.78
C GLY A 177 37.05 -9.84 28.30
N LYS A 178 36.28 -9.05 29.02
CA LYS A 178 36.28 -9.16 30.48
C LYS A 178 35.86 -10.56 30.88
N LEU A 179 34.80 -11.10 30.25
CA LEU A 179 34.37 -12.43 30.59
C LEU A 179 35.42 -13.51 30.30
N MET A 180 35.92 -13.50 29.06
CA MET A 180 36.88 -14.48 28.63
C MET A 180 38.22 -14.40 29.35
N PHE A 181 38.74 -13.19 29.52
CA PHE A 181 40.11 -13.04 30.02
C PHE A 181 40.24 -12.73 31.52
N SER A 182 39.33 -11.96 32.09
CA SER A 182 39.43 -11.56 33.49
C SER A 182 38.68 -12.51 34.41
N ALA A 183 37.58 -13.06 33.94
CA ALA A 183 36.66 -13.86 34.73
C ALA A 183 36.91 -15.36 34.58
N ILE A 184 36.71 -15.88 33.37
CA ILE A 184 37.07 -17.27 33.06
C ILE A 184 38.55 -17.48 33.04
N GLN A 185 39.25 -16.50 32.49
CA GLN A 185 40.72 -16.48 32.34
C GLN A 185 41.21 -17.56 31.40
N THR A 186 40.48 -17.80 30.32
CA THR A 186 40.96 -18.79 29.32
C THR A 186 41.88 -18.16 28.26
N PRO A 187 42.98 -18.83 27.94
CA PRO A 187 43.80 -18.46 26.79
C PRO A 187 43.34 -19.11 25.49
N MET A 188 42.29 -19.94 25.53
CA MET A 188 41.89 -20.74 24.36
C MET A 188 40.87 -19.93 23.56
N VAL A 189 41.35 -18.85 22.97
CA VAL A 189 40.51 -17.86 22.31
C VAL A 189 41.17 -17.52 21.00
N ARG A 190 40.36 -17.67 19.95
CA ARG A 190 40.70 -17.10 18.67
C ARG A 190 39.72 -15.97 18.33
N ILE A 191 39.99 -15.39 17.17
CA ILE A 191 39.31 -14.18 16.71
C ILE A 191 38.47 -14.58 15.50
N HIS A 192 37.50 -13.74 15.19
CA HIS A 192 36.47 -14.09 14.17
C HIS A 192 37.15 -14.41 12.88
N ASN A 193 38.25 -13.69 12.56
CA ASN A 193 38.89 -13.87 11.24
C ASN A 193 40.27 -14.55 11.17
N ARG A 194 40.78 -14.99 12.31
CA ARG A 194 42.11 -15.58 12.39
C ARG A 194 42.16 -16.51 13.55
N PRO A 195 42.86 -17.65 13.41
CA PRO A 195 42.71 -18.74 14.34
C PRO A 195 43.61 -18.71 15.55
N ALA A 196 44.03 -17.54 15.98
CA ALA A 196 44.75 -17.42 17.22
C ALA A 196 44.48 -16.05 17.77
N TYR A 197 44.94 -15.76 18.98
CA TYR A 197 44.75 -14.42 19.54
C TYR A 197 45.95 -13.55 19.16
N ASN A 198 45.89 -12.88 18.03
CA ASN A 198 47.00 -12.20 17.46
C ASN A 198 46.48 -10.94 16.77
N SER A 199 47.36 -10.28 16.01
CA SER A 199 47.08 -9.04 15.30
C SER A 199 47.35 -9.27 13.81
N GLU A 200 46.61 -8.50 13.00
CA GLU A 200 46.87 -8.44 11.58
C GLU A 200 48.15 -7.63 11.22
N CYS A 201 48.64 -6.87 12.20
CA CYS A 201 49.58 -5.78 12.00
C CYS A 201 50.69 -5.85 13.00
N HIS A 202 51.19 -7.04 13.30
CA HIS A 202 52.29 -7.16 14.27
C HIS A 202 53.52 -6.36 13.79
N ALA A 203 53.91 -6.56 12.53
CA ALA A 203 55.10 -5.90 12.01
C ALA A 203 55.00 -4.37 12.05
N THR A 204 53.98 -3.78 11.42
CA THR A 204 53.88 -2.31 11.40
C THR A 204 53.82 -1.69 12.85
N ARG A 205 53.04 -2.33 13.74
CA ARG A 205 53.01 -1.97 15.15
C ARG A 205 54.37 -2.01 15.85
N GLU A 206 55.11 -3.10 15.69
CA GLU A 206 56.41 -3.25 16.32
C GLU A 206 57.43 -2.26 15.68
N MET A 207 57.21 -1.82 14.44
CA MET A 207 58.06 -0.82 13.78
C MET A 207 57.74 0.60 14.26
N GLY A 208 56.63 0.75 15.01
CA GLY A 208 56.18 1.99 15.65
C GLY A 208 55.03 2.71 14.98
N ILE A 209 54.44 2.06 13.94
CA ILE A 209 53.38 2.64 13.15
C ILE A 209 52.08 1.84 13.31
N GLY A 210 51.17 2.32 14.16
CA GLY A 210 49.83 1.78 14.20
C GLY A 210 49.16 1.94 12.83
N GLU A 211 48.31 0.99 12.46
CA GLU A 211 47.87 0.83 11.08
C GLU A 211 46.80 1.83 10.66
N LEU A 212 46.17 2.54 11.60
CA LEU A 212 45.22 3.61 11.25
C LEU A 212 45.80 4.93 11.70
N ASN A 213 46.69 5.47 10.88
CA ASN A 213 47.48 6.61 11.23
C ASN A 213 47.14 7.89 10.56
N ASN A 214 46.07 7.95 9.77
CA ASN A 214 45.77 9.21 9.02
C ASN A 214 44.32 9.53 9.10
N ALA A 215 43.91 10.53 8.31
CA ALA A 215 42.51 10.88 8.15
C ALA A 215 42.05 10.54 6.71
N TYR A 216 40.73 10.35 6.52
CA TYR A 216 40.22 10.22 5.15
C TYR A 216 40.53 11.46 4.27
N GLU A 217 40.58 12.64 4.90
CA GLU A 217 41.00 13.83 4.19
C GLU A 217 42.38 13.65 3.54
N ASP A 218 43.25 12.82 4.12
CA ASP A 218 44.56 12.63 3.54
C ASP A 218 44.49 12.03 2.16
N ALA A 219 43.43 11.27 1.86
CA ALA A 219 43.32 10.70 0.54
C ALA A 219 42.99 11.79 -0.43
N GLN A 220 42.37 12.86 0.05
CA GLN A 220 42.11 14.00 -0.78
C GLN A 220 43.37 14.88 -1.06
N LEU A 221 44.36 14.84 -0.18
CA LEU A 221 45.53 15.69 -0.27
C LEU A 221 46.73 15.01 -0.96
N ALA A 222 46.61 13.70 -1.27
CA ALA A 222 47.72 12.94 -1.83
C ALA A 222 48.04 13.31 -3.29
N ASP A 223 49.32 13.23 -3.65
CA ASP A 223 49.71 13.20 -5.06
C ASP A 223 49.44 11.79 -5.69
N VAL A 224 49.76 10.74 -4.95
CA VAL A 224 49.66 9.36 -5.41
C VAL A 224 49.01 8.53 -4.30
N ILE A 225 48.05 7.66 -4.67
CA ILE A 225 47.54 6.66 -3.76
C ILE A 225 47.96 5.27 -4.27
N TRP A 226 48.56 4.49 -3.39
CA TRP A 226 48.78 3.07 -3.63
C TRP A 226 47.65 2.31 -2.93
N SER A 227 47.05 1.36 -3.63
CA SER A 227 46.04 0.41 -3.08
C SER A 227 46.66 -0.99 -3.24
N ILE A 228 47.09 -1.57 -2.14
CA ILE A 228 47.91 -2.78 -2.13
C ILE A 228 47.09 -3.94 -1.52
N GLY A 229 46.78 -4.96 -2.32
CA GLY A 229 45.99 -6.12 -1.88
C GLY A 229 44.60 -5.67 -1.43
N ASN A 230 43.92 -4.93 -2.30
CA ASN A 230 42.78 -4.08 -1.90
C ASN A 230 41.91 -3.77 -3.08
N ASN A 231 40.61 -3.91 -2.90
CA ASN A 231 39.62 -3.71 -3.99
C ASN A 231 38.60 -2.68 -3.49
N PRO A 232 39.09 -1.44 -3.28
CA PRO A 232 38.32 -0.48 -2.46
C PRO A 232 36.97 -0.02 -2.97
N TYR A 233 36.74 0.00 -4.27
CA TYR A 233 35.42 0.31 -4.75
C TYR A 233 34.40 -0.69 -4.21
N GLU A 234 34.77 -1.98 -4.16
CA GLU A 234 33.83 -2.97 -3.66
C GLU A 234 33.89 -3.14 -2.16
N SER A 235 35.05 -2.90 -1.54
CA SER A 235 35.23 -3.23 -0.12
C SER A 235 35.31 -2.07 0.87
N GLN A 236 35.50 -0.84 0.38
CA GLN A 236 35.52 0.39 1.20
C GLN A 236 34.91 1.52 0.39
N THR A 237 33.76 1.19 -0.15
CA THR A 237 33.11 1.92 -1.20
C THR A 237 33.12 3.40 -1.02
N ASN A 238 32.59 3.91 0.09
CA ASN A 238 32.34 5.34 0.15
C ASN A 238 33.59 6.14 0.51
N TYR A 239 34.64 5.48 0.97
CA TYR A 239 35.91 6.12 1.15
C TYR A 239 36.51 6.34 -0.26
N PHE A 240 36.54 5.28 -1.06
CA PHE A 240 36.95 5.39 -2.46
C PHE A 240 36.13 6.48 -3.20
N LEU A 241 34.80 6.46 -3.04
CA LEU A 241 33.92 7.37 -3.82
C LEU A 241 33.95 8.80 -3.35
N ASN A 242 33.98 9.01 -2.03
CA ASN A 242 33.85 10.33 -1.47
C ASN A 242 35.21 11.06 -1.26
N HIS A 243 36.31 10.32 -1.19
CA HIS A 243 37.64 10.91 -0.93
C HIS A 243 38.66 10.65 -2.00
N TRP A 244 38.74 9.40 -2.49
CA TRP A 244 39.70 9.06 -3.51
C TRP A 244 39.39 9.63 -4.88
N LEU A 245 38.20 9.37 -5.36
CA LEU A 245 37.84 9.76 -6.71
C LEU A 245 37.81 11.29 -6.91
N PRO A 246 37.36 12.08 -5.91
CA PRO A 246 37.39 13.50 -6.08
C PRO A 246 38.83 14.03 -6.24
N ASN A 247 39.80 13.41 -5.57
CA ASN A 247 41.20 13.71 -5.81
C ASN A 247 41.59 13.37 -7.30
N LEU A 248 41.29 12.16 -7.74
CA LEU A 248 41.58 11.78 -9.12
C LEU A 248 40.94 12.74 -10.13
N GLN A 249 39.74 13.22 -9.83
CA GLN A 249 39.00 14.13 -10.71
C GLN A 249 39.51 15.58 -10.72
N GLY A 250 40.47 15.94 -9.86
CA GLY A 250 40.91 17.31 -9.78
C GLY A 250 40.06 18.19 -8.88
N ALA A 251 39.07 17.64 -8.14
CA ALA A 251 38.19 18.47 -7.29
C ALA A 251 38.88 18.93 -5.98
N THR A 252 40.03 18.38 -5.61
CA THR A 252 40.71 18.74 -4.34
C THR A 252 42.04 19.48 -4.56
N THR A 253 42.39 19.74 -5.81
CA THR A 253 43.63 20.46 -6.13
C THR A 253 43.67 21.80 -5.42
N SER A 254 42.59 22.56 -5.43
CA SER A 254 42.55 23.83 -4.74
CA SER A 254 42.59 23.83 -4.76
C SER A 254 42.83 23.69 -3.25
N LYS A 255 42.34 22.62 -2.61
CA LYS A 255 42.64 22.40 -1.18
C LYS A 255 44.13 22.17 -0.98
N LYS A 256 44.75 21.36 -1.84
CA LYS A 256 46.16 21.10 -1.71
C LYS A 256 46.98 22.42 -1.80
N LYS A 257 46.67 23.24 -2.81
CA LYS A 257 47.41 24.49 -3.09
C LYS A 257 47.17 25.51 -1.99
N GLU A 258 45.98 25.49 -1.36
CA GLU A 258 45.71 26.42 -0.21
C GLU A 258 46.50 26.04 0.99
N ARG A 259 46.63 24.74 1.23
CA ARG A 259 47.49 24.26 2.31
C ARG A 259 48.98 24.49 2.11
N PHE A 260 49.46 24.34 0.86
CA PHE A 260 50.87 24.33 0.55
C PHE A 260 51.12 25.29 -0.62
N PRO A 261 51.16 26.59 -0.29
CA PRO A 261 51.21 27.56 -1.37
C PRO A 261 52.46 27.49 -2.27
N ASN A 262 53.56 26.85 -1.81
CA ASN A 262 54.80 26.78 -2.60
C ASN A 262 55.15 25.38 -3.09
N GLU A 263 54.13 24.56 -3.31
CA GLU A 263 54.36 23.17 -3.69
C GLU A 263 53.56 22.85 -4.99
N ASN A 264 54.21 22.21 -5.95
CA ASN A 264 53.53 21.74 -7.16
C ASN A 264 52.65 20.55 -6.81
N PHE A 265 51.50 20.50 -7.44
CA PHE A 265 50.56 19.37 -7.27
C PHE A 265 50.16 18.89 -8.65
N PRO A 266 50.85 17.86 -9.15
CA PRO A 266 50.52 17.37 -10.50
C PRO A 266 49.16 16.64 -10.41
N GLN A 267 48.59 16.27 -11.52
CA GLN A 267 47.34 15.51 -11.45
C GLN A 267 47.57 14.21 -10.66
N ALA A 268 46.59 13.81 -9.87
CA ALA A 268 46.79 12.70 -8.93
C ALA A 268 46.79 11.38 -9.68
N ARG A 269 47.53 10.43 -9.14
CA ARG A 269 47.73 9.14 -9.77
C ARG A 269 47.49 8.01 -8.75
N ILE A 270 47.24 6.83 -9.29
CA ILE A 270 46.87 5.71 -8.47
C ILE A 270 47.53 4.43 -8.97
N ILE A 271 48.04 3.67 -8.01
CA ILE A 271 48.86 2.48 -8.26
C ILE A 271 48.19 1.31 -7.51
N PHE A 272 47.80 0.26 -8.23
CA PHE A 272 47.25 -0.92 -7.59
C PHE A 272 48.24 -2.09 -7.64
N VAL A 273 48.56 -2.66 -6.50
CA VAL A 273 49.31 -3.91 -6.40
C VAL A 273 48.30 -5.07 -6.14
N ASP A 274 47.95 -5.81 -7.19
CA ASP A 274 46.94 -6.84 -7.10
C ASP A 274 47.17 -7.76 -8.26
N PRO A 275 47.32 -9.07 -8.03
CA PRO A 275 47.40 -9.98 -9.16
C PRO A 275 46.25 -9.94 -10.09
N ARG A 276 45.06 -9.53 -9.62
CA ARG A 276 43.84 -9.61 -10.38
C ARG A 276 43.47 -8.20 -10.82
N GLU A 277 42.95 -8.07 -12.03
CA GLU A 277 42.32 -6.85 -12.48
C GLU A 277 40.87 -6.77 -11.99
N THR A 278 40.60 -5.77 -11.14
CA THR A 278 39.38 -5.66 -10.38
C THR A 278 38.46 -4.51 -10.88
N PRO A 279 37.23 -4.49 -10.43
CA PRO A 279 36.43 -3.31 -10.66
C PRO A 279 37.07 -2.02 -10.20
N SER A 280 37.83 -2.06 -9.13
CA SER A 280 38.52 -0.81 -8.69
C SER A 280 39.54 -0.28 -9.76
N VAL A 281 40.30 -1.18 -10.38
CA VAL A 281 41.27 -0.78 -11.44
C VAL A 281 40.48 -0.17 -12.61
N ALA A 282 39.40 -0.85 -12.99
CA ALA A 282 38.57 -0.40 -14.10
C ALA A 282 37.99 0.99 -13.89
N ILE A 283 37.43 1.22 -12.71
CA ILE A 283 36.83 2.53 -12.40
C ILE A 283 37.90 3.60 -12.30
N ALA A 284 39.05 3.28 -11.68
CA ALA A 284 40.16 4.25 -11.62
C ALA A 284 40.57 4.68 -13.05
N ARG A 285 40.66 3.71 -13.96
CA ARG A 285 41.02 4.03 -15.37
C ARG A 285 39.94 4.87 -16.05
N HIS A 286 38.66 4.50 -15.78
CA HIS A 286 37.58 5.28 -16.26
C HIS A 286 37.64 6.76 -15.85
N VAL A 287 37.96 7.03 -14.59
CA VAL A 287 37.91 8.36 -14.02
C VAL A 287 39.20 9.11 -14.38
N ALA A 288 40.36 8.51 -14.15
CA ALA A 288 41.68 9.19 -14.32
C ALA A 288 42.30 9.10 -15.72
N GLY A 289 41.87 8.13 -16.51
CA GLY A 289 42.55 7.78 -17.75
C GLY A 289 43.57 6.69 -17.52
N ASN A 290 43.88 5.92 -18.56
CA ASN A 290 44.86 4.84 -18.44
C ASN A 290 46.24 5.34 -18.02
N ASP A 291 46.59 6.53 -18.46
CA ASP A 291 47.92 7.06 -18.18
C ASP A 291 48.16 7.44 -16.74
N ARG A 292 47.09 7.55 -15.93
CA ARG A 292 47.20 7.93 -14.50
C ARG A 292 46.98 6.79 -13.52
N VAL A 293 46.92 5.57 -14.06
CA VAL A 293 46.77 4.39 -13.27
C VAL A 293 47.87 3.41 -13.62
N LEU A 294 48.56 2.86 -12.64
CA LEU A 294 49.37 1.67 -12.88
C LEU A 294 48.78 0.49 -12.17
N HIS A 295 48.49 -0.56 -12.93
CA HIS A 295 48.15 -1.81 -12.33
C HIS A 295 49.39 -2.74 -12.32
N LEU A 296 49.98 -2.90 -11.14
CA LEU A 296 51.06 -3.82 -10.95
C LEU A 296 50.45 -5.16 -10.66
N ALA A 297 50.32 -5.92 -11.74
CA ALA A 297 49.66 -7.17 -11.73
C ALA A 297 50.62 -8.27 -11.33
N ILE A 298 51.05 -8.25 -10.08
CA ILE A 298 52.09 -9.15 -9.60
C ILE A 298 51.64 -10.62 -9.60
N GLU A 299 52.64 -11.52 -9.68
CA GLU A 299 52.35 -12.92 -9.45
C GLU A 299 51.87 -13.08 -8.00
N PRO A 300 50.90 -13.99 -7.76
CA PRO A 300 50.40 -14.22 -6.37
C PRO A 300 51.52 -14.45 -5.35
N GLY A 301 51.48 -13.71 -4.24
CA GLY A 301 52.39 -13.93 -3.16
C GLY A 301 53.78 -13.26 -3.28
N THR A 302 53.96 -12.40 -4.28
CA THR A 302 55.29 -11.74 -4.51
C THR A 302 55.45 -10.31 -4.00
N ASP A 303 54.58 -9.91 -3.08
CA ASP A 303 54.56 -8.55 -2.59
C ASP A 303 55.86 -8.18 -1.96
N THR A 304 56.44 -9.10 -1.21
CA THR A 304 57.69 -8.81 -0.58
C THR A 304 58.81 -8.50 -1.57
N ALA A 305 58.88 -9.26 -2.66
CA ALA A 305 59.85 -8.97 -3.68
C ALA A 305 59.60 -7.64 -4.34
N LEU A 306 58.36 -7.35 -4.68
CA LEU A 306 58.02 -6.03 -5.19
C LEU A 306 58.59 -4.91 -4.30
N PHE A 307 58.26 -4.89 -3.00
CA PHE A 307 58.62 -3.78 -2.13
C PHE A 307 60.09 -3.72 -1.85
N ASN A 308 60.73 -4.87 -1.85
CA ASN A 308 62.19 -4.90 -1.69
C ASN A 308 62.89 -4.30 -2.92
N GLY A 309 62.40 -4.60 -4.13
CA GLY A 309 62.93 -4.02 -5.35
C GLY A 309 62.73 -2.53 -5.36
N LEU A 310 61.53 -2.10 -4.98
CA LEU A 310 61.23 -0.64 -4.95
C LEU A 310 62.05 0.08 -3.89
N PHE A 311 62.15 -0.50 -2.71
CA PHE A 311 63.01 0.09 -1.64
C PHE A 311 64.45 0.23 -2.09
N THR A 312 65.01 -0.85 -2.64
CA THR A 312 66.36 -0.84 -3.15
C THR A 312 66.54 0.30 -4.16
N TYR A 313 65.58 0.44 -5.07
CA TYR A 313 65.65 1.40 -6.14
C TYR A 313 65.58 2.86 -5.66
N VAL A 314 64.62 3.17 -4.80
CA VAL A 314 64.57 4.55 -4.27
C VAL A 314 65.86 4.94 -3.48
N VAL A 315 66.43 3.96 -2.77
CA VAL A 315 67.69 4.21 -2.06
C VAL A 315 68.82 4.43 -3.06
N GLU A 316 68.92 3.60 -4.09
CA GLU A 316 69.93 3.82 -5.12
C GLU A 316 69.76 5.16 -5.82
N GLN A 317 68.54 5.58 -6.12
CA GLN A 317 68.30 6.89 -6.71
C GLN A 317 68.42 8.08 -5.76
N GLY A 318 68.44 7.85 -4.45
CA GLY A 318 68.43 8.95 -3.50
C GLY A 318 67.03 9.55 -3.31
N TRP A 319 65.95 8.84 -3.70
CA TRP A 319 64.59 9.37 -3.58
C TRP A 319 64.02 8.95 -2.22
N ILE A 320 64.77 9.36 -1.18
CA ILE A 320 64.51 9.07 0.20
C ILE A 320 64.76 10.35 0.98
N ASP A 321 64.36 10.35 2.24
CA ASP A 321 64.41 11.52 3.09
C ASP A 321 65.47 11.32 4.17
N LYS A 322 66.70 11.67 3.80
CA LYS A 322 67.85 11.33 4.64
C LYS A 322 67.82 12.02 6.01
N PRO A 323 67.46 13.30 6.04
CA PRO A 323 67.35 13.92 7.36
C PRO A 323 66.29 13.25 8.27
N PHE A 324 65.15 12.87 7.68
CA PHE A 324 64.10 12.10 8.41
C PHE A 324 64.64 10.78 8.92
N ILE A 325 65.32 10.04 8.05
CA ILE A 325 65.92 8.79 8.41
C ILE A 325 66.89 8.98 9.58
N GLU A 326 67.76 9.97 9.45
CA GLU A 326 68.77 10.21 10.49
C GLU A 326 68.16 10.58 11.86
N ALA A 327 67.12 11.41 11.86
CA ALA A 327 66.56 11.95 13.09
C ALA A 327 65.54 10.99 13.74
N HIS A 328 64.80 10.24 12.96
CA HIS A 328 63.58 9.60 13.49
C HIS A 328 63.49 8.11 13.23
N THR A 329 64.58 7.46 12.83
CA THR A 329 64.50 6.03 12.47
C THR A 329 65.67 5.29 12.98
N LYS A 330 65.56 3.96 13.04
CA LYS A 330 66.65 3.07 13.39
C LYS A 330 66.58 1.90 12.44
N GLY A 331 67.75 1.41 12.01
CA GLY A 331 67.84 0.17 11.24
C GLY A 331 67.95 0.31 9.71
N PHE A 332 68.00 1.53 9.20
CA PHE A 332 67.93 1.71 7.75
C PHE A 332 69.10 1.02 7.05
N ASP A 333 70.32 1.21 7.57
CA ASP A 333 71.51 0.67 6.87
C ASP A 333 71.48 -0.83 6.83
N ASP A 334 70.97 -1.44 7.90
CA ASP A 334 70.76 -2.90 7.86
C ASP A 334 69.72 -3.34 6.84
N ALA A 335 68.61 -2.60 6.75
CA ALA A 335 67.51 -2.98 5.85
C ALA A 335 67.91 -2.89 4.37
N VAL A 336 68.72 -1.87 4.07
CA VAL A 336 69.33 -1.70 2.75
C VAL A 336 70.11 -2.94 2.34
N LYS A 337 70.84 -3.52 3.27
CA LYS A 337 71.59 -4.76 3.03
C LYS A 337 70.73 -5.99 2.92
N THR A 338 69.88 -6.21 3.91
CA THR A 338 69.07 -7.45 3.95
C THR A 338 68.06 -7.50 2.82
N ASN A 339 67.56 -6.36 2.40
CA ASN A 339 66.46 -6.29 1.45
C ASN A 339 66.88 -5.99 0.05
N ARG A 340 68.18 -5.97 -0.23
CA ARG A 340 68.67 -5.65 -1.55
C ARG A 340 68.13 -6.56 -2.64
N LEU A 341 67.48 -5.95 -3.60
CA LEU A 341 67.01 -6.70 -4.74
C LEU A 341 67.04 -5.82 -5.94
N SER A 342 67.64 -6.29 -7.04
CA SER A 342 67.73 -5.47 -8.27
C SER A 342 66.37 -5.40 -8.96
N LEU A 343 66.17 -4.39 -9.81
CA LEU A 343 64.92 -4.31 -10.56
C LEU A 343 64.70 -5.50 -11.51
N ASP A 344 65.77 -6.02 -12.12
CA ASP A 344 65.69 -7.21 -12.99
C ASP A 344 65.22 -8.43 -12.20
N GLU A 345 65.79 -8.70 -11.00
CA GLU A 345 65.37 -9.82 -10.15
C GLU A 345 63.92 -9.61 -9.69
N CYS A 346 63.61 -8.39 -9.24
CA CYS A 346 62.27 -7.96 -8.88
C CYS A 346 61.28 -8.26 -9.99
N SER A 347 61.61 -7.85 -11.23
CA SER A 347 60.76 -8.08 -12.38
C SER A 347 60.59 -9.57 -12.69
N ASN A 348 61.67 -10.32 -12.62
CA ASN A 348 61.58 -11.78 -12.74
C ASN A 348 60.68 -12.47 -11.72
N ILE A 349 60.76 -12.09 -10.46
CA ILE A 349 59.95 -12.72 -9.42
C ILE A 349 58.49 -12.29 -9.54
N THR A 350 58.25 -10.97 -9.70
CA THR A 350 56.90 -10.48 -9.70
C THR A 350 56.19 -10.63 -11.02
N GLY A 351 56.95 -10.67 -12.12
CA GLY A 351 56.38 -10.57 -13.47
C GLY A 351 56.05 -9.14 -13.90
N VAL A 352 56.33 -8.12 -13.08
CA VAL A 352 56.02 -6.76 -13.48
C VAL A 352 57.23 -6.25 -14.28
N PRO A 353 57.01 -5.65 -15.47
CA PRO A 353 58.18 -5.16 -16.28
C PRO A 353 58.96 -4.07 -15.58
N VAL A 354 60.26 -4.04 -15.86
CA VAL A 354 61.17 -3.07 -15.24
C VAL A 354 60.64 -1.67 -15.48
N ASP A 355 60.19 -1.36 -16.68
CA ASP A 355 59.71 0.00 -16.94
C ASP A 355 58.56 0.37 -15.98
N MET A 356 57.61 -0.56 -15.68
CA MET A 356 56.51 -0.21 -14.75
CA MET A 356 56.52 -0.23 -14.77
C MET A 356 56.99 -0.01 -13.32
N LEU A 357 57.92 -0.84 -12.84
CA LEU A 357 58.52 -0.64 -11.54
C LEU A 357 59.14 0.76 -11.44
N LYS A 358 59.95 1.14 -12.44
CA LYS A 358 60.59 2.48 -12.44
C LYS A 358 59.54 3.62 -12.46
N ARG A 359 58.50 3.41 -13.26
CA ARG A 359 57.43 4.39 -13.35
C ARG A 359 56.73 4.57 -11.97
N ALA A 360 56.37 3.44 -11.33
CA ALA A 360 55.70 3.49 -10.03
C ALA A 360 56.56 4.31 -9.05
N ALA A 361 57.84 4.00 -9.04
CA ALA A 361 58.82 4.73 -8.23
C ALA A 361 58.97 6.24 -8.56
N GLU A 362 59.04 6.57 -9.85
CA GLU A 362 59.13 7.96 -10.27
C GLU A 362 57.90 8.76 -9.87
N TRP A 363 56.71 8.19 -10.09
CA TRP A 363 55.46 8.88 -9.68
C TRP A 363 55.40 9.15 -8.18
N SER A 364 55.91 8.24 -7.39
CA SER A 364 55.60 8.18 -5.97
C SER A 364 56.64 8.82 -5.08
N TYR A 365 57.91 8.78 -5.52
CA TYR A 365 59.05 9.08 -4.64
C TYR A 365 60.05 10.09 -5.16
N LYS A 366 60.13 10.26 -6.48
CA LYS A 366 61.03 11.22 -7.07
C LYS A 366 60.54 12.59 -6.70
N PRO A 367 61.44 13.47 -6.15
CA PRO A 367 61.01 14.79 -5.70
C PRO A 367 60.30 15.60 -6.79
N LYS A 368 59.31 16.36 -6.40
CA LYS A 368 58.59 17.20 -7.36
C LYS A 368 59.46 18.36 -7.76
N ALA A 369 59.10 19.03 -8.82
CA ALA A 369 59.93 20.19 -9.30
C ALA A 369 60.19 21.25 -8.23
N SER A 370 59.19 21.48 -7.38
CA SER A 370 59.31 22.52 -6.32
C SER A 370 60.09 22.03 -5.12
N GLY A 371 60.60 20.80 -5.15
CA GLY A 371 61.54 20.33 -4.15
C GLY A 371 61.04 19.28 -3.22
N GLN A 372 59.73 19.28 -2.93
CA GLN A 372 59.19 18.37 -1.94
C GLN A 372 58.98 16.95 -2.53
N ALA A 373 59.08 15.95 -1.69
CA ALA A 373 58.79 14.59 -2.11
C ALA A 373 57.25 14.50 -2.37
N PRO A 374 56.83 13.70 -3.37
CA PRO A 374 55.39 13.47 -3.52
C PRO A 374 54.71 12.99 -2.23
N ARG A 375 53.49 13.44 -2.04
CA ARG A 375 52.60 12.94 -0.93
C ARG A 375 51.90 11.66 -1.36
N THR A 376 52.45 10.55 -0.93
CA THR A 376 52.04 9.24 -1.39
C THR A 376 51.44 8.45 -0.25
N MET A 377 50.14 8.25 -0.31
CA MET A 377 49.42 7.46 0.71
C MET A 377 49.40 5.99 0.35
N HIS A 378 49.90 5.15 1.23
CA HIS A 378 49.99 3.74 0.96
C HIS A 378 48.88 2.97 1.73
N ALA A 379 47.90 2.49 1.00
CA ALA A 379 46.76 1.79 1.60
C ALA A 379 46.88 0.33 1.24
N TYR A 380 46.71 -0.54 2.22
CA TYR A 380 46.78 -1.98 2.02
C TYR A 380 45.64 -2.70 2.78
N GLU A 381 45.33 -3.92 2.34
CA GLU A 381 44.33 -4.69 3.03
C GLU A 381 44.62 -6.19 2.86
N LYS A 382 43.61 -7.02 2.61
CA LYS A 382 43.77 -8.45 2.84
C LYS A 382 44.57 -9.22 1.80
N GLY A 383 44.77 -8.63 0.66
CA GLY A 383 45.71 -9.14 -0.32
C GLY A 383 47.12 -9.30 0.20
N ILE A 384 47.50 -8.46 1.16
CA ILE A 384 48.74 -8.70 1.87
C ILE A 384 48.55 -9.14 3.30
N ILE A 385 47.52 -8.70 3.98
CA ILE A 385 47.27 -9.16 5.36
C ILE A 385 47.10 -10.67 5.42
N TRP A 386 46.33 -11.21 4.50
CA TRP A 386 46.24 -12.65 4.29
C TRP A 386 47.14 -13.13 3.13
N GLY A 387 48.30 -12.53 2.93
CA GLY A 387 49.15 -12.84 1.83
C GLY A 387 50.25 -13.80 2.26
N ASN A 388 51.30 -13.82 1.45
CA ASN A 388 52.40 -14.73 1.62
C ASN A 388 53.32 -14.18 2.75
N ASP A 389 53.03 -14.60 3.97
CA ASP A 389 53.81 -14.25 5.16
C ASP A 389 53.52 -12.82 5.58
N ASN A 390 52.37 -12.64 6.20
CA ASN A 390 51.91 -11.32 6.68
C ASN A 390 53.03 -10.42 7.28
N TYR A 391 53.82 -10.99 8.19
CA TYR A 391 54.82 -10.23 8.95
C TYR A 391 55.87 -9.67 8.00
N VAL A 392 56.31 -10.53 7.08
CA VAL A 392 57.39 -10.13 6.18
C VAL A 392 56.95 -9.06 5.17
N ILE A 393 55.74 -9.19 4.64
CA ILE A 393 55.31 -8.25 3.62
C ILE A 393 55.19 -6.86 4.26
N GLN A 394 54.64 -6.80 5.45
CA GLN A 394 54.52 -5.51 6.12
C GLN A 394 55.90 -4.94 6.44
N SER A 395 56.85 -5.79 6.82
CA SER A 395 58.19 -5.32 7.04
C SER A 395 58.73 -4.64 5.78
N ALA A 396 58.56 -5.30 4.64
CA ALA A 396 59.09 -4.79 3.39
C ALA A 396 58.46 -3.44 3.03
N LEU A 397 57.14 -3.38 3.16
CA LEU A 397 56.38 -2.23 2.73
C LEU A 397 56.69 -1.05 3.63
N LEU A 398 56.70 -1.27 4.93
CA LEU A 398 56.89 -0.18 5.86
C LEU A 398 58.27 0.40 5.69
N ASP A 399 59.24 -0.45 5.35
CA ASP A 399 60.64 0.02 5.07
C ASP A 399 60.62 1.08 3.97
N LEU A 400 59.88 0.78 2.91
CA LEU A 400 59.73 1.72 1.80
C LEU A 400 59.07 3.05 2.21
N VAL A 401 58.01 2.94 2.98
CA VAL A 401 57.23 4.06 3.42
C VAL A 401 58.07 4.96 4.38
N ILE A 402 58.78 4.30 5.29
CA ILE A 402 59.56 5.04 6.30
C ILE A 402 60.70 5.80 5.62
N ALA A 403 61.42 5.12 4.72
CA ALA A 403 62.56 5.75 4.02
C ALA A 403 62.11 6.96 3.20
N THR A 404 60.86 6.92 2.75
CA THR A 404 60.35 7.99 1.89
C THR A 404 59.49 8.97 2.65
N HIS A 405 59.44 8.85 3.99
CA HIS A 405 58.76 9.79 4.83
C HIS A 405 57.33 9.88 4.45
N ASN A 406 56.72 8.74 4.13
CA ASN A 406 55.28 8.75 3.81
C ASN A 406 54.34 8.31 4.95
N VAL A 407 54.69 8.70 6.17
CA VAL A 407 53.80 8.65 7.34
C VAL A 407 54.04 9.96 8.05
N GLY A 408 52.97 10.50 8.60
CA GLY A 408 53.06 11.73 9.36
C GLY A 408 53.02 13.04 8.58
N ARG A 409 53.06 13.00 7.24
CA ARG A 409 52.85 14.18 6.41
CA ARG A 409 52.85 14.18 6.41
C ARG A 409 51.43 14.14 5.89
N ARG A 410 50.79 15.29 5.76
CA ARG A 410 49.45 15.29 5.21
C ARG A 410 49.52 14.80 3.75
N GLY A 411 48.46 14.09 3.40
CA GLY A 411 48.39 13.45 2.09
C GLY A 411 49.13 12.13 2.03
N THR A 412 49.64 11.63 3.16
CA THR A 412 50.37 10.39 3.23
C THR A 412 49.74 9.45 4.24
N GLY A 413 50.48 8.41 4.61
CA GLY A 413 50.06 7.44 5.58
C GLY A 413 50.41 6.09 5.02
N CYS A 414 50.68 5.11 5.89
CA CYS A 414 50.70 3.70 5.43
C CYS A 414 49.67 3.00 6.31
N VAL A 415 48.54 2.69 5.70
CA VAL A 415 47.33 2.42 6.48
C VAL A 415 46.62 1.20 6.00
N ARG A 416 46.04 0.45 6.94
CA ARG A 416 44.93 -0.48 6.63
C ARG A 416 43.77 0.31 6.04
N MET A 417 43.25 -0.23 4.98
CA MET A 417 41.88 0.13 4.57
C MET A 417 40.76 -0.32 5.50
N GLY A 418 40.95 -1.43 6.20
CA GLY A 418 40.04 -1.92 7.19
C GLY A 418 39.02 -2.85 6.61
N GLY A 419 38.28 -3.49 7.50
CA GLY A 419 37.28 -4.48 7.11
C GLY A 419 35.97 -4.16 7.71
N HIS A 420 35.81 -4.62 8.93
CA HIS A 420 34.78 -4.10 9.78
C HIS A 420 35.22 -2.76 10.31
N GLN A 421 34.28 -2.07 10.92
CA GLN A 421 34.67 -0.97 11.83
C GLN A 421 35.47 -1.51 12.99
N GLU A 422 36.10 -0.60 13.75
CA GLU A 422 36.91 -0.97 14.89
C GLU A 422 36.21 -0.57 16.19
N GLY A 423 36.48 -1.30 17.24
CA GLY A 423 35.91 -0.95 18.54
C GLY A 423 36.35 -1.83 19.67
N TYR A 424 37.65 -1.82 19.89
CA TYR A 424 38.35 -2.72 20.76
C TYR A 424 38.71 -2.07 22.11
N THR A 425 38.11 -2.62 23.14
CA THR A 425 38.55 -2.39 24.53
C THR A 425 38.47 -3.71 25.30
N ARG A 426 39.63 -4.21 25.74
CA ARG A 426 39.71 -5.52 26.37
C ARG A 426 40.83 -5.58 27.43
N PRO A 427 40.71 -6.54 28.39
CA PRO A 427 41.85 -6.87 29.22
C PRO A 427 42.89 -7.51 28.37
N PRO A 428 44.14 -7.53 28.83
CA PRO A 428 45.20 -8.26 28.12
C PRO A 428 44.86 -9.73 27.97
N TYR A 429 45.36 -10.33 26.90
CA TYR A 429 45.21 -11.75 26.66
C TYR A 429 45.95 -12.53 27.75
N PRO A 430 45.29 -13.50 28.38
CA PRO A 430 45.88 -14.11 29.58
C PRO A 430 46.84 -15.28 29.34
N GLY A 431 47.53 -15.36 28.22
CA GLY A 431 48.60 -16.37 28.02
C GLY A 431 49.84 -15.72 27.42
N ASP A 432 50.93 -16.46 27.35
CA ASP A 432 52.13 -15.93 26.66
C ASP A 432 52.41 -16.63 25.33
N LYS A 433 51.67 -17.69 25.00
CA LYS A 433 51.81 -18.42 23.73
C LYS A 433 50.76 -17.98 22.72
N LYS A 434 51.08 -18.09 21.44
CA LYS A 434 50.06 -18.16 20.37
C LYS A 434 49.65 -19.62 20.13
N ILE A 435 48.35 -19.82 20.11
CA ILE A 435 47.78 -21.12 20.06
C ILE A 435 46.85 -21.12 18.83
N TYR A 436 47.03 -22.12 17.98
CA TYR A 436 46.23 -22.31 16.76
C TYR A 436 44.98 -23.10 17.15
N ILE A 437 43.93 -22.37 17.44
CA ILE A 437 42.74 -22.88 18.05
C ILE A 437 42.07 -23.92 17.19
N ASP A 438 41.92 -23.67 15.89
CA ASP A 438 41.22 -24.63 15.04
C ASP A 438 41.94 -25.99 15.10
N GLN A 439 43.29 -25.97 15.07
CA GLN A 439 44.10 -27.19 15.14
C GLN A 439 43.90 -27.91 16.46
N GLU A 440 43.81 -27.17 17.56
CA GLU A 440 43.53 -27.75 18.86
C GLU A 440 42.17 -28.47 18.90
N LEU A 441 41.14 -27.85 18.34
CA LEU A 441 39.79 -28.49 18.30
C LEU A 441 39.74 -29.72 17.41
N ILE A 442 40.39 -29.63 16.24
CA ILE A 442 40.55 -30.73 15.32
C ILE A 442 41.26 -31.90 15.98
N LYS A 443 42.21 -31.60 16.83
CA LYS A 443 42.97 -32.65 17.52
C LYS A 443 42.21 -33.19 18.71
N GLY A 444 41.08 -32.60 19.07
CA GLY A 444 40.27 -33.16 20.11
C GLY A 444 40.33 -32.44 21.43
N LYS A 445 40.99 -31.28 21.49
CA LYS A 445 41.02 -30.49 22.74
C LYS A 445 39.75 -29.73 22.99
N GLY A 446 39.55 -29.42 24.27
CA GLY A 446 38.48 -28.55 24.77
C GLY A 446 37.26 -29.36 25.14
N ARG A 447 36.49 -28.83 26.08
CA ARG A 447 35.18 -29.38 26.47
C ARG A 447 34.02 -28.65 25.86
N ILE A 448 34.14 -27.32 25.81
CA ILE A 448 33.08 -26.42 25.36
C ILE A 448 33.70 -25.38 24.42
N MET A 449 33.04 -25.14 23.30
CA MET A 449 33.47 -24.18 22.32
C MET A 449 32.29 -23.26 22.06
N THR A 450 32.51 -21.99 22.22
CA THR A 450 31.51 -20.94 21.86
C THR A 450 31.93 -20.11 20.65
N TRP A 451 31.12 -20.14 19.58
CA TRP A 451 31.24 -19.18 18.49
C TRP A 451 30.37 -18.00 18.86
N TRP A 452 30.96 -16.82 18.89
CA TRP A 452 30.27 -15.64 19.38
C TRP A 452 30.42 -14.58 18.28
N GLY A 453 29.31 -14.35 17.56
CA GLY A 453 29.29 -13.33 16.52
C GLY A 453 30.30 -13.59 15.38
N CYS A 454 30.49 -14.87 15.06
CA CYS A 454 31.27 -15.28 13.90
C CYS A 454 30.82 -16.69 13.49
N ASN A 455 31.26 -17.10 12.32
CA ASN A 455 30.84 -18.35 11.74
C ASN A 455 31.97 -18.96 10.96
N ASN A 456 32.84 -19.65 11.69
CA ASN A 456 34.03 -20.22 11.06
C ASN A 456 33.75 -21.44 10.24
N PHE A 457 32.55 -21.99 10.30
CA PHE A 457 32.19 -22.94 9.32
C PHE A 457 32.30 -22.38 7.89
N GLN A 458 31.96 -21.09 7.71
CA GLN A 458 32.01 -20.49 6.41
C GLN A 458 33.37 -19.76 6.19
N THR A 459 34.10 -19.52 7.27
CA THR A 459 35.19 -18.55 7.20
C THR A 459 36.53 -18.96 7.71
N SER A 460 36.64 -20.12 8.36
CA SER A 460 37.97 -20.62 8.72
C SER A 460 38.82 -20.88 7.46
N ASN A 461 40.13 -20.76 7.61
CA ASN A 461 41.04 -21.38 6.67
C ASN A 461 40.99 -22.89 6.89
N ASN A 462 41.24 -23.69 5.85
CA ASN A 462 41.19 -25.16 5.96
C ASN A 462 39.81 -25.59 6.57
N ALA A 463 38.78 -24.91 6.08
CA ALA A 463 37.42 -24.93 6.68
C ALA A 463 36.81 -26.33 6.69
N GLN A 464 37.11 -27.12 5.68
CA GLN A 464 36.52 -28.42 5.54
C GLN A 464 37.01 -29.33 6.67
N ALA A 465 38.30 -29.28 6.98
CA ALA A 465 38.83 -30.06 8.08
C ALA A 465 38.20 -29.61 9.44
N LEU A 466 37.94 -28.31 9.59
CA LEU A 466 37.35 -27.80 10.81
C LEU A 466 35.91 -28.30 10.91
N ARG A 467 35.09 -28.14 9.85
CA ARG A 467 33.66 -28.54 9.95
C ARG A 467 33.58 -30.02 10.22
N GLU A 468 34.37 -30.82 9.50
CA GLU A 468 34.30 -32.26 9.66
CA GLU A 468 34.32 -32.28 9.68
C GLU A 468 34.53 -32.64 11.15
N ALA A 469 35.58 -32.07 11.74
CA ALA A 469 35.93 -32.35 13.11
C ALA A 469 34.86 -31.85 14.08
N ILE A 470 34.35 -30.65 13.88
CA ILE A 470 33.32 -30.15 14.78
C ILE A 470 32.01 -30.93 14.67
N LEU A 471 31.60 -31.29 13.46
CA LEU A 471 30.38 -32.06 13.28
C LEU A 471 30.52 -33.42 14.00
N GLN A 472 31.68 -34.04 13.88
CA GLN A 472 31.96 -35.31 14.57
C GLN A 472 31.94 -35.24 16.04
N ARG A 473 32.64 -34.27 16.59
CA ARG A 473 32.69 -34.08 18.02
C ARG A 473 31.33 -33.71 18.60
N SER A 474 30.56 -32.90 17.85
CA SER A 474 29.23 -32.51 18.27
C SER A 474 28.30 -33.72 18.36
N ALA A 475 28.38 -34.59 17.35
CA ALA A 475 27.51 -35.77 17.27
C ALA A 475 27.75 -36.70 18.47
N ILE A 476 28.99 -36.75 18.96
CA ILE A 476 29.25 -37.54 20.15
C ILE A 476 28.43 -37.05 21.35
N VAL A 477 28.41 -35.74 21.56
CA VAL A 477 27.60 -35.13 22.64
C VAL A 477 26.09 -35.40 22.39
N LYS A 478 25.65 -35.23 21.13
CA LYS A 478 24.23 -35.44 20.74
C LYS A 478 23.78 -36.88 21.11
N GLN A 479 24.61 -37.84 20.72
CA GLN A 479 24.37 -39.23 21.02
C GLN A 479 24.26 -39.54 22.54
N ALA A 480 25.15 -38.95 23.33
CA ALA A 480 25.15 -39.14 24.77
C ALA A 480 23.94 -38.51 25.45
N MET A 481 23.44 -37.38 24.94
CA MET A 481 22.29 -36.69 25.46
C MET A 481 20.94 -37.46 25.25
N GLN A 482 20.93 -38.33 24.25
CA GLN A 482 19.71 -39.00 23.80
C GLN A 482 19.18 -40.08 24.78
N LYS A 483 20.07 -40.59 25.61
CA LYS A 483 19.69 -41.59 26.60
C LYS A 483 19.08 -40.96 27.85
N ALA A 484 19.24 -39.65 28.05
CA ALA A 484 18.69 -38.96 29.23
C ALA A 484 17.12 -39.00 29.28
N ARG A 485 16.56 -39.11 30.48
CA ARG A 485 15.12 -39.11 30.68
C ARG A 485 14.89 -38.43 31.99
N GLY A 486 14.25 -37.27 31.97
CA GLY A 486 13.96 -36.57 33.20
C GLY A 486 15.18 -36.12 33.94
N ALA A 487 16.26 -35.83 33.21
CA ALA A 487 17.55 -35.43 33.85
C ALA A 487 17.44 -34.04 34.38
N THR A 488 17.99 -33.83 35.57
CA THR A 488 18.13 -32.48 36.08
C THR A 488 19.22 -31.83 35.22
N THR A 489 19.37 -30.54 35.37
CA THR A 489 20.40 -29.79 34.68
C THR A 489 21.80 -30.26 35.12
N GLU A 490 22.00 -30.39 36.41
CA GLU A 490 23.24 -30.96 36.90
C GLU A 490 23.51 -32.35 36.31
N GLU A 491 22.51 -33.21 36.20
CA GLU A 491 22.76 -34.52 35.59
C GLU A 491 23.13 -34.39 34.11
N MET A 492 22.53 -33.42 33.40
CA MET A 492 22.80 -33.25 31.97
C MET A 492 24.23 -32.66 31.77
N VAL A 493 24.64 -31.71 32.62
CA VAL A 493 26.02 -31.18 32.61
C VAL A 493 27.01 -32.35 32.73
N ASP A 494 26.70 -33.27 33.64
CA ASP A 494 27.55 -34.46 33.84
C ASP A 494 27.56 -35.39 32.64
N VAL A 495 26.38 -35.65 32.04
CA VAL A 495 26.28 -36.44 30.79
C VAL A 495 27.16 -35.86 29.66
N ILE A 496 27.03 -34.54 29.46
CA ILE A 496 27.73 -33.84 28.39
C ILE A 496 29.23 -33.86 28.66
N TYR A 497 29.61 -33.55 29.89
CA TYR A 497 31.02 -33.53 30.26
C TYR A 497 31.66 -34.88 30.02
N GLU A 498 30.97 -35.92 30.42
CA GLU A 498 31.47 -37.29 30.16
C GLU A 498 31.60 -37.59 28.68
N ALA A 499 30.68 -37.10 27.84
CA ALA A 499 30.83 -37.29 26.37
C ALA A 499 32.09 -36.56 25.84
N THR A 500 32.43 -35.44 26.47
CA THR A 500 33.65 -34.69 26.09
C THR A 500 34.94 -35.36 26.52
N GLN A 501 34.87 -36.26 27.51
CA GLN A 501 36.02 -37.14 27.83
C GLN A 501 36.14 -38.27 26.86
N ASN A 502 35.09 -38.53 26.08
CA ASN A 502 35.14 -39.48 25.01
C ASN A 502 35.18 -38.88 23.60
N GLY A 503 35.83 -37.74 23.41
CA GLY A 503 35.92 -37.17 22.07
C GLY A 503 34.93 -36.04 21.76
N GLY A 504 33.95 -35.85 22.58
CA GLY A 504 32.93 -34.84 22.31
C GLY A 504 33.31 -33.39 22.55
N LEU A 505 32.44 -32.49 22.08
CA LEU A 505 32.60 -31.07 22.27
C LEU A 505 31.23 -30.48 22.32
N PHE A 506 30.92 -29.77 23.38
CA PHE A 506 29.68 -29.00 23.48
C PHE A 506 29.93 -27.71 22.69
N VAL A 507 28.95 -27.32 21.86
CA VAL A 507 29.07 -26.21 20.93
C VAL A 507 27.94 -25.23 21.24
N THR A 508 28.34 -24.00 21.55
CA THR A 508 27.38 -22.91 21.69
C THR A 508 27.64 -21.85 20.61
N SER A 509 26.55 -21.27 20.07
CA SER A 509 26.65 -20.12 19.15
C SER A 509 25.82 -18.98 19.73
N ILE A 510 26.39 -17.79 19.71
CA ILE A 510 25.71 -16.55 20.13
C ILE A 510 25.70 -15.62 18.90
N ASN A 511 24.52 -15.35 18.38
CA ASN A 511 24.36 -14.91 17.02
C ASN A 511 23.02 -14.20 16.83
N LEU A 512 22.92 -13.56 15.67
CA LEU A 512 21.61 -13.07 15.16
C LEU A 512 20.72 -14.16 14.57
N TYR A 513 21.33 -15.21 13.99
CA TYR A 513 20.64 -16.18 13.20
C TYR A 513 21.20 -17.57 13.49
N PRO A 514 20.45 -18.64 13.08
CA PRO A 514 20.97 -20.02 13.30
C PRO A 514 22.31 -20.24 12.65
N THR A 515 22.39 -19.88 11.35
CA THR A 515 23.56 -20.09 10.47
C THR A 515 23.84 -21.56 10.25
N LYS A 516 24.84 -21.88 9.43
CA LYS A 516 25.32 -23.24 9.30
C LYS A 516 25.85 -23.81 10.57
N LEU A 517 26.22 -22.97 11.53
CA LEU A 517 26.67 -23.48 12.82
C LEU A 517 25.56 -24.31 13.48
N ALA A 518 24.31 -23.98 13.21
CA ALA A 518 23.16 -24.81 13.70
C ALA A 518 23.27 -26.33 13.36
N GLU A 519 24.11 -26.68 12.39
CA GLU A 519 24.31 -28.07 12.02
C GLU A 519 25.07 -28.80 13.10
N ALA A 520 25.81 -28.08 13.94
CA ALA A 520 26.63 -28.68 15.01
C ALA A 520 26.30 -28.21 16.39
N ALA A 521 25.72 -27.02 16.52
CA ALA A 521 25.51 -26.46 17.83
C ALA A 521 24.50 -27.24 18.68
N HIS A 522 24.76 -27.22 19.98
CA HIS A 522 23.80 -27.69 20.96
C HIS A 522 22.97 -26.59 21.63
N LEU A 523 23.51 -25.38 21.63
CA LEU A 523 22.89 -24.23 22.25
C LEU A 523 23.15 -23.01 21.41
N MET A 524 22.11 -22.26 21.16
CA MET A 524 22.22 -20.97 20.48
C MET A 524 21.46 -19.92 21.32
N LEU A 525 22.12 -18.77 21.48
CA LEU A 525 21.63 -17.61 22.22
C LEU A 525 21.42 -16.41 21.28
N PRO A 526 20.29 -15.70 21.41
CA PRO A 526 19.91 -14.59 20.54
C PRO A 526 20.51 -13.23 20.96
N ALA A 527 21.24 -12.61 20.03
CA ALA A 527 21.90 -11.36 20.20
C ALA A 527 21.15 -10.21 19.49
N ALA A 528 21.55 -8.98 19.81
CA ALA A 528 20.93 -7.74 19.32
C ALA A 528 21.96 -6.91 18.60
N HIS A 529 21.52 -6.20 17.56
CA HIS A 529 22.41 -5.51 16.65
C HIS A 529 22.11 -3.97 16.77
N PRO A 530 22.98 -3.10 16.23
CA PRO A 530 22.84 -1.63 16.51
C PRO A 530 21.46 -1.08 16.10
N GLY A 531 20.84 -0.21 16.91
CA GLY A 531 19.46 0.15 16.66
C GLY A 531 18.51 -0.57 17.60
N GLU A 532 18.77 -1.87 17.86
CA GLU A 532 18.14 -2.58 18.95
C GLU A 532 18.86 -2.32 20.27
N MET A 533 20.05 -1.74 20.15
CA MET A 533 20.90 -1.36 21.26
C MET A 533 21.65 -0.12 20.83
N ASN A 534 22.19 0.58 21.81
CA ASN A 534 23.20 1.60 21.59
C ASN A 534 24.51 0.93 21.32
N LEU A 535 25.34 1.55 20.47
CA LEU A 535 26.64 0.98 20.20
C LEU A 535 27.65 2.02 19.73
N THR A 536 28.87 1.88 20.21
CA THR A 536 29.97 2.77 19.83
C THR A 536 31.03 2.01 19.03
N SER A 537 31.57 2.70 18.05
CA SER A 537 32.61 2.19 17.14
C SER A 537 33.30 3.29 16.37
N MET A 538 34.46 2.97 15.81
CA MET A 538 35.23 3.93 15.03
C MET A 538 35.52 3.35 13.65
N ASN A 539 35.67 4.24 12.69
CA ASN A 539 35.95 3.87 11.28
C ASN A 539 37.45 3.91 11.00
N GLY A 540 37.84 3.90 9.72
CA GLY A 540 39.22 3.68 9.30
C GLY A 540 40.11 4.90 9.52
N GLU A 541 39.55 6.02 9.99
CA GLU A 541 40.30 7.22 10.38
C GLU A 541 40.07 7.49 11.89
N ARG A 542 39.63 6.47 12.63
CA ARG A 542 39.50 6.50 14.11
C ARG A 542 38.37 7.41 14.57
N ARG A 543 37.36 7.61 13.75
CA ARG A 543 36.26 8.50 14.06
C ARG A 543 35.19 7.71 14.80
N ILE A 544 35.12 7.93 16.12
CA ILE A 544 34.14 7.24 17.01
C ILE A 544 32.80 7.90 16.95
N ARG A 545 31.75 7.09 16.75
CA ARG A 545 30.39 7.57 16.71
C ARG A 545 29.49 6.68 17.55
N LEU A 546 28.44 7.29 18.09
CA LEU A 546 27.37 6.57 18.75
C LEU A 546 26.24 6.21 17.80
N SER A 547 25.98 4.91 17.64
CA SER A 547 24.74 4.45 16.98
C SER A 547 23.62 4.31 18.05
N GLU A 548 22.52 5.02 17.85
CA GLU A 548 21.41 5.08 18.85
C GLU A 548 20.35 4.02 18.73
N LYS A 549 19.96 3.48 19.87
CA LYS A 549 18.81 2.58 19.96
C LYS A 549 17.57 3.29 19.48
N PHE A 550 16.79 2.63 18.64
CA PHE A 550 15.48 3.17 18.25
C PHE A 550 14.34 2.17 18.21
N MET A 551 14.60 0.90 18.50
CA MET A 551 13.57 -0.12 18.48
C MET A 551 13.98 -1.26 19.43
N ASP A 552 13.08 -2.18 19.65
CA ASP A 552 13.33 -3.30 20.53
C ASP A 552 14.00 -4.41 19.72
N PRO A 553 14.77 -5.26 20.35
CA PRO A 553 15.19 -6.49 19.67
C PRO A 553 14.04 -7.52 19.58
N PRO A 554 14.18 -8.53 18.69
CA PRO A 554 13.22 -9.60 18.61
C PRO A 554 13.21 -10.42 19.87
N GLY A 555 12.02 -10.80 20.34
CA GLY A 555 11.92 -11.67 21.50
C GLY A 555 12.81 -11.23 22.64
N THR A 556 13.62 -12.17 23.15
CA THR A 556 14.44 -11.92 24.30
C THR A 556 15.91 -11.78 23.89
N ALA A 557 16.15 -11.40 22.64
CA ALA A 557 17.52 -11.09 22.18
C ALA A 557 18.14 -10.02 23.00
N MET A 558 19.45 -10.10 23.19
CA MET A 558 20.14 -9.21 24.10
C MET A 558 21.48 -8.74 23.52
N ALA A 559 21.87 -7.55 23.91
CA ALA A 559 23.23 -7.03 23.56
C ALA A 559 24.29 -7.98 24.05
N ASP A 560 25.30 -8.19 23.24
CA ASP A 560 26.33 -9.18 23.54
C ASP A 560 27.04 -8.90 24.87
N CYS A 561 27.28 -7.63 25.17
CA CYS A 561 27.90 -7.29 26.46
C CYS A 561 27.01 -7.71 27.64
N LEU A 562 25.69 -7.67 27.45
CA LEU A 562 24.75 -8.05 28.51
C LEU A 562 24.58 -9.58 28.58
N ILE A 563 24.84 -10.28 27.49
CA ILE A 563 24.97 -11.72 27.50
C ILE A 563 26.17 -12.14 28.29
N ALA A 564 27.27 -11.46 28.06
CA ALA A 564 28.46 -11.75 28.80
C ALA A 564 28.28 -11.51 30.31
N ALA A 565 27.61 -10.43 30.67
CA ALA A 565 27.30 -10.20 32.10
C ALA A 565 26.36 -11.27 32.67
N ARG A 566 25.41 -11.71 31.88
CA ARG A 566 24.50 -12.76 32.35
CA ARG A 566 24.49 -12.75 32.36
C ARG A 566 25.27 -14.06 32.63
N ILE A 567 26.23 -14.38 31.77
CA ILE A 567 27.05 -15.59 31.95
C ILE A 567 27.88 -15.43 33.19
N ALA A 568 28.52 -14.27 33.32
CA ALA A 568 29.39 -13.99 34.45
C ALA A 568 28.64 -14.09 35.76
N ASN A 569 27.47 -13.50 35.81
CA ASN A 569 26.68 -13.49 37.04
C ASN A 569 26.16 -14.89 37.35
N ALA A 570 25.93 -15.70 36.30
CA ALA A 570 25.44 -17.05 36.56
C ALA A 570 26.58 -17.85 37.17
N LEU A 571 27.80 -17.61 36.68
CA LEU A 571 28.95 -18.31 37.20
C LEU A 571 29.27 -17.84 38.63
N ARG A 572 29.18 -16.53 38.86
CA ARG A 572 29.40 -16.04 40.19
C ARG A 572 28.41 -16.72 41.20
N ASP A 573 27.12 -16.73 40.88
CA ASP A 573 26.13 -17.30 41.78
C ASP A 573 26.43 -18.75 42.10
N MET A 574 26.82 -19.53 41.09
CA MET A 574 27.21 -20.94 41.27
C MET A 574 28.36 -21.12 42.22
N TYR A 575 29.41 -20.32 42.04
CA TYR A 575 30.55 -20.41 42.92
C TYR A 575 30.22 -20.00 44.35
N GLN A 576 29.44 -18.94 44.51
CA GLN A 576 28.99 -18.52 45.81
C GLN A 576 28.17 -19.64 46.48
N LYS A 577 27.25 -20.28 45.76
CA LYS A 577 26.47 -21.43 46.31
C LYS A 577 27.35 -22.60 46.78
N ASP A 578 28.41 -22.85 46.01
CA ASP A 578 29.31 -23.93 46.23
C ASP A 578 30.40 -23.51 47.29
N GLY A 579 30.26 -22.34 47.89
CA GLY A 579 31.15 -21.85 48.93
C GLY A 579 32.58 -21.53 48.51
N LYS A 580 32.79 -21.13 47.26
CA LYS A 580 34.12 -20.88 46.68
C LYS A 580 34.28 -19.40 46.38
N ALA A 581 34.65 -18.65 47.41
CA ALA A 581 34.77 -17.18 47.35
C ALA A 581 35.77 -16.70 46.33
N GLU A 582 36.87 -17.41 46.19
CA GLU A 582 37.98 -16.91 45.41
C GLU A 582 37.51 -16.98 43.95
N MET A 583 36.90 -18.10 43.57
CA MET A 583 36.39 -18.24 42.19
C MET A 583 35.25 -17.25 41.97
N ALA A 584 34.33 -17.12 42.92
CA ALA A 584 33.24 -16.15 42.75
C ALA A 584 33.74 -14.73 42.53
N ALA A 585 34.80 -14.33 43.20
CA ALA A 585 35.38 -13.00 43.03
C ALA A 585 35.90 -12.73 41.61
N GLN A 586 36.42 -13.75 40.94
CA GLN A 586 36.78 -13.60 39.52
C GLN A 586 35.61 -13.13 38.64
N PHE A 587 34.37 -13.42 39.05
CA PHE A 587 33.18 -13.07 38.25
C PHE A 587 32.48 -11.79 38.68
N GLU A 588 33.17 -11.01 39.52
CA GLU A 588 32.68 -9.68 39.90
C GLU A 588 32.79 -8.68 38.72
N GLY A 589 32.03 -7.61 38.84
CA GLY A 589 32.20 -6.47 37.94
C GLY A 589 31.34 -6.51 36.71
N PHE A 590 30.20 -7.23 36.75
CA PHE A 590 29.27 -7.35 35.66
C PHE A 590 27.86 -6.97 36.09
N ASP A 591 27.74 -5.99 37.01
CA ASP A 591 26.46 -5.52 37.46
C ASP A 591 25.95 -4.48 36.48
N TRP A 592 25.64 -4.92 35.26
CA TRP A 592 25.30 -4.06 34.16
C TRP A 592 23.81 -4.22 33.79
N LYS A 593 23.10 -3.11 33.68
CA LYS A 593 21.68 -3.10 33.25
C LYS A 593 21.50 -2.68 31.79
N THR A 594 22.45 -1.92 31.25
CA THR A 594 22.37 -1.46 29.86
C THR A 594 23.78 -1.44 29.26
N GLU A 595 23.88 -1.38 27.94
CA GLU A 595 25.16 -1.42 27.26
C GLU A 595 26.07 -0.26 27.64
N GLU A 596 25.50 0.91 27.88
CA GLU A 596 26.24 2.05 28.40
C GLU A 596 27.07 1.73 29.64
N ASP A 597 26.62 0.79 30.48
CA ASP A 597 27.38 0.37 31.65
C ASP A 597 28.69 -0.25 31.25
N ALA A 598 28.68 -0.98 30.14
CA ALA A 598 29.87 -1.61 29.60
C ALA A 598 30.86 -0.62 28.97
N PHE A 599 30.34 0.40 28.27
CA PHE A 599 31.13 1.53 27.82
C PHE A 599 31.81 2.28 28.99
N ASN A 600 31.07 2.54 30.07
CA ASN A 600 31.66 3.17 31.26
C ASN A 600 32.68 2.30 31.93
N ASP A 601 32.47 0.99 31.98
CA ASP A 601 33.40 0.08 32.69
C ASP A 601 34.71 -0.21 31.96
N GLY A 602 34.69 -0.06 30.63
CA GLY A 602 35.75 -0.51 29.78
C GLY A 602 36.42 0.71 29.18
N PHE A 603 35.90 1.15 28.05
CA PHE A 603 36.44 2.30 27.30
C PHE A 603 36.72 3.48 28.21
N ARG A 604 35.76 3.80 29.06
CA ARG A 604 35.89 4.97 29.89
C ARG A 604 36.78 4.81 31.11
N ARG A 605 37.25 3.61 31.41
CA ARG A 605 38.16 3.39 32.54
C ARG A 605 39.59 3.19 32.18
N ALA A 606 39.88 3.01 30.89
CA ALA A 606 41.24 2.76 30.44
C ALA A 606 42.19 3.87 30.93
N GLY A 607 43.25 3.41 31.60
CA GLY A 607 44.28 4.27 32.10
C GLY A 607 43.87 5.14 33.27
N GLN A 608 42.70 4.92 33.85
CA GLN A 608 42.19 5.80 34.89
C GLN A 608 42.66 5.31 36.28
N PRO A 609 42.60 6.20 37.29
CA PRO A 609 43.02 5.78 38.64
C PRO A 609 42.28 4.56 39.18
N GLY A 610 42.99 3.54 39.61
CA GLY A 610 42.36 2.33 40.16
C GLY A 610 41.83 1.31 39.15
N ALA A 611 41.97 1.59 37.85
CA ALA A 611 41.52 0.67 36.80
C ALA A 611 42.49 -0.50 36.64
N PRO A 612 41.97 -1.68 36.30
CA PRO A 612 42.88 -2.77 35.91
C PRO A 612 43.56 -2.48 34.54
N ALA A 613 44.40 -3.38 34.07
CA ALA A 613 45.08 -3.20 32.78
C ALA A 613 44.00 -3.33 31.68
N ILE A 614 43.97 -2.36 30.77
CA ILE A 614 42.92 -2.31 29.73
C ILE A 614 43.59 -1.86 28.45
N ASP A 615 43.47 -2.64 27.38
CA ASP A 615 43.94 -2.28 26.05
C ASP A 615 42.77 -1.69 25.32
N SER A 616 42.84 -0.42 24.95
CA SER A 616 41.72 0.30 24.37
C SER A 616 42.18 1.20 23.25
N GLN A 617 41.53 1.10 22.09
CA GLN A 617 41.78 2.03 21.02
C GLN A 617 41.37 3.46 21.39
N GLY A 618 40.67 3.70 22.49
CA GLY A 618 40.37 5.09 22.93
C GLY A 618 41.54 5.72 23.72
N GLY A 619 42.43 4.86 24.18
CA GLY A 619 43.52 5.29 25.05
C GLY A 619 43.04 5.79 26.39
N SER A 620 43.96 6.50 27.05
CA SER A 620 43.70 6.92 28.40
C SER A 620 42.82 8.17 28.47
N THR A 621 42.58 8.85 27.34
CA THR A 621 41.60 9.95 27.30
C THR A 621 40.16 9.53 26.92
N GLY A 622 39.94 8.23 26.83
CA GLY A 622 38.60 7.68 26.55
C GLY A 622 37.51 8.16 27.48
N HIS A 623 37.85 8.39 28.74
CA HIS A 623 36.89 8.86 29.71
C HIS A 623 36.26 10.19 29.32
N LEU A 624 36.88 10.98 28.44
CA LEU A 624 36.27 12.23 28.01
C LEU A 624 35.07 11.98 27.11
N VAL A 625 35.02 10.79 26.53
CA VAL A 625 33.89 10.43 25.68
C VAL A 625 32.74 9.94 26.54
N THR A 626 31.56 10.44 26.30
CA THR A 626 30.33 9.81 26.87
C THR A 626 29.25 9.73 25.78
N TYR A 627 28.21 8.93 26.03
CA TYR A 627 27.14 8.86 25.07
C TYR A 627 26.55 10.23 24.77
N ASP A 628 26.29 11.02 25.80
CA ASP A 628 25.69 12.37 25.58
C ASP A 628 26.60 13.23 24.72
N ARG A 629 27.91 13.16 24.96
CA ARG A 629 28.84 14.02 24.22
C ARG A 629 28.92 13.58 22.77
N LEU A 630 28.88 12.26 22.54
CA LEU A 630 28.90 11.74 21.13
C LEU A 630 27.66 12.09 20.40
N ARG A 631 26.54 12.01 21.12
CA ARG A 631 25.27 12.36 20.54
C ARG A 631 25.26 13.81 20.02
N LYS A 632 25.78 14.73 20.83
CA LYS A 632 25.94 16.14 20.44
C LYS A 632 26.95 16.32 19.26
N SER A 633 27.94 15.45 19.15
CA SER A 633 28.90 15.52 18.03
C SER A 633 28.28 15.07 16.71
N GLY A 634 27.16 14.32 16.78
CA GLY A 634 26.49 13.85 15.57
C GLY A 634 27.29 12.74 14.86
N ASN A 635 26.99 12.49 13.59
CA ASN A 635 27.63 11.41 12.85
C ASN A 635 29.10 11.78 12.50
N ASN A 636 29.48 13.03 12.72
CA ASN A 636 30.91 13.38 12.56
C ASN A 636 31.75 12.91 13.73
N GLY A 637 31.12 12.72 14.89
CA GLY A 637 31.80 12.15 16.05
C GLY A 637 33.09 12.91 16.37
N VAL A 638 34.12 12.17 16.74
CA VAL A 638 35.47 12.71 16.99
C VAL A 638 36.51 11.69 16.55
N GLN A 639 37.63 12.16 15.95
CA GLN A 639 38.75 11.27 15.63
C GLN A 639 39.56 11.04 16.87
N LEU A 640 39.80 9.76 17.22
CA LEU A 640 40.56 9.40 18.42
C LEU A 640 42.05 9.60 18.11
N PRO A 641 42.92 9.82 19.10
CA PRO A 641 42.56 10.03 20.53
C PRO A 641 41.94 11.40 20.78
N VAL A 642 40.98 11.47 21.70
CA VAL A 642 40.45 12.74 22.15
C VAL A 642 41.59 13.52 22.86
N VAL A 643 41.72 14.79 22.51
CA VAL A 643 42.69 15.70 23.09
C VAL A 643 42.05 16.52 24.21
N SER A 644 40.84 17.02 24.00
CA SER A 644 40.15 17.80 25.04
C SER A 644 38.63 17.69 24.91
N TRP A 645 37.93 17.93 26.02
CA TRP A 645 36.47 18.13 25.99
C TRP A 645 36.16 19.39 26.83
N ASP A 646 35.27 20.24 26.36
CA ASP A 646 34.59 21.17 27.27
C ASP A 646 33.27 21.55 26.64
N GLU A 647 32.36 22.10 27.46
CA GLU A 647 30.99 22.45 26.96
C GLU A 647 30.99 23.37 25.73
N SER A 648 31.96 24.28 25.66
CA SER A 648 31.96 25.28 24.57
C SER A 648 32.48 24.75 23.24
N LYS A 649 33.44 23.83 23.25
CA LYS A 649 33.98 23.29 21.98
C LYS A 649 33.77 21.82 21.69
N GLY A 650 33.14 21.11 22.61
CA GLY A 650 32.87 19.69 22.44
C GLY A 650 34.13 18.88 22.52
N LEU A 651 34.00 17.68 21.99
CA LEU A 651 35.12 16.76 21.81
C LEU A 651 36.07 17.21 20.66
N VAL A 652 37.32 17.44 21.01
CA VAL A 652 38.37 17.82 20.06
C VAL A 652 39.27 16.59 19.91
N GLY A 653 39.56 16.19 18.69
CA GLY A 653 40.35 14.98 18.42
C GLY A 653 41.65 15.17 17.62
N THR A 654 42.09 14.09 16.97
CA THR A 654 43.39 13.99 16.35
C THR A 654 43.21 13.53 14.90
N GLU A 655 43.61 14.39 13.98
CA GLU A 655 43.50 14.09 12.55
C GLU A 655 44.51 13.05 12.03
N MET A 656 45.80 13.24 12.29
CA MET A 656 46.85 12.34 11.76
C MET A 656 47.77 11.95 12.88
N LEU A 657 48.25 10.72 12.86
CA LEU A 657 49.26 10.32 13.79
C LEU A 657 50.69 10.50 13.19
N TYR A 658 51.64 10.60 14.10
CA TYR A 658 53.08 10.66 13.83
C TYR A 658 53.56 11.92 13.16
N THR A 659 52.87 13.05 13.34
CA THR A 659 53.23 14.28 12.61
C THR A 659 54.48 14.99 13.12
N GLU A 660 55.01 14.57 14.26
CA GLU A 660 56.25 15.12 14.80
C GLU A 660 57.35 14.09 14.70
N GLY A 661 57.10 12.97 14.03
CA GLY A 661 58.15 11.97 13.90
C GLY A 661 58.42 11.13 15.11
N LYS A 662 57.53 11.18 16.11
CA LYS A 662 57.64 10.35 17.31
C LYS A 662 56.69 9.17 17.12
N PHE A 663 57.25 7.97 17.17
CA PHE A 663 56.53 6.76 16.84
C PHE A 663 56.36 5.93 18.10
N ASP A 664 55.53 4.88 18.02
CA ASP A 664 55.21 4.05 19.17
C ASP A 664 56.22 2.97 19.34
N THR A 665 57.41 3.34 19.77
CA THR A 665 58.50 2.42 20.08
C THR A 665 59.19 2.95 21.34
N ASP A 666 60.06 2.13 21.88
CA ASP A 666 60.88 2.46 23.07
C ASP A 666 61.64 3.78 22.92
N ASP A 667 62.25 4.01 21.76
CA ASP A 667 63.03 5.23 21.58
C ASP A 667 62.26 6.34 20.85
N GLY A 668 61.00 6.13 20.49
CA GLY A 668 60.28 7.10 19.66
C GLY A 668 60.71 7.17 18.20
N LYS A 669 61.54 6.23 17.76
CA LYS A 669 61.90 6.14 16.36
C LYS A 669 61.15 5.02 15.64
N ALA A 670 60.94 5.19 14.35
CA ALA A 670 60.38 4.12 13.49
C ALA A 670 61.53 3.17 13.27
N HIS A 671 61.24 1.89 13.33
CA HIS A 671 62.26 0.87 13.17
C HIS A 671 62.10 0.07 11.90
N PHE A 672 63.14 0.12 11.07
CA PHE A 672 63.24 -0.67 9.82
C PHE A 672 63.43 -2.13 10.18
N LYS A 673 62.96 -3.03 9.32
CA LYS A 673 63.08 -4.48 9.54
C LYS A 673 63.58 -5.20 8.34
N PRO A 674 64.21 -6.34 8.56
CA PRO A 674 64.62 -7.19 7.43
C PRO A 674 63.40 -7.88 6.82
N ALA A 675 63.36 -8.06 5.50
CA ALA A 675 62.26 -8.72 4.82
C ALA A 675 62.84 -9.70 3.82
N PRO A 676 63.23 -10.90 4.29
CA PRO A 676 63.74 -11.90 3.36
C PRO A 676 62.67 -12.42 2.39
N TRP A 677 63.08 -12.64 1.15
CA TRP A 677 62.20 -13.22 0.15
C TRP A 677 62.43 -14.73 0.13
N ASN A 678 61.44 -15.51 0.54
CA ASN A 678 61.57 -16.96 0.65
C ASN A 678 60.75 -17.73 -0.32
N GLY A 679 60.13 -17.08 -1.28
CA GLY A 679 59.18 -17.76 -2.19
C GLY A 679 57.91 -18.09 -1.46
N LEU A 680 57.10 -18.92 -2.09
CA LEU A 680 55.88 -19.41 -1.47
C LEU A 680 56.15 -20.43 -0.34
N PRO A 681 55.25 -20.51 0.66
CA PRO A 681 55.43 -21.56 1.69
C PRO A 681 55.33 -22.91 1.07
N ALA A 682 56.09 -23.88 1.57
CA ALA A 682 56.09 -25.22 0.98
C ALA A 682 54.67 -25.80 0.89
N THR A 683 53.89 -25.67 1.97
CA THR A 683 52.55 -26.25 1.99
C THR A 683 51.75 -25.68 0.80
N VAL A 684 51.92 -24.38 0.53
CA VAL A 684 51.23 -23.77 -0.59
C VAL A 684 51.84 -24.15 -1.93
N GLN A 685 53.18 -24.12 -2.02
CA GLN A 685 53.92 -24.56 -3.23
C GLN A 685 53.51 -25.98 -3.66
N GLN A 686 53.30 -26.86 -2.68
CA GLN A 686 52.89 -28.23 -3.00
C GLN A 686 51.57 -28.30 -3.74
N GLN A 687 50.61 -27.45 -3.32
CA GLN A 687 49.31 -27.40 -4.00
C GLN A 687 49.54 -26.84 -5.40
N LYS A 688 50.33 -25.80 -5.51
CA LYS A 688 50.62 -25.16 -6.80
C LYS A 688 51.25 -26.15 -7.85
N ASP A 689 52.17 -26.99 -7.36
CA ASP A 689 52.87 -27.96 -8.18
C ASP A 689 51.96 -29.07 -8.66
N LYS A 690 50.97 -29.41 -7.86
CA LYS A 690 50.05 -30.50 -8.17
C LYS A 690 48.86 -30.08 -9.01
N TYR A 691 48.47 -28.81 -8.92
CA TYR A 691 47.16 -28.40 -9.42
C TYR A 691 47.27 -27.19 -10.26
N ARG A 692 46.23 -26.91 -11.04
CA ARG A 692 46.31 -25.98 -12.16
C ARG A 692 45.98 -24.52 -11.87
N PHE A 693 44.98 -24.27 -11.02
CA PHE A 693 44.43 -22.90 -10.91
C PHE A 693 44.82 -22.25 -9.58
N TRP A 694 45.25 -20.99 -9.63
CA TRP A 694 45.36 -20.12 -8.45
C TRP A 694 43.95 -19.75 -7.96
N LEU A 695 43.68 -20.10 -6.71
CA LEU A 695 42.34 -20.00 -6.16
C LEU A 695 42.18 -18.74 -5.31
N ASN A 696 42.28 -17.60 -5.99
CA ASN A 696 42.11 -16.29 -5.36
C ASN A 696 40.68 -16.22 -4.86
N ASN A 697 40.44 -15.31 -3.90
CA ASN A 697 39.19 -15.31 -3.20
C ASN A 697 39.03 -13.97 -2.47
N GLY A 698 37.78 -13.61 -2.21
CA GLY A 698 37.50 -12.35 -1.50
C GLY A 698 36.08 -11.86 -1.70
N ARG A 699 35.97 -10.54 -1.75
CA ARG A 699 34.72 -9.83 -1.64
C ARG A 699 34.07 -9.53 -2.96
N ASN A 700 32.74 -9.49 -2.93
CA ASN A 700 31.92 -8.91 -3.95
C ASN A 700 31.20 -7.72 -3.35
N ASN A 701 31.04 -6.67 -4.15
CA ASN A 701 30.44 -5.43 -3.69
C ASN A 701 29.04 -5.60 -3.01
N GLU A 702 28.21 -6.40 -3.60
CA GLU A 702 26.85 -6.53 -3.12
C GLU A 702 26.67 -7.40 -1.88
N VAL A 703 27.52 -8.42 -1.72
CA VAL A 703 27.36 -9.41 -0.69
C VAL A 703 28.18 -8.99 0.56
N TRP A 704 27.52 -9.01 1.71
CA TRP A 704 28.26 -8.69 2.96
C TRP A 704 28.63 -9.96 3.66
N GLN A 705 29.95 -10.14 3.78
CA GLN A 705 30.58 -11.17 4.63
C GLN A 705 29.92 -12.58 4.38
N THR A 706 29.49 -13.26 5.44
CA THR A 706 28.83 -14.60 5.37
C THR A 706 27.37 -14.59 4.91
N ALA A 707 26.85 -13.43 4.50
CA ALA A 707 25.55 -13.32 3.93
C ALA A 707 24.47 -13.71 4.90
N TYR A 708 24.69 -13.39 6.18
CA TYR A 708 23.78 -13.74 7.23
C TYR A 708 22.44 -13.07 7.04
N HIS A 709 22.44 -11.80 6.63
CA HIS A 709 21.19 -11.18 6.20
C HIS A 709 20.87 -11.48 4.72
N ASP A 710 21.88 -11.39 3.87
CA ASP A 710 21.68 -11.50 2.43
C ASP A 710 21.01 -12.77 1.97
N GLN A 711 21.29 -13.89 2.66
CA GLN A 711 20.69 -15.17 2.41
C GLN A 711 19.14 -15.18 2.45
N TYR A 712 18.53 -14.21 3.14
CA TYR A 712 17.10 -14.06 3.23
C TYR A 712 16.50 -12.97 2.33
N ASN A 713 17.35 -12.29 1.59
CA ASN A 713 16.92 -11.20 0.74
C ASN A 713 16.65 -11.69 -0.70
N SER A 714 15.43 -11.52 -1.21
CA SER A 714 15.06 -12.13 -2.49
C SER A 714 15.91 -11.52 -3.63
N LEU A 715 16.24 -10.25 -3.57
CA LEU A 715 17.11 -9.65 -4.63
C LEU A 715 18.48 -10.24 -4.63
N MET A 716 19.07 -10.37 -3.47
CA MET A 716 20.41 -10.95 -3.38
C MET A 716 20.40 -12.42 -3.82
N GLN A 717 19.36 -13.15 -3.47
CA GLN A 717 19.29 -14.59 -3.83
C GLN A 717 19.02 -14.82 -5.34
N GLU A 718 18.32 -13.88 -5.96
CA GLU A 718 18.17 -13.85 -7.41
C GLU A 718 19.51 -13.59 -8.10
N ARG A 719 20.27 -12.63 -7.55
CA ARG A 719 21.53 -12.22 -8.16
C ARG A 719 22.62 -13.25 -7.97
N TYR A 720 22.79 -13.72 -6.76
CA TYR A 720 23.86 -14.63 -6.41
C TYR A 720 23.32 -15.87 -5.71
N PRO A 721 22.64 -16.75 -6.45
CA PRO A 721 22.00 -17.88 -5.77
C PRO A 721 23.06 -18.87 -5.26
N MET A 722 24.27 -18.78 -5.83
CA MET A 722 25.36 -19.63 -5.44
C MET A 722 26.65 -18.76 -5.50
N ALA A 723 27.71 -19.19 -4.78
CA ALA A 723 28.99 -18.51 -4.80
C ALA A 723 29.51 -18.64 -6.23
N TYR A 724 30.17 -17.63 -6.74
CA TYR A 724 30.65 -17.68 -8.12
C TYR A 724 32.15 -17.71 -8.16
N ILE A 725 32.66 -18.21 -9.27
CA ILE A 725 34.07 -18.25 -9.54
C ILE A 725 34.36 -17.62 -10.88
N GLU A 726 35.10 -16.51 -10.81
CA GLU A 726 35.54 -15.79 -11.98
C GLU A 726 36.58 -16.62 -12.67
N MET A 727 36.40 -16.84 -13.96
CA MET A 727 37.37 -17.68 -14.73
C MET A 727 37.73 -17.03 -16.06
N ASN A 728 39.00 -17.22 -16.51
CA ASN A 728 39.40 -16.76 -17.83
C ASN A 728 38.57 -17.44 -18.94
N PRO A 729 38.06 -16.72 -19.96
CA PRO A 729 37.25 -17.37 -21.00
C PRO A 729 37.90 -18.51 -21.79
N ASP A 730 39.21 -18.42 -22.00
CA ASP A 730 39.91 -19.50 -22.69
C ASP A 730 40.00 -20.74 -21.82
N ASP A 731 40.22 -20.57 -20.52
CA ASP A 731 40.22 -21.68 -19.59
C ASP A 731 38.82 -22.31 -19.56
N CYS A 732 37.79 -21.45 -19.61
CA CYS A 732 36.38 -21.92 -19.62
C CYS A 732 36.11 -22.80 -20.83
N LYS A 733 36.50 -22.33 -22.02
CA LYS A 733 36.33 -23.12 -23.28
C LYS A 733 37.02 -24.43 -23.17
N GLN A 734 38.21 -24.42 -22.64
CA GLN A 734 38.94 -25.66 -22.50
C GLN A 734 38.24 -26.64 -21.59
N LEU A 735 37.59 -26.17 -20.54
CA LEU A 735 36.80 -27.01 -19.64
C LEU A 735 35.33 -27.23 -20.07
N ASP A 736 34.93 -26.60 -21.16
CA ASP A 736 33.59 -26.66 -21.70
C ASP A 736 32.57 -26.13 -20.68
N VAL A 737 32.92 -25.01 -20.04
CA VAL A 737 32.04 -24.35 -19.09
C VAL A 737 31.77 -22.95 -19.58
N THR A 738 30.59 -22.47 -19.24
CA THR A 738 30.19 -21.09 -19.45
C THR A 738 29.40 -20.57 -18.24
N GLY A 739 28.93 -19.34 -18.34
CA GLY A 739 28.17 -18.72 -17.26
C GLY A 739 27.02 -19.54 -16.76
N GLY A 740 26.96 -19.81 -15.46
CA GLY A 740 25.79 -20.55 -14.93
C GLY A 740 26.00 -22.05 -14.88
N ASP A 741 27.15 -22.54 -15.38
CA ASP A 741 27.55 -23.91 -15.07
C ASP A 741 28.00 -24.03 -13.66
N ILE A 742 27.88 -25.24 -13.12
CA ILE A 742 28.43 -25.52 -11.77
C ILE A 742 29.73 -26.29 -11.90
N VAL A 743 30.75 -25.86 -11.16
CA VAL A 743 32.00 -26.57 -11.06
C VAL A 743 32.29 -27.01 -9.66
N GLU A 744 33.01 -28.12 -9.55
CA GLU A 744 33.70 -28.47 -8.31
C GLU A 744 35.15 -27.87 -8.32
N VAL A 745 35.56 -27.30 -7.21
CA VAL A 745 36.89 -26.74 -7.03
C VAL A 745 37.51 -27.51 -5.88
N TYR A 746 38.68 -28.09 -6.11
CA TYR A 746 39.24 -29.04 -5.15
C TYR A 746 40.75 -29.09 -5.15
N ASN A 747 41.29 -29.46 -4.00
CA ASN A 747 42.69 -29.78 -3.86
C ASN A 747 42.83 -30.79 -2.71
N ASP A 748 44.05 -30.94 -2.16
CA ASP A 748 44.29 -31.87 -1.06
C ASP A 748 43.52 -31.46 0.20
N PHE A 749 43.24 -30.17 0.35
CA PHE A 749 42.56 -29.67 1.55
C PHE A 749 41.04 -29.82 1.57
N GLY A 750 40.43 -29.84 0.40
CA GLY A 750 38.98 -29.91 0.38
C GLY A 750 38.40 -29.79 -0.98
N SER A 751 37.07 -29.83 -0.98
CA SER A 751 36.28 -29.80 -2.19
C SER A 751 35.12 -28.82 -1.94
N THR A 752 34.81 -27.96 -2.89
CA THR A 752 33.71 -27.04 -2.80
C THR A 752 33.17 -26.77 -4.20
N PHE A 753 32.22 -25.85 -4.33
CA PHE A 753 31.43 -25.72 -5.52
C PHE A 753 31.13 -24.26 -5.75
N ALA A 754 30.93 -23.91 -7.03
CA ALA A 754 30.67 -22.56 -7.47
C ALA A 754 30.02 -22.56 -8.80
N MET A 755 29.30 -21.47 -9.09
CA MET A 755 28.82 -21.26 -10.42
C MET A 755 29.89 -20.49 -11.21
N VAL A 756 30.07 -20.88 -12.46
CA VAL A 756 31.06 -20.27 -13.32
C VAL A 756 30.64 -18.89 -13.76
N TYR A 757 31.59 -17.95 -13.68
CA TYR A 757 31.42 -16.57 -14.11
C TYR A 757 32.62 -16.19 -15.00
N PRO A 758 32.48 -16.38 -16.32
CA PRO A 758 33.56 -16.00 -17.23
C PRO A 758 33.82 -14.53 -17.15
N VAL A 759 35.12 -14.17 -17.01
CA VAL A 759 35.56 -12.81 -16.81
C VAL A 759 36.82 -12.60 -17.69
N ALA A 760 36.71 -11.75 -18.68
CA ALA A 760 37.75 -11.57 -19.67
C ALA A 760 39.09 -11.18 -19.00
N GLU A 761 38.98 -10.41 -17.93
CA GLU A 761 40.15 -9.80 -17.28
C GLU A 761 40.93 -10.80 -16.41
N ILE A 762 40.34 -11.94 -16.08
CA ILE A 762 41.05 -12.97 -15.28
C ILE A 762 42.14 -13.63 -16.12
N LYS A 763 43.33 -13.72 -15.53
CA LYS A 763 44.49 -14.31 -16.24
C LYS A 763 44.33 -15.80 -16.35
N ARG A 764 44.88 -16.36 -17.44
CA ARG A 764 44.86 -17.79 -17.68
C ARG A 764 45.50 -18.50 -16.48
N GLY A 765 44.82 -19.51 -15.94
CA GLY A 765 45.33 -20.27 -14.80
C GLY A 765 45.11 -19.59 -13.46
N GLN A 766 44.41 -18.46 -13.47
CA GLN A 766 43.96 -17.83 -12.22
C GLN A 766 42.41 -17.84 -12.22
N THR A 767 41.85 -17.68 -11.03
CA THR A 767 40.43 -17.64 -10.77
C THR A 767 40.19 -16.71 -9.53
N PHE A 768 38.97 -16.33 -9.32
CA PHE A 768 38.58 -15.59 -8.12
C PHE A 768 37.20 -16.11 -7.68
N MET A 769 37.10 -16.67 -6.48
CA MET A 769 35.81 -17.13 -5.93
C MET A 769 35.38 -16.25 -4.76
N LEU A 770 34.09 -16.01 -4.69
CA LEU A 770 33.45 -15.31 -3.57
C LEU A 770 33.74 -16.10 -2.27
N PHE A 771 34.27 -15.43 -1.26
CA PHE A 771 34.58 -16.11 0.02
C PHE A 771 33.34 -16.18 0.93
N GLY A 772 33.42 -17.07 1.91
CA GLY A 772 32.52 -17.06 3.04
C GLY A 772 31.04 -17.30 2.78
N TYR A 773 30.67 -17.77 1.57
CA TYR A 773 29.25 -17.74 1.23
C TYR A 773 28.41 -18.96 1.72
N VAL A 774 27.10 -18.76 1.69
CA VAL A 774 26.11 -19.73 2.16
C VAL A 774 25.81 -20.94 1.25
N ASN A 775 26.26 -20.86 0.02
CA ASN A 775 26.10 -21.93 -0.96
C ASN A 775 27.39 -22.01 -1.75
N GLY A 776 28.31 -22.86 -1.28
CA GLY A 776 29.57 -23.11 -1.91
C GLY A 776 30.61 -22.30 -1.08
N ILE A 777 31.18 -22.95 -0.06
CA ILE A 777 32.12 -22.34 0.88
C ILE A 777 33.53 -22.40 0.29
N GLN A 778 34.09 -21.25 0.02
CA GLN A 778 35.45 -21.15 -0.59
C GLN A 778 36.58 -21.68 0.25
N GLY A 779 36.52 -21.40 1.54
CA GLY A 779 37.59 -21.76 2.43
C GLY A 779 37.97 -23.22 2.57
N ASP A 780 37.10 -24.14 2.15
CA ASP A 780 37.42 -25.58 2.06
C ASP A 780 38.75 -25.92 1.39
N VAL A 781 39.15 -25.07 0.47
CA VAL A 781 40.37 -25.29 -0.31
C VAL A 781 41.57 -24.44 0.11
N THR A 782 41.41 -23.63 1.17
CA THR A 782 42.53 -22.90 1.75
C THR A 782 43.33 -23.83 2.67
N THR A 783 44.63 -23.57 2.75
CA THR A 783 45.54 -24.49 3.46
C THR A 783 45.57 -24.11 4.92
N ASP A 784 46.25 -24.93 5.68
CA ASP A 784 46.47 -24.69 7.09
C ASP A 784 47.64 -23.78 7.36
N TRP A 785 48.34 -23.32 6.33
CA TRP A 785 49.59 -22.58 6.57
C TRP A 785 49.32 -21.21 7.13
N THR A 786 50.11 -20.87 8.14
CA THR A 786 50.06 -19.55 8.74
C THR A 786 51.48 -19.01 8.97
N ASP A 787 51.59 -17.70 9.11
CA ASP A 787 52.89 -17.08 9.36
C ASP A 787 53.34 -17.27 10.80
N ARG A 788 54.43 -16.62 11.18
CA ARG A 788 55.00 -16.83 12.52
C ARG A 788 54.04 -16.48 13.62
N ASN A 789 53.09 -15.56 13.38
CA ASN A 789 52.10 -15.23 14.38
C ASN A 789 50.71 -15.88 14.20
N ILE A 790 50.64 -16.94 13.41
CA ILE A 790 49.43 -17.67 13.11
C ILE A 790 48.44 -16.82 12.26
N ILE A 791 48.98 -16.06 11.30
CA ILE A 791 48.14 -15.33 10.33
C ILE A 791 48.08 -16.14 9.03
N PRO A 792 46.87 -16.62 8.64
CA PRO A 792 46.78 -17.51 7.48
C PRO A 792 47.02 -16.85 6.16
N TYR A 793 47.59 -17.62 5.22
CA TYR A 793 47.71 -17.15 3.88
C TYR A 793 46.43 -17.55 3.14
N TYR A 794 45.32 -16.87 3.43
CA TYR A 794 44.04 -17.24 2.87
C TYR A 794 44.02 -17.04 1.34
N LYS A 795 44.82 -16.10 0.82
CA LYS A 795 44.90 -15.85 -0.64
C LYS A 795 45.89 -16.74 -1.40
N GLY A 796 46.43 -17.75 -0.72
CA GLY A 796 47.47 -18.61 -1.18
C GLY A 796 47.03 -20.04 -1.23
N THR A 797 46.46 -20.42 -2.37
CA THR A 797 46.05 -21.76 -2.59
C THR A 797 45.80 -22.04 -4.07
N TRP A 798 46.05 -23.28 -4.45
CA TRP A 798 45.86 -23.76 -5.83
C TRP A 798 45.02 -25.04 -5.84
N GLY A 799 44.28 -25.26 -6.92
CA GLY A 799 43.40 -26.42 -7.04
C GLY A 799 43.03 -26.68 -8.47
N ASP A 800 42.27 -27.77 -8.68
CA ASP A 800 41.71 -28.16 -9.98
C ASP A 800 40.21 -27.90 -10.02
N ILE A 801 39.66 -27.91 -11.22
CA ILE A 801 38.28 -27.54 -11.41
C ILE A 801 37.65 -28.54 -12.33
N ARG A 802 36.46 -29.01 -12.00
CA ARG A 802 35.81 -29.99 -12.78
C ARG A 802 34.37 -29.59 -12.98
N LYS A 803 33.89 -29.65 -14.23
CA LYS A 803 32.50 -29.40 -14.53
C LYS A 803 31.57 -30.42 -13.84
N VAL A 804 30.57 -29.92 -13.11
CA VAL A 804 29.46 -30.79 -12.62
C VAL A 804 28.38 -30.80 -13.64
N GLY A 805 27.91 -29.63 -14.06
CA GLY A 805 26.80 -29.54 -15.01
C GLY A 805 26.30 -28.12 -15.24
N SER A 806 25.44 -27.94 -16.23
N SER A 806 25.43 -27.94 -16.21
CA SER A 806 24.73 -26.66 -16.49
CA SER A 806 24.79 -26.64 -16.44
C SER A 806 23.50 -26.50 -15.61
C SER A 806 23.50 -26.48 -15.63
N MET A 807 23.41 -25.40 -14.87
CA MET A 807 22.25 -25.13 -14.05
C MET A 807 21.40 -24.20 -14.89
N GLU A 808 20.41 -24.75 -15.60
CA GLU A 808 19.66 -23.94 -16.55
CA GLU A 808 19.67 -23.93 -16.55
C GLU A 808 18.97 -22.75 -15.87
N GLU A 809 18.55 -22.92 -14.61
CA GLU A 809 17.84 -21.87 -13.89
C GLU A 809 18.76 -20.68 -13.61
N PHE A 810 20.04 -20.95 -13.34
CA PHE A 810 21.06 -19.86 -13.25
C PHE A 810 21.24 -19.15 -14.56
N LYS A 811 21.36 -19.91 -15.67
CA LYS A 811 21.43 -19.27 -16.99
C LYS A 811 20.23 -18.39 -17.28
N ARG A 812 19.04 -18.81 -16.84
CA ARG A 812 17.81 -18.12 -17.09
C ARG A 812 17.65 -16.82 -16.26
N THR A 813 18.20 -16.77 -15.05
CA THR A 813 17.87 -15.75 -14.09
C THR A 813 19.05 -14.87 -13.62
N VAL A 814 20.27 -15.35 -13.75
CA VAL A 814 21.46 -14.66 -13.25
C VAL A 814 22.21 -13.94 -14.36
N SER A 815 22.54 -12.67 -14.15
CA SER A 815 23.39 -11.99 -15.10
C SER A 815 24.84 -12.44 -14.94
N PHE A 816 25.47 -12.80 -16.05
CA PHE A 816 26.92 -13.03 -16.07
C PHE A 816 27.66 -11.98 -16.84
N LYS A 817 27.14 -10.76 -16.88
CA LYS A 817 27.78 -9.68 -17.57
C LYS A 817 28.91 -9.09 -16.72
N SER A 818 29.74 -8.27 -17.34
CA SER A 818 30.97 -7.79 -16.70
C SER A 818 30.63 -6.88 -15.51
N ARG A 819 31.24 -7.18 -14.39
CA ARG A 819 31.18 -6.30 -13.20
C ARG A 819 32.30 -5.25 -13.23
N ARG A 820 33.05 -5.13 -14.34
CA ARG A 820 34.13 -4.11 -14.45
C ARG A 820 33.63 -3.03 -15.35
N PHE A 821 33.38 -1.86 -14.79
CA PHE A 821 32.76 -0.76 -15.54
C PHE A 821 33.69 -0.25 -16.65
N ALA A 822 33.22 -0.24 -17.87
CA ALA A 822 34.07 0.20 -18.98
C ALA A 822 33.82 1.68 -19.23
N ARG B 1 -9.11 3.36 -3.14
CA ARG B 1 -8.30 2.78 -4.22
C ARG B 1 -6.86 2.61 -3.82
N THR B 2 -6.31 1.46 -4.18
CA THR B 2 -4.99 1.07 -3.81
C THR B 2 -3.96 1.25 -4.92
N THR B 3 -4.39 1.45 -6.16
CA THR B 3 -3.44 1.55 -7.29
C THR B 3 -3.27 2.98 -7.79
N LEU B 4 -2.07 3.27 -8.33
CA LEU B 4 -1.87 4.55 -8.94
C LEU B 4 -2.60 4.57 -10.29
N GLN B 5 -2.94 5.74 -10.76
CA GLN B 5 -3.62 5.90 -12.04
C GLN B 5 -2.52 6.10 -13.10
N TYR B 6 -2.03 5.03 -13.71
CA TYR B 6 -0.98 5.16 -14.71
C TYR B 6 -1.58 5.53 -16.07
N PRO B 7 -1.00 6.49 -16.81
CA PRO B 7 -1.51 6.70 -18.19
C PRO B 7 -1.19 5.55 -19.12
N ALA B 8 -1.84 5.59 -20.30
CA ALA B 8 -1.60 4.64 -21.39
C ALA B 8 -0.98 5.48 -22.46
N THR B 9 0.32 5.32 -22.67
CA THR B 9 1.09 6.21 -23.54
C THR B 9 1.62 5.37 -24.69
N GLN B 10 1.19 5.72 -25.87
CA GLN B 10 1.71 5.12 -27.12
C GLN B 10 3.20 5.36 -27.23
N VAL B 11 3.98 4.31 -27.50
CA VAL B 11 5.43 4.50 -27.72
C VAL B 11 5.72 4.49 -29.24
N SER B 12 5.43 3.39 -29.89
CA SER B 12 5.49 3.28 -31.36
CA SER B 12 5.45 3.31 -31.36
C SER B 12 4.82 1.96 -31.77
N VAL B 13 4.97 1.57 -33.02
CA VAL B 13 4.58 0.22 -33.40
C VAL B 13 5.81 -0.68 -33.36
N ALA B 14 5.62 -1.95 -33.05
CA ALA B 14 6.75 -2.87 -32.84
C ALA B 14 7.62 -3.02 -34.08
N LYS B 15 6.99 -3.05 -35.25
CA LYS B 15 7.80 -3.26 -36.45
C LYS B 15 8.70 -2.07 -36.80
N ASN B 16 8.48 -0.87 -36.24
CA ASN B 16 9.37 0.22 -36.46
C ASN B 16 10.68 0.14 -35.65
N LEU B 17 10.72 -0.66 -34.58
CA LEU B 17 11.92 -0.74 -33.77
C LEU B 17 12.95 -1.60 -34.50
N LYS B 18 14.21 -1.17 -34.53
CA LYS B 18 15.25 -2.00 -35.11
C LYS B 18 15.92 -2.70 -33.94
N ALA B 19 16.43 -3.90 -34.17
CA ALA B 19 17.14 -4.63 -33.15
C ALA B 19 18.29 -3.81 -32.58
N ASN B 20 18.30 -3.80 -31.25
CA ASN B 20 19.28 -3.10 -30.46
C ASN B 20 19.47 -1.63 -30.76
N GLU B 21 18.41 -0.97 -31.25
CA GLU B 21 18.43 0.47 -31.39
C GLU B 21 17.41 1.08 -30.47
N PRO B 22 17.86 1.65 -29.32
CA PRO B 22 16.94 2.10 -28.29
C PRO B 22 16.11 3.32 -28.72
N VAL B 23 14.90 3.39 -28.19
CA VAL B 23 13.94 4.46 -28.46
C VAL B 23 13.77 5.20 -27.15
N SER B 24 13.81 6.52 -27.19
CA SER B 24 13.60 7.35 -26.00
C SER B 24 12.17 7.80 -25.93
N PHE B 25 11.62 7.85 -24.72
CA PHE B 25 10.27 8.37 -24.54
C PHE B 25 10.13 8.76 -23.08
N THR B 26 9.10 9.53 -22.75
CA THR B 26 8.83 9.83 -21.35
C THR B 26 7.57 9.09 -20.86
N TYR B 27 7.61 8.67 -19.60
CA TYR B 27 6.54 7.87 -18.98
C TYR B 27 6.82 7.72 -17.46
N PRO B 28 5.84 7.99 -16.57
CA PRO B 28 4.45 8.36 -16.88
C PRO B 28 4.19 9.88 -17.01
N ASP B 29 5.24 10.69 -17.16
CA ASP B 29 5.13 12.13 -17.38
C ASP B 29 6.46 12.61 -17.99
N THR B 30 6.53 13.85 -18.45
CA THR B 30 7.67 14.34 -19.19
C THR B 30 8.91 14.50 -18.34
N SER B 31 8.81 14.37 -17.02
CA SER B 31 9.99 14.37 -16.15
C SER B 31 10.61 12.97 -15.88
N SER B 32 10.13 11.94 -16.58
CA SER B 32 10.53 10.53 -16.32
C SER B 32 11.02 9.96 -17.63
N PRO B 33 12.32 10.02 -17.88
CA PRO B 33 12.76 9.51 -19.14
C PRO B 33 12.89 8.00 -19.12
N CYS B 34 12.55 7.38 -20.24
CA CYS B 34 12.57 5.96 -20.42
C CYS B 34 13.16 5.58 -21.77
N VAL B 35 13.52 4.29 -21.88
CA VAL B 35 14.04 3.69 -23.11
C VAL B 35 13.30 2.38 -23.35
N ALA B 36 12.90 2.16 -24.60
CA ALA B 36 12.48 0.87 -25.08
C ALA B 36 13.49 0.34 -26.11
N VAL B 37 13.71 -0.97 -26.13
CA VAL B 37 14.64 -1.58 -27.07
C VAL B 37 14.17 -2.99 -27.42
N LYS B 38 14.20 -3.29 -28.71
CA LYS B 38 14.05 -4.61 -29.26
C LYS B 38 15.39 -5.33 -29.14
N LEU B 39 15.46 -6.31 -28.24
CA LEU B 39 16.73 -6.94 -27.95
C LEU B 39 17.24 -7.85 -29.03
N GLY B 40 16.34 -8.42 -29.82
CA GLY B 40 16.78 -9.27 -30.96
C GLY B 40 16.69 -10.72 -30.63
N SER B 41 16.57 -11.06 -29.36
CA SER B 41 16.43 -12.42 -28.93
C SER B 41 15.48 -12.43 -27.69
N PRO B 42 14.57 -13.43 -27.59
CA PRO B 42 13.52 -13.49 -26.53
C PRO B 42 14.08 -13.37 -25.14
N VAL B 43 13.45 -12.59 -24.29
CA VAL B 43 13.79 -12.60 -22.89
C VAL B 43 12.47 -12.73 -22.10
N PRO B 44 12.50 -13.38 -20.93
CA PRO B 44 11.26 -13.48 -20.19
C PRO B 44 10.61 -12.11 -19.98
N GLY B 45 9.31 -12.04 -20.23
CA GLY B 45 8.62 -10.74 -20.13
C GLY B 45 8.85 -9.73 -21.26
N GLY B 46 9.70 -10.06 -22.26
CA GLY B 46 9.72 -9.32 -23.52
C GLY B 46 8.40 -9.40 -24.26
N VAL B 47 8.04 -8.32 -24.94
CA VAL B 47 6.79 -8.32 -25.73
C VAL B 47 7.13 -8.13 -27.18
N GLY B 48 6.11 -8.28 -28.03
CA GLY B 48 6.26 -8.13 -29.44
C GLY B 48 6.30 -9.47 -30.11
N PRO B 49 6.36 -9.49 -31.45
CA PRO B 49 6.40 -10.75 -32.22
C PRO B 49 7.50 -11.68 -31.77
N ASN B 50 8.65 -11.13 -31.38
CA ASN B 50 9.75 -11.96 -30.96
C ASN B 50 9.97 -11.98 -29.45
N ASN B 51 9.00 -11.53 -28.66
CA ASN B 51 9.10 -11.51 -27.17
C ASN B 51 10.44 -10.91 -26.64
N ASP B 52 10.89 -9.88 -27.31
CA ASP B 52 12.19 -9.29 -27.05
C ASP B 52 12.19 -7.80 -26.83
N ILE B 53 11.01 -7.16 -26.77
CA ILE B 53 10.96 -5.74 -26.55
C ILE B 53 10.73 -5.45 -25.06
N VAL B 54 11.66 -4.70 -24.51
CA VAL B 54 11.62 -4.32 -23.10
C VAL B 54 11.76 -2.85 -22.96
N ALA B 55 11.31 -2.30 -21.82
CA ALA B 55 11.50 -0.89 -21.57
C ALA B 55 11.72 -0.62 -20.08
N TYR B 56 12.47 0.45 -19.82
CA TYR B 56 12.91 0.84 -18.48
C TYR B 56 12.91 2.34 -18.27
N SER B 57 12.76 2.74 -17.02
CA SER B 57 13.10 4.09 -16.59
C SER B 57 14.63 4.15 -16.65
N VAL B 58 15.16 5.25 -17.12
CA VAL B 58 16.61 5.35 -17.23
C VAL B 58 17.26 6.11 -16.09
N LEU B 59 16.47 6.56 -15.12
CA LEU B 59 17.06 7.22 -13.96
C LEU B 59 17.64 6.15 -13.01
N CYS B 60 18.93 6.28 -12.73
CA CYS B 60 19.65 5.38 -11.84
C CYS B 60 18.88 5.30 -10.51
N THR B 61 18.63 4.10 -10.02
CA THR B 61 17.92 3.90 -8.73
C THR B 61 18.78 4.15 -7.51
N HIS B 62 20.08 4.37 -7.72
CA HIS B 62 20.97 4.82 -6.61
C HIS B 62 20.67 6.29 -6.28
N MET B 63 21.15 7.23 -7.10
CA MET B 63 20.90 8.66 -6.85
C MET B 63 20.37 9.45 -8.05
N GLY B 64 19.80 8.76 -9.01
CA GLY B 64 19.02 9.42 -10.04
C GLY B 64 19.73 9.91 -11.25
N CYS B 65 21.05 9.72 -11.39
CA CYS B 65 21.72 10.17 -12.60
C CYS B 65 21.17 9.38 -13.81
N PRO B 66 20.91 10.06 -14.92
CA PRO B 66 20.42 9.29 -16.10
C PRO B 66 21.46 8.33 -16.62
N THR B 67 21.02 7.08 -16.79
CA THR B 67 21.90 6.05 -17.29
C THR B 67 21.93 6.07 -18.81
N SER B 68 22.90 5.43 -19.37
CA SER B 68 22.97 5.36 -20.82
C SER B 68 22.96 3.91 -21.20
N TYR B 69 22.33 3.64 -22.32
CA TYR B 69 22.16 2.29 -22.81
C TYR B 69 23.41 1.96 -23.57
N ASP B 70 24.05 0.84 -23.24
CA ASP B 70 25.22 0.34 -23.93
C ASP B 70 24.75 -0.78 -24.88
N LYS B 71 24.71 -0.48 -26.16
CA LYS B 71 24.38 -1.44 -27.19
C LYS B 71 25.19 -2.77 -27.23
N SER B 72 26.50 -2.72 -27.04
CA SER B 72 27.29 -3.94 -27.10
C SER B 72 27.07 -4.89 -25.89
N SER B 73 26.77 -4.36 -24.71
CA SER B 73 26.49 -5.24 -23.57
C SER B 73 24.99 -5.42 -23.25
N LYS B 74 24.11 -4.60 -23.86
CA LYS B 74 22.68 -4.55 -23.53
C LYS B 74 22.50 -4.34 -22.02
N THR B 75 23.17 -3.28 -21.56
CA THR B 75 23.10 -2.79 -20.19
C THR B 75 22.84 -1.30 -20.13
N PHE B 76 22.43 -0.83 -18.97
CA PHE B 76 22.26 0.59 -18.65
C PHE B 76 23.34 0.90 -17.61
N LYS B 77 24.20 1.85 -17.94
CA LYS B 77 25.38 2.21 -17.15
C LYS B 77 25.20 3.60 -16.52
N CYS B 78 25.48 3.70 -15.22
CA CYS B 78 25.47 4.98 -14.53
C CYS B 78 26.91 5.38 -14.22
N PRO B 79 27.40 6.44 -14.82
CA PRO B 79 28.83 6.74 -14.57
C PRO B 79 29.07 7.64 -13.33
N CYS B 80 28.02 7.85 -12.50
CA CYS B 80 28.24 8.63 -11.28
CA CYS B 80 28.15 8.67 -11.27
C CYS B 80 28.84 7.80 -10.19
N HIS B 81 28.22 6.67 -9.83
CA HIS B 81 28.91 5.73 -8.95
C HIS B 81 29.02 4.32 -9.50
N PHE B 82 28.89 4.20 -10.82
CA PHE B 82 29.35 3.03 -11.57
C PHE B 82 28.42 1.84 -11.43
N THR B 83 27.15 2.10 -11.22
CA THR B 83 26.14 1.06 -11.20
C THR B 83 25.79 0.64 -12.67
N GLU B 84 25.63 -0.66 -12.85
CA GLU B 84 25.26 -1.23 -14.15
C GLU B 84 24.07 -2.20 -14.00
N PHE B 85 23.06 -2.05 -14.86
CA PHE B 85 21.85 -2.87 -14.84
C PHE B 85 21.68 -3.66 -16.15
N ASP B 86 21.15 -4.88 -16.05
CA ASP B 86 21.07 -5.82 -17.17
C ASP B 86 19.72 -5.71 -17.82
N ALA B 87 19.70 -5.22 -19.07
CA ALA B 87 18.44 -5.03 -19.79
C ALA B 87 17.76 -6.36 -20.13
N GLU B 88 18.54 -7.44 -20.19
CA GLU B 88 18.09 -8.81 -20.49
C GLU B 88 17.64 -9.59 -19.24
N LYS B 89 17.80 -9.01 -18.05
CA LYS B 89 17.38 -9.66 -16.83
C LYS B 89 16.54 -8.74 -15.98
N ALA B 90 15.60 -8.08 -16.64
CA ALA B 90 14.61 -7.24 -15.97
C ALA B 90 15.27 -6.21 -15.06
N GLY B 91 16.35 -5.59 -15.51
CA GLY B 91 17.00 -4.56 -14.75
C GLY B 91 17.81 -4.99 -13.56
N GLN B 92 18.19 -6.28 -13.49
CA GLN B 92 19.03 -6.78 -12.46
C GLN B 92 20.35 -6.00 -12.38
N MET B 93 20.72 -5.60 -11.17
CA MET B 93 21.92 -4.84 -10.93
C MET B 93 23.09 -5.81 -11.01
N ILE B 94 23.92 -5.58 -12.02
CA ILE B 94 25.07 -6.44 -12.28
C ILE B 94 26.16 -6.22 -11.20
N CYS B 95 26.41 -4.94 -10.92
CA CYS B 95 27.40 -4.44 -9.91
C CYS B 95 26.94 -2.99 -9.64
N GLY B 96 26.98 -2.51 -8.39
CA GLY B 96 26.67 -1.11 -8.17
C GLY B 96 26.18 -0.86 -6.80
N GLN B 97 25.75 0.39 -6.60
CA GLN B 97 25.44 0.85 -5.26
C GLN B 97 23.93 0.96 -5.03
N ALA B 98 23.11 0.71 -6.04
CA ALA B 98 21.67 0.72 -5.87
C ALA B 98 21.16 -0.42 -5.02
N THR B 99 19.96 -0.22 -4.48
CA THR B 99 19.28 -1.20 -3.75
C THR B 99 17.93 -1.57 -4.37
N GLU B 100 17.72 -1.25 -5.64
CA GLU B 100 16.52 -1.64 -6.36
C GLU B 100 17.00 -1.87 -7.81
N ASN B 101 16.37 -2.82 -8.48
CA ASN B 101 16.63 -3.01 -9.88
C ASN B 101 16.04 -1.84 -10.70
N LEU B 102 16.57 -1.66 -11.91
CA LEU B 102 16.08 -0.56 -12.77
C LEU B 102 14.59 -0.76 -13.04
N PRO B 103 13.74 0.26 -12.82
CA PRO B 103 12.29 0.00 -12.90
C PRO B 103 11.85 -0.33 -14.34
N ARG B 104 10.99 -1.34 -14.48
CA ARG B 104 10.59 -1.80 -15.79
C ARG B 104 9.34 -1.04 -16.16
N VAL B 105 9.29 -0.57 -17.39
CA VAL B 105 8.08 0.05 -17.90
C VAL B 105 7.30 -1.08 -18.55
N LEU B 106 6.09 -1.29 -18.06
CA LEU B 106 5.23 -2.36 -18.58
C LEU B 106 4.64 -1.93 -19.91
N LEU B 107 4.93 -2.75 -20.94
CA LEU B 107 4.47 -2.51 -22.33
C LEU B 107 3.35 -3.48 -22.70
N ARG B 108 2.22 -2.97 -23.21
CA ARG B 108 1.24 -3.82 -23.86
C ARG B 108 1.59 -3.88 -25.37
N TYR B 109 1.61 -5.08 -25.93
CA TYR B 109 1.75 -5.22 -27.37
C TYR B 109 0.40 -5.68 -27.94
N ASP B 110 -0.14 -4.92 -28.90
CA ASP B 110 -1.42 -5.14 -29.48
C ASP B 110 -1.20 -5.68 -30.92
N GLU B 111 -1.47 -6.96 -31.13
CA GLU B 111 -1.21 -7.58 -32.42
C GLU B 111 -2.14 -6.99 -33.54
N ALA B 112 -3.36 -6.61 -33.17
CA ALA B 112 -4.28 -6.06 -34.16
C ALA B 112 -3.77 -4.74 -34.85
N SER B 113 -3.07 -3.89 -34.09
CA SER B 113 -2.57 -2.58 -34.52
C SER B 113 -1.04 -2.51 -34.68
N ASP B 114 -0.32 -3.51 -34.15
CA ASP B 114 1.13 -3.50 -33.96
C ASP B 114 1.65 -2.52 -32.89
N ALA B 115 0.75 -1.88 -32.15
CA ALA B 115 1.12 -0.81 -31.21
C ALA B 115 1.73 -1.33 -29.95
N LEU B 116 2.75 -0.61 -29.51
CA LEU B 116 3.35 -0.77 -28.19
C LEU B 116 2.88 0.39 -27.34
N THR B 117 2.30 0.09 -26.17
CA THR B 117 1.84 1.11 -25.24
C THR B 117 2.41 0.93 -23.84
N ALA B 118 2.93 2.02 -23.26
CA ALA B 118 3.36 1.97 -21.86
C ALA B 118 2.14 2.10 -20.97
N VAL B 119 1.98 1.12 -20.07
CA VAL B 119 0.79 1.05 -19.21
C VAL B 119 1.04 0.95 -17.72
N GLY B 120 2.28 0.76 -17.32
CA GLY B 120 2.58 0.71 -15.90
C GLY B 120 4.07 0.79 -15.67
N VAL B 121 4.46 0.86 -14.40
CA VAL B 121 5.86 0.70 -14.02
C VAL B 121 5.99 -0.33 -12.86
N ASP B 122 6.88 -1.29 -13.02
CA ASP B 122 7.27 -2.26 -11.98
C ASP B 122 8.60 -1.77 -11.30
N GLY B 123 8.46 -1.26 -10.07
CA GLY B 123 9.55 -0.67 -9.34
C GLY B 123 9.25 0.81 -9.18
N LEU B 124 9.94 1.48 -8.26
CA LEU B 124 9.75 2.90 -7.99
C LEU B 124 10.85 3.74 -8.66
N ILE B 125 10.46 4.69 -9.48
CA ILE B 125 11.35 5.56 -10.20
C ILE B 125 12.05 6.47 -9.21
N TYR B 126 13.34 6.75 -9.48
CA TYR B 126 14.12 7.62 -8.64
C TYR B 126 13.38 8.95 -8.36
N GLY B 127 13.50 9.46 -7.13
CA GLY B 127 13.25 10.89 -6.85
C GLY B 127 11.79 11.27 -6.82
N ARG B 128 10.97 10.27 -6.53
CA ARG B 128 9.56 10.49 -6.42
C ARG B 128 9.00 9.68 -5.29
N GLN B 129 8.00 10.28 -4.66
CA GLN B 129 7.24 9.62 -3.60
C GLN B 129 6.34 8.48 -4.13
N ALA B 130 5.81 8.70 -5.34
CA ALA B 130 5.03 7.66 -6.05
C ALA B 130 5.36 7.78 -7.54
N ASN B 131 5.21 6.69 -8.30
CA ASN B 131 5.47 6.76 -9.71
C ASN B 131 4.67 7.84 -10.44
N VAL B 132 3.47 8.09 -9.97
CA VAL B 132 2.56 9.08 -10.58
C VAL B 132 2.54 10.20 -9.60
N ILE B 133 3.03 11.35 -10.05
CA ILE B 133 3.12 12.51 -9.23
C ILE B 133 1.81 13.26 -9.33
N ASN C 1 -2.18 -4.13 8.21
CA ASN C 1 -2.57 -3.38 6.95
C ASN C 1 -4.09 -3.21 6.88
N ASP C 2 -4.53 -2.13 6.25
CA ASP C 2 -5.87 -1.60 6.45
C ASP C 2 -6.65 -1.39 5.18
N ARG C 3 -6.24 -2.07 4.10
CA ARG C 3 -7.06 -2.15 2.89
C ARG C 3 -6.70 -3.38 2.07
N ILE C 4 -7.48 -3.67 1.05
CA ILE C 4 -7.20 -4.80 0.15
C ILE C 4 -7.55 -4.35 -1.26
N THR C 5 -6.87 -4.94 -2.22
CA THR C 5 -7.05 -4.63 -3.62
C THR C 5 -8.13 -5.57 -4.13
N LEU C 6 -9.24 -5.04 -4.61
CA LEU C 6 -10.36 -5.87 -5.09
C LEU C 6 -10.05 -6.44 -6.49
N PRO C 7 -10.54 -7.62 -6.78
CA PRO C 7 -10.35 -8.17 -8.10
C PRO C 7 -11.22 -7.44 -9.12
N PRO C 8 -10.65 -7.12 -10.29
CA PRO C 8 -11.42 -6.48 -11.36
C PRO C 8 -12.61 -7.33 -11.77
N ALA C 9 -13.65 -6.70 -12.30
CA ALA C 9 -14.81 -7.47 -12.80
C ALA C 9 -14.39 -8.58 -13.72
N ASN C 10 -13.40 -8.32 -14.59
CA ASN C 10 -12.96 -9.27 -15.58
C ASN C 10 -11.76 -10.10 -15.18
N ALA C 11 -11.43 -10.14 -13.90
CA ALA C 11 -10.30 -10.93 -13.43
C ALA C 11 -10.39 -12.40 -13.80
N GLN C 12 -9.28 -13.05 -14.02
CA GLN C 12 -9.28 -14.49 -14.29
C GLN C 12 -9.75 -15.17 -12.98
N ARG C 13 -10.57 -16.20 -13.09
CA ARG C 13 -11.04 -17.00 -11.96
C ARG C 13 -10.89 -18.49 -12.26
N THR C 14 -10.20 -19.21 -11.41
CA THR C 14 -10.12 -20.63 -11.52
C THR C 14 -10.64 -21.31 -10.23
N ASN C 15 -10.84 -22.62 -10.29
CA ASN C 15 -11.33 -23.41 -9.17
C ASN C 15 -10.15 -24.02 -8.44
N MET C 16 -10.31 -24.08 -7.13
CA MET C 16 -9.30 -24.67 -6.28
C MET C 16 -9.96 -25.35 -5.13
N THR C 17 -9.69 -26.64 -4.95
CA THR C 17 -10.13 -27.34 -3.76
C THR C 17 -9.14 -26.98 -2.69
N CYS C 18 -9.59 -26.84 -1.45
CA CYS C 18 -8.65 -26.61 -0.36
C CYS C 18 -7.50 -27.61 -0.39
N HIS C 19 -6.27 -27.13 -0.12
CA HIS C 19 -5.11 -27.97 -0.11
C HIS C 19 -5.12 -29.02 0.96
N PHE C 20 -5.82 -28.74 2.05
CA PHE C 20 -5.62 -29.43 3.32
C PHE C 20 -6.64 -30.58 3.63
N CYS C 21 -7.60 -30.38 4.51
CA CYS C 21 -8.21 -31.54 5.11
C CYS C 21 -9.23 -32.18 4.17
N ILE C 22 -9.60 -33.39 4.55
CA ILE C 22 -10.66 -34.23 3.95
C ILE C 22 -11.92 -33.55 3.41
N VAL C 23 -12.39 -32.54 4.10
CA VAL C 23 -13.64 -31.92 3.67
C VAL C 23 -13.56 -31.43 2.25
N GLY C 24 -12.43 -30.83 1.87
CA GLY C 24 -12.26 -30.46 0.49
C GLY C 24 -13.18 -29.36 0.10
N CYS C 25 -13.30 -28.39 0.96
CA CYS C 25 -14.05 -27.19 0.63
C CYS C 25 -13.63 -26.55 -0.72
N GLY C 26 -14.63 -26.01 -1.41
CA GLY C 26 -14.43 -25.30 -2.70
C GLY C 26 -14.04 -23.84 -2.52
N TYR C 27 -13.02 -23.47 -3.27
CA TYR C 27 -12.51 -22.11 -3.43
C TYR C 27 -12.42 -21.65 -4.88
N HIS C 28 -12.44 -20.33 -5.02
CA HIS C 28 -12.07 -19.65 -6.26
C HIS C 28 -10.76 -18.92 -6.08
N VAL C 29 -9.94 -18.95 -7.12
CA VAL C 29 -8.68 -18.17 -7.17
C VAL C 29 -8.88 -17.07 -8.21
N TYR C 30 -8.83 -15.83 -7.78
CA TYR C 30 -8.87 -14.69 -8.69
C TYR C 30 -7.44 -14.27 -8.88
N LYS C 31 -7.08 -14.07 -10.14
CA LYS C 31 -5.71 -13.62 -10.54
C LYS C 31 -5.79 -12.46 -11.52
N TRP C 32 -5.01 -11.40 -11.26
CA TRP C 32 -5.04 -10.22 -12.12
C TRP C 32 -3.75 -9.41 -12.01
N PRO C 33 -3.44 -8.58 -13.02
CA PRO C 33 -2.14 -7.83 -12.94
C PRO C 33 -2.00 -7.00 -11.65
N GLU C 34 -0.79 -6.95 -11.13
CA GLU C 34 -0.51 -6.26 -9.83
C GLU C 34 -1.13 -4.84 -9.77
N LEU C 35 -1.03 -4.12 -10.86
CA LEU C 35 -1.37 -2.68 -10.88
C LEU C 35 -2.80 -2.40 -11.29
N GLN C 36 -3.63 -3.43 -11.40
CA GLN C 36 -5.05 -3.24 -11.62
C GLN C 36 -5.82 -3.52 -10.38
N GLU C 37 -7.01 -2.96 -10.33
CA GLU C 37 -7.95 -3.26 -9.26
C GLU C 37 -9.42 -3.07 -9.71
N GLY C 38 -10.30 -3.81 -9.07
CA GLY C 38 -11.75 -3.67 -9.18
C GLY C 38 -12.27 -2.45 -8.45
N GLY C 39 -13.45 -2.03 -8.87
CA GLY C 39 -14.14 -0.91 -8.21
C GLY C 39 -14.97 -1.40 -7.05
N ARG C 40 -15.36 -0.47 -6.15
CA ARG C 40 -16.16 -0.86 -5.04
C ARG C 40 -17.61 -1.24 -5.39
N ALA C 41 -18.17 -0.68 -6.46
CA ALA C 41 -19.52 -1.01 -6.85
C ALA C 41 -19.60 -2.49 -7.21
N PRO C 42 -20.71 -3.17 -6.90
CA PRO C 42 -20.75 -4.63 -6.98
C PRO C 42 -20.51 -5.16 -8.35
N GLU C 43 -20.96 -4.46 -9.39
CA GLU C 43 -20.74 -4.93 -10.75
C GLU C 43 -19.37 -4.53 -11.29
N GLN C 44 -18.56 -3.81 -10.50
CA GLN C 44 -17.20 -3.47 -10.94
C GLN C 44 -16.06 -4.27 -10.24
N ASN C 45 -16.42 -5.25 -9.45
CA ASN C 45 -15.47 -6.19 -8.94
C ASN C 45 -15.88 -7.61 -9.19
N ALA C 46 -14.90 -8.53 -9.17
CA ALA C 46 -15.25 -9.94 -9.42
C ALA C 46 -16.07 -10.63 -8.33
N LEU C 47 -16.06 -10.11 -7.11
CA LEU C 47 -16.84 -10.74 -6.05
C LEU C 47 -18.32 -10.44 -6.15
N GLY C 48 -18.70 -9.41 -6.90
CA GLY C 48 -20.07 -9.02 -7.00
C GLY C 48 -20.60 -8.43 -5.71
N LEU C 49 -19.72 -7.90 -4.83
CA LEU C 49 -20.16 -7.37 -3.55
C LEU C 49 -20.05 -5.86 -3.55
N ASP C 50 -20.90 -5.23 -2.75
CA ASP C 50 -20.98 -3.78 -2.72
C ASP C 50 -20.10 -3.22 -1.61
N PHE C 51 -18.90 -2.78 -1.96
CA PHE C 51 -18.00 -2.21 -0.98
C PHE C 51 -18.12 -0.68 -0.90
N ARG C 52 -19.15 -0.09 -1.46
CA ARG C 52 -19.42 1.36 -1.23
C ARG C 52 -19.98 1.64 0.17
N LYS C 53 -20.45 0.59 0.86
CA LYS C 53 -20.87 0.74 2.25
C LYS C 53 -20.57 -0.59 2.93
N GLN C 54 -20.61 -0.57 4.25
CA GLN C 54 -20.38 -1.78 5.07
C GLN C 54 -21.16 -3.03 4.56
N LEU C 55 -20.48 -4.17 4.44
CA LEU C 55 -21.14 -5.39 4.06
C LEU C 55 -21.84 -5.96 5.31
N PRO C 56 -23.02 -6.58 5.12
CA PRO C 56 -23.62 -7.29 6.25
C PRO C 56 -22.82 -8.53 6.65
N PRO C 57 -23.10 -9.06 7.84
CA PRO C 57 -22.39 -10.27 8.24
C PRO C 57 -22.78 -11.45 7.36
N LEU C 58 -21.89 -12.42 7.27
CA LEU C 58 -21.95 -13.59 6.38
C LEU C 58 -21.87 -13.32 4.89
N ALA C 59 -21.68 -12.07 4.46
CA ALA C 59 -21.62 -11.79 3.04
C ALA C 59 -20.37 -12.25 2.39
N VAL C 60 -19.26 -12.37 3.11
CA VAL C 60 -17.97 -12.64 2.44
C VAL C 60 -17.09 -13.22 3.52
N THR C 61 -16.05 -13.94 3.09
CA THR C 61 -14.92 -14.22 3.93
C THR C 61 -13.72 -13.59 3.19
N LEU C 62 -13.13 -12.54 3.76
CA LEU C 62 -12.07 -11.82 3.04
C LEU C 62 -11.20 -11.08 4.02
N THR C 63 -9.91 -11.42 4.07
CA THR C 63 -8.91 -10.76 4.93
C THR C 63 -7.68 -10.65 4.11
N PRO C 64 -6.70 -9.84 4.59
CA PRO C 64 -5.44 -9.73 3.88
C PRO C 64 -4.72 -11.06 3.72
N ALA C 65 -4.83 -11.98 4.68
CA ALA C 65 -4.16 -13.29 4.55
C ALA C 65 -4.72 -14.13 3.38
N MET C 66 -5.89 -13.74 2.84
CA MET C 66 -6.51 -14.40 1.68
C MET C 66 -6.07 -13.76 0.35
N THR C 67 -5.01 -12.94 0.38
CA THR C 67 -4.57 -12.25 -0.80
C THR C 67 -3.08 -12.39 -0.85
N ASN C 68 -2.52 -12.24 -2.04
CA ASN C 68 -1.04 -12.12 -2.22
C ASN C 68 -0.70 -11.53 -3.56
N VAL C 69 0.58 -11.30 -3.75
CA VAL C 69 1.08 -10.92 -5.07
C VAL C 69 2.14 -11.92 -5.42
N VAL C 70 1.92 -12.65 -6.50
CA VAL C 70 2.84 -13.69 -6.93
C VAL C 70 3.68 -13.15 -8.11
N THR C 71 4.85 -13.76 -8.32
CA THR C 71 5.76 -13.32 -9.41
C THR C 71 6.01 -14.55 -10.26
N GLU C 72 5.57 -14.50 -11.50
CA GLU C 72 5.71 -15.62 -12.41
C GLU C 72 7.15 -15.73 -12.98
N HIS C 73 7.44 -16.87 -13.63
CA HIS C 73 8.74 -17.06 -14.25
C HIS C 73 9.12 -15.99 -15.28
N ASN C 74 8.16 -15.47 -16.01
CA ASN C 74 8.41 -14.28 -16.89
C ASN C 74 8.68 -12.92 -16.18
N GLY C 75 8.68 -12.89 -14.84
CA GLY C 75 8.90 -11.69 -14.05
C GLY C 75 7.63 -10.84 -13.85
N ARG C 76 6.49 -11.21 -14.43
CA ARG C 76 5.27 -10.42 -14.26
C ARG C 76 4.59 -10.75 -12.88
N ARG C 77 4.04 -9.71 -12.28
CA ARG C 77 3.50 -9.74 -10.93
C ARG C 77 2.00 -9.70 -11.02
N TYR C 78 1.33 -10.53 -10.22
CA TYR C 78 -0.12 -10.67 -10.27
C TYR C 78 -0.68 -10.72 -8.86
N ASN C 79 -1.71 -9.92 -8.62
CA ASN C 79 -2.52 -10.07 -7.40
C ASN C 79 -3.20 -11.42 -7.47
N ILE C 80 -3.31 -12.13 -6.35
CA ILE C 80 -4.22 -13.26 -6.28
C ILE C 80 -5.11 -13.07 -5.07
N MET C 81 -6.28 -13.72 -5.09
CA MET C 81 -7.22 -13.68 -3.99
C MET C 81 -7.84 -15.04 -3.98
N VAL C 82 -7.80 -15.72 -2.85
CA VAL C 82 -8.28 -17.13 -2.77
C VAL C 82 -9.36 -17.16 -1.71
N VAL C 83 -10.61 -17.36 -2.15
CA VAL C 83 -11.71 -17.18 -1.28
C VAL C 83 -12.70 -18.32 -1.52
N PRO C 84 -13.47 -18.67 -0.50
CA PRO C 84 -14.39 -19.82 -0.60
C PRO C 84 -15.53 -19.57 -1.58
N ASP C 85 -15.96 -20.64 -2.25
CA ASP C 85 -17.07 -20.65 -3.21
C ASP C 85 -18.40 -20.82 -2.47
N LYS C 86 -19.25 -19.78 -2.53
CA LYS C 86 -20.53 -19.75 -1.93
C LYS C 86 -21.46 -20.81 -2.46
N ALA C 87 -21.31 -21.19 -3.71
CA ALA C 87 -22.24 -22.15 -4.34
C ALA C 87 -21.71 -23.59 -4.28
N CYS C 88 -20.58 -23.83 -3.65
CA CYS C 88 -20.11 -25.22 -3.53
C CYS C 88 -20.89 -25.94 -2.45
N VAL C 89 -21.44 -27.10 -2.80
CA VAL C 89 -22.28 -27.80 -1.83
C VAL C 89 -21.55 -28.32 -0.57
N VAL C 90 -20.23 -28.49 -0.65
CA VAL C 90 -19.48 -29.02 0.48
C VAL C 90 -19.50 -28.02 1.65
N ASN C 91 -19.14 -26.77 1.35
CA ASN C 91 -18.88 -25.74 2.32
C ASN C 91 -19.81 -24.57 2.31
N SER C 92 -20.59 -24.39 1.26
CA SER C 92 -21.56 -23.27 1.18
C SER C 92 -20.91 -21.93 1.50
N GLY C 93 -19.69 -21.71 1.01
CA GLY C 93 -19.00 -20.45 1.28
C GLY C 93 -18.14 -20.36 2.53
N LEU C 94 -18.10 -21.43 3.32
CA LEU C 94 -17.24 -21.43 4.49
C LEU C 94 -15.78 -21.72 4.14
N SER C 95 -14.93 -21.13 4.96
CA SER C 95 -13.51 -21.26 4.94
C SER C 95 -13.02 -21.50 6.35
N SER C 96 -12.25 -22.55 6.59
CA SER C 96 -11.61 -22.72 7.88
C SER C 96 -10.40 -21.81 8.01
N THR C 97 -9.87 -21.66 9.23
CA THR C 97 -8.60 -20.92 9.39
C THR C 97 -7.41 -21.50 8.59
N ARG C 98 -7.45 -22.80 8.27
CA ARG C 98 -6.36 -23.43 7.55
C ARG C 98 -6.40 -23.16 6.04
N GLY C 99 -7.55 -23.40 5.43
CA GLY C 99 -7.80 -23.10 4.02
C GLY C 99 -7.83 -21.61 3.73
N GLY C 100 -8.25 -20.79 4.70
CA GLY C 100 -8.30 -19.39 4.52
C GLY C 100 -6.89 -18.78 4.36
N LYS C 101 -5.84 -19.50 4.80
CA LYS C 101 -4.46 -19.04 4.59
C LYS C 101 -3.83 -19.41 3.24
N MET C 102 -4.59 -20.08 2.39
CA MET C 102 -3.97 -20.57 1.14
C MET C 102 -3.24 -19.53 0.32
N ALA C 103 -3.84 -18.35 0.13
CA ALA C 103 -3.17 -17.33 -0.61
C ALA C 103 -1.82 -16.92 0.01
N SER C 104 -1.74 -16.92 1.35
CA SER C 104 -0.51 -16.55 2.03
C SER C 104 0.53 -17.66 1.87
N TYR C 105 0.04 -18.88 1.70
CA TYR C 105 0.93 -20.04 1.60
C TYR C 105 1.33 -20.41 0.14
N MET C 106 0.81 -19.65 -0.83
CA MET C 106 1.29 -19.73 -2.19
C MET C 106 2.72 -19.17 -2.22
N TYR C 107 3.52 -19.68 -3.14
CA TYR C 107 4.93 -19.26 -3.26
C TYR C 107 5.06 -17.82 -3.70
N THR C 108 5.82 -17.05 -2.91
CA THR C 108 6.36 -15.78 -3.34
C THR C 108 7.77 -15.68 -2.85
N PRO C 109 8.61 -14.89 -3.53
CA PRO C 109 10.00 -14.71 -3.08
C PRO C 109 10.16 -14.03 -1.74
N THR C 110 9.17 -13.26 -1.29
CA THR C 110 9.29 -12.47 -0.06
C THR C 110 8.37 -12.87 1.10
N GLY C 111 7.38 -13.73 0.85
CA GLY C 111 6.37 -14.05 1.86
C GLY C 111 6.63 -15.38 2.57
N ASP C 112 5.56 -16.00 3.05
CA ASP C 112 5.66 -17.23 3.86
C ASP C 112 6.27 -18.36 3.14
N GLY C 113 6.20 -18.35 1.81
CA GLY C 113 6.82 -19.39 0.99
C GLY C 113 8.26 -19.14 0.57
N LYS C 114 8.90 -18.14 1.16
CA LYS C 114 10.27 -17.73 0.71
C LYS C 114 11.23 -18.91 0.68
N GLN C 115 11.23 -19.72 1.69
CA GLN C 115 12.12 -20.85 1.83
C GLN C 115 11.72 -22.13 1.08
N ARG C 116 10.71 -22.04 0.21
CA ARG C 116 10.39 -23.18 -0.60
C ARG C 116 11.59 -23.75 -1.31
N LEU C 117 11.68 -25.08 -1.37
CA LEU C 117 12.73 -25.66 -2.20
C LEU C 117 12.55 -25.20 -3.65
N LYS C 118 13.60 -24.71 -4.27
CA LYS C 118 13.48 -24.28 -5.67
C LYS C 118 14.57 -24.74 -6.65
N ALA C 119 15.42 -25.61 -6.18
CA ALA C 119 16.43 -26.23 -6.94
C ALA C 119 16.75 -27.52 -6.15
N PRO C 120 17.31 -28.51 -6.81
CA PRO C 120 17.92 -29.65 -6.10
C PRO C 120 19.02 -29.18 -5.13
N ARG C 121 19.03 -29.76 -3.94
CA ARG C 121 20.03 -29.45 -2.93
C ARG C 121 20.80 -30.72 -2.61
N LEU C 122 22.12 -30.57 -2.51
CA LEU C 122 23.02 -31.66 -2.24
C LEU C 122 23.86 -31.38 -0.99
N TYR C 123 23.95 -32.36 -0.08
CA TYR C 123 24.87 -32.27 1.06
C TYR C 123 26.14 -32.96 0.62
N ALA C 124 27.13 -32.16 0.26
CA ALA C 124 28.30 -32.72 -0.36
C ALA C 124 29.34 -32.85 0.76
N ALA C 125 29.07 -33.89 1.61
CA ALA C 125 29.84 -34.30 2.80
C ALA C 125 29.79 -33.37 4.00
N ASP C 126 29.82 -32.05 3.79
CA ASP C 126 29.88 -31.18 4.95
C ASP C 126 29.27 -29.80 4.71
N GLN C 127 28.47 -29.68 3.67
CA GLN C 127 27.77 -28.44 3.41
C GLN C 127 26.64 -28.72 2.45
N TRP C 128 25.62 -27.89 2.52
CA TRP C 128 24.54 -27.90 1.59
C TRP C 128 24.91 -26.98 0.44
N VAL C 129 24.72 -27.47 -0.77
CA VAL C 129 24.88 -26.68 -2.00
C VAL C 129 23.78 -27.00 -2.98
N ASP C 130 23.61 -26.10 -3.94
CA ASP C 130 22.70 -26.35 -5.02
C ASP C 130 23.31 -27.40 -5.96
N THR C 131 22.48 -28.17 -6.64
CA THR C 131 22.97 -29.02 -7.73
C THR C 131 21.97 -28.97 -8.86
N THR C 132 22.39 -29.41 -10.05
CA THR C 132 21.54 -29.48 -11.19
C THR C 132 20.59 -30.69 -11.05
N TRP C 133 19.45 -30.61 -11.69
CA TRP C 133 18.49 -31.76 -11.82
C TRP C 133 19.13 -32.96 -12.50
N ASP C 134 19.94 -32.70 -13.53
CA ASP C 134 20.57 -33.82 -14.21
C ASP C 134 21.60 -34.51 -13.31
N HIS C 135 22.41 -33.74 -12.54
CA HIS C 135 23.35 -34.37 -11.61
C HIS C 135 22.61 -35.16 -10.47
N ALA C 136 21.56 -34.54 -9.94
CA ALA C 136 20.71 -35.15 -8.91
C ALA C 136 20.16 -36.50 -9.37
N MET C 137 19.67 -36.53 -10.60
CA MET C 137 19.16 -37.72 -11.25
C MET C 137 20.21 -38.77 -11.49
N ALA C 138 21.41 -38.34 -11.92
CA ALA C 138 22.54 -39.25 -12.11
C ALA C 138 22.99 -39.91 -10.85
N LEU C 139 23.04 -39.15 -9.75
CA LEU C 139 23.33 -39.67 -8.44
C LEU C 139 22.23 -40.64 -7.88
N TYR C 140 20.99 -40.17 -7.97
CA TYR C 140 19.86 -40.86 -7.33
C TYR C 140 19.55 -42.13 -8.11
N ALA C 141 19.31 -42.01 -9.39
CA ALA C 141 19.16 -43.21 -10.25
C ALA C 141 20.40 -44.08 -10.21
N GLY C 142 21.60 -43.49 -10.15
CA GLY C 142 22.79 -44.29 -10.11
C GLY C 142 22.87 -45.20 -8.92
N LEU C 143 22.49 -44.64 -7.78
CA LEU C 143 22.46 -45.42 -6.57
C LEU C 143 21.31 -46.49 -6.52
N ILE C 144 20.13 -46.16 -7.06
CA ILE C 144 19.01 -47.13 -7.14
C ILE C 144 19.44 -48.27 -8.10
N LYS C 145 20.04 -47.93 -9.25
CA LYS C 145 20.51 -48.97 -10.21
C LYS C 145 21.54 -49.90 -9.59
N LYS C 146 22.50 -49.32 -8.90
CA LYS C 146 23.53 -50.13 -8.31
C LYS C 146 22.91 -51.07 -7.30
N THR C 147 21.94 -50.55 -6.56
CA THR C 147 21.30 -51.33 -5.52
C THR C 147 20.49 -52.45 -6.17
N LEU C 148 19.74 -52.12 -7.21
CA LEU C 148 18.96 -53.13 -7.86
C LEU C 148 19.87 -54.20 -8.44
N ASP C 149 21.00 -53.80 -9.01
CA ASP C 149 21.89 -54.76 -9.67
C ASP C 149 22.57 -55.67 -8.68
N LYS C 150 22.90 -55.18 -7.49
CA LYS C 150 23.59 -55.97 -6.50
C LYS C 150 22.71 -56.60 -5.44
N ASP C 151 21.74 -55.88 -4.89
CA ASP C 151 20.93 -56.36 -3.78
C ASP C 151 19.49 -56.69 -4.18
N GLY C 152 19.04 -56.15 -5.30
CA GLY C 152 17.67 -56.21 -5.67
C GLY C 152 16.86 -55.07 -5.03
N PRO C 153 15.56 -55.06 -5.34
CA PRO C 153 14.64 -54.00 -4.89
C PRO C 153 14.58 -53.88 -3.39
N GLN C 154 14.90 -54.93 -2.65
CA GLN C 154 14.86 -54.89 -1.19
C GLN C 154 15.86 -53.90 -0.56
N GLY C 155 16.83 -53.43 -1.33
CA GLY C 155 17.75 -52.39 -0.84
C GLY C 155 17.23 -50.94 -0.99
N VAL C 156 16.08 -50.76 -1.68
CA VAL C 156 15.49 -49.47 -2.03
C VAL C 156 14.22 -49.22 -1.21
N PHE C 157 14.27 -48.20 -0.33
CA PHE C 157 13.24 -47.95 0.69
C PHE C 157 12.53 -46.63 0.36
N PHE C 158 11.22 -46.58 0.59
CA PHE C 158 10.48 -45.32 0.49
C PHE C 158 9.55 -45.16 1.69
N SER C 159 9.33 -43.89 2.06
CA SER C 159 8.13 -43.53 2.80
C SER C 159 7.47 -42.44 1.97
N CYS C 160 6.26 -42.70 1.54
CA CYS C 160 5.61 -41.87 0.55
C CYS C 160 4.17 -41.67 0.89
N PHE C 161 3.70 -40.46 0.60
CA PHE C 161 2.29 -40.18 0.71
C PHE C 161 1.49 -41.24 -0.06
N ASP C 162 0.28 -41.49 0.40
CA ASP C 162 -0.74 -42.20 -0.38
C ASP C 162 -2.05 -41.45 -0.40
N HIS C 163 -2.07 -40.21 0.11
CA HIS C 163 -3.29 -39.44 0.25
C HIS C 163 -3.60 -38.54 -0.98
N GLY C 164 -4.67 -37.76 -0.82
CA GLY C 164 -5.08 -36.72 -1.74
C GLY C 164 -4.68 -35.31 -1.38
N GLY C 165 -5.30 -34.37 -2.06
CA GLY C 165 -5.03 -32.97 -1.85
C GLY C 165 -3.56 -32.59 -2.13
N ALA C 166 -3.13 -31.49 -1.53
CA ALA C 166 -1.77 -31.04 -1.73
C ALA C 166 -0.80 -32.11 -1.24
N GLY C 167 0.21 -32.44 -2.09
CA GLY C 167 1.20 -33.50 -1.81
C GLY C 167 0.62 -34.90 -1.89
N GLY C 168 -0.42 -35.01 -2.73
CA GLY C 168 -1.14 -36.22 -2.99
C GLY C 168 -1.91 -36.12 -4.29
N GLY C 169 -2.98 -36.92 -4.38
CA GLY C 169 -3.91 -36.82 -5.49
C GLY C 169 -3.66 -37.91 -6.54
N PHE C 170 -4.65 -38.10 -7.40
CA PHE C 170 -4.66 -39.24 -8.34
C PHE C 170 -3.43 -39.28 -9.29
N GLU C 171 -2.98 -38.11 -9.71
CA GLU C 171 -1.82 -38.00 -10.62
C GLU C 171 -0.57 -38.47 -9.89
N ASN C 172 -0.38 -37.88 -8.71
CA ASN C 172 0.78 -38.11 -7.90
C ASN C 172 0.88 -39.51 -7.23
N THR C 173 -0.26 -40.06 -6.76
CA THR C 173 -0.19 -41.43 -6.16
C THR C 173 0.13 -42.43 -7.28
N TRP C 174 -0.36 -42.19 -8.48
CA TRP C 174 -0.08 -43.07 -9.61
C TRP C 174 1.38 -42.96 -10.04
N GLY C 175 1.88 -41.76 -10.21
CA GLY C 175 3.30 -41.59 -10.63
C GLY C 175 4.25 -42.31 -9.71
N THR C 176 4.10 -42.02 -8.41
CA THR C 176 4.92 -42.62 -7.40
C THR C 176 4.68 -44.14 -7.25
N GLY C 177 3.41 -44.58 -7.26
CA GLY C 177 3.10 -46.00 -7.17
C GLY C 177 3.58 -46.79 -8.38
N LYS C 178 3.41 -46.21 -9.56
CA LYS C 178 4.00 -46.85 -10.79
C LYS C 178 5.52 -46.96 -10.66
N LEU C 179 6.17 -45.88 -10.22
CA LEU C 179 7.61 -45.94 -10.03
C LEU C 179 8.00 -46.97 -9.01
N MET C 180 7.40 -46.92 -7.81
CA MET C 180 7.84 -47.80 -6.73
C MET C 180 7.54 -49.27 -6.99
N PHE C 181 6.33 -49.54 -7.48
CA PHE C 181 5.79 -50.88 -7.54
C PHE C 181 5.96 -51.52 -8.91
N SER C 182 5.68 -50.79 -9.99
CA SER C 182 5.81 -51.38 -11.34
C SER C 182 7.23 -51.33 -11.91
N ALA C 183 8.01 -50.32 -11.58
CA ALA C 183 9.32 -50.06 -12.24
C ALA C 183 10.45 -50.56 -11.38
N ILE C 184 10.63 -49.99 -10.20
CA ILE C 184 11.66 -50.45 -9.25
C ILE C 184 11.25 -51.83 -8.66
N GLN C 185 9.95 -51.97 -8.40
CA GLN C 185 9.38 -53.17 -7.83
C GLN C 185 9.83 -53.45 -6.40
N THR C 186 9.92 -52.40 -5.60
CA THR C 186 10.33 -52.57 -4.20
C THR C 186 9.12 -52.80 -3.29
N PRO C 187 9.22 -53.78 -2.38
CA PRO C 187 8.22 -53.92 -1.35
C PRO C 187 8.57 -53.13 -0.08
N MET C 188 9.71 -52.43 -0.07
CA MET C 188 10.19 -51.76 1.16
C MET C 188 9.63 -50.30 1.19
N VAL C 189 8.30 -50.24 1.28
CA VAL C 189 7.56 -48.98 1.13
C VAL C 189 6.61 -48.86 2.35
N ARG C 190 6.74 -47.74 3.07
CA ARG C 190 5.74 -47.37 4.06
C ARG C 190 4.96 -46.13 3.56
N ILE C 191 3.98 -45.75 4.37
CA ILE C 191 3.05 -44.72 4.03
C ILE C 191 3.36 -43.52 4.94
N HIS C 192 2.96 -42.36 4.50
CA HIS C 192 3.28 -41.13 5.21
C HIS C 192 2.88 -41.24 6.70
N ASN C 193 1.72 -41.87 7.00
CA ASN C 193 1.23 -41.89 8.39
C ASN C 193 1.32 -43.21 9.15
N ARG C 194 1.97 -44.19 8.53
CA ARG C 194 2.02 -45.50 9.13
C ARG C 194 3.15 -46.35 8.54
N PRO C 195 3.77 -47.18 9.38
CA PRO C 195 5.08 -47.69 9.02
C PRO C 195 5.11 -48.98 8.25
N ALA C 196 4.09 -49.27 7.46
CA ALA C 196 4.12 -50.42 6.54
C ALA C 196 3.18 -50.11 5.42
N TYR C 197 3.10 -50.98 4.44
CA TYR C 197 2.15 -50.74 3.37
C TYR C 197 0.82 -51.41 3.71
N ASN C 198 -0.07 -50.69 4.36
CA ASN C 198 -1.28 -51.27 4.86
C ASN C 198 -2.42 -50.22 4.74
N SER C 199 -3.56 -50.58 5.34
CA SER C 199 -4.77 -49.76 5.36
C SER C 199 -5.10 -49.44 6.81
N GLU C 200 -5.70 -48.26 7.01
CA GLU C 200 -6.30 -47.88 8.24
C GLU C 200 -7.60 -48.68 8.56
N CYS C 201 -8.19 -49.28 7.53
CA CYS C 201 -9.55 -49.82 7.53
C CYS C 201 -9.60 -51.26 7.03
N HIS C 202 -8.64 -52.09 7.41
CA HIS C 202 -8.67 -53.50 7.00
C HIS C 202 -9.93 -54.22 7.47
N ALA C 203 -10.30 -54.09 8.76
CA ALA C 203 -11.49 -54.76 9.27
C ALA C 203 -12.74 -54.34 8.60
N THR C 204 -13.09 -53.05 8.58
CA THR C 204 -14.33 -52.66 7.90
C THR C 204 -14.35 -53.08 6.39
N ARG C 205 -13.23 -52.92 5.68
CA ARG C 205 -13.16 -53.41 4.28
C ARG C 205 -13.40 -54.92 4.13
N GLU C 206 -12.75 -55.71 4.97
CA GLU C 206 -12.93 -57.18 4.90
C GLU C 206 -14.38 -57.58 5.29
N MET C 207 -15.02 -56.78 6.12
CA MET C 207 -16.43 -57.02 6.51
C MET C 207 -17.39 -56.62 5.37
N GLY C 208 -16.87 -55.97 4.33
CA GLY C 208 -17.60 -55.60 3.14
C GLY C 208 -18.05 -54.15 3.09
N ILE C 209 -17.55 -53.33 4.03
CA ILE C 209 -17.95 -51.89 4.10
C ILE C 209 -16.77 -51.00 3.95
N GLY C 210 -16.61 -50.46 2.75
CA GLY C 210 -15.64 -49.42 2.49
C GLY C 210 -15.92 -48.22 3.39
N GLU C 211 -14.87 -47.53 3.84
CA GLU C 211 -14.99 -46.57 4.94
C GLU C 211 -15.60 -45.21 4.56
N LEU C 212 -15.75 -44.93 3.26
CA LEU C 212 -16.40 -43.69 2.80
C LEU C 212 -17.61 -44.10 2.03
N ASN C 213 -18.64 -44.45 2.79
CA ASN C 213 -19.86 -45.04 2.27
C ASN C 213 -21.07 -44.17 2.23
N ASN C 214 -20.97 -42.88 2.54
CA ASN C 214 -22.17 -42.03 2.53
C ASN C 214 -21.92 -40.69 1.86
N ALA C 215 -22.88 -39.76 1.98
CA ALA C 215 -22.80 -38.42 1.50
C ALA C 215 -22.81 -37.49 2.72
N TYR C 216 -22.20 -36.31 2.59
CA TYR C 216 -22.26 -35.30 3.67
C TYR C 216 -23.71 -34.94 3.98
N GLU C 217 -24.58 -35.01 2.97
CA GLU C 217 -25.99 -34.85 3.19
C GLU C 217 -26.56 -35.85 4.22
N ASP C 218 -25.98 -37.05 4.35
CA ASP C 218 -26.48 -37.96 5.39
C ASP C 218 -26.35 -37.41 6.79
N ALA C 219 -25.34 -36.57 7.04
CA ALA C 219 -25.24 -35.93 8.36
C ALA C 219 -26.37 -34.96 8.63
N GLN C 220 -26.98 -34.43 7.57
CA GLN C 220 -28.18 -33.59 7.69
C GLN C 220 -29.45 -34.41 7.98
N LEU C 221 -29.46 -35.66 7.55
CA LEU C 221 -30.65 -36.52 7.63
C LEU C 221 -30.71 -37.43 8.83
N ALA C 222 -29.58 -37.52 9.56
CA ALA C 222 -29.51 -38.39 10.73
C ALA C 222 -30.42 -37.95 11.90
N ASP C 223 -30.85 -38.94 12.66
CA ASP C 223 -31.46 -38.72 13.99
C ASP C 223 -30.39 -38.52 15.04
N VAL C 224 -29.34 -39.34 14.98
CA VAL C 224 -28.23 -39.28 15.89
C VAL C 224 -26.93 -39.36 15.10
N ILE C 225 -25.92 -38.58 15.52
CA ILE C 225 -24.58 -38.71 14.98
C ILE C 225 -23.66 -39.14 16.11
N TRP C 226 -22.94 -40.24 15.92
CA TRP C 226 -21.82 -40.61 16.78
C TRP C 226 -20.51 -40.07 16.16
N SER C 227 -19.65 -39.50 17.00
CA SER C 227 -18.30 -39.02 16.66
C SER C 227 -17.36 -39.77 17.59
N ILE C 228 -16.74 -40.77 17.01
CA ILE C 228 -15.93 -41.73 17.76
C ILE C 228 -14.44 -41.53 17.51
N GLY C 229 -13.70 -41.18 18.56
CA GLY C 229 -12.26 -40.86 18.42
C GLY C 229 -12.00 -39.77 17.39
N ASN C 230 -12.68 -38.65 17.60
CA ASN C 230 -12.82 -37.65 16.55
C ASN C 230 -13.14 -36.29 17.17
N ASN C 231 -12.49 -35.22 16.68
CA ASN C 231 -12.67 -33.83 17.21
C ASN C 231 -13.01 -32.91 16.02
N PRO C 232 -14.19 -33.13 15.45
CA PRO C 232 -14.48 -32.66 14.11
C PRO C 232 -14.59 -31.18 13.94
N TYR C 233 -14.88 -30.42 15.00
CA TYR C 233 -14.83 -28.97 14.85
C TYR C 233 -13.44 -28.54 14.50
N GLU C 234 -12.42 -29.20 15.09
CA GLU C 234 -11.06 -28.82 14.86
C GLU C 234 -10.46 -29.53 13.61
N SER C 235 -10.90 -30.75 13.35
CA SER C 235 -10.24 -31.62 12.36
C SER C 235 -11.00 -31.85 11.06
N GLN C 236 -12.30 -31.57 11.03
CA GLN C 236 -13.12 -31.64 9.78
C GLN C 236 -14.16 -30.51 9.77
N THR C 237 -13.62 -29.33 10.01
CA THR C 237 -14.35 -28.13 10.50
C THR C 237 -15.62 -27.87 9.70
N ASN C 238 -15.52 -27.74 8.38
CA ASN C 238 -16.66 -27.30 7.62
C ASN C 238 -17.68 -28.41 7.32
N TYR C 239 -17.29 -29.66 7.49
CA TYR C 239 -18.30 -30.69 7.50
C TYR C 239 -19.17 -30.54 8.76
N PHE C 240 -18.52 -30.42 9.91
CA PHE C 240 -19.20 -30.21 11.21
C PHE C 240 -20.06 -28.93 11.11
N LEU C 241 -19.49 -27.84 10.59
CA LEU C 241 -20.22 -26.53 10.54
C LEU C 241 -21.36 -26.47 9.54
N ASN C 242 -21.11 -26.97 8.34
CA ASN C 242 -22.09 -26.84 7.28
C ASN C 242 -23.16 -27.96 7.19
N HIS C 243 -22.95 -29.09 7.84
CA HIS C 243 -23.82 -30.24 7.76
C HIS C 243 -24.28 -30.75 9.14
N TRP C 244 -23.36 -30.94 10.10
CA TRP C 244 -23.73 -31.46 11.42
C TRP C 244 -24.56 -30.43 12.20
N LEU C 245 -24.05 -29.23 12.28
CA LEU C 245 -24.70 -28.23 13.16
C LEU C 245 -26.09 -27.85 12.68
N PRO C 246 -26.29 -27.68 11.37
CA PRO C 246 -27.63 -27.35 10.88
C PRO C 246 -28.62 -28.44 11.24
N ASN C 247 -28.17 -29.70 11.34
CA ASN C 247 -29.01 -30.77 11.84
C ASN C 247 -29.33 -30.57 13.34
N LEU C 248 -28.31 -30.32 14.14
CA LEU C 248 -28.52 -30.08 15.56
C LEU C 248 -29.46 -28.89 15.78
N GLN C 249 -29.35 -27.88 14.92
CA GLN C 249 -30.16 -26.66 15.12
C GLN C 249 -31.64 -26.82 14.68
N GLY C 250 -32.06 -27.95 14.11
CA GLY C 250 -33.41 -28.07 13.52
C GLY C 250 -33.61 -27.54 12.11
N ALA C 251 -32.55 -27.04 11.44
CA ALA C 251 -32.69 -26.49 10.08
C ALA C 251 -32.92 -27.57 8.98
N THR C 252 -32.65 -28.86 9.25
CA THR C 252 -32.83 -29.91 8.25
C THR C 252 -34.06 -30.82 8.54
N THR C 253 -34.83 -30.53 9.56
CA THR C 253 -36.02 -31.35 9.91
C THR C 253 -37.00 -31.44 8.73
N SER C 254 -37.26 -30.34 8.06
CA SER C 254 -38.18 -30.39 6.91
CA SER C 254 -38.14 -30.37 6.89
C SER C 254 -37.65 -31.30 5.82
N LYS C 255 -36.33 -31.36 5.62
CA LYS C 255 -35.78 -32.25 4.60
C LYS C 255 -36.01 -33.69 4.97
N LYS C 256 -35.79 -34.05 6.22
CA LYS C 256 -36.09 -35.40 6.66
C LYS C 256 -37.59 -35.75 6.44
N LYS C 257 -38.49 -34.84 6.86
CA LYS C 257 -39.94 -35.09 6.76
C LYS C 257 -40.41 -35.18 5.31
N GLU C 258 -39.82 -34.37 4.44
CA GLU C 258 -40.10 -34.45 3.01
C GLU C 258 -39.72 -35.80 2.42
N ARG C 259 -38.53 -36.26 2.77
CA ARG C 259 -38.09 -37.58 2.28
C ARG C 259 -38.84 -38.77 2.81
N PHE C 260 -39.23 -38.70 4.07
CA PHE C 260 -39.83 -39.84 4.81
C PHE C 260 -41.14 -39.37 5.49
N PRO C 261 -42.23 -39.28 4.68
CA PRO C 261 -43.50 -38.70 5.19
C PRO C 261 -44.12 -39.43 6.38
N ASN C 262 -43.77 -40.72 6.61
CA ASN C 262 -44.43 -41.50 7.69
C ASN C 262 -43.48 -41.88 8.79
N GLU C 263 -42.48 -41.03 9.01
CA GLU C 263 -41.45 -41.29 10.01
C GLU C 263 -41.30 -40.10 10.98
N ASN C 264 -41.25 -40.40 12.26
CA ASN C 264 -41.00 -39.40 13.28
C ASN C 264 -39.53 -38.99 13.22
N PHE C 265 -39.31 -37.72 13.35
CA PHE C 265 -37.95 -37.20 13.47
C PHE C 265 -37.84 -36.35 14.72
N PRO C 266 -37.31 -36.93 15.80
CA PRO C 266 -37.13 -36.09 16.97
C PRO C 266 -35.95 -35.13 16.77
N GLN C 267 -35.76 -34.27 17.74
CA GLN C 267 -34.62 -33.37 17.69
C GLN C 267 -33.35 -34.22 17.62
N ALA C 268 -32.41 -33.79 16.79
CA ALA C 268 -31.18 -34.55 16.55
C ALA C 268 -30.30 -34.51 17.75
N ARG C 269 -29.61 -35.62 17.98
CA ARG C 269 -28.73 -35.76 19.09
C ARG C 269 -27.35 -36.23 18.64
N ILE C 270 -26.36 -36.03 19.51
CA ILE C 270 -24.97 -36.27 19.19
C ILE C 270 -24.20 -36.92 20.38
N ILE C 271 -23.43 -37.97 20.10
CA ILE C 271 -22.73 -38.79 21.07
C ILE C 271 -21.26 -38.79 20.68
N PHE C 272 -20.38 -38.37 21.61
CA PHE C 272 -18.94 -38.37 21.42
C PHE C 272 -18.29 -39.50 22.24
N VAL C 273 -17.55 -40.35 21.61
CA VAL C 273 -16.74 -41.34 22.31
C VAL C 273 -15.29 -40.84 22.31
N ASP C 274 -14.84 -40.30 23.43
CA ASP C 274 -13.49 -39.64 23.46
C ASP C 274 -13.15 -39.57 24.89
N PRO C 275 -12.04 -40.14 25.33
CA PRO C 275 -11.59 -39.90 26.69
C PRO C 275 -11.47 -38.46 27.15
N ARG C 276 -11.31 -37.54 26.18
CA ARG C 276 -11.08 -36.11 26.42
C ARG C 276 -12.27 -35.30 26.05
N GLU C 277 -12.62 -34.31 26.89
CA GLU C 277 -13.59 -33.26 26.57
C GLU C 277 -12.96 -32.18 25.67
N THR C 278 -13.49 -32.07 24.44
CA THR C 278 -12.81 -31.33 23.36
C THR C 278 -13.65 -30.13 23.04
N PRO C 279 -13.10 -29.21 22.25
CA PRO C 279 -13.91 -28.13 21.68
C PRO C 279 -15.14 -28.61 20.95
N SER C 280 -15.09 -29.77 20.28
CA SER C 280 -16.29 -30.27 19.60
C SER C 280 -17.46 -30.59 20.59
N VAL C 281 -17.15 -31.20 21.73
CA VAL C 281 -18.16 -31.52 22.74
C VAL C 281 -18.71 -30.21 23.29
N ALA C 282 -17.84 -29.22 23.58
CA ALA C 282 -18.27 -27.89 24.15
C ALA C 282 -19.20 -27.17 23.18
N ILE C 283 -18.87 -27.20 21.89
CA ILE C 283 -19.61 -26.45 20.87
C ILE C 283 -20.96 -27.21 20.66
N ALA C 284 -20.93 -28.53 20.60
CA ALA C 284 -22.18 -29.31 20.43
C ALA C 284 -23.17 -29.01 21.59
N ARG C 285 -22.64 -28.92 22.80
CA ARG C 285 -23.46 -28.56 23.97
C ARG C 285 -24.01 -27.15 23.86
N HIS C 286 -23.16 -26.20 23.48
CA HIS C 286 -23.62 -24.83 23.21
C HIS C 286 -24.79 -24.78 22.24
N VAL C 287 -24.72 -25.55 21.16
CA VAL C 287 -25.67 -25.47 20.09
C VAL C 287 -26.93 -26.31 20.42
N ALA C 288 -26.74 -27.53 20.88
CA ALA C 288 -27.86 -28.47 21.05
C ALA C 288 -28.46 -28.47 22.46
N GLY C 289 -27.74 -27.91 23.43
CA GLY C 289 -27.98 -28.08 24.88
C GLY C 289 -27.31 -29.31 25.46
N ASN C 290 -27.11 -29.32 26.76
CA ASN C 290 -26.57 -30.50 27.47
C ASN C 290 -27.39 -31.79 27.33
N ASP C 291 -28.69 -31.66 27.26
CA ASP C 291 -29.55 -32.83 27.23
C ASP C 291 -29.55 -33.57 25.88
N ARG C 292 -28.97 -32.97 24.83
CA ARG C 292 -28.85 -33.58 23.50
C ARG C 292 -27.42 -34.01 23.07
N VAL C 293 -26.50 -33.99 24.02
CA VAL C 293 -25.17 -34.38 23.78
C VAL C 293 -24.87 -35.40 24.87
N LEU C 294 -24.29 -36.52 24.49
CA LEU C 294 -23.67 -37.45 25.45
C LEU C 294 -22.21 -37.56 25.20
N HIS C 295 -21.40 -37.26 26.22
CA HIS C 295 -19.98 -37.41 26.10
C HIS C 295 -19.64 -38.68 26.87
N LEU C 296 -19.31 -39.72 26.12
CA LEU C 296 -18.85 -40.92 26.73
C LEU C 296 -17.35 -40.81 26.85
N ALA C 297 -16.93 -40.44 28.05
CA ALA C 297 -15.57 -40.11 28.30
C ALA C 297 -14.91 -41.37 28.79
N ILE C 298 -14.69 -42.26 27.83
CA ILE C 298 -14.17 -43.59 28.15
C ILE C 298 -12.74 -43.50 28.66
N GLU C 299 -12.33 -44.54 29.38
CA GLU C 299 -10.92 -44.72 29.68
C GLU C 299 -10.20 -44.93 28.33
N PRO C 300 -8.98 -44.36 28.17
CA PRO C 300 -8.17 -44.58 26.99
C PRO C 300 -8.08 -46.04 26.60
N GLY C 301 -8.23 -46.34 25.32
CA GLY C 301 -8.06 -47.69 24.84
C GLY C 301 -9.21 -48.67 25.10
N THR C 302 -10.37 -48.20 25.58
CA THR C 302 -11.50 -49.09 25.92
C THR C 302 -12.65 -49.17 24.92
N ASP C 303 -12.45 -48.64 23.72
CA ASP C 303 -13.47 -48.63 22.69
C ASP C 303 -14.05 -50.01 22.38
N THR C 304 -13.21 -51.00 22.25
CA THR C 304 -13.74 -52.33 22.03
C THR C 304 -14.76 -52.80 23.09
N ALA C 305 -14.42 -52.62 24.36
CA ALA C 305 -15.35 -52.92 25.45
C ALA C 305 -16.64 -52.14 25.34
N LEU C 306 -16.54 -50.86 25.01
CA LEU C 306 -17.72 -50.04 24.81
C LEU C 306 -18.65 -50.65 23.78
N PHE C 307 -18.13 -50.92 22.58
CA PHE C 307 -18.96 -51.38 21.50
C PHE C 307 -19.47 -52.82 21.71
N ASN C 308 -18.67 -53.66 22.35
CA ASN C 308 -19.16 -55.00 22.70
C ASN C 308 -20.31 -54.96 23.70
N GLY C 309 -20.25 -54.06 24.68
CA GLY C 309 -21.30 -53.86 25.67
C GLY C 309 -22.55 -53.37 24.97
N LEU C 310 -22.39 -52.41 24.04
CA LEU C 310 -23.56 -51.85 23.35
C LEU C 310 -24.19 -52.86 22.38
N PHE C 311 -23.36 -53.59 21.69
CA PHE C 311 -23.82 -54.65 20.79
C PHE C 311 -24.60 -55.70 21.57
N THR C 312 -24.05 -56.15 22.69
CA THR C 312 -24.71 -57.15 23.53
C THR C 312 -26.05 -56.64 24.00
N TYR C 313 -26.09 -55.37 24.43
CA TYR C 313 -27.31 -54.74 24.91
C TYR C 313 -28.40 -54.61 23.85
N VAL C 314 -28.05 -54.08 22.68
CA VAL C 314 -29.08 -53.97 21.59
C VAL C 314 -29.65 -55.34 21.15
N VAL C 315 -28.77 -56.32 21.09
CA VAL C 315 -29.23 -57.68 20.81
C VAL C 315 -30.16 -58.21 21.92
N GLU C 316 -29.80 -58.00 23.17
CA GLU C 316 -30.67 -58.43 24.25
C GLU C 316 -32.00 -57.71 24.25
N GLN C 317 -32.03 -56.44 23.87
CA GLN C 317 -33.28 -55.68 23.77
C GLN C 317 -34.10 -55.96 22.51
N GLY C 318 -33.52 -56.60 21.51
CA GLY C 318 -34.15 -56.71 20.21
C GLY C 318 -34.13 -55.44 19.38
N TRP C 319 -33.24 -54.46 19.70
CA TRP C 319 -33.15 -53.19 18.97
C TRP C 319 -32.16 -53.35 17.79
N ILE C 320 -32.51 -54.28 16.93
CA ILE C 320 -31.69 -54.71 15.81
C ILE C 320 -32.65 -55.03 14.68
N ASP C 321 -32.11 -55.25 13.48
CA ASP C 321 -32.91 -55.40 12.28
C ASP C 321 -32.80 -56.86 11.82
N LYS C 322 -33.66 -57.70 12.39
CA LYS C 322 -33.54 -59.16 12.20
C LYS C 322 -33.69 -59.57 10.73
N PRO C 323 -34.64 -58.96 9.99
CA PRO C 323 -34.71 -59.30 8.56
C PRO C 323 -33.49 -58.88 7.73
N PHE C 324 -32.88 -57.76 8.10
CA PHE C 324 -31.68 -57.28 7.39
C PHE C 324 -30.56 -58.28 7.67
N ILE C 325 -30.40 -58.62 8.95
CA ILE C 325 -29.41 -59.62 9.38
C ILE C 325 -29.54 -60.96 8.61
N GLU C 326 -30.78 -61.48 8.48
CA GLU C 326 -30.97 -62.77 7.87
C GLU C 326 -30.70 -62.71 6.39
N ALA C 327 -31.10 -61.64 5.73
CA ALA C 327 -31.01 -61.49 4.29
C ALA C 327 -29.64 -61.05 3.82
N HIS C 328 -28.90 -60.26 4.61
CA HIS C 328 -27.74 -59.53 4.06
C HIS C 328 -26.46 -59.63 4.84
N THR C 329 -26.40 -60.56 5.81
CA THR C 329 -25.23 -60.68 6.68
C THR C 329 -24.85 -62.11 6.91
N LYS C 330 -23.65 -62.32 7.35
CA LYS C 330 -23.15 -63.63 7.85
C LYS C 330 -22.41 -63.43 9.14
N GLY C 331 -22.57 -64.34 10.09
CA GLY C 331 -21.66 -64.42 11.25
C GLY C 331 -22.24 -63.72 12.50
N PHE C 332 -23.52 -63.28 12.43
CA PHE C 332 -24.18 -62.63 13.58
C PHE C 332 -24.21 -63.52 14.84
N ASP C 333 -24.70 -64.77 14.72
CA ASP C 333 -24.83 -65.62 15.93
C ASP C 333 -23.50 -65.88 16.59
N ASP C 334 -22.48 -66.08 15.80
CA ASP C 334 -21.09 -66.16 16.30
C ASP C 334 -20.58 -64.90 17.04
N ALA C 335 -20.88 -63.71 16.50
CA ALA C 335 -20.45 -62.45 17.13
C ALA C 335 -21.18 -62.20 18.43
N VAL C 336 -22.45 -62.59 18.49
CA VAL C 336 -23.21 -62.48 19.72
C VAL C 336 -22.50 -63.25 20.81
N LYS C 337 -21.98 -64.44 20.51
CA LYS C 337 -21.26 -65.25 21.52
C LYS C 337 -19.88 -64.71 21.86
N THR C 338 -19.11 -64.36 20.84
CA THR C 338 -17.71 -63.93 21.08
C THR C 338 -17.61 -62.60 21.75
N ASN C 339 -18.56 -61.73 21.45
CA ASN C 339 -18.51 -60.37 21.89
C ASN C 339 -19.37 -60.08 23.11
N ARG C 340 -19.91 -61.12 23.75
CA ARG C 340 -20.82 -60.93 24.87
C ARG C 340 -20.10 -60.15 25.98
N LEU C 341 -20.72 -59.06 26.42
CA LEU C 341 -20.21 -58.34 27.55
C LEU C 341 -21.35 -57.64 28.24
N SER C 342 -21.47 -57.80 29.55
CA SER C 342 -22.62 -57.18 30.27
C SER C 342 -22.41 -55.68 30.40
N LEU C 343 -23.48 -54.94 30.64
CA LEU C 343 -23.34 -53.51 30.85
C LEU C 343 -22.57 -53.20 32.12
N ASP C 344 -22.73 -53.99 33.19
CA ASP C 344 -21.91 -53.73 34.38
C ASP C 344 -20.43 -53.89 34.07
N GLU C 345 -20.06 -54.93 33.31
CA GLU C 345 -18.67 -55.13 32.98
C GLU C 345 -18.19 -54.06 32.02
N CYS C 346 -18.99 -53.78 30.99
CA CYS C 346 -18.71 -52.64 30.09
C CYS C 346 -18.39 -51.32 30.90
N SER C 347 -19.25 -51.03 31.87
CA SER C 347 -19.10 -49.83 32.71
C SER C 347 -17.79 -49.85 33.54
N ASN C 348 -17.49 -51.01 34.10
CA ASN C 348 -16.26 -51.19 34.86
C ASN C 348 -15.06 -51.00 34.00
N ILE C 349 -15.06 -51.55 32.79
CA ILE C 349 -13.91 -51.41 31.90
C ILE C 349 -13.78 -49.96 31.38
N THR C 350 -14.85 -49.41 30.84
CA THR C 350 -14.79 -48.10 30.21
C THR C 350 -14.83 -46.88 31.17
N GLY C 351 -15.45 -47.09 32.35
CA GLY C 351 -15.72 -46.09 33.34
C GLY C 351 -16.94 -45.28 33.02
N VAL C 352 -17.65 -45.63 31.96
CA VAL C 352 -18.86 -44.92 31.63
C VAL C 352 -19.99 -45.56 32.48
N PRO C 353 -20.81 -44.74 33.19
CA PRO C 353 -21.93 -45.34 33.98
C PRO C 353 -22.96 -46.05 33.13
N VAL C 354 -23.57 -47.06 33.75
CA VAL C 354 -24.54 -47.93 33.08
C VAL C 354 -25.68 -47.08 32.54
N ASP C 355 -26.15 -46.12 33.31
CA ASP C 355 -27.25 -45.27 32.83
C ASP C 355 -26.85 -44.51 31.53
N MET C 356 -25.59 -44.03 31.39
CA MET C 356 -25.22 -43.39 30.11
C MET C 356 -25.09 -44.40 28.92
N LEU C 357 -24.60 -45.61 29.16
CA LEU C 357 -24.58 -46.63 28.15
C LEU C 357 -25.99 -46.94 27.66
N LYS C 358 -26.93 -47.12 28.60
CA LYS C 358 -28.34 -47.37 28.21
C LYS C 358 -28.93 -46.20 27.42
N ARG C 359 -28.61 -44.96 27.83
CA ARG C 359 -29.17 -43.77 27.17
C ARG C 359 -28.63 -43.69 25.70
N ALA C 360 -27.34 -43.92 25.54
CA ALA C 360 -26.74 -43.92 24.21
C ALA C 360 -27.46 -44.91 23.31
N ALA C 361 -27.71 -46.11 23.84
CA ALA C 361 -28.37 -47.16 23.11
C ALA C 361 -29.86 -46.82 22.81
N GLU C 362 -30.55 -46.22 23.76
CA GLU C 362 -31.94 -45.82 23.57
C GLU C 362 -32.06 -44.72 22.50
N TRP C 363 -31.22 -43.70 22.57
CA TRP C 363 -31.25 -42.63 21.55
C TRP C 363 -31.00 -43.16 20.15
N SER C 364 -30.13 -44.16 20.03
CA SER C 364 -29.53 -44.48 18.75
C SER C 364 -30.19 -45.67 18.06
N TYR C 365 -30.71 -46.63 18.86
CA TYR C 365 -31.07 -47.95 18.34
C TYR C 365 -32.52 -48.37 18.62
N LYS C 366 -33.12 -47.81 19.68
CA LYS C 366 -34.48 -48.24 20.04
C LYS C 366 -35.41 -47.67 19.00
N PRO C 367 -36.36 -48.51 18.49
CA PRO C 367 -37.23 -47.99 17.45
C PRO C 367 -37.98 -46.74 17.82
N LYS C 368 -38.19 -45.87 16.85
CA LYS C 368 -38.96 -44.65 17.05
C LYS C 368 -40.45 -45.01 17.11
N ALA C 369 -41.25 -44.07 17.60
CA ALA C 369 -42.69 -44.36 17.77
C ALA C 369 -43.38 -44.84 16.47
N SER C 370 -42.94 -44.28 15.35
CA SER C 370 -43.50 -44.61 14.03
C SER C 370 -43.01 -45.97 13.49
N GLY C 371 -42.07 -46.60 14.17
CA GLY C 371 -41.72 -48.00 13.91
C GLY C 371 -40.31 -48.16 13.40
N GLN C 372 -39.74 -47.11 12.79
CA GLN C 372 -38.45 -47.23 12.15
C GLN C 372 -37.34 -47.11 13.17
N ALA C 373 -36.24 -47.80 12.92
CA ALA C 373 -35.03 -47.57 13.68
C ALA C 373 -34.52 -46.13 13.47
N PRO C 374 -33.93 -45.54 14.52
CA PRO C 374 -33.31 -44.23 14.34
C PRO C 374 -32.26 -44.28 13.27
N ARG C 375 -32.15 -43.23 12.51
CA ARG C 375 -31.06 -43.07 11.50
C ARG C 375 -29.81 -42.55 12.21
N THR C 376 -28.86 -43.45 12.48
CA THR C 376 -27.71 -43.16 13.28
C THR C 376 -26.43 -43.28 12.45
N MET C 377 -25.81 -42.13 12.22
CA MET C 377 -24.53 -42.05 11.46
C MET C 377 -23.41 -42.21 12.43
N HIS C 378 -22.55 -43.20 12.20
CA HIS C 378 -21.44 -43.49 13.06
C HIS C 378 -20.14 -43.03 12.35
N ALA C 379 -19.54 -41.95 12.83
CA ALA C 379 -18.33 -41.36 12.22
C ALA C 379 -17.19 -41.61 13.18
N TYR C 380 -16.04 -41.99 12.70
CA TYR C 380 -14.90 -42.27 13.52
C TYR C 380 -13.64 -41.75 12.87
N GLU C 381 -12.62 -41.50 13.67
CA GLU C 381 -11.35 -41.17 13.11
C GLU C 381 -10.19 -41.71 13.98
N LYS C 382 -9.13 -40.92 14.21
CA LYS C 382 -7.90 -41.47 14.70
C LYS C 382 -7.89 -41.87 16.17
N GLY C 383 -8.86 -41.44 16.97
CA GLY C 383 -8.95 -41.95 18.35
C GLY C 383 -9.15 -43.45 18.37
N ILE C 384 -9.76 -44.00 17.33
CA ILE C 384 -9.82 -45.49 17.19
C ILE C 384 -8.94 -46.04 16.10
N ILE C 385 -8.76 -45.29 15.03
CA ILE C 385 -7.83 -45.77 13.99
C ILE C 385 -6.41 -45.95 14.51
N TRP C 386 -5.94 -44.98 15.31
CA TRP C 386 -4.72 -45.13 16.04
C TRP C 386 -4.96 -45.55 17.52
N GLY C 387 -6.04 -46.31 17.77
CA GLY C 387 -6.43 -46.68 19.11
C GLY C 387 -5.82 -48.04 19.47
N ASN C 388 -6.33 -48.60 20.55
CA ASN C 388 -5.92 -49.87 21.07
C ASN C 388 -6.44 -51.05 20.21
N ASP C 389 -5.67 -51.39 19.20
CA ASP C 389 -5.92 -52.50 18.28
C ASP C 389 -6.93 -52.08 17.23
N ASN C 390 -6.41 -51.33 16.25
CA ASN C 390 -7.22 -50.80 15.14
C ASN C 390 -8.23 -51.86 14.58
N TYR C 391 -7.72 -53.06 14.31
CA TYR C 391 -8.50 -54.08 13.66
C TYR C 391 -9.68 -54.54 14.53
N VAL C 392 -9.45 -54.68 15.83
CA VAL C 392 -10.43 -55.16 16.75
C VAL C 392 -11.53 -54.10 17.02
N ILE C 393 -11.10 -52.86 17.13
CA ILE C 393 -12.11 -51.80 17.44
C ILE C 393 -13.06 -51.69 16.27
N GLN C 394 -12.54 -51.63 15.06
CA GLN C 394 -13.46 -51.61 13.92
C GLN C 394 -14.36 -52.85 13.87
N SER C 395 -13.79 -54.02 14.15
CA SER C 395 -14.61 -55.22 14.20
C SER C 395 -15.78 -55.02 15.13
N ALA C 396 -15.53 -54.49 16.32
CA ALA C 396 -16.58 -54.38 17.30
C ALA C 396 -17.63 -53.39 16.88
N LEU C 397 -17.14 -52.25 16.40
CA LEU C 397 -18.01 -51.15 15.96
C LEU C 397 -18.90 -51.54 14.78
N LEU C 398 -18.29 -52.14 13.78
CA LEU C 398 -19.03 -52.47 12.60
C LEU C 398 -20.10 -53.52 12.95
N ASP C 399 -19.83 -54.43 13.90
CA ASP C 399 -20.83 -55.43 14.33
C ASP C 399 -22.10 -54.71 14.80
N LEU C 400 -21.91 -53.67 15.58
CA LEU C 400 -23.00 -52.92 16.09
C LEU C 400 -23.78 -52.23 15.00
N VAL C 401 -23.04 -51.68 14.04
CA VAL C 401 -23.62 -50.92 12.99
C VAL C 401 -24.41 -51.83 12.06
N ILE C 402 -23.83 -52.99 11.73
CA ILE C 402 -24.45 -53.91 10.78
C ILE C 402 -25.75 -54.45 11.41
N ALA C 403 -25.70 -54.81 12.69
CA ALA C 403 -26.88 -55.38 13.39
C ALA C 403 -28.05 -54.44 13.46
N THR C 404 -27.73 -53.15 13.48
CA THR C 404 -28.69 -52.07 13.57
C THR C 404 -29.00 -51.44 12.25
N HIS C 405 -28.46 -52.00 11.18
CA HIS C 405 -28.77 -51.54 9.84
C HIS C 405 -28.45 -50.09 9.70
N ASN C 406 -27.28 -49.63 10.19
CA ASN C 406 -26.89 -48.23 10.03
C ASN C 406 -25.80 -48.00 8.99
N VAL C 407 -25.87 -48.82 7.92
CA VAL C 407 -25.19 -48.61 6.67
C VAL C 407 -26.22 -48.79 5.58
N GLY C 408 -26.11 -47.94 4.59
CA GLY C 408 -26.98 -48.10 3.42
C GLY C 408 -28.34 -47.44 3.53
N ARG C 409 -28.70 -46.85 4.67
CA ARG C 409 -29.92 -46.08 4.76
CA ARG C 409 -29.94 -46.08 4.82
C ARG C 409 -29.55 -44.61 4.81
N ARG C 410 -30.37 -43.76 4.23
CA ARG C 410 -30.05 -42.33 4.29
C ARG C 410 -30.08 -41.85 5.73
N GLY C 411 -29.16 -40.93 6.04
CA GLY C 411 -28.95 -40.48 7.40
C GLY C 411 -28.13 -41.40 8.25
N THR C 412 -27.55 -42.44 7.66
CA THR C 412 -26.70 -43.39 8.36
C THR C 412 -25.31 -43.45 7.71
N GLY C 413 -24.60 -44.55 7.94
CA GLY C 413 -23.25 -44.71 7.49
C GLY C 413 -22.39 -45.05 8.68
N CYS C 414 -21.34 -45.84 8.48
CA CYS C 414 -20.31 -45.99 9.50
C CYS C 414 -19.07 -45.62 8.74
N VAL C 415 -18.57 -44.43 8.98
CA VAL C 415 -17.60 -43.83 8.03
C VAL C 415 -16.43 -43.25 8.75
N ARG C 416 -15.28 -43.21 8.09
CA ARG C 416 -14.16 -42.39 8.45
C ARG C 416 -14.57 -40.94 8.23
N MET C 417 -14.17 -40.11 9.18
CA MET C 417 -14.23 -38.65 8.96
C MET C 417 -13.09 -38.15 8.04
N GLY C 418 -11.98 -38.84 8.02
CA GLY C 418 -10.91 -38.59 7.09
C GLY C 418 -9.90 -37.63 7.67
N GLY C 419 -8.79 -37.56 7.00
CA GLY C 419 -7.66 -36.72 7.42
C GLY C 419 -7.32 -35.79 6.35
N HIS C 420 -6.43 -36.24 5.46
CA HIS C 420 -6.24 -35.59 4.20
C HIS C 420 -7.41 -35.93 3.31
N GLN C 421 -7.52 -35.24 2.17
CA GLN C 421 -8.34 -35.74 1.07
C GLN C 421 -7.79 -37.06 0.58
N GLU C 422 -8.53 -37.70 -0.33
CA GLU C 422 -8.19 -39.00 -0.85
C GLU C 422 -7.91 -38.85 -2.34
N GLY C 423 -7.02 -39.67 -2.83
CA GLY C 423 -6.78 -39.63 -4.24
C GLY C 423 -5.86 -40.70 -4.70
N TYR C 424 -6.27 -41.94 -4.43
CA TYR C 424 -5.41 -43.11 -4.60
C TYR C 424 -5.68 -43.89 -5.91
N THR C 425 -4.65 -43.93 -6.75
CA THR C 425 -4.62 -44.87 -7.91
C THR C 425 -3.21 -45.42 -7.98
N ARG C 426 -3.05 -46.72 -7.75
CA ARG C 426 -1.73 -47.31 -7.81
C ARG C 426 -1.75 -48.74 -8.33
N PRO C 427 -0.60 -49.23 -8.83
CA PRO C 427 -0.48 -50.68 -9.02
C PRO C 427 -0.54 -51.42 -7.67
N PRO C 428 -0.88 -52.73 -7.67
CA PRO C 428 -0.82 -53.48 -6.40
C PRO C 428 0.58 -53.43 -5.76
N TYR C 429 0.63 -53.40 -4.44
CA TYR C 429 1.82 -53.58 -3.68
C TYR C 429 2.53 -54.92 -4.07
N PRO C 430 3.85 -54.89 -4.41
CA PRO C 430 4.57 -56.03 -5.01
C PRO C 430 5.20 -56.96 -3.98
N GLY C 431 4.44 -57.41 -3.02
CA GLY C 431 4.86 -58.51 -2.15
C GLY C 431 3.66 -58.96 -1.36
N ASP C 432 3.84 -59.97 -0.52
CA ASP C 432 2.75 -60.49 0.30
C ASP C 432 3.08 -60.44 1.79
N LYS C 433 4.11 -59.67 2.18
CA LYS C 433 4.55 -59.58 3.57
C LYS C 433 4.26 -58.21 4.10
N LYS C 434 4.00 -58.14 5.40
CA LYS C 434 3.79 -56.87 6.09
C LYS C 434 5.16 -56.53 6.68
N ILE C 435 5.69 -55.37 6.34
CA ILE C 435 7.06 -55.04 6.70
C ILE C 435 7.03 -53.71 7.44
N TYR C 436 7.55 -53.73 8.66
CA TYR C 436 7.62 -52.56 9.53
C TYR C 436 8.86 -51.78 9.15
N ILE C 437 8.70 -50.82 8.27
CA ILE C 437 9.83 -50.13 7.65
C ILE C 437 10.73 -49.44 8.62
N ASP C 438 10.17 -48.69 9.57
CA ASP C 438 11.00 -48.02 10.55
C ASP C 438 11.97 -48.97 11.25
N GLN C 439 11.47 -50.13 11.64
CA GLN C 439 12.22 -51.11 12.41
C GLN C 439 13.31 -51.64 11.50
N GLU C 440 13.00 -51.94 10.25
CA GLU C 440 14.05 -52.34 9.28
C GLU C 440 15.21 -51.29 9.16
N LEU C 441 14.88 -49.99 9.07
CA LEU C 441 15.88 -48.94 8.96
C LEU C 441 16.69 -48.81 10.22
N ILE C 442 16.04 -48.89 11.35
CA ILE C 442 16.69 -48.84 12.64
C ILE C 442 17.67 -50.01 12.83
N LYS C 443 17.30 -51.17 12.31
CA LYS C 443 18.16 -52.36 12.34
C LYS C 443 19.27 -52.30 11.30
N GLY C 444 19.22 -51.33 10.39
CA GLY C 444 20.33 -51.14 9.47
C GLY C 444 20.12 -51.67 8.07
N LYS C 445 18.88 -51.93 7.71
CA LYS C 445 18.55 -52.39 6.34
C LYS C 445 18.41 -51.24 5.39
N GLY C 446 18.62 -51.53 4.12
CA GLY C 446 18.45 -50.57 3.06
C GLY C 446 19.72 -49.79 2.73
N ARG C 447 19.86 -49.45 1.46
CA ARG C 447 20.95 -48.63 0.96
C ARG C 447 20.50 -47.18 0.80
N ILE C 448 19.28 -47.00 0.28
CA ILE C 448 18.72 -45.70 0.00
C ILE C 448 17.28 -45.60 0.54
N MET C 449 16.99 -44.47 1.22
CA MET C 449 15.69 -44.20 1.77
C MET C 449 15.24 -42.83 1.26
N THR C 450 14.05 -42.78 0.70
CA THR C 450 13.46 -41.55 0.19
C THR C 450 12.18 -41.24 0.98
N TRP C 451 12.16 -40.06 1.62
CA TRP C 451 10.92 -39.48 2.20
C TRP C 451 10.33 -38.65 1.11
N TRP C 452 9.08 -38.94 0.77
CA TRP C 452 8.43 -38.30 -0.35
C TRP C 452 7.14 -37.70 0.12
N GLY C 453 7.09 -36.38 0.29
CA GLY C 453 5.85 -35.77 0.75
C GLY C 453 5.39 -36.19 2.15
N CYS C 454 6.36 -36.41 3.04
CA CYS C 454 6.09 -36.70 4.45
C CYS C 454 7.38 -36.46 5.21
N ASN C 455 7.26 -36.47 6.52
CA ASN C 455 8.36 -36.09 7.40
C ASN C 455 8.23 -36.88 8.65
N ASN C 456 8.74 -38.13 8.63
CA ASN C 456 8.55 -39.00 9.72
C ASN C 456 9.45 -38.68 10.92
N PHE C 457 10.41 -37.78 10.76
CA PHE C 457 11.15 -37.24 11.88
C PHE C 457 10.20 -36.60 12.89
N GLN C 458 9.13 -35.97 12.39
CA GLN C 458 8.12 -35.35 13.24
C GLN C 458 6.92 -36.26 13.49
N THR C 459 6.76 -37.29 12.67
CA THR C 459 5.46 -38.05 12.67
C THR C 459 5.48 -39.55 12.86
N SER C 460 6.63 -40.19 12.79
CA SER C 460 6.71 -41.60 13.17
C SER C 460 6.25 -41.87 14.61
N ASN C 461 5.78 -43.07 14.83
CA ASN C 461 5.62 -43.59 16.18
C ASN C 461 6.99 -43.97 16.62
N ASN C 462 7.26 -43.89 17.93
CA ASN C 462 8.62 -44.17 18.45
C ASN C 462 9.68 -43.35 17.68
N ALA C 463 9.36 -42.07 17.48
CA ALA C 463 10.09 -41.19 16.55
C ALA C 463 11.48 -40.92 16.98
N GLN C 464 11.77 -40.94 18.27
CA GLN C 464 13.11 -40.63 18.72
C GLN C 464 14.08 -41.74 18.29
N ALA C 465 13.64 -43.00 18.40
CA ALA C 465 14.47 -44.10 17.95
C ALA C 465 14.76 -43.99 16.43
N LEU C 466 13.74 -43.65 15.66
CA LEU C 466 13.92 -43.46 14.21
C LEU C 466 14.89 -42.36 13.94
N ARG C 467 14.77 -41.19 14.61
CA ARG C 467 15.60 -40.05 14.23
C ARG C 467 17.00 -40.33 14.55
N GLU C 468 17.23 -40.91 15.72
CA GLU C 468 18.56 -41.27 16.14
C GLU C 468 19.27 -42.21 15.16
N ALA C 469 18.55 -43.21 14.73
CA ALA C 469 19.13 -44.19 13.79
C ALA C 469 19.39 -43.56 12.41
N ILE C 470 18.43 -42.77 11.89
CA ILE C 470 18.63 -42.09 10.61
C ILE C 470 19.77 -41.06 10.69
N LEU C 471 19.84 -40.26 11.74
CA LEU C 471 20.96 -39.34 11.86
C LEU C 471 22.33 -40.06 11.83
N GLN C 472 22.42 -41.13 12.61
CA GLN C 472 23.65 -41.91 12.66
C GLN C 472 24.01 -42.52 11.36
N ARG C 473 23.04 -43.14 10.71
CA ARG C 473 23.34 -43.83 9.41
C ARG C 473 23.67 -42.79 8.28
N SER C 474 23.04 -41.61 8.35
CA SER C 474 23.28 -40.53 7.42
C SER C 474 24.70 -40.01 7.58
N ALA C 475 25.17 -39.88 8.84
CA ALA C 475 26.51 -39.33 9.17
C ALA C 475 27.61 -40.23 8.59
N ILE C 476 27.38 -41.56 8.60
CA ILE C 476 28.31 -42.51 7.97
C ILE C 476 28.48 -42.16 6.52
N VAL C 477 27.39 -41.90 5.79
CA VAL C 477 27.51 -41.51 4.39
C VAL C 477 28.21 -40.13 4.19
N LYS C 478 27.84 -39.18 5.04
CA LYS C 478 28.46 -37.83 5.01
C LYS C 478 29.98 -37.93 5.16
N GLN C 479 30.41 -38.72 6.15
CA GLN C 479 31.82 -38.94 6.44
C GLN C 479 32.56 -39.56 5.27
N ALA C 480 31.96 -40.55 4.62
CA ALA C 480 32.57 -41.18 3.46
C ALA C 480 32.70 -40.25 2.26
N MET C 481 31.69 -39.40 2.03
CA MET C 481 31.69 -38.46 0.92
C MET C 481 32.79 -37.34 1.00
N GLN C 482 33.28 -37.06 2.19
CA GLN C 482 34.18 -35.92 2.43
C GLN C 482 35.57 -36.15 1.90
N LYS C 483 35.95 -37.40 1.79
CA LYS C 483 37.25 -37.77 1.34
C LYS C 483 37.37 -37.63 -0.17
N ALA C 484 36.23 -37.63 -0.86
CA ALA C 484 36.24 -37.47 -2.32
C ALA C 484 36.83 -36.12 -2.81
N ARG C 485 37.52 -36.18 -3.94
CA ARG C 485 38.09 -35.00 -4.59
C ARG C 485 37.94 -35.18 -6.05
N GLY C 486 37.16 -34.32 -6.68
CA GLY C 486 37.05 -34.39 -8.12
C GLY C 486 36.44 -35.72 -8.57
N ALA C 487 35.55 -36.29 -7.75
CA ALA C 487 34.91 -37.58 -8.10
C ALA C 487 33.91 -37.39 -9.21
N THR C 488 33.96 -38.29 -10.18
CA THR C 488 32.89 -38.40 -11.15
C THR C 488 31.63 -38.87 -10.41
N THR C 489 30.48 -38.69 -11.02
CA THR C 489 29.22 -39.21 -10.44
C THR C 489 29.31 -40.70 -10.19
N GLU C 490 29.75 -41.46 -11.16
CA GLU C 490 29.93 -42.90 -10.94
C GLU C 490 30.79 -43.20 -9.72
N GLU C 491 31.92 -42.51 -9.56
CA GLU C 491 32.76 -42.73 -8.42
C GLU C 491 32.05 -42.35 -7.11
N MET C 492 31.26 -41.28 -7.12
CA MET C 492 30.51 -40.90 -5.91
C MET C 492 29.46 -41.94 -5.57
N VAL C 493 28.77 -42.46 -6.58
CA VAL C 493 27.78 -43.54 -6.35
C VAL C 493 28.42 -44.73 -5.65
N ASP C 494 29.65 -45.07 -6.06
CA ASP C 494 30.44 -46.17 -5.42
C ASP C 494 30.88 -45.82 -3.99
N VAL C 495 31.32 -44.59 -3.76
CA VAL C 495 31.75 -44.16 -2.40
C VAL C 495 30.54 -44.30 -1.42
N ILE C 496 29.41 -43.79 -1.87
CA ILE C 496 28.18 -43.85 -1.09
C ILE C 496 27.72 -45.27 -0.86
N TYR C 497 27.68 -46.07 -1.91
CA TYR C 497 27.25 -47.48 -1.79
C TYR C 497 28.14 -48.23 -0.83
N GLU C 498 29.43 -48.02 -0.92
CA GLU C 498 30.34 -48.62 0.05
C GLU C 498 30.04 -48.19 1.46
N ALA C 499 29.72 -46.93 1.68
CA ALA C 499 29.41 -46.45 3.04
C ALA C 499 28.14 -47.17 3.57
N THR C 500 27.20 -47.45 2.67
CA THR C 500 25.97 -48.16 3.06
C THR C 500 26.23 -49.65 3.39
N GLN C 501 27.32 -50.22 2.89
CA GLN C 501 27.74 -51.55 3.33
C GLN C 501 28.37 -51.50 4.68
N ASN C 502 28.73 -50.32 5.16
CA ASN C 502 29.25 -50.16 6.51
C ASN C 502 28.29 -49.44 7.43
N GLY C 503 26.98 -49.67 7.27
CA GLY C 503 25.97 -49.17 8.19
C GLY C 503 25.28 -47.88 7.75
N GLY C 504 25.78 -47.26 6.69
CA GLY C 504 25.24 -46.01 6.19
C GLY C 504 23.92 -46.13 5.48
N LEU C 505 23.31 -44.97 5.19
CA LEU C 505 22.07 -44.90 4.49
C LEU C 505 22.06 -43.59 3.75
N PHE C 506 21.82 -43.64 2.45
CA PHE C 506 21.66 -42.40 1.67
C PHE C 506 20.22 -42.01 1.78
N VAL C 507 19.95 -40.73 2.04
CA VAL C 507 18.65 -40.20 2.36
C VAL C 507 18.29 -39.08 1.38
N THR C 508 17.14 -39.21 0.72
CA THR C 508 16.62 -38.23 -0.18
C THR C 508 15.29 -37.77 0.39
N SER C 509 15.04 -36.47 0.30
CA SER C 509 13.69 -35.92 0.58
C SER C 509 13.14 -35.20 -0.64
N ILE C 510 11.88 -35.44 -0.95
CA ILE C 510 11.18 -34.78 -2.05
C ILE C 510 10.05 -34.02 -1.45
N ASN C 511 10.13 -32.69 -1.50
CA ASN C 511 9.33 -31.89 -0.55
C ASN C 511 9.11 -30.51 -1.12
N LEU C 512 8.29 -29.74 -0.45
CA LEU C 512 8.16 -28.29 -0.67
C LEU C 512 9.20 -27.48 0.09
N TYR C 513 9.73 -28.00 1.21
CA TYR C 513 10.61 -27.28 2.09
C TYR C 513 11.72 -28.22 2.61
N PRO C 514 12.76 -27.62 3.19
CA PRO C 514 13.81 -28.48 3.74
C PRO C 514 13.33 -29.41 4.86
N THR C 515 12.56 -28.83 5.79
CA THR C 515 12.07 -29.51 7.01
C THR C 515 13.19 -30.02 7.91
N LYS C 516 12.84 -30.59 9.06
CA LYS C 516 13.83 -31.25 9.92
C LYS C 516 14.56 -32.41 9.22
N LEU C 517 13.96 -32.99 8.20
CA LEU C 517 14.65 -34.02 7.38
C LEU C 517 16.01 -33.52 6.85
N ALA C 518 16.12 -32.25 6.60
CA ALA C 518 17.42 -31.65 6.15
C ALA C 518 18.59 -31.88 7.11
N GLU C 519 18.29 -32.26 8.35
CA GLU C 519 19.29 -32.61 9.34
C GLU C 519 19.99 -33.90 8.97
N ALA C 520 19.33 -34.73 8.19
CA ALA C 520 19.84 -36.08 7.80
C ALA C 520 20.03 -36.25 6.27
N ALA C 521 19.29 -35.53 5.44
CA ALA C 521 19.25 -35.78 4.02
C ALA C 521 20.54 -35.44 3.35
N HIS C 522 20.81 -36.20 2.27
CA HIS C 522 21.90 -35.93 1.34
C HIS C 522 21.46 -35.27 0.09
N LEU C 523 20.17 -35.38 -0.21
CA LEU C 523 19.59 -34.90 -1.43
C LEU C 523 18.20 -34.47 -1.20
N MET C 524 17.84 -33.27 -1.68
CA MET C 524 16.45 -32.80 -1.59
C MET C 524 16.04 -32.25 -2.94
N LEU C 525 14.87 -32.66 -3.40
CA LEU C 525 14.31 -32.29 -4.66
C LEU C 525 13.03 -31.48 -4.46
N PRO C 526 12.86 -30.41 -5.24
CA PRO C 526 11.73 -29.49 -5.09
C PRO C 526 10.43 -29.92 -5.79
N ALA C 527 9.31 -29.94 -5.05
CA ALA C 527 8.03 -30.31 -5.55
C ALA C 527 7.11 -29.09 -5.65
N ALA C 528 5.98 -29.32 -6.31
CA ALA C 528 4.96 -28.31 -6.61
C ALA C 528 3.61 -28.75 -6.04
N HIS C 529 2.82 -27.76 -5.61
CA HIS C 529 1.60 -27.99 -4.92
C HIS C 529 0.45 -27.44 -5.76
N PRO C 530 -0.82 -27.80 -5.41
CA PRO C 530 -1.91 -27.48 -6.30
C PRO C 530 -2.06 -25.99 -6.60
N GLY C 531 -2.34 -25.61 -7.84
CA GLY C 531 -2.32 -24.18 -8.22
C GLY C 531 -0.99 -23.90 -8.95
N GLU C 532 0.11 -24.50 -8.50
CA GLU C 532 1.30 -24.63 -9.33
C GLU C 532 1.22 -25.75 -10.35
N MET C 533 0.23 -26.62 -10.19
CA MET C 533 -0.03 -27.75 -11.06
C MET C 533 -1.49 -27.99 -10.94
N ASN C 534 -2.01 -28.65 -11.95
CA ASN C 534 -3.34 -29.23 -11.85
C ASN C 534 -3.32 -30.41 -10.93
N LEU C 535 -4.45 -30.66 -10.25
CA LEU C 535 -4.54 -31.80 -9.35
C LEU C 535 -5.99 -32.25 -9.09
N THR C 536 -6.16 -33.54 -8.99
CA THR C 536 -7.43 -34.11 -8.73
C THR C 536 -7.40 -34.86 -7.42
N SER C 537 -8.53 -34.84 -6.73
CA SER C 537 -8.70 -35.52 -5.45
C SER C 537 -10.14 -35.56 -5.03
N MET C 538 -10.45 -36.44 -4.11
CA MET C 538 -11.85 -36.52 -3.62
C MET C 538 -11.91 -36.27 -2.12
N ASN C 539 -13.08 -35.88 -1.64
CA ASN C 539 -13.27 -35.59 -0.22
C ASN C 539 -13.93 -36.79 0.57
N GLY C 540 -14.47 -36.54 1.77
CA GLY C 540 -14.93 -37.58 2.65
C GLY C 540 -16.25 -38.22 2.20
N GLU C 541 -16.86 -37.71 1.12
CA GLU C 541 -18.05 -38.28 0.50
C GLU C 541 -17.70 -38.65 -0.96
N ARG C 542 -16.42 -38.83 -1.26
CA ARG C 542 -15.92 -39.32 -2.58
C ARG C 542 -16.13 -38.30 -3.73
N ARG C 543 -16.34 -37.03 -3.41
CA ARG C 543 -16.59 -35.98 -4.41
C ARG C 543 -15.24 -35.54 -5.06
N ILE C 544 -15.00 -35.98 -6.29
CA ILE C 544 -13.77 -35.69 -7.01
C ILE C 544 -13.90 -34.33 -7.64
N ARG C 545 -12.86 -33.49 -7.47
CA ARG C 545 -12.81 -32.20 -8.09
C ARG C 545 -11.39 -32.01 -8.70
N LEU C 546 -11.31 -31.17 -9.72
CA LEU C 546 -10.06 -30.63 -10.28
C LEU C 546 -9.67 -29.29 -9.65
N SER C 547 -8.50 -29.24 -9.04
CA SER C 547 -7.84 -28.00 -8.69
C SER C 547 -6.98 -27.49 -9.85
N GLU C 548 -7.25 -26.28 -10.34
CA GLU C 548 -6.66 -25.74 -11.56
C GLU C 548 -5.34 -25.01 -11.32
N LYS C 549 -4.37 -25.28 -12.17
CA LYS C 549 -3.12 -24.53 -12.20
C LYS C 549 -3.42 -23.05 -12.49
N PHE C 550 -2.85 -22.14 -11.71
CA PHE C 550 -2.96 -20.71 -12.01
C PHE C 550 -1.64 -19.93 -11.92
N MET C 551 -0.52 -20.56 -11.57
CA MET C 551 0.76 -19.86 -11.43
C MET C 551 1.88 -20.86 -11.60
N ASP C 552 3.12 -20.34 -11.70
CA ASP C 552 4.25 -21.15 -11.89
C ASP C 552 4.71 -21.67 -10.54
N PRO C 553 5.34 -22.83 -10.50
CA PRO C 553 6.06 -23.16 -9.27
C PRO C 553 7.37 -22.34 -9.09
N PRO C 554 7.90 -22.30 -7.84
CA PRO C 554 9.21 -21.69 -7.60
C PRO C 554 10.33 -22.39 -8.32
N GLY C 555 11.18 -21.59 -8.98
CA GLY C 555 12.38 -22.13 -9.64
C GLY C 555 12.07 -23.36 -10.49
N THR C 556 12.75 -24.48 -10.23
CA THR C 556 12.56 -25.68 -11.05
C THR C 556 11.74 -26.74 -10.35
N ALA C 557 10.95 -26.34 -9.36
CA ALA C 557 10.07 -27.27 -8.65
C ALA C 557 9.12 -27.96 -9.62
N MET C 558 8.80 -29.20 -9.34
CA MET C 558 8.04 -30.01 -10.27
C MET C 558 6.91 -30.78 -9.59
N ALA C 559 5.84 -31.04 -10.33
CA ALA C 559 4.80 -31.96 -9.85
C ALA C 559 5.42 -33.33 -9.48
N ASP C 560 4.97 -33.91 -8.38
CA ASP C 560 5.54 -35.16 -7.91
C ASP C 560 5.45 -36.32 -8.96
N CYS C 561 4.34 -36.42 -9.69
CA CYS C 561 4.23 -37.44 -10.70
C CYS C 561 5.28 -37.26 -11.81
N LEU C 562 5.56 -36.02 -12.13
CA LEU C 562 6.63 -35.70 -13.12
C LEU C 562 8.02 -35.91 -12.56
N ILE C 563 8.23 -35.76 -11.25
CA ILE C 563 9.53 -36.18 -10.64
C ILE C 563 9.70 -37.70 -10.73
N ALA C 564 8.63 -38.43 -10.45
CA ALA C 564 8.69 -39.89 -10.60
C ALA C 564 9.01 -40.27 -12.05
N ALA C 565 8.43 -39.56 -13.00
CA ALA C 565 8.72 -39.85 -14.42
C ALA C 565 10.18 -39.55 -14.75
N ARG C 566 10.69 -38.48 -14.17
CA ARG C 566 12.05 -38.09 -14.40
CA ARG C 566 12.07 -38.09 -14.41
C ARG C 566 13.02 -39.19 -13.91
N ILE C 567 12.75 -39.73 -12.74
CA ILE C 567 13.55 -40.78 -12.12
C ILE C 567 13.43 -42.04 -12.96
N ALA C 568 12.20 -42.39 -13.38
CA ALA C 568 12.01 -43.61 -14.17
C ALA C 568 12.76 -43.54 -15.51
N ASN C 569 12.69 -42.39 -16.17
CA ASN C 569 13.35 -42.19 -17.45
C ASN C 569 14.89 -42.15 -17.32
N ALA C 570 15.39 -41.66 -16.17
CA ALA C 570 16.82 -41.63 -15.95
C ALA C 570 17.30 -43.08 -15.77
N LEU C 571 16.51 -43.86 -15.03
CA LEU C 571 16.82 -45.30 -14.85
C LEU C 571 16.74 -46.11 -16.15
N ARG C 572 15.70 -45.87 -16.92
CA ARG C 572 15.54 -46.51 -18.24
C ARG C 572 16.77 -46.24 -19.15
N ASP C 573 17.13 -44.96 -19.28
CA ASP C 573 18.33 -44.59 -20.05
CA ASP C 573 18.34 -44.54 -20.04
C ASP C 573 19.58 -45.28 -19.55
N MET C 574 19.76 -45.36 -18.24
CA MET C 574 20.92 -46.07 -17.69
C MET C 574 20.95 -47.56 -18.04
N TYR C 575 19.82 -48.24 -17.87
CA TYR C 575 19.74 -49.65 -18.29
C TYR C 575 19.92 -49.89 -19.80
N GLN C 576 19.33 -49.04 -20.63
CA GLN C 576 19.55 -49.13 -22.06
C GLN C 576 21.04 -48.92 -22.41
N LYS C 577 21.68 -47.91 -21.82
CA LYS C 577 23.12 -47.71 -22.07
C LYS C 577 23.98 -48.89 -21.62
N ASP C 578 23.57 -49.53 -20.54
CA ASP C 578 24.27 -50.68 -19.98
C ASP C 578 23.95 -52.02 -20.72
N GLY C 579 23.20 -51.95 -21.83
CA GLY C 579 22.75 -53.11 -22.59
C GLY C 579 21.84 -54.05 -21.81
N LYS C 580 20.91 -53.53 -21.01
CA LYS C 580 20.07 -54.37 -20.19
C LYS C 580 18.63 -54.10 -20.58
N ALA C 581 18.18 -54.77 -21.65
CA ALA C 581 16.86 -54.48 -22.23
C ALA C 581 15.68 -54.85 -21.29
N GLU C 582 15.84 -55.93 -20.53
CA GLU C 582 14.77 -56.44 -19.71
C GLU C 582 14.57 -55.46 -18.52
N MET C 583 15.67 -54.96 -17.95
CA MET C 583 15.57 -53.97 -16.85
C MET C 583 15.04 -52.63 -17.40
N ALA C 584 15.53 -52.17 -18.56
CA ALA C 584 14.98 -50.96 -19.20
C ALA C 584 13.48 -51.02 -19.43
N ALA C 585 12.97 -52.18 -19.84
CA ALA C 585 11.52 -52.30 -20.09
C ALA C 585 10.69 -52.06 -18.82
N GLN C 586 11.17 -52.44 -17.65
CA GLN C 586 10.45 -52.17 -16.41
C GLN C 586 10.15 -50.65 -16.18
N PHE C 587 10.99 -49.78 -16.78
CA PHE C 587 10.89 -48.30 -16.66
C PHE C 587 10.20 -47.62 -17.80
N GLU C 588 9.57 -48.41 -18.68
CA GLU C 588 8.67 -47.87 -19.70
C GLU C 588 7.38 -47.27 -19.09
N GLY C 589 6.76 -46.40 -19.87
CA GLY C 589 5.43 -45.93 -19.50
C GLY C 589 5.39 -44.64 -18.73
N PHE C 590 6.49 -43.86 -18.74
CA PHE C 590 6.58 -42.56 -18.08
C PHE C 590 6.91 -41.44 -19.07
N ASP C 591 6.39 -41.53 -20.28
CA ASP C 591 6.57 -40.46 -21.26
C ASP C 591 5.57 -39.36 -21.00
N TRP C 592 5.72 -38.64 -19.90
CA TRP C 592 4.68 -37.70 -19.44
C TRP C 592 5.22 -36.30 -19.53
N LYS C 593 4.45 -35.41 -20.12
CA LYS C 593 4.85 -33.99 -20.21
C LYS C 593 4.15 -33.11 -19.18
N THR C 594 2.98 -33.52 -18.73
CA THR C 594 2.21 -32.70 -17.78
C THR C 594 1.47 -33.69 -16.88
N GLU C 595 0.99 -33.22 -15.74
CA GLU C 595 0.31 -34.06 -14.77
C GLU C 595 -0.92 -34.79 -15.32
N GLU C 596 -1.67 -34.16 -16.23
CA GLU C 596 -2.79 -34.79 -16.88
C GLU C 596 -2.46 -36.11 -17.53
N ASP C 597 -1.21 -36.25 -17.99
CA ASP C 597 -0.75 -37.51 -18.60
C ASP C 597 -0.75 -38.63 -17.57
N ALA C 598 -0.42 -38.30 -16.32
CA ALA C 598 -0.49 -39.23 -15.22
C ALA C 598 -1.95 -39.61 -14.83
N PHE C 599 -2.87 -38.64 -14.81
CA PHE C 599 -4.29 -38.90 -14.67
C PHE C 599 -4.81 -39.84 -15.78
N ASN C 600 -4.42 -39.61 -17.01
CA ASN C 600 -4.80 -40.49 -18.12
C ASN C 600 -4.20 -41.88 -18.04
N ASP C 601 -2.99 -41.99 -17.53
CA ASP C 601 -2.32 -43.28 -17.48
C ASP C 601 -2.78 -44.21 -16.33
N GLY C 602 -3.32 -43.63 -15.25
CA GLY C 602 -3.60 -44.32 -14.03
C GLY C 602 -5.11 -44.35 -13.84
N PHE C 603 -5.64 -43.27 -13.25
CA PHE C 603 -7.05 -43.18 -12.94
C PHE C 603 -7.93 -43.58 -14.14
N ARG C 604 -7.63 -43.02 -15.31
CA ARG C 604 -8.46 -43.25 -16.46
C ARG C 604 -8.23 -44.60 -17.15
N ARG C 605 -7.22 -45.35 -16.77
CA ARG C 605 -7.03 -46.68 -17.37
C ARG C 605 -7.51 -47.85 -16.52
N ALA C 606 -7.80 -47.59 -15.24
CA ALA C 606 -8.27 -48.64 -14.32
C ALA C 606 -9.42 -49.42 -14.92
N GLY C 607 -9.23 -50.75 -14.96
CA GLY C 607 -10.21 -51.68 -15.48
C GLY C 607 -10.40 -51.59 -16.98
N GLN C 608 -9.53 -50.91 -17.71
CA GLN C 608 -9.80 -50.75 -19.15
C GLN C 608 -9.17 -51.88 -19.96
N PRO C 609 -9.65 -52.10 -21.18
CA PRO C 609 -9.05 -53.14 -22.05
C PRO C 609 -7.54 -52.99 -22.20
N GLY C 610 -6.77 -54.03 -21.88
CA GLY C 610 -5.30 -53.94 -21.97
C GLY C 610 -4.52 -53.24 -20.86
N ALA C 611 -5.21 -52.71 -19.85
CA ALA C 611 -4.54 -52.01 -18.77
C ALA C 611 -3.95 -53.04 -17.82
N PRO C 612 -2.82 -52.71 -17.18
CA PRO C 612 -2.35 -53.61 -16.11
C PRO C 612 -3.30 -53.55 -14.89
N ALA C 613 -3.04 -54.36 -13.88
CA ALA C 613 -3.73 -54.32 -12.60
C ALA C 613 -3.57 -52.91 -11.94
N ILE C 614 -4.69 -52.28 -11.59
CA ILE C 614 -4.69 -50.90 -11.07
C ILE C 614 -5.73 -50.85 -9.95
N ASP C 615 -5.35 -50.39 -8.76
CA ASP C 615 -6.27 -50.24 -7.63
C ASP C 615 -6.59 -48.76 -7.60
N SER C 616 -7.83 -48.35 -7.82
CA SER C 616 -8.18 -46.94 -7.99
C SER C 616 -9.44 -46.63 -7.28
N GLN C 617 -9.45 -45.55 -6.48
CA GLN C 617 -10.72 -45.12 -5.90
C GLN C 617 -11.76 -44.74 -6.93
N GLY C 618 -11.36 -44.53 -8.17
CA GLY C 618 -12.34 -44.20 -9.21
C GLY C 618 -13.02 -45.43 -9.80
N GLY C 619 -12.46 -46.61 -9.60
CA GLY C 619 -12.99 -47.84 -10.14
C GLY C 619 -12.86 -47.88 -11.65
N SER C 620 -13.58 -48.80 -12.25
CA SER C 620 -13.43 -49.04 -13.66
C SER C 620 -14.22 -48.03 -14.52
N THR C 621 -15.03 -47.15 -13.90
CA THR C 621 -15.68 -46.05 -14.64
C THR C 621 -14.90 -44.73 -14.59
N GLY C 622 -13.72 -44.81 -14.03
CA GLY C 622 -12.82 -43.63 -13.89
C GLY C 622 -12.53 -42.97 -15.23
N HIS C 623 -12.44 -43.78 -16.32
CA HIS C 623 -12.18 -43.23 -17.66
C HIS C 623 -13.18 -42.21 -18.07
N LEU C 624 -14.38 -42.24 -17.47
CA LEU C 624 -15.40 -41.26 -17.78
C LEU C 624 -15.09 -39.84 -17.31
N VAL C 625 -14.22 -39.75 -16.33
CA VAL C 625 -13.81 -38.46 -15.82
C VAL C 625 -12.65 -37.94 -16.68
N THR C 626 -12.73 -36.69 -17.09
CA THR C 626 -11.57 -35.98 -17.72
C THR C 626 -11.42 -34.60 -17.05
N TYR C 627 -10.27 -33.94 -17.25
CA TYR C 627 -10.10 -32.61 -16.73
C TYR C 627 -11.14 -31.69 -17.23
N ASP C 628 -11.44 -31.71 -18.51
CA ASP C 628 -12.47 -30.78 -19.04
C ASP C 628 -13.85 -31.06 -18.46
N ARG C 629 -14.18 -32.34 -18.24
CA ARG C 629 -15.50 -32.64 -17.65
C ARG C 629 -15.61 -32.22 -16.21
N LEU C 630 -14.54 -32.40 -15.43
CA LEU C 630 -14.48 -31.87 -14.05
C LEU C 630 -14.54 -30.37 -13.97
N ARG C 631 -13.83 -29.73 -14.88
CA ARG C 631 -13.90 -28.29 -14.96
C ARG C 631 -15.34 -27.81 -15.09
N LYS C 632 -16.08 -28.46 -15.98
CA LYS C 632 -17.47 -28.10 -16.20
C LYS C 632 -18.36 -28.40 -14.99
N SER C 633 -18.07 -29.43 -14.23
CA SER C 633 -18.81 -29.75 -13.00
C SER C 633 -18.60 -28.68 -11.91
N GLY C 634 -17.45 -27.97 -11.96
CA GLY C 634 -17.18 -26.93 -10.97
C GLY C 634 -16.72 -27.54 -9.68
N ASN C 635 -16.76 -26.75 -8.62
CA ASN C 635 -16.35 -27.23 -7.29
C ASN C 635 -17.31 -28.32 -6.69
N ASN C 636 -18.50 -28.50 -7.29
CA ASN C 636 -19.36 -29.64 -6.88
C ASN C 636 -18.91 -30.98 -7.47
N GLY C 637 -18.10 -30.95 -8.52
CA GLY C 637 -17.49 -32.16 -9.05
C GLY C 637 -18.54 -33.27 -9.22
N VAL C 638 -18.20 -34.49 -8.80
CA VAL C 638 -19.06 -35.64 -8.92
C VAL C 638 -18.63 -36.60 -7.83
N GLN C 639 -19.63 -37.22 -7.18
CA GLN C 639 -19.36 -38.24 -6.18
C GLN C 639 -19.08 -39.55 -6.87
N LEU C 640 -17.96 -40.17 -6.55
CA LEU C 640 -17.58 -41.43 -7.18
C LEU C 640 -18.36 -42.61 -6.53
N PRO C 641 -18.59 -43.72 -7.24
CA PRO C 641 -18.22 -43.91 -8.64
C PRO C 641 -19.12 -43.19 -9.60
N VAL C 642 -18.56 -42.81 -10.76
CA VAL C 642 -19.34 -42.23 -11.83
C VAL C 642 -20.19 -43.37 -12.38
N VAL C 643 -21.47 -43.10 -12.58
CA VAL C 643 -22.37 -44.09 -13.20
C VAL C 643 -22.51 -43.84 -14.70
N SER C 644 -22.51 -42.57 -15.10
CA SER C 644 -22.70 -42.20 -16.51
C SER C 644 -22.10 -40.83 -16.81
N TRP C 645 -21.76 -40.63 -18.08
CA TRP C 645 -21.43 -39.31 -18.63
C TRP C 645 -22.08 -39.17 -19.99
N ASP C 646 -22.71 -38.03 -20.23
CA ASP C 646 -22.93 -37.58 -21.58
C ASP C 646 -22.97 -36.05 -21.56
N GLU C 647 -22.98 -35.47 -22.75
CA GLU C 647 -22.86 -34.02 -22.87
C GLU C 647 -24.01 -33.30 -22.19
N SER C 648 -25.19 -33.90 -22.26
CA SER C 648 -26.40 -33.24 -21.80
C SER C 648 -26.51 -33.22 -20.28
N LYS C 649 -26.10 -34.31 -19.61
CA LYS C 649 -26.16 -34.41 -18.13
C LYS C 649 -24.88 -34.33 -17.32
N GLY C 650 -23.73 -34.29 -17.97
CA GLY C 650 -22.47 -34.23 -17.29
C GLY C 650 -22.21 -35.56 -16.64
N LEU C 651 -21.30 -35.49 -15.69
CA LEU C 651 -20.98 -36.61 -14.87
C LEU C 651 -22.10 -36.82 -13.86
N VAL C 652 -22.59 -38.05 -13.79
CA VAL C 652 -23.57 -38.48 -12.77
C VAL C 652 -22.89 -39.50 -11.87
N GLY C 653 -22.95 -39.26 -10.56
CA GLY C 653 -22.28 -40.15 -9.59
C GLY C 653 -23.21 -40.90 -8.62
N THR C 654 -22.64 -41.23 -7.47
CA THR C 654 -23.23 -42.12 -6.50
C THR C 654 -23.23 -41.42 -5.12
N GLU C 655 -24.42 -41.26 -4.55
CA GLU C 655 -24.56 -40.56 -3.28
C GLU C 655 -24.16 -41.41 -2.09
N MET C 656 -24.70 -42.61 -2.00
CA MET C 656 -24.44 -43.48 -0.86
C MET C 656 -24.16 -44.88 -1.33
N LEU C 657 -23.27 -45.57 -0.65
CA LEU C 657 -22.98 -46.98 -0.94
C LEU C 657 -23.86 -47.91 -0.11
N TYR C 658 -24.09 -49.09 -0.64
CA TYR C 658 -24.71 -50.24 0.07
C TYR C 658 -26.21 -50.11 0.28
N THR C 659 -26.89 -49.35 -0.57
CA THR C 659 -28.27 -49.03 -0.36
C THR C 659 -29.21 -50.21 -0.72
N GLU C 660 -28.68 -51.25 -1.35
CA GLU C 660 -29.43 -52.43 -1.72
C GLU C 660 -28.99 -53.57 -0.84
N GLY C 661 -28.10 -53.34 0.12
CA GLY C 661 -27.67 -54.43 0.97
C GLY C 661 -26.68 -55.37 0.37
N LYS C 662 -26.04 -54.96 -0.72
CA LYS C 662 -25.02 -55.74 -1.38
C LYS C 662 -23.70 -55.13 -1.01
N PHE C 663 -22.86 -55.90 -0.34
CA PHE C 663 -21.61 -55.42 0.23
C PHE C 663 -20.41 -55.96 -0.57
N ASP C 664 -19.23 -55.46 -0.29
CA ASP C 664 -18.03 -55.76 -1.08
C ASP C 664 -17.35 -56.96 -0.49
N THR C 665 -18.01 -58.09 -0.59
CA THR C 665 -17.48 -59.38 -0.13
C THR C 665 -17.82 -60.42 -1.20
N ASP C 666 -17.25 -61.60 -1.05
CA ASP C 666 -17.47 -62.72 -2.00
C ASP C 666 -18.96 -63.08 -2.20
N ASP C 667 -19.75 -63.02 -1.13
CA ASP C 667 -21.14 -63.40 -1.22
C ASP C 667 -22.08 -62.20 -1.26
N GLY C 668 -21.53 -60.97 -1.27
CA GLY C 668 -22.36 -59.77 -1.23
C GLY C 668 -23.03 -59.48 0.11
N LYS C 669 -22.69 -60.24 1.15
CA LYS C 669 -23.22 -60.02 2.48
C LYS C 669 -22.14 -59.28 3.34
N ALA C 670 -22.55 -58.45 4.31
CA ALA C 670 -21.63 -57.92 5.32
C ALA C 670 -21.33 -59.03 6.27
N HIS C 671 -20.11 -59.07 6.72
CA HIS C 671 -19.64 -60.08 7.63
C HIS C 671 -19.31 -59.53 9.00
N PHE C 672 -19.97 -60.10 10.01
CA PHE C 672 -19.68 -59.85 11.42
C PHE C 672 -18.37 -60.51 11.77
N LYS C 673 -17.66 -59.93 12.71
CA LYS C 673 -16.37 -60.42 13.15
C LYS C 673 -16.28 -60.48 14.65
N PRO C 674 -15.49 -61.44 15.17
CA PRO C 674 -15.30 -61.46 16.63
C PRO C 674 -14.42 -60.27 17.04
N ALA C 675 -14.63 -59.76 18.25
CA ALA C 675 -13.86 -58.64 18.77
C ALA C 675 -13.45 -58.96 20.19
N PRO C 676 -12.29 -59.63 20.36
CA PRO C 676 -11.91 -59.96 21.73
C PRO C 676 -11.44 -58.72 22.49
N TRP C 677 -11.79 -58.65 23.77
CA TRP C 677 -11.26 -57.63 24.69
C TRP C 677 -10.00 -58.16 25.42
N ASN C 678 -8.83 -57.55 25.16
CA ASN C 678 -7.54 -58.00 25.66
C ASN C 678 -6.87 -56.99 26.57
N GLY C 679 -7.56 -55.91 26.96
CA GLY C 679 -6.91 -54.85 27.72
C GLY C 679 -5.96 -54.05 26.82
N LEU C 680 -5.13 -53.24 27.45
CA LEU C 680 -4.11 -52.49 26.72
C LEU C 680 -3.02 -53.45 26.32
N PRO C 681 -2.32 -53.16 25.19
CA PRO C 681 -1.17 -53.95 24.83
C PRO C 681 -0.13 -53.91 25.94
N ALA C 682 0.58 -55.01 26.11
CA ALA C 682 1.47 -55.14 27.22
C ALA C 682 2.56 -54.07 27.16
N THR C 683 3.07 -53.77 25.95
CA THR C 683 4.09 -52.74 25.76
C THR C 683 3.58 -51.38 26.32
N VAL C 684 2.29 -51.11 26.08
CA VAL C 684 1.69 -49.82 26.54
C VAL C 684 1.40 -49.86 28.04
N GLN C 685 0.87 -51.00 28.51
CA GLN C 685 0.58 -51.24 29.93
C GLN C 685 1.82 -51.06 30.81
N GLN C 686 2.96 -51.53 30.32
CA GLN C 686 4.26 -51.32 31.03
C GLN C 686 4.58 -49.85 31.26
N GLN C 687 4.36 -49.02 30.24
CA GLN C 687 4.58 -47.56 30.43
C GLN C 687 3.57 -47.00 31.43
N LYS C 688 2.32 -47.40 31.31
CA LYS C 688 1.29 -46.97 32.22
C LYS C 688 1.58 -47.35 33.69
N ASP C 689 2.20 -48.51 33.91
CA ASP C 689 2.47 -48.99 35.27
C ASP C 689 3.65 -48.21 35.85
N LYS C 690 4.55 -47.78 34.99
CA LYS C 690 5.74 -47.05 35.44
C LYS C 690 5.53 -45.52 35.59
N TYR C 691 4.56 -44.94 34.86
CA TYR C 691 4.55 -43.47 34.67
C TYR C 691 3.17 -42.91 34.89
N ARG C 692 3.08 -41.60 35.13
CA ARG C 692 1.92 -41.02 35.72
C ARG C 692 0.86 -40.60 34.73
N PHE C 693 1.25 -40.00 33.61
CA PHE C 693 0.29 -39.33 32.75
C PHE C 693 0.00 -40.10 31.46
N TRP C 694 -1.28 -40.14 31.09
CA TRP C 694 -1.68 -40.55 29.76
C TRP C 694 -1.33 -39.45 28.77
N LEU C 695 -0.51 -39.80 27.76
CA LEU C 695 0.00 -38.83 26.80
C LEU C 695 -0.79 -38.81 25.51
N ASN C 696 -2.03 -38.42 25.68
CA ASN C 696 -2.94 -38.21 24.56
C ASN C 696 -2.38 -37.16 23.64
N ASN C 697 -2.76 -37.20 22.37
CA ASN C 697 -2.09 -36.36 21.38
C ASN C 697 -2.99 -36.25 20.14
N GLY C 698 -2.77 -35.18 19.38
CA GLY C 698 -3.57 -34.96 18.16
C GLY C 698 -3.55 -33.53 17.69
N ARG C 699 -4.68 -33.10 17.14
CA ARG C 699 -4.76 -31.90 16.35
C ARG C 699 -5.18 -30.68 17.11
N ASN C 700 -4.77 -29.53 16.59
CA ASN C 700 -5.21 -28.22 17.02
C ASN C 700 -5.83 -27.60 15.80
N ASN C 701 -6.98 -26.94 15.95
CA ASN C 701 -7.69 -26.31 14.81
C ASN C 701 -6.79 -25.45 13.93
N GLU C 702 -5.94 -24.64 14.53
CA GLU C 702 -5.20 -23.63 13.76
C GLU C 702 -3.99 -24.20 13.03
N VAL C 703 -3.38 -25.27 13.57
CA VAL C 703 -2.14 -25.78 13.06
C VAL C 703 -2.44 -26.93 12.08
N TRP C 704 -1.83 -26.86 10.92
CA TRP C 704 -1.94 -27.94 9.93
C TRP C 704 -0.74 -28.85 9.98
N GLN C 705 -0.97 -30.08 10.44
CA GLN C 705 -0.04 -31.20 10.28
C GLN C 705 1.33 -30.84 10.88
N THR C 706 2.42 -31.13 10.18
CA THR C 706 3.78 -30.77 10.64
C THR C 706 4.16 -29.33 10.51
N ALA C 707 3.19 -28.44 10.21
CA ALA C 707 3.42 -27.01 10.28
C ALA C 707 4.48 -26.53 9.25
N TYR C 708 4.48 -27.18 8.08
CA TYR C 708 5.48 -26.94 7.11
C TYR C 708 5.30 -25.55 6.56
N HIS C 709 4.06 -25.11 6.33
CA HIS C 709 3.85 -23.70 6.05
C HIS C 709 3.77 -22.86 7.37
N ASP C 710 3.02 -23.35 8.34
CA ASP C 710 2.75 -22.60 9.58
C ASP C 710 4.01 -22.11 10.31
N GLN C 711 5.07 -22.90 10.25
CA GLN C 711 6.36 -22.49 10.81
C GLN C 711 6.90 -21.17 10.30
N TYR C 712 6.47 -20.69 9.15
CA TYR C 712 6.96 -19.44 8.58
C TYR C 712 6.01 -18.28 8.78
N ASN C 713 4.83 -18.56 9.35
CA ASN C 713 3.75 -17.62 9.43
C ASN C 713 3.85 -16.89 10.79
N SER C 714 3.98 -15.57 10.78
CA SER C 714 4.23 -14.80 12.00
C SER C 714 3.08 -14.95 13.00
N LEU C 715 1.84 -14.95 12.50
CA LEU C 715 0.66 -15.11 13.35
C LEU C 715 0.66 -16.46 14.07
N MET C 716 0.92 -17.51 13.32
CA MET C 716 1.02 -18.86 13.89
C MET C 716 2.13 -19.00 14.89
N GLN C 717 3.28 -18.41 14.57
CA GLN C 717 4.42 -18.53 15.48
C GLN C 717 4.28 -17.69 16.77
N GLU C 718 3.57 -16.57 16.70
CA GLU C 718 3.18 -15.81 17.87
C GLU C 718 2.22 -16.62 18.80
N ARG C 719 1.24 -17.29 18.19
CA ARG C 719 0.22 -17.98 18.92
C ARG C 719 0.76 -19.28 19.53
N TYR C 720 1.49 -20.07 18.73
CA TYR C 720 2.00 -21.40 19.15
C TYR C 720 3.46 -21.50 18.90
N PRO C 721 4.27 -20.76 19.69
CA PRO C 721 5.69 -20.74 19.42
C PRO C 721 6.29 -22.11 19.70
N MET C 722 5.63 -22.89 20.56
CA MET C 722 6.08 -24.25 20.90
C MET C 722 4.84 -25.15 20.94
N ALA C 723 5.04 -26.46 20.77
CA ALA C 723 4.01 -27.44 20.97
C ALA C 723 3.54 -27.31 22.40
N TYR C 724 2.25 -27.44 22.60
CA TYR C 724 1.68 -27.26 23.95
C TYR C 724 1.14 -28.59 24.43
N ILE C 725 1.01 -28.70 25.76
CA ILE C 725 0.40 -29.83 26.42
C ILE C 725 -0.67 -29.36 27.40
N GLU C 726 -1.90 -29.77 27.11
CA GLU C 726 -3.03 -29.50 27.96
C GLU C 726 -2.90 -30.30 29.21
N MET C 727 -3.05 -29.66 30.36
CA MET C 727 -2.89 -30.36 31.65
C MET C 727 -3.98 -29.96 32.60
N ASN C 728 -4.35 -30.90 33.45
CA ASN C 728 -5.38 -30.66 34.48
C ASN C 728 -4.78 -29.62 35.50
N PRO C 729 -5.58 -28.62 35.92
CA PRO C 729 -4.99 -27.57 36.78
C PRO C 729 -4.52 -28.02 38.17
N ASP C 730 -5.17 -29.01 38.76
CA ASP C 730 -4.65 -29.60 40.01
C ASP C 730 -3.31 -30.31 39.80
N ASP C 731 -3.16 -31.00 38.67
CA ASP C 731 -1.90 -31.60 38.33
C ASP C 731 -0.82 -30.52 38.12
N CYS C 732 -1.20 -29.39 37.48
CA CYS C 732 -0.28 -28.25 37.34
C CYS C 732 0.18 -27.70 38.69
N LYS C 733 -0.74 -27.46 39.61
CA LYS C 733 -0.35 -27.01 40.96
C LYS C 733 0.62 -27.96 41.64
N GLN C 734 0.37 -29.27 41.53
CA GLN C 734 1.23 -30.28 42.14
C GLN C 734 2.62 -30.21 41.55
N LEU C 735 2.73 -29.96 40.25
CA LEU C 735 4.02 -29.75 39.57
C LEU C 735 4.60 -28.32 39.54
N ASP C 736 3.90 -27.37 40.12
CA ASP C 736 4.27 -25.99 40.21
C ASP C 736 4.47 -25.43 38.81
N VAL C 737 3.55 -25.79 37.94
CA VAL C 737 3.55 -25.27 36.57
C VAL C 737 2.30 -24.50 36.29
N THR C 738 2.44 -23.52 35.41
CA THR C 738 1.35 -22.78 34.84
C THR C 738 1.55 -22.46 33.37
N GLY C 739 0.59 -21.79 32.78
CA GLY C 739 0.60 -21.44 31.35
C GLY C 739 1.93 -20.80 30.95
N GLY C 740 2.61 -21.37 29.96
CA GLY C 740 3.87 -20.79 29.50
C GLY C 740 5.12 -21.30 30.15
N ASP C 741 4.99 -22.19 31.13
CA ASP C 741 6.13 -22.97 31.59
C ASP C 741 6.49 -23.98 30.54
N ILE C 742 7.76 -24.37 30.51
CA ILE C 742 8.20 -25.48 29.67
C ILE C 742 8.37 -26.72 30.53
N VAL C 743 7.88 -27.85 30.04
CA VAL C 743 8.10 -29.14 30.66
C VAL C 743 8.76 -30.13 29.73
N GLU C 744 9.52 -31.06 30.31
CA GLU C 744 9.93 -32.27 29.62
C GLU C 744 8.91 -33.40 29.89
N VAL C 745 8.56 -34.11 28.83
CA VAL C 745 7.57 -35.19 28.82
C VAL C 745 8.38 -36.40 28.41
N TYR C 746 8.39 -37.48 29.20
CA TYR C 746 9.30 -38.59 28.91
C TYR C 746 8.81 -39.91 29.44
N ASN C 747 9.33 -40.96 28.83
CA ASN C 747 9.13 -42.31 29.27
C ASN C 747 10.32 -43.16 28.77
N ASP C 748 10.15 -44.48 28.78
CA ASP C 748 11.21 -45.35 28.26
C ASP C 748 11.51 -45.10 26.77
N PHE C 749 10.52 -44.73 25.96
CA PHE C 749 10.72 -44.54 24.52
C PHE C 749 11.45 -43.25 24.11
N GLY C 750 11.35 -42.21 24.92
CA GLY C 750 11.94 -40.96 24.55
C GLY C 750 11.58 -39.82 25.48
N SER C 751 12.10 -38.65 25.12
CA SER C 751 11.95 -37.44 25.88
C SER C 751 11.65 -36.31 24.86
N THR C 752 10.70 -35.43 25.19
CA THR C 752 10.43 -34.26 24.37
C THR C 752 9.97 -33.17 25.25
N PHE C 753 9.54 -32.03 24.67
CA PHE C 753 9.26 -30.83 25.43
C PHE C 753 8.01 -30.15 24.91
N ALA C 754 7.33 -29.40 25.79
CA ALA C 754 6.10 -28.68 25.47
C ALA C 754 5.96 -27.53 26.44
N MET C 755 5.22 -26.52 26.00
CA MET C 755 4.76 -25.46 26.85
C MET C 755 3.44 -25.87 27.52
N VAL C 756 3.37 -25.67 28.82
CA VAL C 756 2.17 -25.99 29.64
C VAL C 756 0.97 -25.14 29.29
N TYR C 757 -0.17 -25.82 29.08
CA TYR C 757 -1.44 -25.19 28.76
C TYR C 757 -2.48 -25.71 29.74
N PRO C 758 -2.64 -25.05 30.90
CA PRO C 758 -3.68 -25.55 31.84
C PRO C 758 -5.07 -25.54 31.26
N VAL C 759 -5.80 -26.64 31.39
CA VAL C 759 -7.12 -26.77 30.78
C VAL C 759 -8.05 -27.46 31.81
N ALA C 760 -9.05 -26.76 32.26
CA ALA C 760 -9.93 -27.29 33.37
C ALA C 760 -10.59 -28.63 33.03
N GLU C 761 -10.88 -28.83 31.76
CA GLU C 761 -11.62 -30.02 31.31
C GLU C 761 -10.78 -31.26 31.22
N ILE C 762 -9.44 -31.13 31.27
CA ILE C 762 -8.56 -32.30 31.24
C ILE C 762 -8.62 -33.04 32.56
N LYS C 763 -8.68 -34.36 32.48
CA LYS C 763 -8.88 -35.20 33.67
C LYS C 763 -7.57 -35.35 34.33
N ARG C 764 -7.60 -35.46 35.67
CA ARG C 764 -6.44 -35.79 36.48
C ARG C 764 -5.74 -37.05 35.95
N GLY C 765 -4.42 -37.02 35.83
CA GLY C 765 -3.62 -38.07 35.25
C GLY C 765 -3.63 -38.16 33.73
N GLN C 766 -4.35 -37.26 33.04
CA GLN C 766 -4.38 -37.21 31.56
C GLN C 766 -3.84 -35.85 31.06
N THR C 767 -3.36 -35.84 29.82
CA THR C 767 -2.84 -34.71 29.16
C THR C 767 -3.21 -34.82 27.69
N PHE C 768 -2.98 -33.74 26.96
CA PHE C 768 -3.11 -33.72 25.52
C PHE C 768 -2.02 -32.83 24.91
N MET C 769 -1.14 -33.43 24.09
CA MET C 769 -0.05 -32.67 23.45
C MET C 769 -0.29 -32.59 21.92
N LEU C 770 -0.14 -31.40 21.39
CA LEU C 770 -0.11 -31.17 19.95
C LEU C 770 0.89 -32.12 19.28
N PHE C 771 0.44 -32.90 18.32
CA PHE C 771 1.29 -33.87 17.61
C PHE C 771 2.07 -33.18 16.45
N GLY C 772 3.11 -33.84 15.99
CA GLY C 772 3.78 -33.50 14.75
C GLY C 772 4.54 -32.20 14.61
N TYR C 773 4.77 -31.47 15.71
CA TYR C 773 5.15 -30.06 15.57
C TYR C 773 6.66 -29.80 15.38
N VAL C 774 6.98 -28.56 14.96
CA VAL C 774 8.35 -28.13 14.63
C VAL C 774 9.15 -27.73 15.84
N ASN C 775 8.50 -27.66 17.00
CA ASN C 775 9.24 -27.32 18.23
C ASN C 775 8.62 -28.13 19.39
N GLY C 776 9.20 -29.29 19.67
CA GLY C 776 8.67 -30.22 20.60
C GLY C 776 7.83 -31.28 19.89
N ILE C 777 8.49 -32.40 19.52
CA ILE C 777 7.92 -33.44 18.73
C ILE C 777 7.30 -34.45 19.67
N GLN C 778 5.98 -34.58 19.58
CA GLN C 778 5.21 -35.46 20.45
C GLN C 778 5.55 -36.95 20.33
N GLY C 779 5.81 -37.39 19.10
CA GLY C 779 5.96 -38.79 18.81
C GLY C 779 7.12 -39.52 19.46
N ASP C 780 8.02 -38.77 20.05
CA ASP C 780 9.16 -39.32 20.79
C ASP C 780 8.76 -40.26 21.91
N VAL C 781 7.59 -40.03 22.48
CA VAL C 781 7.12 -40.82 23.61
C VAL C 781 6.11 -41.87 23.21
N THR C 782 5.76 -41.97 21.94
CA THR C 782 4.85 -43.01 21.52
C THR C 782 5.65 -44.31 21.38
N THR C 783 4.96 -45.42 21.60
CA THR C 783 5.63 -46.74 21.59
C THR C 783 5.81 -47.29 20.18
N ASP C 784 6.49 -48.43 20.09
CA ASP C 784 6.57 -49.19 18.84
C ASP C 784 5.41 -50.14 18.60
N TRP C 785 4.44 -50.22 19.50
CA TRP C 785 3.45 -51.29 19.40
C TRP C 785 2.55 -51.00 18.23
N THR C 786 2.27 -52.02 17.41
CA THR C 786 1.26 -51.90 16.39
C THR C 786 0.28 -53.09 16.38
N ASP C 787 -0.85 -52.95 15.67
CA ASP C 787 -1.81 -54.05 15.64
C ASP C 787 -1.33 -55.15 14.67
N ARG C 788 -2.21 -56.08 14.33
CA ARG C 788 -1.83 -57.20 13.44
C ARG C 788 -1.36 -56.77 12.09
N ASN C 789 -1.87 -55.64 11.60
CA ASN C 789 -1.52 -55.14 10.30
C ASN C 789 -0.46 -54.00 10.36
N ILE C 790 0.21 -53.85 11.50
CA ILE C 790 1.20 -52.83 11.73
C ILE C 790 0.58 -51.41 11.75
N ILE C 791 -0.59 -51.31 12.38
CA ILE C 791 -1.20 -50.00 12.64
C ILE C 791 -0.85 -49.53 14.06
N PRO C 792 -0.13 -48.37 14.20
CA PRO C 792 0.32 -48.02 15.55
C PRO C 792 -0.75 -47.52 16.46
N TYR C 793 -0.54 -47.71 17.77
CA TYR C 793 -1.44 -47.17 18.79
C TYR C 793 -0.82 -45.84 19.19
N TYR C 794 -0.92 -44.88 18.28
CA TYR C 794 -0.32 -43.60 18.54
C TYR C 794 -0.94 -42.90 19.77
N LYS C 795 -2.22 -43.15 20.05
CA LYS C 795 -2.91 -42.52 21.17
C LYS C 795 -2.70 -43.24 22.49
N GLY C 796 -1.79 -44.22 22.51
CA GLY C 796 -1.61 -45.16 23.63
C GLY C 796 -0.17 -45.11 24.18
N THR C 797 0.05 -44.22 25.13
CA THR C 797 1.31 -44.07 25.76
C THR C 797 1.17 -43.27 27.05
N TRP C 798 2.04 -43.54 28.00
CA TRP C 798 2.08 -42.91 29.31
C TRP C 798 3.53 -42.41 29.55
N GLY C 799 3.67 -41.36 30.36
CA GLY C 799 4.93 -40.80 30.66
C GLY C 799 4.89 -39.91 31.89
N ASP C 800 6.05 -39.48 32.32
CA ASP C 800 6.17 -38.51 33.41
C ASP C 800 6.49 -37.13 32.82
N ILE C 801 6.31 -36.14 33.67
CA ILE C 801 6.39 -34.73 33.29
C ILE C 801 7.24 -34.01 34.32
N ARG C 802 8.21 -33.26 33.85
CA ARG C 802 9.14 -32.57 34.75
C ARG C 802 9.26 -31.13 34.29
N LYS C 803 9.16 -30.18 35.25
CA LYS C 803 9.29 -28.75 34.95
C LYS C 803 10.71 -28.43 34.53
N VAL C 804 10.86 -27.77 33.39
CA VAL C 804 12.15 -27.15 32.98
C VAL C 804 12.21 -25.76 33.51
N GLY C 805 11.26 -24.92 33.15
CA GLY C 805 11.40 -23.54 33.61
C GLY C 805 10.29 -22.68 33.10
N SER C 806 10.20 -21.47 33.61
CA SER C 806 9.22 -20.52 33.13
C SER C 806 9.76 -19.75 31.92
N MET C 807 9.05 -19.77 30.82
CA MET C 807 9.44 -19.00 29.63
C MET C 807 8.68 -17.69 29.70
N GLU C 808 9.31 -16.66 30.21
CA GLU C 808 8.61 -15.39 30.39
C GLU C 808 8.04 -14.83 29.06
N GLU C 809 8.74 -15.04 27.93
CA GLU C 809 8.27 -14.48 26.67
C GLU C 809 6.97 -15.18 26.26
N PHE C 810 6.79 -16.46 26.55
CA PHE C 810 5.51 -17.13 26.26
C PHE C 810 4.43 -16.57 27.14
N LYS C 811 4.77 -16.34 28.40
CA LYS C 811 3.74 -15.73 29.31
C LYS C 811 3.34 -14.33 28.85
N ARG C 812 4.27 -13.63 28.23
CA ARG C 812 4.00 -12.28 27.78
C ARG C 812 3.20 -12.22 26.52
N THR C 813 3.36 -13.20 25.62
CA THR C 813 2.84 -13.09 24.28
C THR C 813 1.77 -14.11 23.87
N VAL C 814 1.69 -15.27 24.54
CA VAL C 814 0.74 -16.36 24.18
C VAL C 814 -0.46 -16.37 25.06
N SER C 815 -1.63 -16.54 24.47
CA SER C 815 -2.85 -16.70 25.23
C SER C 815 -2.94 -18.13 25.72
N PHE C 816 -3.21 -18.31 27.01
CA PHE C 816 -3.51 -19.63 27.58
C PHE C 816 -4.98 -19.73 27.98
N LYS C 817 -5.85 -18.93 27.36
CA LYS C 817 -7.22 -18.94 27.65
C LYS C 817 -7.92 -20.15 27.08
N SER C 818 -9.14 -20.41 27.52
CA SER C 818 -9.80 -21.67 27.15
C SER C 818 -10.12 -21.71 25.65
N ARG C 819 -9.76 -22.81 25.02
CA ARG C 819 -10.12 -23.05 23.60
C ARG C 819 -11.44 -23.83 23.48
N ARG C 820 -12.17 -24.00 24.56
CA ARG C 820 -13.50 -24.67 24.54
C ARG C 820 -14.52 -23.57 24.70
N PHE C 821 -15.32 -23.36 23.67
CA PHE C 821 -16.28 -22.22 23.62
C PHE C 821 -17.39 -22.48 24.64
N ALA C 822 -17.55 -21.62 25.61
CA ALA C 822 -18.64 -21.81 26.61
C ALA C 822 -19.93 -21.20 26.10
N ARG D 1 -0.59 9.87 -1.64
CA ARG D 1 -0.66 9.55 -0.18
C ARG D 1 -0.96 8.09 0.06
N THR D 2 -0.28 7.53 1.05
CA THR D 2 -0.30 6.13 1.30
C THR D 2 -1.18 5.78 2.49
N THR D 3 -1.59 6.75 3.30
CA THR D 3 -2.37 6.43 4.51
C THR D 3 -3.81 6.80 4.31
N LEU D 4 -4.68 6.08 5.04
CA LEU D 4 -6.05 6.42 5.07
C LEU D 4 -6.22 7.60 6.00
N GLN D 5 -7.28 8.36 5.78
CA GLN D 5 -7.55 9.53 6.65
C GLN D 5 -8.54 9.14 7.79
N TYR D 6 -8.01 8.71 8.92
CA TYR D 6 -8.84 8.26 10.04
C TYR D 6 -9.31 9.51 10.82
N PRO D 7 -10.57 9.55 11.19
CA PRO D 7 -11.03 10.63 12.08
C PRO D 7 -10.40 10.52 13.45
N ALA D 8 -10.52 11.60 14.23
CA ALA D 8 -10.10 11.59 15.64
C ALA D 8 -11.39 11.64 16.42
N THR D 9 -11.80 10.53 17.03
CA THR D 9 -13.12 10.44 17.65
C THR D 9 -12.99 10.34 19.15
N GLN D 10 -13.45 11.35 19.83
CA GLN D 10 -13.61 11.27 21.32
C GLN D 10 -14.41 10.06 21.81
N VAL D 11 -13.82 9.26 22.70
CA VAL D 11 -14.58 8.15 23.29
C VAL D 11 -15.16 8.55 24.66
N SER D 12 -14.26 8.93 25.57
CA SER D 12 -14.70 9.38 26.91
C SER D 12 -13.44 9.87 27.60
N VAL D 13 -13.53 10.16 28.91
CA VAL D 13 -12.33 10.38 29.68
C VAL D 13 -12.04 9.05 30.42
N ALA D 14 -10.75 8.81 30.66
CA ALA D 14 -10.27 7.57 31.24
C ALA D 14 -10.84 7.32 32.62
N LYS D 15 -10.97 8.37 33.45
CA LYS D 15 -11.43 8.13 34.81
C LYS D 15 -12.92 7.68 34.87
N ASN D 16 -13.72 7.92 33.83
CA ASN D 16 -15.10 7.50 33.82
C ASN D 16 -15.28 6.01 33.57
N LEU D 17 -14.29 5.34 32.98
CA LEU D 17 -14.39 3.92 32.68
C LEU D 17 -14.18 3.09 33.95
N LYS D 18 -15.05 2.13 34.22
CA LYS D 18 -14.90 1.24 35.41
C LYS D 18 -14.18 -0.02 34.98
N ALA D 19 -13.46 -0.64 35.87
CA ALA D 19 -12.72 -1.83 35.54
C ALA D 19 -13.63 -2.90 34.99
N ASN D 20 -13.25 -3.40 33.81
CA ASN D 20 -13.93 -4.52 33.13
C ASN D 20 -15.38 -4.29 32.78
N GLU D 21 -15.74 -3.00 32.55
CA GLU D 21 -17.06 -2.61 32.11
C GLU D 21 -16.96 -1.97 30.77
N PRO D 22 -17.29 -2.73 29.69
CA PRO D 22 -17.03 -2.27 28.35
C PRO D 22 -17.88 -1.06 27.93
N VAL D 23 -17.32 -0.23 27.07
CA VAL D 23 -17.95 0.97 26.53
C VAL D 23 -18.08 0.73 25.02
N SER D 24 -19.29 0.84 24.51
CA SER D 24 -19.55 0.74 23.07
C SER D 24 -19.43 2.10 22.42
N PHE D 25 -18.88 2.10 21.23
CA PHE D 25 -18.77 3.34 20.45
C PHE D 25 -18.56 2.89 18.99
N THR D 26 -18.81 3.78 18.05
CA THR D 26 -18.57 3.48 16.65
C THR D 26 -17.30 4.23 16.19
N TYR D 27 -16.54 3.56 15.33
CA TYR D 27 -15.30 4.07 14.79
C TYR D 27 -14.82 3.13 13.64
N PRO D 28 -14.45 3.65 12.48
CA PRO D 28 -14.34 5.08 12.19
C PRO D 28 -15.57 5.70 11.55
N ASP D 29 -16.69 5.00 11.56
CA ASP D 29 -17.97 5.55 11.12
C ASP D 29 -19.08 4.74 11.83
N THR D 30 -20.33 5.14 11.68
CA THR D 30 -21.41 4.55 12.51
C THR D 30 -21.74 3.15 12.13
N SER D 31 -21.21 2.65 11.01
CA SER D 31 -21.33 1.23 10.66
C SER D 31 -20.24 0.28 11.22
N SER D 32 -19.36 0.77 12.07
CA SER D 32 -18.23 -0.02 12.56
C SER D 32 -18.30 0.01 14.08
N PRO D 33 -18.93 -0.98 14.68
CA PRO D 33 -19.07 -0.97 16.13
C PRO D 33 -17.77 -1.44 16.81
N CYS D 34 -17.48 -0.78 17.91
CA CYS D 34 -16.27 -1.01 18.68
C CYS D 34 -16.58 -1.07 20.17
N VAL D 35 -15.61 -1.59 20.95
CA VAL D 35 -15.70 -1.62 22.39
C VAL D 35 -14.35 -1.16 22.97
N ALA D 36 -14.41 -0.32 23.99
CA ALA D 36 -13.27 0.02 24.79
C ALA D 36 -13.46 -0.57 26.22
N VAL D 37 -12.38 -1.01 26.85
CA VAL D 37 -12.46 -1.56 28.19
C VAL D 37 -11.18 -1.30 28.97
N LYS D 38 -11.38 -0.90 30.21
CA LYS D 38 -10.32 -0.76 31.17
C LYS D 38 -10.16 -2.12 31.82
N LEU D 39 -9.09 -2.81 31.48
CA LEU D 39 -8.90 -4.19 31.87
C LEU D 39 -8.60 -4.42 33.34
N GLY D 40 -7.99 -3.44 34.00
CA GLY D 40 -7.76 -3.53 35.46
C GLY D 40 -6.32 -3.86 35.83
N SER D 41 -5.60 -4.47 34.91
CA SER D 41 -4.20 -4.81 35.06
C SER D 41 -3.53 -4.43 33.74
N PRO D 42 -2.29 -3.92 33.76
CA PRO D 42 -1.58 -3.50 32.54
C PRO D 42 -1.47 -4.54 31.46
N VAL D 43 -1.64 -4.16 30.22
CA VAL D 43 -1.28 -5.02 29.12
C VAL D 43 -0.42 -4.22 28.11
N PRO D 44 0.41 -4.90 27.31
CA PRO D 44 1.24 -4.15 26.36
C PRO D 44 0.40 -3.31 25.38
N GLY D 45 0.80 -2.06 25.19
CA GLY D 45 -0.03 -1.12 24.42
C GLY D 45 -1.39 -0.73 25.03
N GLY D 46 -1.69 -1.14 26.28
CA GLY D 46 -2.85 -0.53 27.01
C GLY D 46 -2.55 0.93 27.26
N VAL D 47 -3.57 1.78 27.26
CA VAL D 47 -3.31 3.18 27.58
C VAL D 47 -3.99 3.61 28.86
N GLY D 48 -3.71 4.85 29.26
CA GLY D 48 -4.33 5.44 30.41
C GLY D 48 -3.42 5.31 31.57
N PRO D 49 -3.84 5.82 32.74
CA PRO D 49 -3.03 5.84 33.96
C PRO D 49 -2.50 4.50 34.34
N ASN D 50 -3.31 3.47 34.17
CA ASN D 50 -2.86 2.13 34.52
C ASN D 50 -2.43 1.26 33.28
N ASN D 51 -2.11 1.89 32.13
CA ASN D 51 -1.75 1.17 30.88
C ASN D 51 -2.60 -0.09 30.57
N ASP D 52 -3.90 0.04 30.79
CA ASP D 52 -4.80 -1.11 30.74
C ASP D 52 -6.07 -0.91 29.92
N ILE D 53 -6.17 0.24 29.23
CA ILE D 53 -7.34 0.49 28.41
C ILE D 53 -7.02 0.10 26.97
N VAL D 54 -7.89 -0.72 26.42
CA VAL D 54 -7.72 -1.21 25.04
C VAL D 54 -9.03 -1.08 24.35
N ALA D 55 -8.96 -1.08 23.02
CA ALA D 55 -10.20 -1.06 22.29
C ALA D 55 -10.08 -1.85 21.00
N TYR D 56 -11.21 -2.37 20.55
CA TYR D 56 -11.30 -3.24 19.40
C TYR D 56 -12.52 -2.99 18.53
N SER D 57 -12.43 -3.31 17.27
CA SER D 57 -13.60 -3.54 16.42
C SER D 57 -14.25 -4.82 16.94
N VAL D 58 -15.57 -4.85 17.00
CA VAL D 58 -16.24 -6.05 17.48
C VAL D 58 -16.80 -6.96 16.40
N LEU D 59 -16.58 -6.63 15.11
CA LEU D 59 -17.09 -7.47 14.03
C LEU D 59 -16.08 -8.62 13.86
N CYS D 60 -16.56 -9.85 13.93
CA CYS D 60 -15.67 -11.00 13.84
C CYS D 60 -14.94 -10.94 12.49
N THR D 61 -13.64 -11.13 12.49
CA THR D 61 -12.84 -11.12 11.25
C THR D 61 -12.99 -12.36 10.40
N HIS D 62 -13.77 -13.35 10.84
CA HIS D 62 -14.06 -14.52 10.01
C HIS D 62 -15.14 -14.11 9.02
N MET D 63 -16.38 -13.94 9.48
CA MET D 63 -17.45 -13.52 8.59
C MET D 63 -18.37 -12.40 9.12
N GLY D 64 -17.87 -11.62 10.06
CA GLY D 64 -18.47 -10.34 10.39
C GLY D 64 -19.52 -10.36 11.43
N CYS D 65 -19.84 -11.51 12.05
CA CYS D 65 -20.89 -11.52 13.04
C CYS D 65 -20.41 -10.70 14.24
N PRO D 66 -21.29 -9.90 14.84
CA PRO D 66 -20.80 -9.07 15.98
C PRO D 66 -20.41 -9.96 17.18
N THR D 67 -19.26 -9.73 17.76
CA THR D 67 -18.79 -10.52 18.86
C THR D 67 -19.33 -9.91 20.16
N SER D 68 -19.33 -10.69 21.21
CA SER D 68 -19.72 -10.19 22.49
C SER D 68 -18.52 -10.30 23.41
N TYR D 69 -18.38 -9.27 24.25
CA TYR D 69 -17.32 -9.20 25.21
C TYR D 69 -17.71 -10.04 26.42
N ASP D 70 -16.86 -10.98 26.81
CA ASP D 70 -17.07 -11.79 28.01
C ASP D 70 -16.20 -11.28 29.14
N LYS D 71 -16.83 -10.66 30.14
CA LYS D 71 -16.16 -10.07 31.27
C LYS D 71 -15.30 -11.02 32.07
N SER D 72 -15.76 -12.23 32.25
CA SER D 72 -15.06 -13.17 33.12
C SER D 72 -13.78 -13.67 32.49
N SER D 73 -13.74 -13.80 31.17
CA SER D 73 -12.54 -14.31 30.52
C SER D 73 -11.72 -13.18 29.88
N LYS D 74 -12.29 -11.96 29.79
CA LYS D 74 -11.71 -10.85 29.01
C LYS D 74 -11.37 -11.27 27.55
N THR D 75 -12.40 -11.75 26.90
CA THR D 75 -12.34 -12.17 25.50
C THR D 75 -13.56 -11.69 24.77
N PHE D 76 -13.44 -11.67 23.45
CA PHE D 76 -14.55 -11.40 22.55
C PHE D 76 -14.90 -12.71 21.88
N LYS D 77 -16.18 -13.03 21.87
CA LYS D 77 -16.67 -14.37 21.42
C LYS D 77 -17.65 -14.24 20.26
N CYS D 78 -17.43 -15.05 19.24
CA CYS D 78 -18.35 -15.07 18.09
C CYS D 78 -19.13 -16.37 18.13
N PRO D 79 -20.41 -16.28 18.31
CA PRO D 79 -21.17 -17.54 18.37
C PRO D 79 -21.59 -18.15 17.02
N CYS D 80 -21.18 -17.52 15.90
CA CYS D 80 -21.52 -18.09 14.60
CA CYS D 80 -21.50 -18.02 14.54
C CYS D 80 -20.66 -19.30 14.27
N HIS D 81 -19.33 -19.16 14.26
CA HIS D 81 -18.47 -20.34 14.08
C HIS D 81 -17.50 -20.49 15.19
N PHE D 82 -17.74 -19.80 16.29
CA PHE D 82 -17.11 -20.13 17.56
C PHE D 82 -15.67 -19.62 17.73
N THR D 83 -15.33 -18.57 17.04
CA THR D 83 -14.02 -17.92 17.20
C THR D 83 -14.03 -17.09 18.52
N GLU D 84 -12.88 -17.06 19.17
CA GLU D 84 -12.70 -16.32 20.39
C GLU D 84 -11.35 -15.56 20.33
N PHE D 85 -11.38 -14.29 20.69
CA PHE D 85 -10.20 -13.41 20.64
C PHE D 85 -9.85 -12.88 22.02
N ASP D 86 -8.55 -12.77 22.32
CA ASP D 86 -8.06 -12.37 23.64
C ASP D 86 -7.86 -10.85 23.68
N ALA D 87 -8.64 -10.19 24.53
CA ALA D 87 -8.58 -8.71 24.67
C ALA D 87 -7.24 -8.28 25.32
N GLU D 88 -6.59 -9.22 26.02
CA GLU D 88 -5.35 -8.98 26.76
C GLU D 88 -4.10 -9.28 25.92
N LYS D 89 -4.29 -9.83 24.71
CA LYS D 89 -3.18 -10.14 23.85
C LYS D 89 -3.40 -9.56 22.50
N ALA D 90 -3.86 -8.31 22.48
CA ALA D 90 -4.08 -7.57 21.22
C ALA D 90 -4.92 -8.31 20.19
N GLY D 91 -5.98 -8.95 20.67
CA GLY D 91 -6.89 -9.58 19.74
C GLY D 91 -6.48 -10.90 19.18
N GLN D 92 -5.43 -11.49 19.76
CA GLN D 92 -4.97 -12.84 19.39
C GLN D 92 -6.13 -13.82 19.36
N MET D 93 -6.22 -14.57 18.26
CA MET D 93 -7.28 -15.57 18.15
C MET D 93 -6.90 -16.78 19.01
N ILE D 94 -7.75 -17.13 19.99
CA ILE D 94 -7.45 -18.16 20.95
C ILE D 94 -7.69 -19.53 20.28
N CYS D 95 -8.81 -19.57 19.58
CA CYS D 95 -9.29 -20.75 18.80
C CYS D 95 -10.34 -20.19 17.81
N GLY D 96 -10.41 -20.67 16.59
CA GLY D 96 -11.48 -20.20 15.71
C GLY D 96 -11.12 -20.29 14.26
N GLN D 97 -11.96 -19.70 13.43
CA GLN D 97 -11.81 -19.89 11.99
C GLN D 97 -11.24 -18.67 11.22
N ALA D 98 -11.01 -17.59 11.95
CA ALA D 98 -10.55 -16.37 11.36
C ALA D 98 -9.08 -16.51 11.01
N THR D 99 -8.69 -15.71 10.06
CA THR D 99 -7.30 -15.57 9.66
C THR D 99 -6.68 -14.21 9.98
N GLU D 100 -7.33 -13.42 10.84
CA GLU D 100 -6.79 -12.13 11.24
C GLU D 100 -7.12 -11.97 12.71
N ASN D 101 -6.22 -11.41 13.47
CA ASN D 101 -6.58 -10.99 14.83
C ASN D 101 -7.65 -9.90 14.88
N LEU D 102 -8.36 -9.80 16.00
CA LEU D 102 -9.40 -8.78 16.12
C LEU D 102 -8.77 -7.41 15.93
N PRO D 103 -9.28 -6.56 14.99
CA PRO D 103 -8.65 -5.22 14.80
C PRO D 103 -8.62 -4.32 16.06
N ARG D 104 -7.47 -3.77 16.40
CA ARG D 104 -7.33 -2.93 17.58
C ARG D 104 -7.63 -1.49 17.17
N VAL D 105 -8.41 -0.79 17.98
CA VAL D 105 -8.67 0.63 17.75
C VAL D 105 -7.56 1.34 18.57
N LEU D 106 -6.72 2.10 17.88
CA LEU D 106 -5.62 2.83 18.47
C LEU D 106 -6.20 4.04 19.23
N LEU D 107 -5.88 4.10 20.51
CA LEU D 107 -6.39 5.12 21.41
C LEU D 107 -5.26 6.04 21.88
N ARG D 108 -5.47 7.35 21.78
CA ARG D 108 -4.55 8.32 22.38
C ARG D 108 -5.13 8.64 23.77
N TYR D 109 -4.29 8.61 24.80
CA TYR D 109 -4.67 9.09 26.10
C TYR D 109 -3.96 10.42 26.35
N ASP D 110 -4.74 11.45 26.70
CA ASP D 110 -4.26 12.79 26.83
C ASP D 110 -4.31 13.09 28.36
N GLU D 111 -3.13 13.11 28.96
CA GLU D 111 -2.93 13.33 30.39
CA GLU D 111 -2.85 13.41 30.38
C GLU D 111 -3.53 14.72 30.83
N ALA D 112 -3.38 15.72 29.99
CA ALA D 112 -3.82 17.10 30.30
C ALA D 112 -5.30 17.22 30.45
N SER D 113 -6.06 16.41 29.70
CA SER D 113 -7.54 16.49 29.62
C SER D 113 -8.24 15.24 30.17
N ASP D 114 -7.47 14.18 30.40
CA ASP D 114 -7.95 12.85 30.69
C ASP D 114 -8.68 12.15 29.53
N ALA D 115 -8.62 12.72 28.33
CA ALA D 115 -9.41 12.26 27.21
C ALA D 115 -8.80 11.04 26.57
N LEU D 116 -9.70 10.16 26.11
CA LEU D 116 -9.34 9.02 25.28
C LEU D 116 -9.93 9.28 23.91
N THR D 117 -9.09 9.24 22.88
CA THR D 117 -9.50 9.48 21.53
C THR D 117 -9.14 8.30 20.61
N ALA D 118 -10.12 7.80 19.85
CA ALA D 118 -9.82 6.79 18.81
C ALA D 118 -9.17 7.51 17.62
N VAL D 119 -8.01 7.06 17.18
CA VAL D 119 -7.28 7.77 16.13
C VAL D 119 -6.82 6.91 14.97
N GLY D 120 -6.98 5.59 15.05
CA GLY D 120 -6.71 4.74 13.90
C GLY D 120 -7.10 3.32 14.21
N VAL D 121 -6.86 2.43 13.25
CA VAL D 121 -7.16 1.03 13.45
C VAL D 121 -5.99 0.18 12.96
N ASP D 122 -5.54 -0.78 13.76
CA ASP D 122 -4.47 -1.72 13.41
C ASP D 122 -5.21 -3.06 13.06
N GLY D 123 -5.28 -3.35 11.77
CA GLY D 123 -5.97 -4.53 11.24
C GLY D 123 -7.05 -4.01 10.35
N LEU D 124 -7.55 -4.87 9.46
CA LEU D 124 -8.64 -4.53 8.56
C LEU D 124 -9.98 -5.04 9.11
N ILE D 125 -10.93 -4.10 9.33
CA ILE D 125 -12.26 -4.38 9.84
C ILE D 125 -13.03 -5.25 8.85
N TYR D 126 -13.82 -6.19 9.36
CA TYR D 126 -14.64 -7.05 8.49
C TYR D 126 -15.43 -6.24 7.47
N GLY D 127 -15.48 -6.74 6.22
CA GLY D 127 -16.56 -6.36 5.31
C GLY D 127 -16.44 -5.01 4.67
N ARG D 128 -15.18 -4.59 4.52
CA ARG D 128 -14.84 -3.33 3.92
C ARG D 128 -13.51 -3.45 3.16
N GLN D 129 -13.45 -2.73 2.06
CA GLN D 129 -12.26 -2.72 1.19
C GLN D 129 -11.12 -1.95 1.89
N ALA D 130 -11.46 -0.96 2.70
CA ALA D 130 -10.50 -0.17 3.46
C ALA D 130 -11.19 0.21 4.76
N ASN D 131 -10.46 0.43 5.85
CA ASN D 131 -11.07 0.83 7.12
C ASN D 131 -11.91 2.12 7.06
N VAL D 132 -11.55 3.01 6.16
CA VAL D 132 -12.25 4.27 5.93
C VAL D 132 -12.90 4.12 4.60
N ILE D 133 -14.23 4.12 4.62
CA ILE D 133 -15.04 3.97 3.47
C ILE D 133 -15.27 5.34 2.84
N ASN E 1 -6.48 -22.23 -67.05
CA ASN E 1 -5.61 -23.45 -67.02
C ASN E 1 -5.17 -23.87 -65.62
N ASP E 2 -4.15 -24.73 -65.56
CA ASP E 2 -4.05 -25.68 -64.48
C ASP E 2 -2.72 -25.66 -63.77
N ARG E 3 -2.04 -24.55 -63.87
CA ARG E 3 -0.81 -24.38 -63.11
C ARG E 3 -0.47 -22.91 -62.98
N ILE E 4 0.46 -22.58 -62.08
CA ILE E 4 0.98 -21.23 -61.98
C ILE E 4 2.51 -21.31 -61.85
N THR E 5 3.13 -20.26 -62.28
CA THR E 5 4.56 -20.06 -62.13
C THR E 5 4.83 -19.42 -60.77
N LEU E 6 5.55 -20.12 -59.91
CA LEU E 6 5.90 -19.61 -58.61
C LEU E 6 7.00 -18.51 -58.69
N PRO E 7 6.93 -17.52 -57.81
CA PRO E 7 8.02 -16.53 -57.78
C PRO E 7 9.29 -17.15 -57.20
N PRO E 8 10.44 -16.87 -57.82
CA PRO E 8 11.72 -17.33 -57.26
C PRO E 8 11.95 -16.78 -55.85
N ALA E 9 12.74 -17.49 -55.06
CA ALA E 9 13.06 -17.01 -53.72
C ALA E 9 13.53 -15.55 -53.73
N ASN E 10 14.36 -15.19 -54.72
CA ASN E 10 14.95 -13.89 -54.79
C ASN E 10 14.18 -12.92 -55.69
N ALA E 11 12.92 -13.21 -56.00
CA ALA E 11 12.10 -12.33 -56.84
C ALA E 11 12.04 -10.91 -56.23
N GLN E 12 11.95 -9.89 -57.07
CA GLN E 12 11.74 -8.53 -56.59
C GLN E 12 10.38 -8.52 -55.90
N ARG E 13 10.30 -7.87 -54.75
CA ARG E 13 9.01 -7.65 -54.07
C ARG E 13 8.78 -6.20 -53.74
N THR E 14 7.65 -5.66 -54.15
CA THR E 14 7.29 -4.34 -53.74
C THR E 14 5.92 -4.31 -53.01
N ASN E 15 5.65 -3.17 -52.37
CA ASN E 15 4.41 -2.98 -51.67
C ASN E 15 3.40 -2.31 -52.60
N MET E 16 2.16 -2.75 -52.50
CA MET E 16 1.04 -2.15 -53.22
C MET E 16 -0.22 -2.15 -52.36
N THR E 17 -0.87 -0.99 -52.17
CA THR E 17 -2.18 -0.94 -51.58
C THR E 17 -3.18 -1.31 -52.69
N CYS E 18 -4.27 -2.02 -52.36
CA CYS E 18 -5.31 -2.25 -53.29
C CYS E 18 -5.70 -0.97 -54.01
N HIS E 19 -5.92 -1.09 -55.32
CA HIS E 19 -6.32 0.02 -56.17
C HIS E 19 -7.64 0.64 -55.82
N PHE E 20 -8.49 -0.13 -55.21
CA PHE E 20 -9.94 0.10 -55.27
C PHE E 20 -10.50 0.63 -53.96
N CYS E 21 -11.19 -0.18 -53.18
CA CYS E 21 -12.00 0.45 -52.12
C CYS E 21 -11.25 1.01 -50.91
N ILE E 22 -12.00 1.80 -50.14
CA ILE E 22 -11.55 2.51 -48.94
C ILE E 22 -10.73 1.68 -47.96
N VAL E 23 -11.02 0.41 -47.84
CA VAL E 23 -10.31 -0.42 -46.87
C VAL E 23 -8.81 -0.38 -47.08
N GLY E 24 -8.33 -0.41 -48.34
CA GLY E 24 -6.96 -0.19 -48.62
C GLY E 24 -6.12 -1.38 -48.13
N CYS E 25 -6.61 -2.57 -48.41
CA CYS E 25 -5.87 -3.78 -48.06
C CYS E 25 -4.44 -3.77 -48.63
N GLY E 26 -3.52 -4.35 -47.90
CA GLY E 26 -2.09 -4.40 -48.29
C GLY E 26 -1.80 -5.65 -49.14
N TYR E 27 -1.09 -5.43 -50.23
CA TYR E 27 -0.58 -6.45 -51.09
C TYR E 27 0.97 -6.34 -51.30
N HIS E 28 1.53 -7.46 -51.77
CA HIS E 28 2.88 -7.53 -52.34
C HIS E 28 2.79 -7.83 -53.82
N VAL E 29 3.65 -7.21 -54.60
CA VAL E 29 3.81 -7.52 -56.03
C VAL E 29 5.17 -8.18 -56.14
N TYR E 30 5.18 -9.39 -56.64
CA TYR E 30 6.39 -10.12 -56.99
C TYR E 30 6.58 -10.02 -58.49
N LYS E 31 7.81 -9.69 -58.90
CA LYS E 31 8.13 -9.45 -60.29
C LYS E 31 9.42 -10.16 -60.61
N TRP E 32 9.44 -10.90 -61.71
CA TRP E 32 10.64 -11.67 -62.03
C TRP E 32 10.64 -12.05 -63.52
N PRO E 33 11.84 -12.34 -64.07
CA PRO E 33 11.93 -12.58 -65.51
C PRO E 33 11.01 -13.72 -65.94
N GLU E 34 10.40 -13.54 -67.11
CA GLU E 34 9.36 -14.47 -67.58
C GLU E 34 9.83 -15.95 -67.54
N LEU E 35 11.06 -16.15 -67.93
CA LEU E 35 11.57 -17.50 -68.10
C LEU E 35 12.17 -18.12 -66.85
N GLN E 36 11.94 -17.51 -65.68
CA GLN E 36 12.38 -18.06 -64.42
C GLN E 36 11.18 -18.45 -63.56
N GLU E 37 11.44 -19.32 -62.59
CA GLU E 37 10.42 -19.70 -61.64
C GLU E 37 11.02 -20.19 -60.34
N GLY E 38 10.22 -20.10 -59.27
CA GLY E 38 10.55 -20.62 -57.97
C GLY E 38 10.32 -22.10 -57.89
N GLY E 39 10.91 -22.73 -56.89
CA GLY E 39 10.77 -24.14 -56.68
C GLY E 39 9.58 -24.37 -55.75
N ARG E 40 9.08 -25.59 -55.73
CA ARG E 40 7.98 -25.96 -54.86
C ARG E 40 8.34 -25.96 -53.35
N ALA E 41 9.62 -26.23 -53.01
CA ALA E 41 10.01 -26.26 -51.59
C ALA E 41 9.89 -24.85 -51.02
N PRO E 42 9.50 -24.71 -49.72
CA PRO E 42 9.08 -23.42 -49.18
C PRO E 42 10.18 -22.40 -49.20
N GLU E 43 11.42 -22.84 -49.02
CA GLU E 43 12.53 -21.89 -49.03
C GLU E 43 13.03 -21.61 -50.45
N GLN E 44 12.42 -22.22 -51.47
CA GLN E 44 12.82 -21.95 -52.84
C GLN E 44 11.82 -21.13 -53.65
N ASN E 45 10.80 -20.58 -52.99
CA ASN E 45 9.92 -19.62 -53.63
C ASN E 45 9.73 -18.44 -52.73
N ALA E 46 9.31 -17.31 -53.29
CA ALA E 46 9.16 -16.13 -52.50
C ALA E 46 8.02 -16.15 -51.52
N LEU E 47 7.02 -17.00 -51.73
CA LEU E 47 5.89 -17.02 -50.83
C LEU E 47 6.21 -17.72 -49.52
N GLY E 48 7.30 -18.48 -49.48
CA GLY E 48 7.62 -19.31 -48.36
C GLY E 48 6.62 -20.43 -48.05
N LEU E 49 5.87 -20.91 -49.07
CA LEU E 49 4.86 -21.97 -48.87
C LEU E 49 5.33 -23.26 -49.50
N ASP E 50 4.92 -24.33 -48.92
CA ASP E 50 5.37 -25.65 -49.36
C ASP E 50 4.43 -26.20 -50.40
N PHE E 51 4.83 -26.08 -51.65
CA PHE E 51 3.97 -26.62 -52.71
C PHE E 51 4.36 -28.03 -53.15
N ARG E 52 5.12 -28.75 -52.33
CA ARG E 52 5.39 -30.16 -52.56
C ARG E 52 4.21 -31.06 -52.18
N LYS E 53 3.26 -30.53 -51.44
CA LYS E 53 2.07 -31.25 -51.06
C LYS E 53 0.95 -30.21 -50.89
N GLN E 54 -0.29 -30.68 -50.82
CA GLN E 54 -1.46 -29.81 -50.68
C GLN E 54 -1.32 -28.78 -49.55
N LEU E 55 -1.61 -27.50 -49.84
CA LEU E 55 -1.61 -26.50 -48.77
C LEU E 55 -2.87 -26.65 -47.96
N PRO E 56 -2.79 -26.42 -46.64
CA PRO E 56 -4.02 -26.34 -45.87
C PRO E 56 -4.84 -25.10 -46.23
N PRO E 57 -6.12 -25.12 -45.87
CA PRO E 57 -6.96 -23.94 -46.04
C PRO E 57 -6.41 -22.77 -45.26
N LEU E 58 -6.65 -21.58 -45.82
CA LEU E 58 -6.26 -20.27 -45.30
C LEU E 58 -4.76 -19.98 -45.39
N ALA E 59 -3.96 -20.87 -46.01
CA ALA E 59 -2.53 -20.64 -46.15
C ALA E 59 -2.20 -19.61 -47.17
N VAL E 60 -3.04 -19.44 -48.17
CA VAL E 60 -2.68 -18.54 -49.29
C VAL E 60 -3.98 -18.11 -49.98
N THR E 61 -3.88 -17.00 -50.70
CA THR E 61 -4.87 -16.61 -51.69
C THR E 61 -4.07 -16.49 -53.02
N LEU E 62 -4.30 -17.43 -53.92
CA LEU E 62 -3.52 -17.53 -55.15
C LEU E 62 -4.33 -18.26 -56.21
N THR E 63 -4.66 -17.53 -57.26
CA THR E 63 -5.28 -18.07 -58.46
C THR E 63 -4.58 -17.49 -59.69
N PRO E 64 -4.87 -18.03 -60.89
CA PRO E 64 -4.30 -17.50 -62.12
C PRO E 64 -4.65 -16.02 -62.38
N ALA E 65 -5.81 -15.57 -61.94
CA ALA E 65 -6.16 -14.15 -62.08
C ALA E 65 -5.24 -13.24 -61.25
N MET E 66 -4.47 -13.80 -60.31
CA MET E 66 -3.56 -13.00 -59.47
C MET E 66 -2.12 -12.97 -60.02
N THR E 67 -1.97 -13.42 -61.28
CA THR E 67 -0.70 -13.47 -61.96
C THR E 67 -0.86 -12.84 -63.31
N ASN E 68 0.27 -12.45 -63.89
CA ASN E 68 0.31 -11.96 -65.26
C ASN E 68 1.75 -11.95 -65.79
N VAL E 69 1.85 -11.67 -67.08
CA VAL E 69 3.18 -11.42 -67.71
C VAL E 69 3.12 -10.08 -68.37
N VAL E 70 3.93 -9.16 -67.90
CA VAL E 70 3.94 -7.78 -68.41
C VAL E 70 5.14 -7.62 -69.35
N THR E 71 5.01 -6.68 -70.28
CA THR E 71 6.07 -6.40 -71.24
C THR E 71 6.46 -4.94 -71.01
N GLU E 72 7.70 -4.72 -70.65
CA GLU E 72 8.18 -3.39 -70.32
C GLU E 72 8.56 -2.60 -71.60
N HIS E 73 8.83 -1.30 -71.45
CA HIS E 73 9.23 -0.48 -72.63
C HIS E 73 10.48 -0.98 -73.33
N ASN E 74 11.38 -1.61 -72.59
CA ASN E 74 12.57 -2.23 -73.22
C ASN E 74 12.31 -3.57 -73.95
N GLY E 75 11.05 -4.00 -74.02
CA GLY E 75 10.65 -5.25 -74.61
C GLY E 75 10.86 -6.49 -73.73
N ARG E 76 11.41 -6.37 -72.53
CA ARG E 76 11.61 -7.54 -71.69
C ARG E 76 10.30 -7.90 -70.96
N ARG E 77 10.09 -9.20 -70.85
CA ARG E 77 8.88 -9.76 -70.25
C ARG E 77 9.10 -10.23 -68.82
N TYR E 78 8.14 -9.93 -67.93
CA TYR E 78 8.24 -10.30 -66.52
C TYR E 78 6.96 -10.92 -66.02
N ASN E 79 7.09 -12.06 -65.35
CA ASN E 79 6.00 -12.56 -64.51
C ASN E 79 5.74 -11.59 -63.42
N ILE E 80 4.45 -11.37 -63.12
CA ILE E 80 4.07 -10.69 -61.89
C ILE E 80 3.07 -11.54 -61.12
N MET E 81 3.04 -11.34 -59.79
CA MET E 81 2.07 -12.02 -58.92
C MET E 81 1.71 -11.01 -57.86
N VAL E 82 0.42 -10.72 -57.72
CA VAL E 82 -0.05 -9.66 -56.81
C VAL E 82 -0.95 -10.34 -55.78
N VAL E 83 -0.45 -10.44 -54.53
CA VAL E 83 -1.12 -11.28 -53.56
C VAL E 83 -1.19 -10.52 -52.23
N PRO E 84 -2.21 -10.81 -51.42
CA PRO E 84 -2.42 -10.02 -50.17
C PRO E 84 -1.32 -10.27 -49.13
N ASP E 85 -1.04 -9.26 -48.31
CA ASP E 85 0.01 -9.28 -47.31
C ASP E 85 -0.55 -9.83 -46.00
N LYS E 86 -0.04 -11.00 -45.54
CA LYS E 86 -0.53 -11.61 -44.34
C LYS E 86 -0.25 -10.79 -43.10
N ALA E 87 0.80 -9.99 -43.14
CA ALA E 87 1.24 -9.25 -41.96
C ALA E 87 0.64 -7.82 -41.96
N CYS E 88 -0.10 -7.41 -42.97
CA CYS E 88 -0.73 -6.08 -42.92
C CYS E 88 -1.92 -6.11 -41.95
N VAL E 89 -1.93 -5.15 -41.05
CA VAL E 89 -3.00 -5.11 -40.03
C VAL E 89 -4.38 -4.81 -40.61
N VAL E 90 -4.45 -4.20 -41.79
CA VAL E 90 -5.79 -3.84 -42.33
C VAL E 90 -6.59 -5.10 -42.67
N ASN E 91 -5.95 -5.97 -43.48
CA ASN E 91 -6.58 -7.15 -44.05
C ASN E 91 -6.09 -8.50 -43.53
N SER E 92 -4.94 -8.54 -42.85
CA SER E 92 -4.40 -9.81 -42.33
C SER E 92 -4.35 -10.92 -43.39
N GLY E 93 -3.95 -10.56 -44.59
CA GLY E 93 -3.83 -11.51 -45.70
C GLY E 93 -5.14 -11.76 -46.49
N LEU E 94 -6.23 -11.06 -46.19
CA LEU E 94 -7.39 -11.17 -47.03
C LEU E 94 -7.27 -10.33 -48.33
N SER E 95 -7.94 -10.84 -49.35
CA SER E 95 -8.12 -10.20 -50.63
C SER E 95 -9.63 -10.28 -51.00
N SER E 96 -10.27 -9.17 -51.37
CA SER E 96 -11.56 -9.24 -51.95
C SER E 96 -11.50 -9.73 -53.41
N THR E 97 -12.67 -10.06 -53.97
CA THR E 97 -12.71 -10.42 -55.40
C THR E 97 -12.26 -9.27 -56.30
N ARG E 98 -12.33 -8.02 -55.81
CA ARG E 98 -11.97 -6.89 -56.63
C ARG E 98 -10.42 -6.66 -56.66
N GLY E 99 -9.80 -6.62 -55.49
CA GLY E 99 -8.35 -6.46 -55.36
C GLY E 99 -7.60 -7.68 -55.88
N GLY E 100 -8.24 -8.83 -55.73
CA GLY E 100 -7.67 -10.09 -56.15
C GLY E 100 -7.45 -10.10 -57.65
N LYS E 101 -8.19 -9.26 -58.40
CA LYS E 101 -8.03 -9.18 -59.84
C LYS E 101 -6.89 -8.23 -60.26
N MET E 102 -6.22 -7.57 -59.31
CA MET E 102 -5.24 -6.56 -59.72
C MET E 102 -4.20 -7.00 -60.76
N ALA E 103 -3.58 -8.16 -60.62
CA ALA E 103 -2.64 -8.57 -61.60
C ALA E 103 -3.23 -8.67 -63.02
N SER E 104 -4.47 -9.17 -63.13
CA SER E 104 -5.16 -9.30 -64.40
C SER E 104 -5.48 -7.95 -65.03
N TYR E 105 -5.65 -6.93 -64.19
CA TYR E 105 -5.98 -5.60 -64.64
C TYR E 105 -4.75 -4.67 -64.78
N MET E 106 -3.55 -5.17 -64.51
CA MET E 106 -2.36 -4.43 -64.92
C MET E 106 -2.24 -4.50 -66.45
N TYR E 107 -1.59 -3.49 -67.02
CA TYR E 107 -1.49 -3.38 -68.47
C TYR E 107 -0.62 -4.48 -69.11
N THR E 108 -1.21 -5.12 -70.12
CA THR E 108 -0.51 -6.02 -71.05
C THR E 108 -1.08 -5.81 -72.40
N PRO E 109 -0.27 -6.00 -73.45
CA PRO E 109 -0.83 -5.74 -74.77
C PRO E 109 -1.84 -6.79 -75.17
N THR E 110 -1.89 -7.96 -74.52
CA THR E 110 -2.82 -9.02 -74.92
C THR E 110 -3.94 -9.38 -73.95
N GLY E 111 -3.90 -8.86 -72.71
CA GLY E 111 -4.86 -9.21 -71.70
C GLY E 111 -5.96 -8.19 -71.52
N ASP E 112 -6.51 -8.15 -70.31
CA ASP E 112 -7.68 -7.32 -70.03
C ASP E 112 -7.43 -5.84 -70.20
N GLY E 113 -6.19 -5.44 -70.10
CA GLY E 113 -5.79 -4.07 -70.35
C GLY E 113 -5.44 -3.67 -71.75
N LYS E 114 -5.71 -4.53 -72.72
CA LYS E 114 -5.22 -4.33 -74.09
C LYS E 114 -5.69 -2.96 -74.59
N GLN E 115 -6.90 -2.57 -74.25
CA GLN E 115 -7.50 -1.34 -74.80
C GLN E 115 -7.20 -0.10 -73.97
N ARG E 116 -6.30 -0.20 -73.01
CA ARG E 116 -5.76 1.01 -72.37
C ARG E 116 -5.36 2.14 -73.35
N LEU E 117 -5.71 3.36 -73.02
CA LEU E 117 -5.20 4.48 -73.78
C LEU E 117 -3.70 4.48 -73.67
N LYS E 118 -3.05 4.51 -74.82
CA LYS E 118 -1.59 4.59 -74.81
C LYS E 118 -0.98 5.64 -75.67
N ALA E 119 -1.79 6.53 -76.23
CA ALA E 119 -1.28 7.70 -76.88
C ALA E 119 -2.42 8.70 -76.82
N PRO E 120 -2.16 9.97 -77.03
CA PRO E 120 -3.29 10.88 -77.20
C PRO E 120 -4.17 10.47 -78.39
N ARG E 121 -5.48 10.65 -78.23
CA ARG E 121 -6.43 10.36 -79.27
C ARG E 121 -7.20 11.65 -79.58
N LEU E 122 -7.43 11.86 -80.86
CA LEU E 122 -8.07 13.12 -81.33
C LEU E 122 -9.22 12.76 -82.24
N TYR E 123 -10.38 13.36 -82.01
CA TYR E 123 -11.54 13.14 -82.92
C TYR E 123 -11.47 14.31 -83.91
N ALA E 124 -10.93 14.04 -85.10
CA ALA E 124 -10.73 15.09 -86.12
C ALA E 124 -11.95 15.18 -87.01
N ALA E 125 -12.99 15.79 -86.42
CA ALA E 125 -14.32 16.01 -87.00
C ALA E 125 -15.19 14.76 -87.28
N ASP E 126 -14.63 13.66 -87.85
CA ASP E 126 -15.48 12.54 -88.16
C ASP E 126 -14.76 11.19 -88.03
N GLN E 127 -13.66 11.18 -87.27
CA GLN E 127 -12.88 9.97 -87.01
C GLN E 127 -11.94 10.19 -85.85
N TRP E 128 -11.72 9.12 -85.09
CA TRP E 128 -10.66 9.06 -84.15
C TRP E 128 -9.33 8.76 -84.80
N VAL E 129 -8.29 9.51 -84.44
CA VAL E 129 -6.91 9.26 -84.84
C VAL E 129 -6.01 9.47 -83.66
N ASP E 130 -4.81 8.89 -83.72
CA ASP E 130 -3.75 9.19 -82.76
C ASP E 130 -3.32 10.60 -82.99
N THR E 131 -2.84 11.28 -81.94
CA THR E 131 -2.08 12.53 -82.10
C THR E 131 -0.92 12.55 -81.14
N THR E 132 0.02 13.47 -81.35
CA THR E 132 1.21 13.54 -80.52
C THR E 132 0.84 14.30 -79.25
N TRP E 133 1.62 14.07 -78.21
CA TRP E 133 1.42 14.78 -76.92
C TRP E 133 1.60 16.28 -77.12
N ASP E 134 2.59 16.65 -77.92
CA ASP E 134 2.85 18.08 -78.12
C ASP E 134 1.70 18.75 -78.81
N HIS E 135 1.10 18.08 -79.82
CA HIS E 135 -0.05 18.67 -80.48
C HIS E 135 -1.29 18.70 -79.57
N ALA E 136 -1.47 17.65 -78.78
CA ALA E 136 -2.60 17.60 -77.84
C ALA E 136 -2.53 18.78 -76.90
N MET E 137 -1.32 19.02 -76.40
CA MET E 137 -1.12 20.13 -75.48
C MET E 137 -1.32 21.47 -76.18
N ALA E 138 -0.71 21.66 -77.37
CA ALA E 138 -0.91 22.88 -78.15
C ALA E 138 -2.43 23.17 -78.35
N LEU E 139 -3.21 22.14 -78.63
CA LEU E 139 -4.66 22.28 -78.80
C LEU E 139 -5.36 22.58 -77.48
N TYR E 140 -5.02 21.79 -76.48
CA TYR E 140 -5.72 21.86 -75.19
C TYR E 140 -5.37 23.17 -74.45
N ALA E 141 -4.09 23.41 -74.30
CA ALA E 141 -3.66 24.64 -73.68
C ALA E 141 -4.10 25.83 -74.53
N GLY E 142 -4.13 25.69 -75.84
CA GLY E 142 -4.53 26.77 -76.71
C GLY E 142 -5.92 27.19 -76.47
N LEU E 143 -6.82 26.20 -76.35
CA LEU E 143 -8.23 26.49 -76.06
C LEU E 143 -8.43 27.07 -74.67
N ILE E 144 -7.76 26.50 -73.68
CA ILE E 144 -7.79 27.07 -72.33
C ILE E 144 -7.25 28.53 -72.31
N LYS E 145 -6.10 28.78 -72.98
CA LYS E 145 -5.55 30.15 -73.04
C LYS E 145 -6.53 31.15 -73.70
N LYS E 146 -7.09 30.73 -74.83
CA LYS E 146 -8.04 31.60 -75.50
C LYS E 146 -9.25 31.93 -74.60
N THR E 147 -9.78 30.89 -73.96
CA THR E 147 -10.85 31.06 -73.00
C THR E 147 -10.44 32.00 -71.85
N LEU E 148 -9.27 31.81 -71.27
CA LEU E 148 -8.83 32.66 -70.14
C LEU E 148 -8.71 34.15 -70.57
N ASP E 149 -8.10 34.32 -71.74
CA ASP E 149 -7.86 35.65 -72.32
C ASP E 149 -9.12 36.38 -72.68
N LYS E 150 -10.15 35.68 -73.12
CA LYS E 150 -11.38 36.30 -73.58
C LYS E 150 -12.53 36.20 -72.60
N ASP E 151 -12.83 35.02 -72.06
CA ASP E 151 -13.96 34.80 -71.12
C ASP E 151 -13.58 34.76 -69.66
N GLY E 152 -12.31 34.59 -69.37
CA GLY E 152 -11.92 34.33 -68.01
C GLY E 152 -12.03 32.85 -67.64
N PRO E 153 -11.66 32.52 -66.40
CA PRO E 153 -11.67 31.10 -65.98
C PRO E 153 -13.06 30.43 -65.95
N GLN E 154 -14.12 31.23 -65.88
CA GLN E 154 -15.50 30.75 -65.85
C GLN E 154 -15.92 30.02 -67.12
N GLY E 155 -15.12 30.09 -68.18
CA GLY E 155 -15.39 29.32 -69.40
C GLY E 155 -14.67 27.94 -69.44
N VAL E 156 -13.88 27.62 -68.42
CA VAL E 156 -13.05 26.39 -68.35
C VAL E 156 -13.59 25.50 -67.21
N PHE E 157 -14.16 24.35 -67.60
CA PHE E 157 -14.92 23.46 -66.74
C PHE E 157 -14.14 22.15 -66.53
N PHE E 158 -14.23 21.60 -65.33
CA PHE E 158 -13.68 20.28 -65.02
C PHE E 158 -14.69 19.43 -64.22
N SER E 159 -14.63 18.13 -64.46
CA SER E 159 -15.12 17.21 -63.46
C SER E 159 -13.97 16.28 -63.17
N CYS E 160 -13.54 16.25 -61.91
CA CYS E 160 -12.30 15.65 -61.57
C CYS E 160 -12.46 14.82 -60.29
N PHE E 161 -11.75 13.68 -60.23
CA PHE E 161 -11.61 12.94 -59.00
C PHE E 161 -11.15 13.88 -57.87
N ASP E 162 -11.63 13.62 -56.63
CA ASP E 162 -11.01 14.20 -55.45
C ASP E 162 -10.56 13.12 -54.47
N HIS E 163 -10.54 11.86 -54.91
CA HIS E 163 -10.39 10.73 -54.01
C HIS E 163 -8.97 10.20 -53.97
N GLY E 164 -8.78 9.10 -53.22
CA GLY E 164 -7.53 8.36 -53.16
C GLY E 164 -7.44 7.13 -54.03
N GLY E 165 -6.41 6.33 -53.78
CA GLY E 165 -6.18 5.09 -54.52
C GLY E 165 -5.94 5.34 -56.00
N ALA E 166 -6.20 4.31 -56.79
CA ALA E 166 -5.96 4.43 -58.22
C ALA E 166 -6.91 5.53 -58.78
N GLY E 167 -6.33 6.41 -59.58
CA GLY E 167 -6.99 7.58 -60.14
C GLY E 167 -7.30 8.63 -59.10
N GLY E 168 -6.44 8.68 -58.11
CA GLY E 168 -6.48 9.69 -57.06
C GLY E 168 -5.17 9.72 -56.33
N GLY E 169 -5.25 10.09 -55.06
CA GLY E 169 -4.08 10.08 -54.19
C GLY E 169 -3.43 11.44 -54.05
N PHE E 170 -2.53 11.53 -53.07
CA PHE E 170 -2.04 12.84 -52.65
C PHE E 170 -1.25 13.61 -53.69
N GLU E 171 -0.51 12.89 -54.53
CA GLU E 171 0.27 13.47 -55.63
C GLU E 171 -0.72 14.00 -56.66
N ASN E 172 -1.71 13.15 -57.00
CA ASN E 172 -2.65 13.43 -58.06
C ASN E 172 -3.69 14.48 -57.73
N THR E 173 -4.27 14.45 -56.54
CA THR E 173 -5.19 15.52 -56.15
C THR E 173 -4.47 16.91 -56.07
N TRP E 174 -3.22 16.92 -55.59
CA TRP E 174 -2.43 18.17 -55.55
C TRP E 174 -2.16 18.71 -56.97
N GLY E 175 -1.73 17.82 -57.85
CA GLY E 175 -1.42 18.23 -59.20
C GLY E 175 -2.59 18.84 -59.90
N THR E 176 -3.73 18.14 -59.89
CA THR E 176 -4.92 18.64 -60.52
C THR E 176 -5.50 19.89 -59.80
N GLY E 177 -5.48 19.88 -58.46
CA GLY E 177 -5.95 20.98 -57.68
C GLY E 177 -5.13 22.25 -57.90
N LYS E 178 -3.82 22.11 -57.93
CA LYS E 178 -2.95 23.25 -58.20
C LYS E 178 -3.25 23.82 -59.59
N LEU E 179 -3.46 22.93 -60.57
CA LEU E 179 -3.77 23.36 -61.91
C LEU E 179 -5.06 24.09 -62.00
N MET E 180 -6.12 23.46 -61.50
CA MET E 180 -7.44 23.98 -61.61
C MET E 180 -7.63 25.24 -60.77
N PHE E 181 -7.10 25.22 -59.55
CA PHE E 181 -7.42 26.29 -58.60
C PHE E 181 -6.37 27.39 -58.45
N SER E 182 -5.10 27.04 -58.45
CA SER E 182 -4.03 28.05 -58.32
C SER E 182 -3.57 28.64 -59.65
N ALA E 183 -3.61 27.86 -60.73
CA ALA E 183 -3.04 28.27 -62.05
C ALA E 183 -4.10 28.77 -63.02
N ILE E 184 -5.05 27.90 -63.39
CA ILE E 184 -6.17 28.34 -64.20
C ILE E 184 -7.15 29.23 -63.39
N GLN E 185 -7.35 28.87 -62.12
CA GLN E 185 -8.17 29.57 -61.17
C GLN E 185 -9.66 29.51 -61.51
N THR E 186 -10.10 28.36 -62.00
CA THR E 186 -11.53 28.19 -62.30
C THR E 186 -12.32 27.66 -61.13
N PRO E 187 -13.49 28.27 -60.85
CA PRO E 187 -14.46 27.72 -59.92
C PRO E 187 -15.45 26.73 -60.54
N MET E 188 -15.30 26.43 -61.85
CA MET E 188 -16.34 25.64 -62.55
C MET E 188 -15.90 24.17 -62.53
N VAL E 189 -15.86 23.63 -61.31
CA VAL E 189 -15.24 22.33 -61.03
C VAL E 189 -16.23 21.57 -60.20
N ARG E 190 -16.55 20.36 -60.68
CA ARG E 190 -17.28 19.42 -59.86
C ARG E 190 -16.31 18.27 -59.61
N ILE E 191 -16.85 17.39 -58.77
CA ILE E 191 -16.13 16.23 -58.26
C ILE E 191 -16.69 15.00 -58.94
N HIS E 192 -15.89 13.94 -58.91
CA HIS E 192 -16.24 12.73 -59.66
C HIS E 192 -17.64 12.23 -59.29
N ASN E 193 -18.03 12.36 -58.02
CA ASN E 193 -19.28 11.74 -57.56
C ASN E 193 -20.38 12.69 -57.18
N ARG E 194 -20.17 13.98 -57.41
CA ARG E 194 -21.18 14.95 -57.05
C ARG E 194 -20.96 16.24 -57.85
N PRO E 195 -22.07 16.90 -58.23
CA PRO E 195 -22.04 17.88 -59.27
C PRO E 195 -21.70 19.32 -58.86
N ALA E 196 -20.97 19.48 -57.77
CA ALA E 196 -20.47 20.78 -57.36
C ALA E 196 -19.20 20.56 -56.56
N TYR E 197 -18.48 21.66 -56.21
CA TYR E 197 -17.35 21.52 -55.35
C TYR E 197 -17.80 21.61 -53.90
N ASN E 198 -18.11 20.47 -53.32
CA ASN E 198 -18.71 20.41 -52.00
C ASN E 198 -18.16 19.19 -51.25
N SER E 199 -18.71 18.94 -50.05
CA SER E 199 -18.34 17.77 -49.20
C SER E 199 -19.55 16.91 -49.00
N GLU E 200 -19.30 15.61 -48.81
CA GLU E 200 -20.31 14.65 -48.45
C GLU E 200 -20.72 14.84 -46.98
N CYS E 201 -19.91 15.58 -46.23
CA CYS E 201 -19.97 15.60 -44.78
C CYS E 201 -20.01 17.01 -44.22
N HIS E 202 -20.69 17.90 -44.90
CA HIS E 202 -20.84 19.25 -44.34
C HIS E 202 -21.32 19.31 -42.91
N ALA E 203 -22.46 18.64 -42.62
CA ALA E 203 -23.03 18.71 -41.29
C ALA E 203 -22.12 18.15 -40.22
N THR E 204 -21.67 16.90 -40.32
CA THR E 204 -20.77 16.40 -39.30
C THR E 204 -19.48 17.26 -39.11
N ARG E 205 -18.90 17.74 -40.21
CA ARG E 205 -17.69 18.63 -40.09
C ARG E 205 -18.00 19.92 -39.34
N GLU E 206 -19.04 20.60 -39.71
CA GLU E 206 -19.46 21.82 -38.98
C GLU E 206 -19.84 21.57 -37.50
N MET E 207 -20.31 20.37 -37.18
CA MET E 207 -20.60 19.97 -35.79
C MET E 207 -19.34 19.68 -35.01
N GLY E 208 -18.18 19.66 -35.68
CA GLY E 208 -16.91 19.47 -35.06
C GLY E 208 -16.32 18.07 -35.24
N ILE E 209 -16.99 17.22 -36.02
CA ILE E 209 -16.60 15.80 -36.13
C ILE E 209 -16.30 15.41 -37.56
N GLY E 210 -15.02 15.38 -37.87
CA GLY E 210 -14.55 14.85 -39.16
C GLY E 210 -14.95 13.36 -39.23
N GLU E 211 -15.27 12.91 -40.45
CA GLU E 211 -16.05 11.69 -40.68
C GLU E 211 -15.19 10.43 -40.56
N LEU E 212 -13.85 10.55 -40.53
CA LEU E 212 -12.99 9.37 -40.28
C LEU E 212 -12.23 9.61 -38.99
N ASN E 213 -12.92 9.32 -37.90
CA ASN E 213 -12.47 9.68 -36.59
C ASN E 213 -12.08 8.53 -35.72
N ASN E 214 -11.97 7.31 -36.25
CA ASN E 214 -11.62 6.16 -35.40
C ASN E 214 -10.61 5.27 -36.09
N ALA E 215 -10.30 4.12 -35.48
CA ALA E 215 -9.46 3.09 -36.10
C ALA E 215 -10.32 1.86 -36.41
N TYR E 216 -9.86 1.03 -37.35
CA TYR E 216 -10.55 -0.24 -37.62
C TYR E 216 -10.54 -1.13 -36.37
N GLU E 217 -9.52 -0.98 -35.51
CA GLU E 217 -9.56 -1.69 -34.23
C GLU E 217 -10.82 -1.35 -33.40
N ASP E 218 -11.42 -0.18 -33.60
CA ASP E 218 -12.56 0.20 -32.78
C ASP E 218 -13.73 -0.69 -33.08
N ALA E 219 -13.79 -1.20 -34.32
CA ALA E 219 -14.85 -2.09 -34.67
C ALA E 219 -14.67 -3.43 -33.95
N GLN E 220 -13.44 -3.72 -33.56
CA GLN E 220 -13.17 -4.90 -32.73
C GLN E 220 -13.56 -4.72 -31.24
N LEU E 221 -13.61 -3.46 -30.79
CA LEU E 221 -13.83 -3.14 -29.37
C LEU E 221 -15.28 -2.79 -29.05
N ALA E 222 -16.11 -2.61 -30.08
CA ALA E 222 -17.47 -2.16 -29.87
C ALA E 222 -18.36 -3.24 -29.21
N ASP E 223 -19.29 -2.75 -28.39
CA ASP E 223 -20.46 -3.60 -27.98
C ASP E 223 -21.46 -3.77 -29.11
N VAL E 224 -21.73 -2.67 -29.81
CA VAL E 224 -22.74 -2.66 -30.86
C VAL E 224 -22.15 -1.89 -32.08
N ILE E 225 -22.42 -2.36 -33.31
CA ILE E 225 -22.08 -1.65 -34.53
C ILE E 225 -23.35 -1.33 -35.25
N TRP E 226 -23.54 -0.03 -35.55
CA TRP E 226 -24.58 0.40 -36.47
C TRP E 226 -23.98 0.49 -37.87
N SER E 227 -24.69 -0.04 -38.85
CA SER E 227 -24.37 0.12 -40.29
C SER E 227 -25.57 0.79 -40.95
N ILE E 228 -25.41 2.05 -41.30
CA ILE E 228 -26.51 2.94 -41.70
C ILE E 228 -26.32 3.32 -43.17
N GLY E 229 -27.26 2.90 -44.00
CA GLY E 229 -27.14 3.17 -45.41
C GLY E 229 -25.87 2.61 -46.01
N ASN E 230 -25.65 1.33 -45.72
CA ASN E 230 -24.36 0.73 -45.92
C ASN E 230 -24.50 -0.79 -46.11
N ASN E 231 -23.71 -1.33 -47.03
CA ASN E 231 -23.76 -2.79 -47.33
C ASN E 231 -22.36 -3.34 -47.35
N PRO E 232 -21.75 -3.38 -46.14
CA PRO E 232 -20.29 -3.41 -46.01
C PRO E 232 -19.67 -4.76 -46.41
N TYR E 233 -20.44 -5.84 -46.42
CA TYR E 233 -19.84 -7.10 -46.92
C TYR E 233 -19.44 -6.90 -48.38
N GLU E 234 -20.30 -6.19 -49.13
CA GLU E 234 -20.08 -5.99 -50.56
C GLU E 234 -19.23 -4.79 -50.85
N SER E 235 -19.29 -3.75 -50.00
CA SER E 235 -18.66 -2.46 -50.33
C SER E 235 -17.44 -2.07 -49.49
N GLN E 236 -17.22 -2.70 -48.35
CA GLN E 236 -16.02 -2.51 -47.52
C GLN E 236 -15.59 -3.88 -46.95
N THR E 237 -15.55 -4.82 -47.87
CA THR E 237 -15.48 -6.25 -47.57
C THR E 237 -14.50 -6.61 -46.50
N ASN E 238 -13.24 -6.25 -46.63
CA ASN E 238 -12.25 -6.77 -45.68
C ASN E 238 -12.23 -6.05 -44.32
N TYR E 239 -12.86 -4.90 -44.23
CA TYR E 239 -13.04 -4.31 -42.95
C TYR E 239 -14.13 -5.11 -42.22
N PHE E 240 -15.22 -5.37 -42.93
CA PHE E 240 -16.32 -6.20 -42.39
C PHE E 240 -15.75 -7.59 -41.98
N LEU E 241 -15.00 -8.19 -42.88
CA LEU E 241 -14.46 -9.55 -42.63
C LEU E 241 -13.40 -9.63 -41.55
N ASN E 242 -12.44 -8.71 -41.58
CA ASN E 242 -11.28 -8.85 -40.74
C ASN E 242 -11.49 -8.23 -39.36
N HIS E 243 -12.44 -7.33 -39.24
CA HIS E 243 -12.65 -6.56 -37.95
C HIS E 243 -14.05 -6.69 -37.33
N TRP E 244 -15.09 -6.52 -38.14
CA TRP E 244 -16.45 -6.67 -37.68
C TRP E 244 -16.78 -8.08 -37.27
N LEU E 245 -16.56 -9.02 -38.15
CA LEU E 245 -17.05 -10.40 -37.89
C LEU E 245 -16.33 -11.07 -36.73
N PRO E 246 -15.02 -10.83 -36.57
CA PRO E 246 -14.33 -11.37 -35.38
C PRO E 246 -14.91 -10.86 -34.07
N ASN E 247 -15.46 -9.64 -34.06
CA ASN E 247 -16.15 -9.12 -32.91
C ASN E 247 -17.50 -9.93 -32.68
N LEU E 248 -18.31 -10.05 -33.73
CA LEU E 248 -19.53 -10.82 -33.67
C LEU E 248 -19.31 -12.28 -33.24
N GLN E 249 -18.21 -12.87 -33.65
CA GLN E 249 -17.87 -14.25 -33.25
C GLN E 249 -17.35 -14.43 -31.82
N GLY E 250 -17.12 -13.37 -31.04
CA GLY E 250 -16.48 -13.52 -29.75
C GLY E 250 -14.93 -13.52 -29.73
N ALA E 251 -14.25 -13.37 -30.88
CA ALA E 251 -12.79 -13.47 -30.92
C ALA E 251 -12.06 -12.23 -30.32
N THR E 252 -12.78 -11.11 -30.07
CA THR E 252 -12.15 -9.89 -29.56
C THR E 252 -12.55 -9.61 -28.12
N THR E 253 -13.36 -10.45 -27.50
CA THR E 253 -13.84 -10.25 -26.16
C THR E 253 -12.68 -10.13 -25.15
N SER E 254 -11.67 -10.98 -25.27
CA SER E 254 -10.51 -10.87 -24.40
CA SER E 254 -10.51 -10.87 -24.39
C SER E 254 -9.79 -9.53 -24.56
N LYS E 255 -9.75 -8.96 -25.77
CA LYS E 255 -9.11 -7.65 -25.97
C LYS E 255 -9.86 -6.55 -25.23
N LYS E 256 -11.19 -6.58 -25.32
CA LYS E 256 -12.02 -5.62 -24.64
C LYS E 256 -11.77 -5.74 -23.11
N LYS E 257 -11.81 -6.97 -22.57
CA LYS E 257 -11.67 -7.17 -21.11
C LYS E 257 -10.30 -6.74 -20.58
N GLU E 258 -9.26 -6.92 -21.40
CA GLU E 258 -7.89 -6.56 -21.04
C GLU E 258 -7.80 -5.05 -20.96
N ARG E 259 -8.42 -4.36 -21.92
CA ARG E 259 -8.43 -2.91 -21.91
C ARG E 259 -9.21 -2.30 -20.80
N PHE E 260 -10.36 -2.91 -20.47
CA PHE E 260 -11.31 -2.33 -19.57
C PHE E 260 -11.66 -3.41 -18.48
N PRO E 261 -10.76 -3.57 -17.48
CA PRO E 261 -10.93 -4.66 -16.51
C PRO E 261 -12.22 -4.61 -15.70
N ASN E 262 -12.86 -3.42 -15.55
CA ASN E 262 -14.06 -3.31 -14.72
C ASN E 262 -15.32 -3.05 -15.49
N GLU E 263 -15.38 -3.53 -16.71
CA GLU E 263 -16.50 -3.24 -17.60
C GLU E 263 -17.06 -4.56 -18.17
N ASN E 264 -18.37 -4.70 -18.17
CA ASN E 264 -19.02 -5.88 -18.76
C ASN E 264 -19.03 -5.70 -20.27
N PHE E 265 -18.82 -6.79 -20.99
CA PHE E 265 -18.91 -6.77 -22.45
C PHE E 265 -19.80 -7.93 -22.84
N PRO E 266 -21.07 -7.65 -23.13
CA PRO E 266 -21.94 -8.75 -23.60
C PRO E 266 -21.57 -9.17 -25.03
N GLN E 267 -22.19 -10.20 -25.53
CA GLN E 267 -21.98 -10.58 -26.92
C GLN E 267 -22.34 -9.40 -27.81
N ALA E 268 -21.47 -9.17 -28.80
CA ALA E 268 -21.59 -8.00 -29.67
C ALA E 268 -22.81 -8.15 -30.56
N ARG E 269 -23.41 -7.01 -30.90
CA ARG E 269 -24.59 -6.98 -31.70
C ARG E 269 -24.48 -5.98 -32.82
N ILE E 270 -25.38 -6.11 -33.80
CA ILE E 270 -25.25 -5.32 -35.02
C ILE E 270 -26.63 -4.87 -35.51
N ILE E 271 -26.72 -3.61 -35.92
CA ILE E 271 -27.96 -2.97 -36.30
C ILE E 271 -27.80 -2.35 -37.68
N PHE E 272 -28.65 -2.76 -38.64
CA PHE E 272 -28.60 -2.20 -39.97
C PHE E 272 -29.76 -1.28 -40.22
N VAL E 273 -29.48 -0.09 -40.69
CA VAL E 273 -30.56 0.81 -41.14
C VAL E 273 -30.47 0.87 -42.67
N ASP E 274 -31.39 0.13 -43.29
CA ASP E 274 -31.38 -0.02 -44.73
C ASP E 274 -32.75 -0.45 -45.13
N PRO E 275 -33.41 0.28 -46.03
CA PRO E 275 -34.70 -0.23 -46.53
C PRO E 275 -34.65 -1.62 -47.13
N ARG E 276 -33.50 -2.05 -47.61
CA ARG E 276 -33.35 -3.30 -48.37
C ARG E 276 -32.67 -4.33 -47.47
N GLU E 277 -33.13 -5.58 -47.57
CA GLU E 277 -32.41 -6.73 -46.97
C GLU E 277 -31.24 -7.18 -47.90
N THR E 278 -30.02 -6.97 -47.42
CA THR E 278 -28.81 -7.10 -48.23
C THR E 278 -28.03 -8.34 -47.84
N PRO E 279 -27.05 -8.68 -48.64
CA PRO E 279 -26.15 -9.74 -48.22
C PRO E 279 -25.45 -9.52 -46.86
N SER E 280 -25.18 -8.27 -46.50
CA SER E 280 -24.58 -7.96 -45.19
C SER E 280 -25.50 -8.38 -44.02
N VAL E 281 -26.80 -8.06 -44.14
CA VAL E 281 -27.78 -8.51 -43.13
C VAL E 281 -27.78 -10.04 -43.03
N ALA E 282 -27.83 -10.72 -44.19
CA ALA E 282 -27.87 -12.19 -44.22
C ALA E 282 -26.64 -12.81 -43.58
N ILE E 283 -25.46 -12.26 -43.87
CA ILE E 283 -24.25 -12.81 -43.36
C ILE E 283 -24.16 -12.50 -41.86
N ALA E 284 -24.55 -11.30 -41.47
CA ALA E 284 -24.52 -10.97 -40.05
C ALA E 284 -25.38 -11.95 -39.24
N ARG E 285 -26.55 -12.27 -39.76
CA ARG E 285 -27.46 -13.23 -39.08
C ARG E 285 -26.85 -14.62 -39.07
N HIS E 286 -26.16 -15.01 -40.15
CA HIS E 286 -25.51 -16.29 -40.21
C HIS E 286 -24.46 -16.41 -39.12
N VAL E 287 -23.66 -15.38 -38.92
CA VAL E 287 -22.57 -15.40 -37.97
C VAL E 287 -23.06 -15.21 -36.53
N ALA E 288 -23.86 -14.17 -36.28
CA ALA E 288 -24.24 -13.78 -34.91
C ALA E 288 -25.54 -14.47 -34.41
N GLY E 289 -26.37 -14.98 -35.33
CA GLY E 289 -27.71 -15.41 -35.05
C GLY E 289 -28.72 -14.30 -35.22
N ASN E 290 -29.99 -14.66 -35.42
CA ASN E 290 -31.04 -13.68 -35.63
C ASN E 290 -31.20 -12.73 -34.47
N ASP E 291 -31.02 -13.26 -33.28
CA ASP E 291 -31.28 -12.50 -32.08
C ASP E 291 -30.26 -11.40 -31.77
N ARG E 292 -29.09 -11.39 -32.44
CA ARG E 292 -28.07 -10.36 -32.28
C ARG E 292 -27.92 -9.36 -33.46
N VAL E 293 -28.84 -9.43 -34.40
CA VAL E 293 -28.94 -8.54 -35.50
C VAL E 293 -30.32 -7.88 -35.48
N LEU E 294 -30.33 -6.56 -35.60
CA LEU E 294 -31.57 -5.86 -35.96
C LEU E 294 -31.46 -5.20 -37.29
N HIS E 295 -32.36 -5.60 -38.20
CA HIS E 295 -32.55 -4.92 -39.45
C HIS E 295 -33.74 -3.96 -39.36
N LEU E 296 -33.44 -2.69 -39.25
CA LEU E 296 -34.42 -1.63 -39.26
C LEU E 296 -34.66 -1.32 -40.73
N ALA E 297 -35.70 -1.94 -41.25
CA ALA E 297 -35.97 -1.89 -42.63
C ALA E 297 -36.86 -0.69 -42.91
N ILE E 298 -36.29 0.47 -42.74
CA ILE E 298 -37.04 1.75 -42.86
C ILE E 298 -37.66 1.98 -44.26
N GLU E 299 -38.75 2.75 -44.31
CA GLU E 299 -39.17 3.30 -45.59
C GLU E 299 -38.04 4.15 -46.19
N PRO E 300 -37.92 4.17 -47.54
CA PRO E 300 -36.84 4.97 -48.15
C PRO E 300 -36.91 6.44 -47.79
N GLY E 301 -35.81 7.04 -47.38
CA GLY E 301 -35.74 8.45 -47.16
C GLY E 301 -36.11 8.88 -45.74
N THR E 302 -36.35 7.92 -44.82
CA THR E 302 -36.91 8.20 -43.50
C THR E 302 -35.91 8.21 -42.37
N ASP E 303 -34.62 8.29 -42.73
CA ASP E 303 -33.55 8.23 -41.77
C ASP E 303 -33.62 9.32 -40.72
N THR E 304 -33.94 10.54 -41.16
CA THR E 304 -34.05 11.63 -40.22
C THR E 304 -35.12 11.38 -39.17
N ALA E 305 -36.31 10.90 -39.58
CA ALA E 305 -37.35 10.48 -38.65
C ALA E 305 -36.86 9.42 -37.67
N LEU E 306 -36.17 8.42 -38.17
CA LEU E 306 -35.59 7.42 -37.30
C LEU E 306 -34.71 7.99 -36.19
N PHE E 307 -33.70 8.80 -36.55
CA PHE E 307 -32.73 9.27 -35.59
C PHE E 307 -33.34 10.26 -34.64
N ASN E 308 -34.31 11.02 -35.11
CA ASN E 308 -34.97 12.02 -34.21
C ASN E 308 -35.80 11.27 -33.14
N GLY E 309 -36.46 10.20 -33.56
CA GLY E 309 -37.21 9.30 -32.67
C GLY E 309 -36.30 8.67 -31.66
N LEU E 310 -35.15 8.18 -32.13
CA LEU E 310 -34.16 7.55 -31.21
C LEU E 310 -33.52 8.58 -30.27
N PHE E 311 -33.21 9.73 -30.79
CA PHE E 311 -32.62 10.80 -29.96
C PHE E 311 -33.56 11.25 -28.87
N THR E 312 -34.82 11.42 -29.24
CA THR E 312 -35.88 11.82 -28.34
C THR E 312 -36.01 10.78 -27.24
N TYR E 313 -35.96 9.52 -27.62
CA TYR E 313 -36.19 8.42 -26.68
C TYR E 313 -35.06 8.28 -25.67
N VAL E 314 -33.82 8.33 -26.16
CA VAL E 314 -32.68 8.21 -25.24
C VAL E 314 -32.66 9.38 -24.25
N VAL E 315 -33.01 10.60 -24.70
CA VAL E 315 -33.12 11.75 -23.79
C VAL E 315 -34.22 11.53 -22.77
N GLU E 316 -35.37 11.10 -23.20
CA GLU E 316 -36.47 10.79 -22.24
C GLU E 316 -36.12 9.71 -21.21
N GLN E 317 -35.44 8.65 -21.64
CA GLN E 317 -34.94 7.63 -20.72
C GLN E 317 -33.71 8.02 -19.90
N GLY E 318 -33.03 9.13 -20.25
CA GLY E 318 -31.76 9.49 -19.61
C GLY E 318 -30.58 8.60 -19.98
N TRP E 319 -30.67 7.92 -21.14
CA TRP E 319 -29.57 7.09 -21.61
C TRP E 319 -28.61 7.96 -22.46
N ILE E 320 -28.12 9.00 -21.81
CA ILE E 320 -27.21 9.97 -22.38
C ILE E 320 -26.17 10.27 -21.34
N ASP E 321 -25.13 10.97 -21.79
CA ASP E 321 -24.01 11.32 -20.94
C ASP E 321 -24.06 12.81 -20.58
N LYS E 322 -24.72 13.11 -19.47
CA LYS E 322 -24.95 14.52 -19.10
C LYS E 322 -23.69 15.30 -18.82
N PRO E 323 -22.73 14.73 -18.06
CA PRO E 323 -21.45 15.42 -17.84
C PRO E 323 -20.68 15.72 -19.12
N PHE E 324 -20.69 14.78 -20.07
CA PHE E 324 -20.09 15.01 -21.36
C PHE E 324 -20.81 16.17 -22.08
N ILE E 325 -22.13 16.10 -22.15
CA ILE E 325 -22.93 17.14 -22.79
C ILE E 325 -22.60 18.52 -22.18
N GLU E 326 -22.55 18.58 -20.87
CA GLU E 326 -22.29 19.82 -20.17
C GLU E 326 -20.90 20.39 -20.42
N ALA E 327 -19.88 19.53 -20.46
CA ALA E 327 -18.50 19.97 -20.56
C ALA E 327 -18.05 20.22 -22.00
N HIS E 328 -18.60 19.48 -22.96
CA HIS E 328 -18.00 19.38 -24.31
C HIS E 328 -18.95 19.66 -25.48
N THR E 329 -20.20 20.09 -25.23
CA THR E 329 -21.15 20.33 -26.30
C THR E 329 -21.85 21.63 -26.18
N LYS E 330 -22.41 22.10 -27.28
CA LYS E 330 -23.30 23.23 -27.33
C LYS E 330 -24.51 22.86 -28.16
N GLY E 331 -25.68 23.34 -27.76
CA GLY E 331 -26.88 23.21 -28.56
C GLY E 331 -27.87 22.11 -28.20
N PHE E 332 -27.57 21.36 -27.12
CA PHE E 332 -28.35 20.14 -26.78
C PHE E 332 -29.80 20.47 -26.49
N ASP E 333 -30.02 21.42 -25.59
CA ASP E 333 -31.37 21.81 -25.20
C ASP E 333 -32.21 22.22 -26.39
N ASP E 334 -31.63 22.96 -27.31
CA ASP E 334 -32.33 23.37 -28.51
C ASP E 334 -32.64 22.16 -29.41
N ALA E 335 -31.73 21.20 -29.49
CA ALA E 335 -31.92 20.06 -30.39
C ALA E 335 -33.01 19.17 -29.84
N VAL E 336 -33.04 19.04 -28.50
CA VAL E 336 -34.11 18.29 -27.83
C VAL E 336 -35.46 18.81 -28.27
N LYS E 337 -35.60 20.14 -28.29
CA LYS E 337 -36.85 20.72 -28.81
C LYS E 337 -37.14 20.55 -30.30
N THR E 338 -36.18 20.94 -31.12
CA THR E 338 -36.41 20.97 -32.55
C THR E 338 -36.61 19.56 -33.09
N ASN E 339 -35.98 18.51 -32.48
CA ASN E 339 -35.99 17.18 -33.03
C ASN E 339 -36.96 16.23 -32.35
N ARG E 340 -37.87 16.76 -31.54
CA ARG E 340 -38.74 15.95 -30.73
C ARG E 340 -39.66 15.15 -31.62
N LEU E 341 -39.66 13.85 -31.45
CA LEU E 341 -40.56 12.96 -32.17
C LEU E 341 -40.83 11.74 -31.32
N SER E 342 -42.11 11.37 -31.19
CA SER E 342 -42.48 10.28 -30.31
C SER E 342 -42.16 8.98 -31.03
N LEU E 343 -42.03 7.92 -30.25
CA LEU E 343 -41.77 6.63 -30.86
C LEU E 343 -42.91 6.16 -31.78
N ASP E 344 -44.17 6.47 -31.47
CA ASP E 344 -45.32 6.08 -32.34
C ASP E 344 -45.26 6.80 -33.66
N GLU E 345 -44.97 8.11 -33.64
CA GLU E 345 -44.83 8.86 -34.87
C GLU E 345 -43.63 8.36 -35.68
N CYS E 346 -42.50 8.23 -35.00
CA CYS E 346 -41.30 7.63 -35.60
C CYS E 346 -41.66 6.30 -36.33
N SER E 347 -42.42 5.44 -35.66
CA SER E 347 -42.79 4.15 -36.19
C SER E 347 -43.74 4.27 -37.38
N ASN E 348 -44.71 5.18 -37.27
CA ASN E 348 -45.54 5.53 -38.43
C ASN E 348 -44.80 6.04 -39.65
N ILE E 349 -43.81 6.90 -39.48
CA ILE E 349 -43.07 7.44 -40.61
C ILE E 349 -42.14 6.36 -41.21
N THR E 350 -41.35 5.73 -40.34
CA THR E 350 -40.36 4.76 -40.83
C THR E 350 -40.88 3.39 -41.20
N GLY E 351 -42.06 3.03 -40.67
CA GLY E 351 -42.56 1.67 -40.72
C GLY E 351 -41.86 0.69 -39.79
N VAL E 352 -40.92 1.12 -38.95
CA VAL E 352 -40.27 0.22 -38.03
C VAL E 352 -41.13 0.13 -36.75
N PRO E 353 -41.41 -1.10 -36.26
CA PRO E 353 -42.29 -1.26 -35.07
C PRO E 353 -41.64 -0.61 -33.85
N VAL E 354 -42.49 -0.04 -32.99
CA VAL E 354 -42.07 0.54 -31.76
C VAL E 354 -41.15 -0.42 -30.98
N ASP E 355 -41.50 -1.71 -30.86
CA ASP E 355 -40.66 -2.65 -30.10
C ASP E 355 -39.21 -2.74 -30.69
N MET E 356 -39.06 -2.74 -32.02
CA MET E 356 -37.72 -2.72 -32.58
CA MET E 356 -37.74 -2.71 -32.60
C MET E 356 -36.95 -1.40 -32.34
N LEU E 357 -37.63 -0.25 -32.36
CA LEU E 357 -37.00 1.00 -32.03
C LEU E 357 -36.47 0.99 -30.59
N LYS E 358 -37.29 0.51 -29.67
CA LYS E 358 -36.90 0.40 -28.27
C LYS E 358 -35.72 -0.55 -28.07
N ARG E 359 -35.78 -1.69 -28.75
CA ARG E 359 -34.71 -2.66 -28.65
C ARG E 359 -33.33 -2.10 -29.17
N ALA E 360 -33.37 -1.37 -30.27
CA ALA E 360 -32.15 -0.75 -30.84
C ALA E 360 -31.54 0.22 -29.84
N ALA E 361 -32.39 1.04 -29.23
CA ALA E 361 -32.00 1.94 -28.19
C ALA E 361 -31.43 1.25 -26.95
N GLU E 362 -32.08 0.18 -26.55
CA GLU E 362 -31.70 -0.58 -25.35
C GLU E 362 -30.34 -1.24 -25.56
N TRP E 363 -30.14 -1.88 -26.70
CA TRP E 363 -28.85 -2.49 -26.98
C TRP E 363 -27.65 -1.48 -27.04
N SER E 364 -27.94 -0.30 -27.56
CA SER E 364 -26.93 0.66 -27.97
C SER E 364 -26.59 1.73 -26.93
N TYR E 365 -27.58 2.14 -26.16
CA TYR E 365 -27.47 3.33 -25.29
C TYR E 365 -27.76 3.14 -23.79
N LYS E 366 -28.57 2.17 -23.42
CA LYS E 366 -28.86 1.92 -22.03
C LYS E 366 -27.61 1.46 -21.32
N PRO E 367 -27.26 2.09 -20.17
CA PRO E 367 -26.01 1.69 -19.52
C PRO E 367 -25.92 0.20 -19.20
N LYS E 368 -24.71 -0.31 -19.27
CA LYS E 368 -24.45 -1.73 -19.01
C LYS E 368 -24.48 -1.93 -17.50
N ALA E 369 -24.58 -3.17 -17.04
CA ALA E 369 -24.71 -3.42 -15.59
C ALA E 369 -23.58 -2.88 -14.75
N SER E 370 -22.38 -2.84 -15.34
CA SER E 370 -21.18 -2.25 -14.66
C SER E 370 -21.14 -0.74 -14.65
N GLY E 371 -22.10 -0.09 -15.31
CA GLY E 371 -22.31 1.36 -15.19
C GLY E 371 -21.98 2.13 -16.45
N GLN E 372 -21.11 1.61 -17.30
CA GLN E 372 -20.67 2.31 -18.49
C GLN E 372 -21.69 2.21 -19.62
N ALA E 373 -21.79 3.25 -20.45
CA ALA E 373 -22.66 3.20 -21.65
C ALA E 373 -22.08 2.16 -22.58
N PRO E 374 -22.92 1.45 -23.33
CA PRO E 374 -22.34 0.58 -24.37
C PRO E 374 -21.37 1.39 -25.30
N ARG E 375 -20.35 0.72 -25.80
CA ARG E 375 -19.49 1.27 -26.89
C ARG E 375 -20.14 0.94 -28.24
N THR E 376 -20.79 1.95 -28.82
CA THR E 376 -21.56 1.82 -30.03
C THR E 376 -20.97 2.59 -31.17
N MET E 377 -20.43 1.87 -32.15
CA MET E 377 -19.79 2.50 -33.30
C MET E 377 -20.86 2.68 -34.33
N HIS E 378 -21.04 3.92 -34.78
CA HIS E 378 -22.01 4.23 -35.81
C HIS E 378 -21.33 4.47 -37.17
N ALA E 379 -21.53 3.55 -38.11
CA ALA E 379 -20.92 3.66 -39.41
C ALA E 379 -22.01 3.92 -40.41
N TYR E 380 -21.76 4.86 -41.31
CA TYR E 380 -22.74 5.19 -42.34
C TYR E 380 -22.08 5.33 -43.70
N GLU E 381 -22.85 5.19 -44.75
CA GLU E 381 -22.35 5.43 -46.11
C GLU E 381 -23.43 5.99 -47.02
N LYS E 382 -23.54 5.52 -48.27
CA LYS E 382 -24.27 6.26 -49.28
C LYS E 382 -25.82 6.18 -49.21
N GLY E 383 -26.33 5.25 -48.45
CA GLY E 383 -27.76 5.21 -48.19
C GLY E 383 -28.27 6.46 -47.50
N ILE E 384 -27.41 7.11 -46.70
CA ILE E 384 -27.75 8.43 -46.13
C ILE E 384 -26.93 9.56 -46.75
N ILE E 385 -25.71 9.31 -47.23
CA ILE E 385 -24.97 10.39 -47.88
C ILE E 385 -25.66 10.85 -49.15
N TRP E 386 -26.08 9.90 -49.97
CA TRP E 386 -26.96 10.16 -51.10
C TRP E 386 -28.47 9.94 -50.77
N GLY E 387 -28.88 10.28 -49.55
CA GLY E 387 -30.21 9.98 -49.04
C GLY E 387 -31.02 11.27 -49.09
N ASN E 388 -32.15 11.24 -48.38
CA ASN E 388 -33.09 12.33 -48.36
C ASN E 388 -32.57 13.48 -47.48
N ASP E 389 -31.79 14.35 -48.10
CA ASP E 389 -31.30 15.62 -47.55
C ASP E 389 -30.10 15.28 -46.67
N ASN E 390 -28.97 15.07 -47.36
CA ASN E 390 -27.70 14.72 -46.74
C ASN E 390 -27.40 15.52 -45.44
N TYR E 391 -27.64 16.82 -45.51
CA TYR E 391 -27.25 17.71 -44.41
C TYR E 391 -28.07 17.42 -43.15
N VAL E 392 -29.36 17.22 -43.36
CA VAL E 392 -30.31 16.99 -42.27
C VAL E 392 -30.10 15.62 -41.64
N ILE E 393 -29.88 14.63 -42.47
CA ILE E 393 -29.76 13.29 -41.90
C ILE E 393 -28.58 13.27 -41.02
N GLN E 394 -27.44 13.74 -41.49
CA GLN E 394 -26.26 13.80 -40.61
C GLN E 394 -26.46 14.64 -39.33
N SER E 395 -27.15 15.76 -39.42
CA SER E 395 -27.50 16.52 -38.21
C SER E 395 -28.21 15.63 -37.18
N ALA E 396 -29.20 14.87 -37.63
CA ALA E 396 -30.02 14.07 -36.75
C ALA E 396 -29.19 12.96 -36.12
N LEU E 397 -28.35 12.32 -36.94
CA LEU E 397 -27.58 11.20 -36.48
C LEU E 397 -26.48 11.65 -35.52
N LEU E 398 -25.77 12.73 -35.87
CA LEU E 398 -24.66 13.12 -35.04
C LEU E 398 -25.22 13.57 -33.73
N ASP E 399 -26.44 14.15 -33.72
CA ASP E 399 -27.09 14.56 -32.43
C ASP E 399 -27.19 13.36 -31.48
N LEU E 400 -27.63 12.24 -32.01
CA LEU E 400 -27.76 11.01 -31.21
C LEU E 400 -26.42 10.53 -30.67
N VAL E 401 -25.42 10.56 -31.53
CA VAL E 401 -24.13 10.10 -31.24
C VAL E 401 -23.46 10.99 -30.14
N ILE E 402 -23.61 12.29 -30.28
CA ILE E 402 -22.94 13.22 -29.38
C ILE E 402 -23.57 13.11 -27.99
N ALA E 403 -24.91 13.04 -27.93
CA ALA E 403 -25.60 12.96 -26.64
C ALA E 403 -25.22 11.68 -25.92
N THR E 404 -24.88 10.64 -26.67
CA THR E 404 -24.54 9.35 -26.08
C THR E 404 -23.05 9.11 -25.96
N HIS E 405 -22.22 10.13 -26.28
CA HIS E 405 -20.80 10.07 -26.10
C HIS E 405 -20.25 8.91 -26.89
N ASN E 406 -20.75 8.71 -28.11
CA ASN E 406 -20.20 7.68 -28.99
C ASN E 406 -19.25 8.19 -30.08
N VAL E 407 -18.46 9.19 -29.68
CA VAL E 407 -17.27 9.64 -30.40
C VAL E 407 -16.18 9.82 -29.37
N GLY E 408 -14.98 9.47 -29.76
CA GLY E 408 -13.83 9.70 -28.92
C GLY E 408 -13.60 8.68 -27.79
N ARG E 409 -14.48 7.68 -27.67
CA ARG E 409 -14.24 6.55 -26.75
CA ARG E 409 -14.26 6.55 -26.77
C ARG E 409 -13.83 5.36 -27.63
N ARG E 410 -12.91 4.52 -27.14
CA ARG E 410 -12.56 3.31 -27.89
C ARG E 410 -13.81 2.42 -28.05
N GLY E 411 -13.88 1.84 -29.24
CA GLY E 411 -15.00 1.00 -29.60
C GLY E 411 -16.16 1.83 -30.09
N THR E 412 -15.95 3.15 -30.31
CA THR E 412 -17.00 4.02 -30.80
C THR E 412 -16.61 4.69 -32.11
N GLY E 413 -17.32 5.77 -32.41
CA GLY E 413 -17.07 6.57 -33.59
C GLY E 413 -18.36 6.78 -34.32
N CYS E 414 -18.49 7.90 -35.01
CA CYS E 414 -19.58 8.06 -35.96
C CYS E 414 -18.83 8.38 -37.27
N VAL E 415 -18.78 7.39 -38.16
CA VAL E 415 -17.78 7.40 -39.22
C VAL E 415 -18.40 7.03 -40.55
N ARG E 416 -17.86 7.64 -41.60
CA ARG E 416 -18.03 7.17 -42.95
C ARG E 416 -17.35 5.84 -43.02
N MET E 417 -18.02 4.93 -43.71
CA MET E 417 -17.36 3.70 -44.18
C MET E 417 -16.39 3.93 -45.35
N GLY E 418 -16.62 4.95 -46.15
CA GLY E 418 -15.78 5.31 -47.25
C GLY E 418 -16.16 4.59 -48.52
N GLY E 419 -15.65 5.10 -49.62
CA GLY E 419 -15.86 4.55 -50.90
C GLY E 419 -14.62 4.13 -51.58
N HIS E 420 -14.01 5.10 -52.23
CA HIS E 420 -12.64 5.05 -52.62
C HIS E 420 -11.77 5.25 -51.37
N GLN E 421 -10.50 4.97 -51.46
CA GLN E 421 -9.51 5.54 -50.51
C GLN E 421 -9.50 7.05 -50.58
N GLU E 422 -8.81 7.67 -49.62
CA GLU E 422 -8.78 9.08 -49.49
C GLU E 422 -7.34 9.52 -49.80
N GLY E 423 -7.21 10.70 -50.37
CA GLY E 423 -5.83 11.19 -50.60
C GLY E 423 -5.86 12.60 -51.10
N TYR E 424 -6.48 13.47 -50.29
CA TYR E 424 -6.75 14.83 -50.70
C TYR E 424 -5.71 15.82 -50.17
N THR E 425 -5.08 16.52 -51.10
CA THR E 425 -4.21 17.72 -50.81
C THR E 425 -4.43 18.72 -51.96
N ARG E 426 -5.10 19.84 -51.66
CA ARG E 426 -5.42 20.84 -52.65
C ARG E 426 -5.37 22.28 -52.09
N PRO E 427 -5.13 23.27 -52.97
CA PRO E 427 -5.47 24.64 -52.64
C PRO E 427 -6.95 24.79 -52.38
N PRO E 428 -7.34 25.87 -51.65
CA PRO E 428 -8.75 26.16 -51.48
C PRO E 428 -9.48 26.38 -52.80
N TYR E 429 -10.73 26.02 -52.83
CA TYR E 429 -11.59 26.21 -53.97
C TYR E 429 -11.72 27.73 -54.18
N PRO E 430 -11.50 28.24 -55.41
CA PRO E 430 -11.38 29.70 -55.60
C PRO E 430 -12.70 30.43 -55.94
N GLY E 431 -13.84 29.94 -55.51
CA GLY E 431 -15.07 30.75 -55.55
C GLY E 431 -15.76 30.73 -54.20
N ASP E 432 -16.89 31.44 -54.09
CA ASP E 432 -17.68 31.41 -52.86
C ASP E 432 -19.11 30.85 -53.00
N LYS E 433 -19.57 30.61 -54.24
CA LYS E 433 -20.90 30.03 -54.50
C LYS E 433 -20.74 28.54 -54.72
N LYS E 434 -21.78 27.78 -54.45
CA LYS E 434 -21.85 26.41 -54.93
C LYS E 434 -22.52 26.44 -56.30
N ILE E 435 -21.90 25.78 -57.24
CA ILE E 435 -22.33 25.83 -58.61
C ILE E 435 -22.63 24.41 -59.03
N TYR E 436 -23.85 24.20 -59.53
CA TYR E 436 -24.33 22.91 -59.99
C TYR E 436 -23.83 22.72 -61.41
N ILE E 437 -22.63 22.15 -61.52
CA ILE E 437 -21.92 22.13 -62.78
C ILE E 437 -22.73 21.47 -63.89
N ASP E 438 -23.29 20.29 -63.63
CA ASP E 438 -24.07 19.62 -64.70
C ASP E 438 -25.12 20.53 -65.31
N GLN E 439 -25.85 21.24 -64.46
CA GLN E 439 -26.93 22.14 -64.89
C GLN E 439 -26.35 23.26 -65.76
N GLU E 440 -25.19 23.80 -65.37
CA GLU E 440 -24.55 24.82 -66.15
C GLU E 440 -24.22 24.32 -67.55
N LEU E 441 -23.62 23.13 -67.63
CA LEU E 441 -23.31 22.51 -68.92
C LEU E 441 -24.52 22.29 -69.77
N ILE E 442 -25.59 21.75 -69.18
CA ILE E 442 -26.86 21.50 -69.86
C ILE E 442 -27.48 22.81 -70.39
N LYS E 443 -27.36 23.86 -69.62
CA LYS E 443 -27.81 25.19 -70.07
C LYS E 443 -26.87 25.87 -71.10
N GLY E 444 -25.78 25.23 -71.53
CA GLY E 444 -24.91 25.80 -72.58
C GLY E 444 -23.72 26.60 -72.14
N LYS E 445 -23.39 26.61 -70.85
CA LYS E 445 -22.20 27.34 -70.39
C LYS E 445 -20.92 26.57 -70.59
N GLY E 446 -19.82 27.32 -70.66
CA GLY E 446 -18.46 26.81 -70.77
C GLY E 446 -18.02 26.55 -72.20
N ARG E 447 -16.72 26.64 -72.42
CA ARG E 447 -16.12 26.41 -73.73
C ARG E 447 -15.49 25.03 -73.84
N ILE E 448 -14.91 24.58 -72.73
CA ILE E 448 -14.14 23.36 -72.68
C ILE E 448 -14.47 22.66 -71.36
N MET E 449 -14.75 21.37 -71.46
CA MET E 449 -15.01 20.58 -70.30
C MET E 449 -14.02 19.41 -70.33
N THR E 450 -13.33 19.20 -69.20
CA THR E 450 -12.44 18.06 -69.02
C THR E 450 -13.01 17.10 -67.98
N TRP E 451 -13.31 15.85 -68.41
CA TRP E 451 -13.49 14.74 -67.46
C TRP E 451 -12.15 14.16 -67.14
N TRP E 452 -11.82 14.15 -65.85
CA TRP E 452 -10.52 13.74 -65.40
C TRP E 452 -10.68 12.60 -64.37
N GLY E 453 -10.44 11.37 -64.80
CA GLY E 453 -10.49 10.25 -63.91
C GLY E 453 -11.87 9.98 -63.38
N CYS E 454 -12.91 10.29 -64.19
CA CYS E 454 -14.29 9.95 -63.86
C CYS E 454 -15.11 9.88 -65.12
N ASN E 455 -16.35 9.41 -65.00
CA ASN E 455 -17.19 9.13 -66.19
C ASN E 455 -18.63 9.40 -65.86
N ASN E 456 -18.97 10.70 -65.91
CA ASN E 456 -20.28 11.12 -65.50
C ASN E 456 -21.38 10.69 -66.49
N PHE E 457 -21.03 10.21 -67.68
CA PHE E 457 -21.99 9.60 -68.58
C PHE E 457 -22.68 8.41 -67.89
N GLN E 458 -21.92 7.68 -67.07
CA GLN E 458 -22.45 6.53 -66.34
C GLN E 458 -22.88 6.83 -64.87
N THR E 459 -22.41 7.95 -64.32
CA THR E 459 -22.48 8.18 -62.91
C THR E 459 -23.10 9.50 -62.42
N SER E 460 -23.45 10.41 -63.33
CA SER E 460 -24.19 11.61 -62.88
C SER E 460 -25.59 11.27 -62.42
N ASN E 461 -26.12 12.09 -61.52
CA ASN E 461 -27.55 12.07 -61.31
C ASN E 461 -28.21 12.72 -62.53
N ASN E 462 -29.44 12.28 -62.86
CA ASN E 462 -30.17 12.83 -64.01
C ASN E 462 -29.25 12.67 -65.23
N ALA E 463 -28.73 11.45 -65.38
CA ALA E 463 -27.62 11.21 -66.32
C ALA E 463 -28.04 11.34 -67.79
N GLN E 464 -29.28 10.99 -68.09
CA GLN E 464 -29.76 11.05 -69.46
C GLN E 464 -29.82 12.50 -69.97
N ALA E 465 -30.27 13.43 -69.13
CA ALA E 465 -30.25 14.84 -69.49
C ALA E 465 -28.80 15.32 -69.72
N LEU E 466 -27.86 14.86 -68.89
CA LEU E 466 -26.47 15.31 -69.03
C LEU E 466 -25.91 14.75 -70.33
N ARG E 467 -26.08 13.44 -70.56
CA ARG E 467 -25.53 12.82 -71.79
C ARG E 467 -26.06 13.44 -73.00
N GLU E 468 -27.37 13.58 -73.05
CA GLU E 468 -27.98 14.21 -74.21
C GLU E 468 -27.39 15.56 -74.53
N ALA E 469 -27.26 16.42 -73.53
CA ALA E 469 -26.74 17.74 -73.76
C ALA E 469 -25.26 17.71 -74.21
N ILE E 470 -24.45 16.86 -73.57
CA ILE E 470 -23.07 16.79 -73.93
C ILE E 470 -22.90 16.22 -75.34
N LEU E 471 -23.67 15.23 -75.71
CA LEU E 471 -23.56 14.68 -77.08
C LEU E 471 -23.92 15.76 -78.12
N GLN E 472 -25.01 16.51 -77.88
CA GLN E 472 -25.40 17.59 -78.78
C GLN E 472 -24.39 18.68 -78.85
N ARG E 473 -23.89 19.14 -77.71
CA ARG E 473 -22.88 20.22 -77.74
C ARG E 473 -21.59 19.79 -78.40
N SER E 474 -21.24 18.52 -78.20
CA SER E 474 -20.04 17.94 -78.76
C SER E 474 -20.12 17.88 -80.26
N ALA E 475 -21.31 17.49 -80.75
CA ALA E 475 -21.56 17.36 -82.17
C ALA E 475 -21.43 18.71 -82.91
N ILE E 476 -21.90 19.79 -82.29
CA ILE E 476 -21.66 21.12 -82.85
C ILE E 476 -20.15 21.35 -83.12
N VAL E 477 -19.28 20.96 -82.18
CA VAL E 477 -17.83 21.17 -82.35
C VAL E 477 -17.31 20.23 -83.50
N LYS E 478 -17.85 19.00 -83.51
CA LYS E 478 -17.46 17.99 -84.54
C LYS E 478 -17.81 18.56 -85.94
N GLN E 479 -19.00 19.11 -86.09
CA GLN E 479 -19.43 19.67 -87.38
C GLN E 479 -18.52 20.83 -87.86
N ALA E 480 -18.11 21.69 -86.94
CA ALA E 480 -17.32 22.87 -87.26
C ALA E 480 -15.94 22.43 -87.65
N MET E 481 -15.41 21.40 -87.00
CA MET E 481 -14.07 20.93 -87.32
C MET E 481 -13.92 20.33 -88.77
N GLN E 482 -15.00 19.86 -89.37
CA GLN E 482 -14.91 19.05 -90.57
C GLN E 482 -14.67 19.86 -91.80
N LYS E 483 -14.88 21.16 -91.65
CA LYS E 483 -14.66 22.12 -92.70
C LYS E 483 -13.21 22.48 -92.86
N ALA E 484 -12.39 22.24 -91.84
CA ALA E 484 -10.99 22.65 -91.87
C ALA E 484 -10.15 21.79 -92.85
N ARG E 485 -9.16 22.39 -93.49
CA ARG E 485 -8.28 21.70 -94.43
C ARG E 485 -6.97 22.33 -94.24
N GLY E 486 -6.02 21.58 -93.72
CA GLY E 486 -4.67 22.09 -93.59
C GLY E 486 -4.53 23.16 -92.52
N ALA E 487 -5.41 23.14 -91.51
CA ALA E 487 -5.42 24.22 -90.48
C ALA E 487 -4.24 24.05 -89.57
N THR E 488 -3.59 25.17 -89.26
CA THR E 488 -2.59 25.16 -88.22
C THR E 488 -3.29 24.91 -86.87
N THR E 489 -2.51 24.67 -85.82
CA THR E 489 -3.09 24.42 -84.52
C THR E 489 -3.86 25.66 -84.07
N GLU E 490 -3.26 26.82 -84.25
CA GLU E 490 -3.94 28.09 -83.85
C GLU E 490 -5.25 28.24 -84.61
N GLU E 491 -5.28 27.88 -85.90
CA GLU E 491 -6.48 28.00 -86.67
C GLU E 491 -7.59 27.06 -86.16
N MET E 492 -7.17 25.86 -85.76
CA MET E 492 -8.11 24.87 -85.27
C MET E 492 -8.66 25.32 -83.89
N VAL E 493 -7.80 25.88 -83.04
CA VAL E 493 -8.26 26.46 -81.74
C VAL E 493 -9.37 27.48 -81.96
N ASP E 494 -9.16 28.38 -82.94
CA ASP E 494 -10.21 29.35 -83.34
C ASP E 494 -11.48 28.78 -83.92
N VAL E 495 -11.37 27.73 -84.74
CA VAL E 495 -12.55 27.03 -85.26
C VAL E 495 -13.39 26.44 -84.10
N ILE E 496 -12.70 25.76 -83.19
CA ILE E 496 -13.35 25.11 -82.07
C ILE E 496 -13.97 26.20 -81.16
N TYR E 497 -13.18 27.20 -80.84
CA TYR E 497 -13.68 28.30 -79.98
C TYR E 497 -14.93 28.95 -80.54
N GLU E 498 -14.95 29.20 -81.83
CA GLU E 498 -16.13 29.72 -82.51
C GLU E 498 -17.32 28.82 -82.41
N ALA E 499 -17.10 27.52 -82.57
CA ALA E 499 -18.18 26.56 -82.47
C ALA E 499 -18.80 26.62 -81.06
N THR E 500 -17.96 26.88 -80.05
CA THR E 500 -18.48 26.97 -78.67
C THR E 500 -19.27 28.28 -78.41
N GLN E 501 -19.14 29.27 -79.30
CA GLN E 501 -20.02 30.43 -79.29
C GLN E 501 -21.38 30.15 -79.85
N ASN E 502 -21.51 29.07 -80.60
CA ASN E 502 -22.79 28.62 -81.12
C ASN E 502 -23.29 27.38 -80.47
N GLY E 503 -23.03 27.23 -79.17
CA GLY E 503 -23.60 26.14 -78.40
C GLY E 503 -22.68 24.94 -78.19
N GLY E 504 -21.52 24.95 -78.83
CA GLY E 504 -20.64 23.81 -78.78
C GLY E 504 -19.89 23.71 -77.47
N LEU E 505 -19.25 22.57 -77.27
CA LEU E 505 -18.43 22.33 -76.09
C LEU E 505 -17.31 21.41 -76.51
N PHE E 506 -16.08 21.83 -76.22
CA PHE E 506 -14.95 20.98 -76.49
C PHE E 506 -14.82 20.07 -75.26
N VAL E 507 -14.60 18.77 -75.48
CA VAL E 507 -14.66 17.78 -74.45
C VAL E 507 -13.34 17.00 -74.47
N THR E 508 -12.68 16.98 -73.33
CA THR E 508 -11.46 16.22 -73.13
C THR E 508 -11.72 15.19 -72.05
N SER E 509 -11.15 13.97 -72.22
CA SER E 509 -11.19 12.95 -71.18
C SER E 509 -9.79 12.53 -70.87
N ILE E 510 -9.44 12.49 -69.58
CA ILE E 510 -8.13 12.04 -69.15
C ILE E 510 -8.35 10.79 -68.31
N ASN E 511 -7.87 9.64 -68.81
CA ASN E 511 -8.40 8.35 -68.42
C ASN E 511 -7.46 7.21 -68.71
N LEU E 512 -7.78 6.08 -68.13
CA LEU E 512 -7.10 4.83 -68.53
C LEU E 512 -7.67 4.22 -69.81
N TYR E 513 -8.95 4.45 -70.11
CA TYR E 513 -9.62 3.78 -71.20
C TYR E 513 -10.50 4.78 -71.94
N PRO E 514 -11.00 4.41 -73.16
CA PRO E 514 -11.91 5.33 -73.90
C PRO E 514 -13.19 5.64 -73.12
N THR E 515 -13.77 4.59 -72.57
CA THR E 515 -15.09 4.63 -71.92
C THR E 515 -16.22 5.13 -72.85
N LYS E 516 -17.46 5.16 -72.35
CA LYS E 516 -18.58 5.79 -73.07
C LYS E 516 -18.32 7.29 -73.35
N LEU E 517 -17.46 7.95 -72.59
CA LEU E 517 -17.13 9.32 -72.89
C LEU E 517 -16.57 9.49 -74.33
N ALA E 518 -15.90 8.48 -74.86
CA ALA E 518 -15.43 8.55 -76.24
C ALA E 518 -16.53 8.85 -77.29
N GLU E 519 -17.81 8.66 -76.92
CA GLU E 519 -18.92 8.97 -77.81
C GLU E 519 -19.03 10.49 -77.99
N ALA E 520 -18.50 11.26 -77.06
CA ALA E 520 -18.59 12.72 -77.13
C ALA E 520 -17.22 13.42 -77.17
N ALA E 521 -16.15 12.76 -76.72
CA ALA E 521 -14.91 13.44 -76.53
C ALA E 521 -14.27 13.82 -77.85
N HIS E 522 -13.50 14.92 -77.82
CA HIS E 522 -12.70 15.32 -78.95
C HIS E 522 -11.21 15.01 -78.73
N LEU E 523 -10.83 14.88 -77.45
CA LEU E 523 -9.48 14.65 -77.08
C LEU E 523 -9.43 13.72 -75.88
N MET E 524 -8.61 12.68 -75.95
CA MET E 524 -8.44 11.76 -74.82
C MET E 524 -6.94 11.59 -74.55
N LEU E 525 -6.54 11.78 -73.28
CA LEU E 525 -5.17 11.64 -72.85
C LEU E 525 -4.99 10.41 -71.95
N PRO E 526 -3.87 9.68 -72.13
CA PRO E 526 -3.62 8.43 -71.40
C PRO E 526 -2.97 8.57 -70.03
N ALA E 527 -3.61 8.01 -69.00
CA ALA E 527 -3.07 8.14 -67.67
C ALA E 527 -2.54 6.81 -67.19
N ALA E 528 -1.87 6.83 -66.05
CA ALA E 528 -1.22 5.68 -65.43
C ALA E 528 -1.78 5.41 -64.04
N HIS E 529 -1.80 4.16 -63.65
CA HIS E 529 -2.36 3.74 -62.37
C HIS E 529 -1.28 3.20 -61.42
N PRO E 530 -1.65 2.97 -60.14
CA PRO E 530 -0.61 2.59 -59.17
C PRO E 530 0.15 1.34 -59.59
N GLY E 531 1.48 1.38 -59.45
CA GLY E 531 2.37 0.33 -59.93
C GLY E 531 3.02 0.69 -61.25
N GLU E 532 2.31 1.44 -62.12
CA GLU E 532 2.92 2.13 -63.23
C GLU E 532 3.51 3.48 -62.74
N MET E 533 3.14 3.86 -61.51
CA MET E 533 3.61 5.04 -60.83
C MET E 533 3.63 4.72 -59.34
N ASN E 534 4.38 5.51 -58.62
CA ASN E 534 4.28 5.59 -57.15
C ASN E 534 3.01 6.30 -56.79
N LEU E 535 2.37 5.92 -55.67
CA LEU E 535 1.18 6.64 -55.26
C LEU E 535 0.93 6.48 -53.77
N THR E 536 0.46 7.55 -53.13
CA THR E 536 0.14 7.57 -51.74
C THR E 536 -1.32 7.88 -51.57
N SER E 537 -1.85 7.30 -50.52
CA SER E 537 -3.29 7.36 -50.12
C SER E 537 -3.49 6.78 -48.74
N MET E 538 -4.64 7.08 -48.14
CA MET E 538 -4.97 6.57 -46.85
C MET E 538 -6.35 5.85 -46.90
N ASN E 539 -6.56 4.95 -45.97
CA ASN E 539 -7.86 4.18 -45.91
C ASN E 539 -8.82 4.80 -44.92
N GLY E 540 -9.90 4.05 -44.55
CA GLY E 540 -10.94 4.58 -43.78
C GLY E 540 -10.63 4.80 -42.30
N GLU E 541 -9.40 4.52 -41.85
CA GLU E 541 -8.89 4.83 -40.50
C GLU E 541 -7.63 5.74 -40.66
N ARG E 542 -7.51 6.41 -41.79
CA ARG E 542 -6.46 7.45 -42.06
C ARG E 542 -5.09 6.85 -42.17
N ARG E 543 -5.01 5.56 -42.54
CA ARG E 543 -3.75 4.89 -42.63
C ARG E 543 -3.08 5.11 -44.01
N ILE E 544 -2.06 5.98 -44.02
CA ILE E 544 -1.35 6.38 -45.26
C ILE E 544 -0.32 5.34 -45.62
N ARG E 545 -0.39 4.83 -46.86
CA ARG E 545 0.64 3.93 -47.37
C ARG E 545 1.18 4.46 -48.71
N LEU E 546 2.37 4.01 -49.06
CA LEU E 546 2.93 4.15 -50.36
C LEU E 546 2.74 2.91 -51.21
N SER E 547 2.12 3.07 -52.36
CA SER E 547 2.10 2.03 -53.38
C SER E 547 3.29 2.25 -54.34
N GLU E 548 4.14 1.23 -54.53
CA GLU E 548 5.41 1.38 -55.26
C GLU E 548 5.29 1.09 -56.73
N LYS E 549 5.98 1.88 -57.53
CA LYS E 549 6.07 1.60 -58.98
C LYS E 549 6.83 0.29 -59.18
N PHE E 550 6.35 -0.56 -60.08
CA PHE E 550 7.11 -1.80 -60.46
C PHE E 550 7.15 -2.10 -61.95
N MET E 551 6.49 -1.30 -62.78
CA MET E 551 6.39 -1.55 -64.20
C MET E 551 6.14 -0.25 -64.95
N ASP E 552 6.32 -0.29 -66.24
CA ASP E 552 6.10 0.87 -67.06
C ASP E 552 4.62 1.04 -67.40
N PRO E 553 4.16 2.27 -67.59
CA PRO E 553 2.83 2.43 -68.18
C PRO E 553 2.78 2.03 -69.65
N PRO E 554 1.56 1.80 -70.18
CA PRO E 554 1.41 1.53 -71.60
C PRO E 554 1.79 2.76 -72.42
N GLY E 555 2.55 2.57 -73.53
CA GLY E 555 2.82 3.68 -74.45
C GLY E 555 3.38 4.91 -73.71
N THR E 556 2.78 6.07 -73.97
CA THR E 556 3.17 7.32 -73.38
C THR E 556 2.21 7.78 -72.26
N ALA E 557 1.47 6.82 -71.67
CA ALA E 557 0.60 7.09 -70.51
C ALA E 557 1.46 7.73 -69.41
N MET E 558 0.85 8.66 -68.67
CA MET E 558 1.51 9.45 -67.67
CA MET E 558 1.51 9.46 -67.68
C MET E 558 0.71 9.56 -66.38
N ALA E 559 1.40 9.66 -65.25
CA ALA E 559 0.72 9.92 -63.99
C ALA E 559 -0.09 11.21 -64.13
N ASP E 560 -1.23 11.27 -63.49
CA ASP E 560 -2.10 12.41 -63.64
C ASP E 560 -1.45 13.74 -63.14
N CYS E 561 -0.73 13.68 -62.04
CA CYS E 561 -0.08 14.91 -61.54
C CYS E 561 0.92 15.43 -62.58
N LEU E 562 1.54 14.52 -63.34
CA LEU E 562 2.50 14.90 -64.39
C LEU E 562 1.83 15.38 -65.66
N ILE E 563 0.60 14.92 -65.92
CA ILE E 563 -0.21 15.46 -66.97
C ILE E 563 -0.62 16.89 -66.59
N ALA E 564 -0.98 17.07 -65.33
CA ALA E 564 -1.33 18.38 -64.89
C ALA E 564 -0.12 19.37 -65.06
N ALA E 565 1.06 18.94 -64.64
CA ALA E 565 2.27 19.75 -64.82
C ALA E 565 2.57 20.00 -66.33
N ARG E 566 2.31 19.03 -67.19
CA ARG E 566 2.51 19.21 -68.63
CA ARG E 566 2.51 19.20 -68.63
C ARG E 566 1.61 20.34 -69.18
N ILE E 567 0.37 20.35 -68.76
CA ILE E 567 -0.62 21.36 -69.14
C ILE E 567 -0.23 22.72 -68.59
N ALA E 568 0.14 22.78 -67.32
CA ALA E 568 0.53 24.02 -66.70
C ALA E 568 1.76 24.60 -67.39
N ASN E 569 2.74 23.76 -67.73
CA ASN E 569 3.98 24.22 -68.38
C ASN E 569 3.77 24.65 -69.84
N ALA E 570 2.81 24.01 -70.52
CA ALA E 570 2.44 24.40 -71.89
C ALA E 570 1.78 25.77 -71.86
N LEU E 571 0.93 25.95 -70.86
CA LEU E 571 0.25 27.25 -70.69
C LEU E 571 1.26 28.33 -70.28
N ARG E 572 2.19 28.01 -69.40
CA ARG E 572 3.22 28.98 -69.00
C ARG E 572 4.06 29.46 -70.22
N ASP E 573 4.53 28.52 -71.02
CA ASP E 573 5.33 28.82 -72.21
C ASP E 573 4.56 29.72 -73.16
N MET E 574 3.27 29.44 -73.36
CA MET E 574 2.41 30.22 -74.24
C MET E 574 2.33 31.66 -73.76
N TYR E 575 2.15 31.82 -72.45
CA TYR E 575 2.03 33.16 -71.89
C TYR E 575 3.37 33.95 -71.92
N GLN E 576 4.47 33.28 -71.63
CA GLN E 576 5.76 33.86 -71.83
C GLN E 576 6.02 34.30 -73.30
N LYS E 577 5.71 33.44 -74.27
CA LYS E 577 5.82 33.82 -75.71
C LYS E 577 4.96 35.02 -76.07
N ASP E 578 3.77 35.05 -75.50
CA ASP E 578 2.81 36.14 -75.69
C ASP E 578 3.13 37.44 -74.91
N GLY E 579 4.24 37.50 -74.20
CA GLY E 579 4.63 38.67 -73.40
C GLY E 579 3.86 38.95 -72.10
N LYS E 580 3.11 37.98 -71.60
CA LYS E 580 2.17 38.19 -70.50
C LYS E 580 2.76 37.59 -69.25
N ALA E 581 3.62 38.36 -68.60
CA ALA E 581 4.43 37.87 -67.49
C ALA E 581 3.59 37.43 -66.27
N GLU E 582 2.57 38.22 -65.94
CA GLU E 582 1.66 37.92 -64.83
C GLU E 582 0.81 36.66 -65.05
N MET E 583 0.32 36.46 -66.26
CA MET E 583 -0.45 35.24 -66.53
C MET E 583 0.51 34.07 -66.48
N ALA E 584 1.71 34.23 -67.02
CA ALA E 584 2.71 33.19 -66.98
C ALA E 584 3.04 32.78 -65.57
N ALA E 585 3.19 33.76 -64.68
CA ALA E 585 3.50 33.49 -63.26
C ALA E 585 2.45 32.64 -62.53
N GLN E 586 1.19 32.70 -62.93
CA GLN E 586 0.16 31.82 -62.35
C GLN E 586 0.42 30.33 -62.60
N PHE E 587 1.24 30.02 -63.62
CA PHE E 587 1.53 28.67 -64.04
C PHE E 587 2.86 28.18 -63.56
N GLU E 588 3.54 28.94 -62.68
CA GLU E 588 4.79 28.49 -62.05
C GLU E 588 4.55 27.36 -61.08
N GLY E 589 5.61 26.66 -60.75
CA GLY E 589 5.57 25.66 -59.69
C GLY E 589 5.13 24.28 -60.14
N PHE E 590 5.26 23.97 -61.45
CA PHE E 590 5.07 22.63 -61.96
C PHE E 590 6.35 22.01 -62.59
N ASP E 591 7.51 22.36 -62.04
CA ASP E 591 8.77 21.80 -62.50
C ASP E 591 8.96 20.39 -61.95
N TRP E 592 8.08 19.44 -62.33
CA TRP E 592 8.04 18.10 -61.74
C TRP E 592 8.51 17.04 -62.71
N LYS E 593 9.47 16.22 -62.31
CA LYS E 593 9.99 15.14 -63.17
C LYS E 593 9.35 13.80 -62.77
N THR E 594 8.97 13.67 -61.50
CA THR E 594 8.34 12.44 -60.99
C THR E 594 7.23 12.78 -60.01
N GLU E 595 6.38 11.80 -59.74
CA GLU E 595 5.19 11.97 -58.92
C GLU E 595 5.56 12.35 -57.50
N GLU E 596 6.71 11.85 -57.01
CA GLU E 596 7.23 12.26 -55.72
C GLU E 596 7.37 13.79 -55.62
N ASP E 597 7.70 14.49 -56.72
CA ASP E 597 7.81 15.96 -56.69
C ASP E 597 6.49 16.63 -56.29
N ALA E 598 5.37 16.03 -56.70
CA ALA E 598 4.03 16.46 -56.37
C ALA E 598 3.68 16.18 -54.90
N PHE E 599 4.11 15.04 -54.37
CA PHE E 599 4.04 14.76 -52.95
C PHE E 599 4.81 15.79 -52.12
N ASN E 600 6.03 16.11 -52.57
CA ASN E 600 6.86 17.13 -51.88
C ASN E 600 6.27 18.50 -51.92
N ASP E 601 5.67 18.85 -53.03
CA ASP E 601 5.14 20.19 -53.21
C ASP E 601 3.77 20.44 -52.54
N GLY E 602 2.97 19.39 -52.31
CA GLY E 602 1.64 19.53 -51.83
C GLY E 602 1.59 19.07 -50.38
N PHE E 603 1.37 17.76 -50.21
CA PHE E 603 1.26 17.12 -48.92
C PHE E 603 2.37 17.55 -47.96
N ARG E 604 3.59 17.53 -48.43
CA ARG E 604 4.71 17.85 -47.56
C ARG E 604 4.91 19.33 -47.25
N ARG E 605 4.21 20.23 -47.94
CA ARG E 605 4.33 21.65 -47.65
C ARG E 605 3.22 22.26 -46.86
N ALA E 606 2.10 21.51 -46.68
CA ALA E 606 0.96 21.98 -45.89
C ALA E 606 1.41 22.49 -44.51
N GLY E 607 1.02 23.72 -44.24
CA GLY E 607 1.33 24.37 -43.00
C GLY E 607 2.76 24.81 -42.86
N GLN E 608 3.61 24.62 -43.87
CA GLN E 608 5.03 24.93 -43.67
C GLN E 608 5.33 26.41 -43.92
N PRO E 609 6.47 26.90 -43.38
CA PRO E 609 6.83 28.29 -43.56
C PRO E 609 6.92 28.64 -45.02
N GLY E 610 6.25 29.71 -45.45
CA GLY E 610 6.29 30.18 -46.84
C GLY E 610 5.42 29.43 -47.85
N ALA E 611 4.68 28.42 -47.39
CA ALA E 611 3.75 27.67 -48.25
C ALA E 611 2.49 28.50 -48.48
N PRO E 612 1.84 28.35 -49.63
CA PRO E 612 0.54 28.98 -49.82
C PRO E 612 -0.54 28.17 -49.03
N ALA E 613 -1.78 28.64 -49.06
CA ALA E 613 -2.87 27.93 -48.35
C ALA E 613 -3.04 26.52 -48.96
N ILE E 614 -3.05 25.50 -48.13
CA ILE E 614 -3.17 24.11 -48.61
C ILE E 614 -4.15 23.38 -47.67
N ASP E 615 -5.23 22.78 -48.21
CA ASP E 615 -6.13 21.87 -47.46
C ASP E 615 -5.62 20.43 -47.67
N SER E 616 -5.14 19.80 -46.61
CA SER E 616 -4.50 18.47 -46.71
C SER E 616 -4.98 17.60 -45.57
N GLN E 617 -5.38 16.37 -45.94
CA GLN E 617 -5.70 15.36 -44.95
C GLN E 617 -4.47 14.95 -44.12
N GLY E 618 -3.28 15.30 -44.55
CA GLY E 618 -2.08 15.09 -43.74
C GLY E 618 -1.86 16.12 -42.65
N GLY E 619 -2.52 17.28 -42.78
CA GLY E 619 -2.32 18.41 -41.89
C GLY E 619 -0.93 19.00 -41.96
N SER E 620 -0.58 19.72 -40.89
CA SER E 620 0.66 20.47 -40.91
C SER E 620 1.88 19.58 -40.56
N THR E 621 1.67 18.36 -40.07
CA THR E 621 2.79 17.42 -39.85
C THR E 621 3.04 16.48 -41.02
N GLY E 622 2.38 16.75 -42.12
CA GLY E 622 2.56 15.96 -43.35
C GLY E 622 4.01 15.89 -43.82
N HIS E 623 4.76 16.98 -43.56
CA HIS E 623 6.17 17.02 -43.95
C HIS E 623 7.01 15.92 -43.33
N LEU E 624 6.57 15.34 -42.21
CA LEU E 624 7.28 14.23 -41.59
C LEU E 624 7.25 12.96 -42.42
N VAL E 625 6.23 12.86 -43.28
CA VAL E 625 6.09 11.70 -44.13
C VAL E 625 6.95 11.90 -45.37
N THR E 626 7.72 10.87 -45.74
CA THR E 626 8.46 10.81 -47.05
C THR E 626 8.28 9.43 -47.66
N TYR E 627 8.51 9.29 -48.96
CA TYR E 627 8.40 8.02 -49.59
C TYR E 627 9.25 7.02 -48.83
N ASP E 628 10.49 7.37 -48.52
CA ASP E 628 11.42 6.39 -47.89
C ASP E 628 10.93 5.94 -46.52
N ARG E 629 10.33 6.86 -45.78
CA ARG E 629 9.85 6.56 -44.44
C ARG E 629 8.59 5.68 -44.55
N LEU E 630 7.70 5.96 -45.50
CA LEU E 630 6.55 5.03 -45.74
C LEU E 630 6.98 3.64 -46.17
N ARG E 631 8.01 3.59 -46.99
CA ARG E 631 8.54 2.34 -47.45
C ARG E 631 8.97 1.50 -46.24
N LYS E 632 9.70 2.11 -45.30
CA LYS E 632 10.17 1.41 -44.14
C LYS E 632 8.97 1.01 -43.24
N SER E 633 7.91 1.81 -43.21
CA SER E 633 6.68 1.43 -42.49
C SER E 633 5.95 0.18 -43.06
N GLY E 634 6.13 -0.09 -44.35
CA GLY E 634 5.45 -1.18 -45.01
C GLY E 634 3.96 -0.93 -45.22
N ASN E 635 3.21 -2.01 -45.47
CA ASN E 635 1.79 -1.87 -45.73
C ASN E 635 0.97 -1.40 -44.49
N ASN E 636 1.57 -1.42 -43.31
CA ASN E 636 0.92 -0.84 -42.11
C ASN E 636 0.96 0.67 -42.05
N GLY E 637 1.94 1.25 -42.73
CA GLY E 637 2.06 2.72 -42.86
C GLY E 637 1.97 3.42 -41.50
N VAL E 638 1.21 4.50 -41.46
CA VAL E 638 0.95 5.24 -40.22
C VAL E 638 -0.43 5.88 -40.30
N GLN E 639 -1.14 5.93 -39.16
CA GLN E 639 -2.41 6.59 -39.09
C GLN E 639 -2.19 8.07 -38.93
N LEU E 640 -2.82 8.86 -39.80
CA LEU E 640 -2.70 10.30 -39.75
C LEU E 640 -3.59 10.89 -38.65
N PRO E 641 -3.22 12.04 -38.07
CA PRO E 641 -1.95 12.77 -38.34
C PRO E 641 -0.73 12.16 -37.68
N VAL E 642 0.40 12.31 -38.34
CA VAL E 642 1.65 11.94 -37.76
C VAL E 642 1.91 12.88 -36.54
N VAL E 643 2.34 12.27 -35.47
CA VAL E 643 2.65 12.96 -34.22
C VAL E 643 4.16 13.21 -34.14
N SER E 644 4.98 12.26 -34.60
CA SER E 644 6.45 12.34 -34.44
C SER E 644 7.10 11.40 -35.44
N TRP E 645 8.34 11.74 -35.77
CA TRP E 645 9.20 10.87 -36.51
C TRP E 645 10.61 10.99 -35.93
N ASP E 646 11.29 9.89 -35.77
CA ASP E 646 12.75 9.89 -35.72
C ASP E 646 13.21 8.53 -36.24
N GLU E 647 14.51 8.43 -36.49
CA GLU E 647 15.08 7.19 -37.06
C GLU E 647 14.82 5.95 -36.20
N SER E 648 14.75 6.11 -34.88
CA SER E 648 14.58 4.99 -33.95
C SER E 648 13.19 4.46 -33.85
N LYS E 649 12.17 5.32 -33.86
CA LYS E 649 10.77 4.86 -33.76
C LYS E 649 9.92 4.90 -35.02
N GLY E 650 10.44 5.48 -36.10
CA GLY E 650 9.69 5.61 -37.31
C GLY E 650 8.62 6.64 -37.16
N LEU E 651 7.67 6.61 -38.09
CA LEU E 651 6.48 7.46 -38.07
C LEU E 651 5.52 6.98 -36.95
N VAL E 652 5.16 7.89 -36.06
CA VAL E 652 4.18 7.57 -35.00
C VAL E 652 2.89 8.39 -35.27
N GLY E 653 1.73 7.73 -35.28
CA GLY E 653 0.50 8.41 -35.62
C GLY E 653 -0.60 8.47 -34.59
N THR E 654 -1.84 8.51 -35.08
CA THR E 654 -2.98 8.79 -34.26
C THR E 654 -4.07 7.75 -34.50
N GLU E 655 -4.43 7.04 -33.45
CA GLU E 655 -5.44 5.97 -33.55
C GLU E 655 -6.85 6.46 -33.68
N MET E 656 -7.23 7.38 -32.80
CA MET E 656 -8.60 7.83 -32.69
C MET E 656 -8.61 9.35 -32.47
N LEU E 657 -9.57 10.00 -33.08
CA LEU E 657 -9.75 11.41 -32.85
C LEU E 657 -10.78 11.68 -31.73
N TYR E 658 -10.63 12.87 -31.14
CA TYR E 658 -11.56 13.44 -30.22
C TYR E 658 -11.58 12.74 -28.87
N THR E 659 -10.51 12.08 -28.50
CA THR E 659 -10.45 11.31 -27.26
C THR E 659 -10.36 12.19 -25.97
N GLU E 660 -10.09 13.49 -26.09
CA GLU E 660 -10.15 14.43 -24.95
C GLU E 660 -11.39 15.32 -24.98
N GLY E 661 -12.34 15.06 -25.87
CA GLY E 661 -13.52 15.89 -25.99
C GLY E 661 -13.33 17.27 -26.58
N LYS E 662 -12.21 17.48 -27.28
CA LYS E 662 -11.94 18.72 -28.01
C LYS E 662 -12.22 18.44 -29.47
N PHE E 663 -13.17 19.19 -30.03
CA PHE E 663 -13.68 18.99 -31.36
C PHE E 663 -13.21 20.10 -32.31
N ASP E 664 -13.43 19.90 -33.61
CA ASP E 664 -12.93 20.82 -34.62
C ASP E 664 -13.93 21.90 -34.86
N THR E 665 -14.13 22.77 -33.87
CA THR E 665 -15.00 23.97 -33.96
C THR E 665 -14.28 25.13 -33.24
N ASP E 666 -14.83 26.34 -33.40
CA ASP E 666 -14.35 27.55 -32.72
C ASP E 666 -14.09 27.40 -31.20
N ASP E 667 -15.02 26.76 -30.50
CA ASP E 667 -14.93 26.70 -29.05
C ASP E 667 -14.42 25.36 -28.57
N GLY E 668 -13.94 24.47 -29.47
CA GLY E 668 -13.56 23.12 -29.08
C GLY E 668 -14.72 22.20 -28.68
N LYS E 669 -15.96 22.66 -28.80
CA LYS E 669 -17.10 21.81 -28.40
C LYS E 669 -17.80 21.23 -29.63
N ALA E 670 -18.47 20.08 -29.47
CA ALA E 670 -19.32 19.49 -30.53
C ALA E 670 -20.58 20.23 -30.52
N HIS E 671 -21.12 20.56 -31.68
CA HIS E 671 -22.33 21.29 -31.75
C HIS E 671 -23.49 20.46 -32.30
N PHE E 672 -24.55 20.37 -31.52
CA PHE E 672 -25.84 19.81 -31.92
C PHE E 672 -26.48 20.74 -32.92
N LYS E 673 -27.27 20.16 -33.83
CA LYS E 673 -28.01 20.92 -34.85
C LYS E 673 -29.42 20.48 -34.93
N PRO E 674 -30.30 21.38 -35.40
CA PRO E 674 -31.68 20.95 -35.68
C PRO E 674 -31.76 20.01 -36.88
N ALA E 675 -32.70 19.09 -36.84
CA ALA E 675 -32.98 18.21 -37.97
C ALA E 675 -34.46 18.16 -38.24
N PRO E 676 -35.00 19.15 -38.97
CA PRO E 676 -36.41 19.09 -39.31
C PRO E 676 -36.75 17.92 -40.23
N TRP E 677 -37.88 17.25 -39.96
CA TRP E 677 -38.39 16.18 -40.81
C TRP E 677 -39.39 16.80 -41.81
N ASN E 678 -39.07 16.75 -43.11
CA ASN E 678 -39.81 17.44 -44.14
C ASN E 678 -40.44 16.50 -45.11
N GLY E 679 -40.33 15.18 -44.89
CA GLY E 679 -40.78 14.22 -45.87
C GLY E 679 -39.82 14.18 -47.06
N LEU E 680 -40.26 13.55 -48.14
CA LEU E 680 -39.45 13.50 -49.35
C LEU E 680 -39.46 14.83 -50.08
N PRO E 681 -38.38 15.17 -50.80
CA PRO E 681 -38.46 16.41 -51.58
C PRO E 681 -39.56 16.29 -52.61
N ALA E 682 -40.21 17.42 -52.91
CA ALA E 682 -41.30 17.45 -53.88
C ALA E 682 -40.96 16.82 -55.22
N THR E 683 -39.77 17.14 -55.76
CA THR E 683 -39.30 16.58 -57.04
C THR E 683 -39.36 15.00 -57.01
N VAL E 684 -38.94 14.42 -55.90
CA VAL E 684 -38.95 12.97 -55.70
C VAL E 684 -40.37 12.44 -55.45
N GLN E 685 -41.09 13.15 -54.58
CA GLN E 685 -42.48 12.79 -54.25
C GLN E 685 -43.32 12.71 -55.52
N GLN E 686 -43.07 13.60 -56.47
CA GLN E 686 -43.83 13.63 -57.73
C GLN E 686 -43.65 12.35 -58.54
N GLN E 687 -42.41 11.84 -58.57
CA GLN E 687 -42.17 10.57 -59.27
C GLN E 687 -42.88 9.42 -58.50
N LYS E 688 -42.80 9.46 -57.17
CA LYS E 688 -43.37 8.44 -56.37
C LYS E 688 -44.91 8.42 -56.53
N ASP E 689 -45.54 9.58 -56.69
CA ASP E 689 -46.99 9.63 -56.87
C ASP E 689 -47.39 9.10 -58.22
N LYS E 690 -46.54 9.28 -59.22
CA LYS E 690 -46.84 8.93 -60.60
C LYS E 690 -46.50 7.48 -60.93
N TYR E 691 -45.54 6.88 -60.24
CA TYR E 691 -44.99 5.63 -60.72
C TYR E 691 -44.96 4.66 -59.59
N ARG E 692 -44.73 3.39 -59.92
CA ARG E 692 -44.96 2.28 -59.02
C ARG E 692 -43.78 1.83 -58.17
N PHE E 693 -42.56 1.83 -58.68
CA PHE E 693 -41.46 1.14 -57.98
C PHE E 693 -40.44 2.11 -57.43
N TRP E 694 -39.98 1.88 -56.19
CA TRP E 694 -38.80 2.58 -55.65
C TRP E 694 -37.54 2.06 -56.36
N LEU E 695 -36.73 2.95 -56.95
CA LEU E 695 -35.57 2.54 -57.81
C LEU E 695 -34.28 2.67 -57.01
N ASN E 696 -34.22 1.85 -55.99
CA ASN E 696 -33.02 1.77 -55.19
C ASN E 696 -31.87 1.35 -56.12
N ASN E 697 -30.64 1.67 -55.74
CA ASN E 697 -29.50 1.46 -56.58
C ASN E 697 -28.19 1.51 -55.77
N GLY E 698 -27.15 0.88 -56.29
CA GLY E 698 -25.85 0.83 -55.62
C GLY E 698 -24.96 -0.33 -56.11
N ARG E 699 -24.19 -0.85 -55.16
CA ARG E 699 -23.07 -1.71 -55.46
C ARG E 699 -23.38 -3.15 -55.48
N ASN E 700 -22.56 -3.87 -56.24
CA ASN E 700 -22.52 -5.30 -56.24
C ASN E 700 -21.12 -5.66 -55.86
N ASN E 701 -20.96 -6.71 -55.06
CA ASN E 701 -19.65 -7.10 -54.57
C ASN E 701 -18.56 -7.29 -55.66
N GLU E 702 -18.95 -7.94 -56.75
CA GLU E 702 -18.01 -8.33 -57.80
C GLU E 702 -17.62 -7.20 -58.72
N VAL E 703 -18.54 -6.26 -58.98
CA VAL E 703 -18.34 -5.21 -59.97
C VAL E 703 -17.72 -3.99 -59.28
N TRP E 704 -16.63 -3.48 -59.85
CA TRP E 704 -16.06 -2.24 -59.37
C TRP E 704 -16.53 -1.05 -60.19
N GLN E 705 -17.31 -0.20 -59.55
CA GLN E 705 -17.64 1.13 -60.02
C GLN E 705 -18.17 1.05 -61.46
N THR E 706 -17.63 1.87 -62.37
CA THR E 706 -18.10 1.93 -63.78
C THR E 706 -17.62 0.75 -64.63
N ALA E 707 -17.03 -0.27 -64.01
CA ALA E 707 -16.63 -1.49 -64.72
C ALA E 707 -15.60 -1.20 -65.84
N TYR E 708 -14.74 -0.19 -65.60
CA TYR E 708 -13.75 0.22 -66.59
C TYR E 708 -12.75 -0.87 -66.89
N HIS E 709 -12.29 -1.62 -65.90
CA HIS E 709 -11.58 -2.84 -66.15
C HIS E 709 -12.57 -4.05 -66.40
N ASP E 710 -13.60 -4.16 -65.55
CA ASP E 710 -14.50 -5.35 -65.56
C ASP E 710 -15.16 -5.62 -66.89
N GLN E 711 -15.43 -4.56 -67.66
CA GLN E 711 -15.99 -4.68 -69.00
C GLN E 711 -15.17 -5.53 -69.97
N TYR E 712 -13.85 -5.64 -69.74
CA TYR E 712 -12.94 -6.43 -70.57
C TYR E 712 -12.64 -7.83 -70.01
N ASN E 713 -13.12 -8.14 -68.82
CA ASN E 713 -12.80 -9.37 -68.14
C ASN E 713 -13.87 -10.43 -68.52
N SER E 714 -13.44 -11.57 -69.14
CA SER E 714 -14.39 -12.53 -69.66
C SER E 714 -15.29 -13.11 -68.55
N LEU E 715 -14.72 -13.37 -67.39
CA LEU E 715 -15.48 -13.89 -66.25
C LEU E 715 -16.55 -12.91 -65.77
N MET E 716 -16.18 -11.64 -65.70
CA MET E 716 -17.17 -10.65 -65.30
C MET E 716 -18.31 -10.49 -66.30
N GLN E 717 -17.97 -10.53 -67.60
CA GLN E 717 -18.97 -10.34 -68.65
C GLN E 717 -19.91 -11.56 -68.77
N GLU E 718 -19.41 -12.77 -68.47
CA GLU E 718 -20.23 -13.96 -68.37
C GLU E 718 -21.24 -13.83 -67.23
N ARG E 719 -20.74 -13.37 -66.08
CA ARG E 719 -21.53 -13.25 -64.87
C ARG E 719 -22.59 -12.13 -64.94
N TYR E 720 -22.17 -10.95 -65.39
CA TYR E 720 -23.01 -9.74 -65.42
C TYR E 720 -22.93 -9.13 -66.81
N PRO E 721 -23.54 -9.76 -67.82
CA PRO E 721 -23.42 -9.22 -69.18
C PRO E 721 -24.20 -7.90 -69.31
N MET E 722 -25.14 -7.70 -68.39
CA MET E 722 -26.00 -6.51 -68.36
C MET E 722 -26.25 -6.13 -66.89
N ALA E 723 -26.55 -4.85 -66.65
CA ALA E 723 -26.83 -4.36 -65.33
C ALA E 723 -28.12 -5.13 -64.92
N TYR E 724 -28.22 -5.55 -63.66
CA TYR E 724 -29.37 -6.26 -63.19
C TYR E 724 -30.23 -5.40 -62.26
N ILE E 725 -31.50 -5.78 -62.14
CA ILE E 725 -32.46 -5.15 -61.25
C ILE E 725 -33.09 -6.23 -60.43
N GLU E 726 -32.84 -6.20 -59.12
CA GLU E 726 -33.46 -7.11 -58.16
C GLU E 726 -34.91 -6.76 -58.03
N MET E 727 -35.77 -7.73 -58.18
CA MET E 727 -37.18 -7.48 -58.05
C MET E 727 -37.89 -8.50 -57.18
N ASN E 728 -38.94 -8.05 -56.49
CA ASN E 728 -39.76 -8.96 -55.69
C ASN E 728 -40.43 -10.04 -56.58
N PRO E 729 -40.41 -11.36 -56.20
CA PRO E 729 -40.98 -12.39 -57.12
C PRO E 729 -42.45 -12.25 -57.41
N ASP E 730 -43.20 -11.62 -56.51
CA ASP E 730 -44.63 -11.45 -56.73
C ASP E 730 -44.84 -10.33 -57.76
N ASP E 731 -44.02 -9.29 -57.67
CA ASP E 731 -44.08 -8.22 -58.65
C ASP E 731 -43.64 -8.81 -60.01
N CYS E 732 -42.64 -9.71 -60.01
CA CYS E 732 -42.19 -10.36 -61.26
C CYS E 732 -43.36 -11.13 -61.94
N LYS E 733 -44.07 -11.93 -61.15
CA LYS E 733 -45.19 -12.70 -61.69
C LYS E 733 -46.22 -11.80 -62.28
N GLN E 734 -46.51 -10.71 -61.58
CA GLN E 734 -47.47 -9.77 -62.07
C GLN E 734 -47.03 -9.12 -63.40
N LEU E 735 -45.73 -8.83 -63.56
CA LEU E 735 -45.20 -8.28 -64.80
C LEU E 735 -44.81 -9.34 -65.86
N ASP E 736 -45.00 -10.60 -65.50
CA ASP E 736 -44.67 -11.75 -66.34
C ASP E 736 -43.19 -11.75 -66.76
N VAL E 737 -42.34 -11.47 -65.77
CA VAL E 737 -40.88 -11.50 -65.95
C VAL E 737 -40.28 -12.50 -64.99
N THR E 738 -39.18 -13.05 -65.40
CA THR E 738 -38.32 -13.89 -64.58
C THR E 738 -36.82 -13.61 -64.87
N GLY E 739 -35.93 -14.35 -64.21
CA GLY E 739 -34.47 -14.14 -64.36
C GLY E 739 -34.02 -14.14 -65.82
N GLY E 740 -33.30 -13.10 -66.25
CA GLY E 740 -32.80 -13.06 -67.61
C GLY E 740 -33.72 -12.44 -68.64
N ASP E 741 -34.90 -11.98 -68.23
CA ASP E 741 -35.70 -11.12 -69.06
C ASP E 741 -35.12 -9.74 -68.98
N ILE E 742 -35.37 -8.93 -70.00
CA ILE E 742 -34.86 -7.56 -70.05
C ILE E 742 -36.08 -6.69 -69.83
N VAL E 743 -35.91 -5.71 -68.96
CA VAL E 743 -36.90 -4.67 -68.73
C VAL E 743 -36.44 -3.32 -69.03
N GLU E 744 -37.41 -2.49 -69.39
CA GLU E 744 -37.17 -1.04 -69.40
C GLU E 744 -37.61 -0.45 -68.06
N VAL E 745 -36.78 0.41 -67.47
CA VAL E 745 -37.07 1.13 -66.24
C VAL E 745 -37.11 2.61 -66.60
N TYR E 746 -38.15 3.35 -66.18
CA TYR E 746 -38.38 4.69 -66.71
C TYR E 746 -39.22 5.55 -65.80
N ASN E 747 -39.01 6.83 -65.94
CA ASN E 747 -39.83 7.82 -65.26
C ASN E 747 -39.79 9.09 -66.11
N ASP E 748 -40.10 10.25 -65.51
CA ASP E 748 -40.06 11.50 -66.23
C ASP E 748 -38.62 11.89 -66.55
N PHE E 749 -37.65 11.49 -65.73
CA PHE E 749 -36.25 11.85 -65.96
C PHE E 749 -35.50 11.05 -67.03
N GLY E 750 -35.92 9.82 -67.26
CA GLY E 750 -35.23 8.98 -68.19
C GLY E 750 -35.75 7.59 -68.34
N SER E 751 -35.03 6.86 -69.17
CA SER E 751 -35.38 5.48 -69.50
C SER E 751 -34.06 4.71 -69.53
N THR E 752 -34.03 3.53 -68.94
CA THR E 752 -32.87 2.68 -69.03
C THR E 752 -33.31 1.26 -69.04
N PHE E 753 -32.36 0.33 -68.99
CA PHE E 753 -32.65 -1.06 -69.20
C PHE E 753 -31.83 -1.94 -68.28
N ALA E 754 -32.39 -3.08 -67.97
CA ALA E 754 -31.76 -4.03 -67.05
C ALA E 754 -32.24 -5.40 -67.29
N MET E 755 -31.43 -6.38 -66.89
CA MET E 755 -31.89 -7.73 -66.80
C MET E 755 -32.54 -8.04 -65.41
N VAL E 756 -33.68 -8.73 -65.44
CA VAL E 756 -34.45 -9.06 -64.25
C VAL E 756 -33.74 -10.09 -63.41
N TYR E 757 -33.64 -9.80 -62.11
CA TYR E 757 -33.04 -10.69 -61.13
C TYR E 757 -34.03 -10.85 -59.96
N PRO E 758 -34.90 -11.88 -60.03
CA PRO E 758 -35.81 -12.07 -58.92
C PRO E 758 -35.11 -12.35 -57.61
N VAL E 759 -35.49 -11.60 -56.56
CA VAL E 759 -34.88 -11.72 -55.25
C VAL E 759 -36.01 -11.76 -54.17
N ALA E 760 -36.07 -12.84 -53.43
CA ALA E 760 -37.18 -13.04 -52.48
C ALA E 760 -37.25 -11.97 -51.41
N GLU E 761 -36.08 -11.42 -51.05
CA GLU E 761 -35.90 -10.50 -49.97
C GLU E 761 -36.36 -9.10 -50.33
N ILE E 762 -36.45 -8.78 -51.60
CA ILE E 762 -36.91 -7.44 -52.02
C ILE E 762 -38.34 -7.23 -51.67
N LYS E 763 -38.66 -6.05 -51.16
CA LYS E 763 -40.03 -5.75 -50.74
C LYS E 763 -40.88 -5.47 -51.94
N ARG E 764 -42.17 -5.79 -51.86
CA ARG E 764 -43.09 -5.44 -52.96
C ARG E 764 -43.09 -3.93 -53.24
N GLY E 765 -43.10 -3.52 -54.50
CA GLY E 765 -43.00 -2.14 -54.90
C GLY E 765 -41.59 -1.50 -54.76
N GLN E 766 -40.60 -2.31 -54.37
CA GLN E 766 -39.19 -1.86 -54.31
C GLN E 766 -38.36 -2.68 -55.29
N THR E 767 -37.22 -2.12 -55.68
CA THR E 767 -36.25 -2.79 -56.55
C THR E 767 -34.85 -2.33 -56.16
N PHE E 768 -33.84 -3.00 -56.71
CA PHE E 768 -32.51 -2.57 -56.56
C PHE E 768 -31.73 -2.79 -57.86
N MET E 769 -31.18 -1.73 -58.45
CA MET E 769 -30.42 -1.86 -59.71
C MET E 769 -28.96 -1.50 -59.51
N LEU E 770 -28.11 -2.32 -60.10
CA LEU E 770 -26.68 -2.02 -60.22
C LEU E 770 -26.43 -0.64 -60.80
N PHE E 771 -25.70 0.21 -60.07
CA PHE E 771 -25.45 1.57 -60.51
C PHE E 771 -24.24 1.63 -61.50
N GLY E 772 -24.18 2.70 -62.26
CA GLY E 772 -22.92 3.03 -63.01
C GLY E 772 -22.43 2.09 -64.12
N TYR E 773 -23.25 1.13 -64.55
CA TYR E 773 -22.72 0.05 -65.40
C TYR E 773 -22.60 0.39 -66.90
N VAL E 774 -21.83 -0.43 -67.60
CA VAL E 774 -21.57 -0.32 -69.06
C VAL E 774 -22.65 -0.77 -69.99
N ASN E 775 -23.65 -1.47 -69.47
CA ASN E 775 -24.79 -1.89 -70.27
C ASN E 775 -26.05 -1.76 -69.42
N GLY E 776 -26.74 -0.63 -69.57
CA GLY E 776 -27.87 -0.27 -68.77
C GLY E 776 -27.41 0.66 -67.64
N ILE E 777 -27.49 1.97 -67.87
CA ILE E 777 -26.98 2.98 -66.95
C ILE E 777 -28.15 3.36 -66.05
N GLN E 778 -27.98 3.05 -64.77
CA GLN E 778 -29.04 3.31 -63.76
C GLN E 778 -29.41 4.79 -63.57
N GLY E 779 -28.42 5.68 -63.64
CA GLY E 779 -28.64 7.06 -63.27
C GLY E 779 -29.53 7.87 -64.15
N ASP E 780 -29.87 7.34 -65.31
CA ASP E 780 -30.89 7.93 -66.20
C ASP E 780 -32.20 8.28 -65.53
N VAL E 781 -32.58 7.47 -64.54
CA VAL E 781 -33.84 7.67 -63.83
C VAL E 781 -33.69 8.42 -62.47
N THR E 782 -32.48 8.82 -62.09
CA THR E 782 -32.32 9.64 -60.89
C THR E 782 -32.68 11.09 -61.23
N THR E 783 -33.21 11.77 -60.22
CA THR E 783 -33.70 13.16 -60.41
C THR E 783 -32.55 14.14 -60.32
N ASP E 784 -32.90 15.38 -60.63
CA ASP E 784 -31.98 16.47 -60.44
C ASP E 784 -31.92 17.01 -59.02
N TRP E 785 -32.74 16.50 -58.11
CA TRP E 785 -32.83 17.13 -56.79
C TRP E 785 -31.55 16.97 -55.99
N THR E 786 -31.14 18.06 -55.35
CA THR E 786 -30.03 18.01 -54.45
C THR E 786 -30.33 18.78 -53.16
N ASP E 787 -29.61 18.45 -52.09
CA ASP E 787 -29.75 19.20 -50.84
C ASP E 787 -29.12 20.63 -50.90
N ARG E 788 -29.08 21.31 -49.76
CA ARG E 788 -28.66 22.71 -49.73
C ARG E 788 -27.27 22.90 -50.21
N ASN E 789 -26.41 21.89 -50.12
CA ASN E 789 -25.05 21.98 -50.60
C ASN E 789 -24.80 21.30 -51.99
N ILE E 790 -25.88 21.00 -52.73
CA ILE E 790 -25.79 20.35 -54.04
C ILE E 790 -25.31 18.87 -53.90
N ILE E 791 -25.84 18.17 -52.88
CA ILE E 791 -25.62 16.71 -52.71
C ILE E 791 -26.87 15.99 -53.18
N PRO E 792 -26.75 15.18 -54.29
CA PRO E 792 -27.92 14.54 -54.81
C PRO E 792 -28.50 13.45 -53.98
N TYR E 793 -29.84 13.32 -54.07
CA TYR E 793 -30.51 12.18 -53.51
C TYR E 793 -30.51 11.05 -54.54
N TYR E 794 -29.33 10.47 -54.79
CA TYR E 794 -29.25 9.39 -55.80
C TYR E 794 -30.12 8.18 -55.44
N LYS E 795 -30.35 7.93 -54.13
CA LYS E 795 -31.16 6.79 -53.68
C LYS E 795 -32.69 7.07 -53.68
N GLY E 796 -33.07 8.26 -54.18
CA GLY E 796 -34.43 8.75 -54.11
C GLY E 796 -35.05 8.94 -55.45
N THR E 797 -35.66 7.87 -55.96
CA THR E 797 -36.37 7.92 -57.20
C THR E 797 -37.33 6.75 -57.38
N TRP E 798 -38.36 7.00 -58.16
CA TRP E 798 -39.44 6.02 -58.42
C TRP E 798 -39.68 5.97 -59.91
N GLY E 799 -40.06 4.82 -60.42
CA GLY E 799 -40.40 4.64 -61.83
C GLY E 799 -41.22 3.41 -62.16
N ASP E 800 -41.59 3.27 -63.43
CA ASP E 800 -42.32 2.10 -63.88
C ASP E 800 -41.35 1.18 -64.62
N ILE E 801 -41.79 -0.05 -64.74
CA ILE E 801 -41.00 -1.11 -65.35
C ILE E 801 -41.84 -1.82 -66.38
N ARG E 802 -41.26 -2.05 -67.56
CA ARG E 802 -41.96 -2.69 -68.65
C ARG E 802 -41.14 -3.80 -69.24
N LYS E 803 -41.73 -4.95 -69.48
CA LYS E 803 -41.03 -6.08 -70.11
C LYS E 803 -40.64 -5.73 -71.56
N VAL E 804 -39.36 -5.85 -71.90
CA VAL E 804 -38.91 -5.80 -73.29
C VAL E 804 -38.99 -7.19 -73.87
N GLY E 805 -38.43 -8.19 -73.18
CA GLY E 805 -38.31 -9.52 -73.76
C GLY E 805 -37.45 -10.50 -72.99
N SER E 806 -37.51 -11.78 -73.36
CA SER E 806 -36.63 -12.77 -72.73
C SER E 806 -35.34 -12.88 -73.48
N MET E 807 -34.23 -12.66 -72.80
CA MET E 807 -32.89 -12.88 -73.39
C MET E 807 -32.45 -14.33 -73.10
N GLU E 808 -32.69 -15.21 -74.06
CA GLU E 808 -32.43 -16.65 -73.83
CA GLU E 808 -32.45 -16.64 -73.83
C GLU E 808 -30.98 -16.91 -73.46
N GLU E 809 -30.05 -16.17 -74.10
CA GLU E 809 -28.62 -16.31 -73.82
C GLU E 809 -28.30 -16.00 -72.35
N PHE E 810 -28.93 -14.96 -71.80
CA PHE E 810 -28.81 -14.73 -70.35
C PHE E 810 -29.35 -15.88 -69.52
N LYS E 811 -30.53 -16.39 -69.85
CA LYS E 811 -31.06 -17.55 -69.15
C LYS E 811 -30.14 -18.76 -69.23
N ARG E 812 -29.47 -18.91 -70.38
CA ARG E 812 -28.56 -20.04 -70.60
C ARG E 812 -27.26 -19.94 -69.79
N THR E 813 -26.76 -18.73 -69.55
CA THR E 813 -25.37 -18.52 -69.08
C THR E 813 -25.19 -17.84 -67.73
N VAL E 814 -26.18 -17.07 -67.30
CA VAL E 814 -26.13 -16.30 -66.08
C VAL E 814 -26.83 -16.99 -64.93
N SER E 815 -26.18 -17.03 -63.76
CA SER E 815 -26.85 -17.51 -62.56
C SER E 815 -27.80 -16.45 -62.01
N PHE E 816 -29.04 -16.84 -61.71
CA PHE E 816 -29.92 -15.92 -61.04
C PHE E 816 -30.21 -16.44 -59.65
N LYS E 817 -29.29 -17.23 -59.06
CA LYS E 817 -29.48 -17.74 -57.72
C LYS E 817 -29.20 -16.68 -56.69
N SER E 818 -29.59 -16.96 -55.45
CA SER E 818 -29.56 -15.99 -54.38
C SER E 818 -28.12 -15.57 -54.03
N ARG E 819 -27.94 -14.25 -53.95
CA ARG E 819 -26.63 -13.66 -53.58
C ARG E 819 -26.65 -13.39 -52.07
N ARG E 820 -27.72 -13.81 -51.35
CA ARG E 820 -27.77 -13.66 -49.89
C ARG E 820 -27.44 -15.01 -49.25
N PHE E 821 -26.32 -15.11 -48.56
CA PHE E 821 -25.83 -16.41 -48.06
C PHE E 821 -26.77 -16.89 -46.97
N ALA E 822 -27.31 -18.09 -47.10
CA ALA E 822 -28.32 -18.57 -46.08
C ALA E 822 -27.65 -19.34 -44.96
N ARG F 1 6.59 -31.51 -73.32
CA ARG F 1 5.12 -31.64 -73.03
C ARG F 1 4.52 -30.49 -72.26
N THR F 2 3.32 -30.11 -72.68
CA THR F 2 2.66 -28.94 -72.23
C THR F 2 1.51 -29.28 -71.30
N THR F 3 1.07 -30.52 -71.30
CA THR F 3 -0.05 -30.92 -70.45
C THR F 3 0.37 -31.69 -69.20
N LEU F 4 -0.48 -31.62 -68.18
CA LEU F 4 -0.28 -32.41 -67.01
C LEU F 4 -0.72 -33.84 -67.29
N GLN F 5 -0.15 -34.76 -66.56
CA GLN F 5 -0.55 -36.14 -66.67
C GLN F 5 -1.71 -36.45 -65.64
N TYR F 6 -2.96 -36.27 -66.05
CA TYR F 6 -4.06 -36.57 -65.13
C TYR F 6 -4.33 -38.08 -65.07
N PRO F 7 -4.55 -38.64 -63.88
CA PRO F 7 -5.00 -40.05 -63.84
C PRO F 7 -6.41 -40.21 -64.40
N ALA F 8 -6.77 -41.46 -64.71
CA ALA F 8 -8.19 -41.78 -65.11
C ALA F 8 -8.73 -42.51 -63.92
N THR F 9 -9.60 -41.85 -63.15
CA THR F 9 -10.06 -42.39 -61.90
C THR F 9 -11.54 -42.76 -62.00
N GLN F 10 -11.84 -44.03 -61.84
CA GLN F 10 -13.25 -44.52 -61.71
C GLN F 10 -13.98 -43.84 -60.55
N VAL F 11 -15.14 -43.26 -60.82
CA VAL F 11 -16.01 -42.66 -59.80
C VAL F 11 -17.14 -43.63 -59.41
N SER F 12 -18.01 -43.96 -60.35
CA SER F 12 -19.06 -44.97 -60.14
C SER F 12 -19.67 -45.29 -61.49
N VAL F 13 -20.81 -45.97 -61.51
CA VAL F 13 -21.52 -46.12 -62.75
C VAL F 13 -22.63 -45.12 -62.65
N ALA F 14 -23.03 -44.55 -63.78
CA ALA F 14 -24.02 -43.46 -63.80
C ALA F 14 -25.36 -43.88 -63.21
N LYS F 15 -25.81 -45.11 -63.52
CA LYS F 15 -27.11 -45.63 -62.98
C LYS F 15 -27.21 -45.63 -61.44
N ASN F 16 -26.08 -45.74 -60.74
CA ASN F 16 -26.09 -45.79 -59.32
C ASN F 16 -26.26 -44.38 -58.69
N LEU F 17 -26.07 -43.31 -59.42
CA LEU F 17 -26.25 -41.96 -58.83
C LEU F 17 -27.72 -41.59 -58.70
N LYS F 18 -28.16 -41.08 -57.55
CA LYS F 18 -29.58 -40.67 -57.38
C LYS F 18 -29.63 -39.18 -57.68
N ALA F 19 -30.74 -38.70 -58.21
CA ALA F 19 -30.88 -37.30 -58.52
C ALA F 19 -30.64 -36.46 -57.25
N ASN F 20 -29.69 -35.54 -57.41
CA ASN F 20 -29.34 -34.55 -56.38
C ASN F 20 -28.82 -35.10 -55.09
N GLU F 21 -28.21 -36.28 -55.15
CA GLU F 21 -27.53 -36.88 -54.02
C GLU F 21 -26.05 -36.96 -54.35
N PRO F 22 -25.23 -36.03 -53.79
CA PRO F 22 -23.84 -35.89 -54.17
C PRO F 22 -23.00 -37.11 -53.77
N VAL F 23 -22.02 -37.43 -54.59
CA VAL F 23 -21.07 -38.52 -54.29
C VAL F 23 -19.70 -37.88 -54.01
N SER F 24 -19.04 -38.25 -52.92
CA SER F 24 -17.67 -37.75 -52.67
C SER F 24 -16.64 -38.67 -53.29
N PHE F 25 -15.54 -38.09 -53.76
CA PHE F 25 -14.41 -38.87 -54.23
C PHE F 25 -13.19 -37.95 -54.23
N THR F 26 -12.01 -38.51 -54.39
CA THR F 26 -10.83 -37.67 -54.48
C THR F 26 -10.31 -37.73 -55.88
N TYR F 27 -9.84 -36.60 -56.37
CA TYR F 27 -9.24 -36.48 -57.68
C TYR F 27 -8.47 -35.16 -57.79
N PRO F 28 -7.23 -35.13 -58.32
CA PRO F 28 -6.48 -36.27 -58.90
C PRO F 28 -5.62 -37.07 -57.90
N ASP F 29 -5.80 -36.84 -56.60
CA ASP F 29 -5.05 -37.54 -55.55
C ASP F 29 -5.89 -37.40 -54.30
N THR F 30 -5.53 -38.12 -53.25
CA THR F 30 -6.33 -38.18 -52.04
C THR F 30 -6.38 -36.92 -51.22
N SER F 31 -5.55 -35.90 -51.53
CA SER F 31 -5.68 -34.61 -50.86
C SER F 31 -6.63 -33.61 -51.60
N SER F 32 -7.28 -34.01 -52.68
CA SER F 32 -8.12 -33.12 -53.48
C SER F 32 -9.55 -33.67 -53.43
N PRO F 33 -10.37 -33.20 -52.48
CA PRO F 33 -11.73 -33.70 -52.39
C PRO F 33 -12.62 -33.13 -53.47
N CYS F 34 -13.47 -33.99 -54.02
CA CYS F 34 -14.39 -33.62 -55.10
C CYS F 34 -15.81 -34.18 -54.80
N VAL F 35 -16.80 -33.66 -55.54
CA VAL F 35 -18.19 -34.15 -55.51
C VAL F 35 -18.71 -34.29 -56.93
N ALA F 36 -19.39 -35.40 -57.23
CA ALA F 36 -20.16 -35.54 -58.45
C ALA F 36 -21.62 -35.60 -58.06
N VAL F 37 -22.49 -35.04 -58.90
CA VAL F 37 -23.95 -35.07 -58.66
C VAL F 37 -24.70 -35.14 -59.98
N LYS F 38 -25.70 -36.02 -60.00
CA LYS F 38 -26.72 -36.06 -61.04
C LYS F 38 -27.74 -34.98 -60.74
N LEU F 39 -27.76 -33.94 -61.55
CA LEU F 39 -28.59 -32.77 -61.23
C LEU F 39 -30.09 -33.02 -61.46
N GLY F 40 -30.44 -33.90 -62.40
CA GLY F 40 -31.86 -34.23 -62.67
C GLY F 40 -32.45 -33.54 -63.87
N SER F 41 -31.87 -32.42 -64.32
CA SER F 41 -32.14 -31.85 -65.64
C SER F 41 -30.82 -31.51 -66.30
N PRO F 42 -30.78 -31.56 -67.64
CA PRO F 42 -29.59 -31.23 -68.45
C PRO F 42 -28.97 -29.88 -68.15
N VAL F 43 -27.67 -29.85 -68.10
CA VAL F 43 -26.94 -28.62 -68.04
C VAL F 43 -25.86 -28.76 -69.12
N PRO F 44 -25.42 -27.62 -69.67
CA PRO F 44 -24.34 -27.73 -70.69
C PRO F 44 -23.10 -28.43 -70.14
N GLY F 45 -22.52 -29.35 -70.92
CA GLY F 45 -21.39 -30.12 -70.39
C GLY F 45 -21.71 -31.14 -69.29
N GLY F 46 -23.00 -31.31 -68.92
CA GLY F 46 -23.44 -32.48 -68.16
C GLY F 46 -23.20 -33.75 -68.94
N VAL F 47 -22.81 -34.82 -68.27
CA VAL F 47 -22.67 -36.11 -68.95
C VAL F 47 -23.71 -37.13 -68.39
N GLY F 48 -23.74 -38.30 -69.03
CA GLY F 48 -24.63 -39.35 -68.64
C GLY F 48 -25.80 -39.39 -69.58
N PRO F 49 -26.71 -40.37 -69.35
CA PRO F 49 -27.92 -40.55 -70.15
C PRO F 49 -28.76 -39.29 -70.21
N ASN F 50 -28.83 -38.53 -69.11
CA ASN F 50 -29.63 -37.32 -69.11
C ASN F 50 -28.82 -36.01 -69.19
N ASN F 51 -27.53 -36.08 -69.55
CA ASN F 51 -26.66 -34.88 -69.68
C ASN F 51 -26.65 -33.96 -68.49
N ASP F 52 -26.70 -34.58 -67.31
CA ASP F 52 -26.92 -33.86 -66.06
C ASP F 52 -25.96 -34.19 -64.95
N ILE F 53 -24.98 -35.05 -65.18
CA ILE F 53 -24.01 -35.35 -64.18
C ILE F 53 -22.79 -34.42 -64.32
N VAL F 54 -22.45 -33.77 -63.22
CA VAL F 54 -21.32 -32.81 -63.21
C VAL F 54 -20.50 -33.12 -61.99
N ALA F 55 -19.25 -32.66 -62.02
CA ALA F 55 -18.42 -32.81 -60.84
C ALA F 55 -17.47 -31.64 -60.68
N TYR F 56 -17.11 -31.37 -59.44
CA TYR F 56 -16.26 -30.23 -59.05
C TYR F 56 -15.27 -30.57 -57.95
N SER F 57 -14.12 -29.90 -57.94
CA SER F 57 -13.35 -29.78 -56.71
C SER F 57 -14.19 -29.03 -55.70
N VAL F 58 -14.11 -29.44 -54.44
CA VAL F 58 -14.88 -28.73 -53.43
C VAL F 58 -14.10 -27.76 -52.58
N LEU F 59 -12.83 -27.60 -52.86
CA LEU F 59 -12.04 -26.60 -52.13
C LEU F 59 -12.35 -25.20 -52.69
N CYS F 60 -12.76 -24.31 -51.81
CA CYS F 60 -13.08 -22.96 -52.18
C CYS F 60 -11.86 -22.34 -52.91
N THR F 61 -12.06 -21.75 -54.07
CA THR F 61 -10.97 -21.09 -54.80
C THR F 61 -10.51 -19.75 -54.19
N HIS F 62 -11.21 -19.28 -53.16
CA HIS F 62 -10.81 -18.06 -52.45
C HIS F 62 -9.60 -18.43 -51.56
N MET F 63 -9.82 -19.16 -50.45
CA MET F 63 -8.74 -19.56 -49.56
C MET F 63 -8.80 -21.02 -49.15
N GLY F 64 -9.53 -21.84 -49.91
CA GLY F 64 -9.39 -23.29 -49.78
C GLY F 64 -10.25 -23.97 -48.77
N CYS F 65 -11.18 -23.27 -48.13
CA CYS F 65 -11.99 -23.95 -47.12
C CYS F 65 -12.90 -24.92 -47.86
N PRO F 66 -13.11 -26.11 -47.31
CA PRO F 66 -14.00 -27.03 -48.09
C PRO F 66 -15.41 -26.53 -48.17
N THR F 67 -16.01 -26.56 -49.35
CA THR F 67 -17.35 -26.07 -49.55
C THR F 67 -18.38 -27.18 -49.27
N SER F 68 -19.62 -26.83 -49.05
CA SER F 68 -20.65 -27.86 -48.88
C SER F 68 -21.64 -27.70 -49.99
N TYR F 69 -22.11 -28.84 -50.46
CA TYR F 69 -23.14 -28.89 -51.50
C TYR F 69 -24.50 -28.67 -50.87
N ASP F 70 -25.24 -27.65 -51.33
CA ASP F 70 -26.57 -27.38 -50.91
C ASP F 70 -27.58 -28.00 -51.94
N LYS F 71 -28.26 -29.04 -51.50
CA LYS F 71 -29.21 -29.73 -52.35
C LYS F 71 -30.37 -28.88 -52.84
N SER F 72 -30.88 -27.99 -52.01
CA SER F 72 -32.03 -27.18 -52.37
C SER F 72 -31.72 -26.07 -53.41
N SER F 73 -30.52 -25.48 -53.39
CA SER F 73 -30.14 -24.54 -54.44
C SER F 73 -29.25 -25.08 -55.54
N LYS F 74 -28.70 -26.29 -55.40
CA LYS F 74 -27.69 -26.84 -56.29
C LYS F 74 -26.50 -25.90 -56.42
N THR F 75 -25.96 -25.54 -55.27
CA THR F 75 -24.79 -24.69 -55.16
C THR F 75 -23.79 -25.26 -54.21
N PHE F 76 -22.56 -24.75 -54.25
CA PHE F 76 -21.54 -25.09 -53.25
C PHE F 76 -21.26 -23.80 -52.49
N LYS F 77 -21.25 -23.89 -51.16
CA LYS F 77 -21.24 -22.75 -50.23
C LYS F 77 -20.00 -22.86 -49.37
N CYS F 78 -19.26 -21.74 -49.31
CA CYS F 78 -18.12 -21.64 -48.44
C CYS F 78 -18.49 -20.74 -47.25
N PRO F 79 -18.51 -21.26 -46.05
CA PRO F 79 -18.95 -20.37 -45.00
C PRO F 79 -17.79 -19.56 -44.34
N CYS F 80 -16.57 -19.62 -44.88
CA CYS F 80 -15.48 -18.82 -44.30
CA CYS F 80 -15.41 -18.87 -44.32
C CYS F 80 -15.61 -17.35 -44.64
N HIS F 81 -15.75 -17.01 -45.94
CA HIS F 81 -16.06 -15.64 -46.35
C HIS F 81 -17.23 -15.56 -47.32
N PHE F 82 -18.05 -16.60 -47.32
CA PHE F 82 -19.42 -16.54 -47.83
C PHE F 82 -19.54 -16.63 -49.36
N THR F 83 -18.56 -17.23 -50.00
CA THR F 83 -18.60 -17.41 -51.43
C THR F 83 -19.53 -18.58 -51.78
N GLU F 84 -20.27 -18.42 -52.87
CA GLU F 84 -21.22 -19.41 -53.31
C GLU F 84 -21.08 -19.64 -54.84
N PHE F 85 -21.07 -20.89 -55.25
CA PHE F 85 -20.81 -21.30 -56.63
C PHE F 85 -21.97 -22.13 -57.20
N ASP F 86 -22.30 -21.91 -58.47
CA ASP F 86 -23.50 -22.48 -59.10
C ASP F 86 -23.14 -23.78 -59.80
N ALA F 87 -23.59 -24.90 -59.25
CA ALA F 87 -23.28 -26.21 -59.82
C ALA F 87 -23.88 -26.39 -61.22
N GLU F 88 -24.94 -25.61 -61.50
CA GLU F 88 -25.65 -25.65 -62.79
C GLU F 88 -25.10 -24.68 -63.84
N LYS F 89 -24.09 -23.86 -63.49
CA LYS F 89 -23.47 -22.97 -64.43
C LYS F 89 -21.98 -23.12 -64.39
N ALA F 90 -21.54 -24.38 -64.39
CA ALA F 90 -20.10 -24.70 -64.44
C ALA F 90 -19.29 -23.96 -63.34
N GLY F 91 -19.88 -23.84 -62.16
CA GLY F 91 -19.17 -23.31 -61.02
C GLY F 91 -19.06 -21.80 -60.94
N GLN F 92 -19.83 -21.10 -61.79
CA GLN F 92 -19.90 -19.64 -61.76
C GLN F 92 -20.10 -19.13 -60.34
N MET F 93 -19.28 -18.17 -59.93
CA MET F 93 -19.38 -17.61 -58.58
C MET F 93 -20.60 -16.71 -58.56
N ILE F 94 -21.57 -17.03 -57.70
CA ILE F 94 -22.84 -16.30 -57.63
C ILE F 94 -22.63 -14.93 -56.90
N CYS F 95 -21.88 -15.02 -55.82
CA CYS F 95 -21.47 -13.85 -55.00
C CYS F 95 -20.27 -14.41 -54.20
N GLY F 96 -19.22 -13.59 -53.97
CA GLY F 96 -18.15 -14.02 -53.08
C GLY F 96 -16.83 -13.35 -53.36
N GLN F 97 -15.80 -13.88 -52.73
CA GLN F 97 -14.51 -13.26 -52.79
C GLN F 97 -13.50 -13.91 -53.67
N ALA F 98 -13.87 -15.04 -54.29
CA ALA F 98 -12.96 -15.74 -55.17
C ALA F 98 -12.80 -14.97 -56.49
N THR F 99 -11.70 -15.27 -57.15
CA THR F 99 -11.40 -14.81 -58.51
C THR F 99 -11.25 -15.92 -59.53
N GLU F 100 -11.82 -17.09 -59.21
CA GLU F 100 -11.86 -18.23 -60.14
C GLU F 100 -13.18 -18.96 -59.87
N ASN F 101 -13.80 -19.44 -60.94
CA ASN F 101 -14.91 -20.35 -60.75
C ASN F 101 -14.45 -21.69 -60.13
N LEU F 102 -15.39 -22.41 -59.50
CA LEU F 102 -15.07 -23.67 -58.86
C LEU F 102 -14.55 -24.63 -59.93
N PRO F 103 -13.35 -25.26 -59.75
CA PRO F 103 -12.82 -26.11 -60.83
C PRO F 103 -13.76 -27.34 -61.13
N ARG F 104 -13.96 -27.63 -62.42
CA ARG F 104 -14.86 -28.68 -62.87
C ARG F 104 -13.97 -29.90 -63.06
N VAL F 105 -14.42 -31.01 -62.57
CA VAL F 105 -13.70 -32.26 -62.83
C VAL F 105 -14.35 -32.78 -64.10
N LEU F 106 -13.53 -33.00 -65.11
CA LEU F 106 -13.98 -33.48 -66.36
C LEU F 106 -14.29 -35.00 -66.24
N LEU F 107 -15.53 -35.39 -66.58
CA LEU F 107 -15.99 -36.77 -66.50
C LEU F 107 -16.20 -37.36 -67.90
N ARG F 108 -15.71 -38.59 -68.09
CA ARG F 108 -16.09 -39.36 -69.27
C ARG F 108 -17.26 -40.31 -68.88
N TYR F 109 -18.27 -40.35 -69.71
CA TYR F 109 -19.37 -41.29 -69.54
C TYR F 109 -19.24 -42.33 -70.66
N ASP F 110 -19.05 -43.59 -70.29
CA ASP F 110 -18.85 -44.70 -71.22
C ASP F 110 -20.19 -45.47 -71.27
N GLU F 111 -20.95 -45.29 -72.33
CA GLU F 111 -22.21 -45.99 -72.52
C GLU F 111 -22.08 -47.52 -72.51
N ALA F 112 -20.99 -48.05 -73.08
CA ALA F 112 -20.77 -49.51 -73.10
C ALA F 112 -20.71 -50.15 -71.71
N SER F 113 -20.14 -49.44 -70.72
CA SER F 113 -19.97 -49.97 -69.33
C SER F 113 -20.81 -49.28 -68.25
N ASP F 114 -21.49 -48.19 -68.64
CA ASP F 114 -22.11 -47.22 -67.74
C ASP F 114 -21.16 -46.46 -66.82
N ALA F 115 -19.84 -46.59 -67.02
CA ALA F 115 -18.87 -46.01 -66.07
C ALA F 115 -18.73 -44.52 -66.21
N LEU F 116 -18.48 -43.86 -65.08
CA LEU F 116 -18.15 -42.47 -65.02
C LEU F 116 -16.73 -42.45 -64.59
N THR F 117 -15.87 -41.78 -65.34
CA THR F 117 -14.47 -41.67 -64.99
C THR F 117 -13.99 -40.22 -64.98
N ALA F 118 -13.27 -39.81 -63.91
CA ALA F 118 -12.66 -38.47 -63.84
C ALA F 118 -11.37 -38.53 -64.61
N VAL F 119 -11.26 -37.65 -65.60
CA VAL F 119 -10.10 -37.67 -66.51
C VAL F 119 -9.33 -36.36 -66.60
N GLY F 120 -9.84 -35.29 -65.99
CA GLY F 120 -9.05 -34.05 -65.94
C GLY F 120 -9.73 -32.99 -65.10
N VAL F 121 -9.14 -31.80 -65.03
CA VAL F 121 -9.74 -30.70 -64.27
C VAL F 121 -9.65 -29.41 -65.09
N ASP F 122 -10.76 -28.71 -65.20
CA ASP F 122 -10.85 -27.40 -65.86
C ASP F 122 -10.84 -26.34 -64.73
N GLY F 123 -9.72 -25.62 -64.61
CA GLY F 123 -9.46 -24.65 -63.53
C GLY F 123 -8.38 -25.16 -62.62
N LEU F 124 -7.80 -24.27 -61.80
CA LEU F 124 -6.72 -24.66 -60.90
C LEU F 124 -7.30 -24.87 -59.48
N ILE F 125 -7.08 -26.06 -58.90
CA ILE F 125 -7.53 -26.42 -57.58
C ILE F 125 -6.78 -25.57 -56.56
N TYR F 126 -7.49 -25.10 -55.54
CA TYR F 126 -6.88 -24.33 -54.45
C TYR F 126 -5.59 -25.00 -53.94
N GLY F 127 -4.59 -24.17 -53.63
CA GLY F 127 -3.51 -24.57 -52.77
C GLY F 127 -2.49 -25.52 -53.37
N ARG F 128 -2.35 -25.44 -54.68
CA ARG F 128 -1.37 -26.21 -55.39
C ARG F 128 -0.78 -25.42 -56.54
N GLN F 129 0.46 -25.73 -56.85
CA GLN F 129 1.17 -25.05 -57.95
C GLN F 129 0.63 -25.56 -59.29
N ALA F 130 0.25 -26.83 -59.34
CA ALA F 130 -0.36 -27.44 -60.53
C ALA F 130 -1.42 -28.44 -60.04
N ASN F 131 -2.40 -28.77 -60.85
CA ASN F 131 -3.44 -29.69 -60.39
C ASN F 131 -2.88 -31.07 -60.02
N VAL F 132 -1.81 -31.50 -60.70
CA VAL F 132 -1.16 -32.75 -60.41
C VAL F 132 0.13 -32.41 -59.72
N ILE F 133 0.29 -32.92 -58.52
CA ILE F 133 1.43 -32.60 -57.68
C ILE F 133 2.46 -33.68 -57.95
N ASN G 1 2.23 29.62 64.61
CA ASN G 1 1.96 28.27 65.16
C ASN G 1 2.74 27.19 64.39
N ASP G 2 3.04 26.04 65.02
CA ASP G 2 4.18 25.20 64.59
C ASP G 2 3.90 23.71 64.36
N ARG G 3 2.64 23.36 64.20
CA ARG G 3 2.30 22.02 63.83
C ARG G 3 0.91 21.99 63.24
N ILE G 4 0.57 20.85 62.66
CA ILE G 4 -0.69 20.63 61.91
C ILE G 4 -1.24 19.31 62.46
N THR G 5 -2.55 19.21 62.57
CA THR G 5 -3.25 17.93 62.79
C THR G 5 -3.53 17.24 61.42
N LEU G 6 -2.93 16.08 61.20
CA LEU G 6 -3.06 15.39 59.95
C LEU G 6 -4.44 14.68 59.90
N PRO G 7 -5.03 14.58 58.71
CA PRO G 7 -6.28 13.86 58.60
C PRO G 7 -6.07 12.35 58.78
N PRO G 8 -6.97 11.68 59.51
CA PRO G 8 -6.85 10.21 59.68
C PRO G 8 -6.92 9.52 58.34
N ALA G 9 -6.35 8.34 58.24
CA ALA G 9 -6.49 7.55 57.01
C ALA G 9 -7.92 7.45 56.53
N ASN G 10 -8.88 7.20 57.44
CA ASN G 10 -10.29 7.03 57.13
C ASN G 10 -11.14 8.29 57.26
N ALA G 11 -10.52 9.46 57.27
CA ALA G 11 -11.24 10.73 57.29
C ALA G 11 -12.20 10.88 56.13
N GLN G 12 -13.36 11.46 56.36
CA GLN G 12 -14.28 11.85 55.29
C GLN G 12 -13.59 12.84 54.33
N ARG G 13 -13.79 12.65 53.04
CA ARG G 13 -13.27 13.47 51.99
C ARG G 13 -14.41 13.81 51.04
N THR G 14 -14.65 15.10 50.82
CA THR G 14 -15.55 15.58 49.79
C THR G 14 -14.83 16.48 48.75
N ASN G 15 -15.48 16.69 47.61
CA ASN G 15 -15.01 17.55 46.56
C ASN G 15 -15.48 19.01 46.75
N MET G 16 -14.60 19.96 46.50
CA MET G 16 -14.95 21.38 46.50
C MET G 16 -14.20 22.13 45.40
N THR G 17 -14.93 22.83 44.55
CA THR G 17 -14.33 23.75 43.63
C THR G 17 -14.01 24.97 44.44
N CYS G 18 -12.87 25.64 44.15
CA CYS G 18 -12.57 26.90 44.78
C CYS G 18 -13.74 27.85 44.69
N HIS G 19 -13.97 28.55 45.79
CA HIS G 19 -15.02 29.54 45.86
C HIS G 19 -14.94 30.70 44.92
N PHE G 20 -13.74 31.07 44.55
CA PHE G 20 -13.40 32.36 43.98
C PHE G 20 -13.28 32.42 42.45
N CYS G 21 -12.09 32.56 41.90
CA CYS G 21 -12.03 33.01 40.49
C CYS G 21 -12.44 31.89 39.48
N ILE G 22 -12.63 32.36 38.27
CA ILE G 22 -13.03 31.63 37.08
C ILE G 22 -12.33 30.31 36.87
N VAL G 23 -11.08 30.20 37.24
CA VAL G 23 -10.31 28.97 36.93
C VAL G 23 -10.99 27.74 37.55
N GLY G 24 -11.51 27.89 38.75
CA GLY G 24 -12.28 26.84 39.34
C GLY G 24 -11.42 25.64 39.68
N CYS G 25 -10.26 25.90 40.26
CA CYS G 25 -9.40 24.82 40.74
C CYS G 25 -10.12 23.84 41.67
N GLY G 26 -9.74 22.57 41.57
CA GLY G 26 -10.35 21.46 42.32
C GLY G 26 -9.60 21.25 43.62
N TYR G 27 -10.39 21.08 44.67
CA TYR G 27 -9.96 20.85 46.03
C TYR G 27 -10.68 19.64 46.64
N HIS G 28 -10.06 19.10 47.69
CA HIS G 28 -10.61 18.14 48.60
C HIS G 28 -10.77 18.76 49.96
N VAL G 29 -11.90 18.45 50.59
CA VAL G 29 -12.16 18.79 52.01
C VAL G 29 -12.13 17.53 52.83
N TYR G 30 -11.16 17.44 53.74
CA TYR G 30 -11.12 16.39 54.71
C TYR G 30 -11.75 16.89 55.99
N LYS G 31 -12.63 16.07 56.57
CA LYS G 31 -13.36 16.43 57.80
C LYS G 31 -13.29 15.25 58.74
N TRP G 32 -12.93 15.51 59.99
CA TRP G 32 -12.89 14.45 61.00
C TRP G 32 -13.05 14.98 62.40
N PRO G 33 -13.30 14.09 63.38
CA PRO G 33 -13.52 14.63 64.75
C PRO G 33 -12.32 15.39 65.31
N GLU G 34 -12.62 16.45 66.05
CA GLU G 34 -11.58 17.34 66.55
C GLU G 34 -10.46 16.60 67.26
N LEU G 35 -10.81 15.65 68.09
CA LEU G 35 -9.83 14.96 68.94
C LEU G 35 -9.14 13.77 68.30
N GLN G 36 -9.29 13.57 66.99
CA GLN G 36 -8.58 12.53 66.25
C GLN G 36 -7.52 13.09 65.36
N GLU G 37 -6.53 12.26 65.04
CA GLU G 37 -5.53 12.64 64.06
C GLU G 37 -4.93 11.45 63.33
N GLY G 38 -4.42 11.73 62.14
CA GLY G 38 -3.72 10.76 61.35
C GLY G 38 -2.30 10.58 61.81
N GLY G 39 -1.71 9.46 61.42
CA GLY G 39 -0.28 9.25 61.68
C GLY G 39 0.64 9.85 60.64
N ARG G 40 1.91 10.01 60.98
CA ARG G 40 2.88 10.54 60.04
C ARG G 40 3.23 9.57 58.87
N ALA G 41 3.18 8.25 59.11
CA ALA G 41 3.41 7.26 58.06
C ALA G 41 2.41 7.44 56.98
N PRO G 42 2.83 7.27 55.71
CA PRO G 42 1.99 7.76 54.64
C PRO G 42 0.67 7.00 54.53
N GLU G 43 0.64 5.74 54.94
CA GLU G 43 -0.64 4.96 54.88
C GLU G 43 -1.50 5.21 56.12
N GLN G 44 -0.99 5.99 57.08
CA GLN G 44 -1.75 6.35 58.28
C GLN G 44 -2.32 7.77 58.32
N ASN G 45 -2.25 8.46 57.21
CA ASN G 45 -3.00 9.70 57.04
C ASN G 45 -3.69 9.75 55.71
N ALA G 46 -4.70 10.58 55.60
CA ALA G 46 -5.51 10.62 54.35
C ALA G 46 -4.80 11.26 53.18
N LEU G 47 -3.76 12.05 53.43
CA LEU G 47 -2.97 12.64 52.34
C LEU G 47 -2.11 11.63 51.61
N GLY G 48 -1.85 10.47 52.20
CA GLY G 48 -0.90 9.51 51.65
C GLY G 48 0.54 10.03 51.58
N LEU G 49 0.94 10.98 52.44
CA LEU G 49 2.29 11.60 52.37
C LEU G 49 3.10 11.18 53.56
N ASP G 50 4.41 11.12 53.38
CA ASP G 50 5.26 10.61 54.44
C ASP G 50 5.76 11.74 55.31
N PHE G 51 5.14 11.92 56.46
CA PHE G 51 5.57 12.98 57.38
C PHE G 51 6.56 12.51 58.46
N ARG G 52 7.17 11.33 58.30
CA ARG G 52 8.21 10.87 59.22
C ARG G 52 9.57 11.53 58.90
N LYS G 53 9.71 12.14 57.71
CA LYS G 53 10.90 12.86 57.35
C LYS G 53 10.44 14.01 56.45
N GLN G 54 11.34 14.97 56.24
CA GLN G 54 11.05 16.14 55.38
C GLN G 54 10.44 15.79 54.02
N LEU G 55 9.34 16.45 53.61
CA LEU G 55 8.79 16.17 52.26
C LEU G 55 9.62 16.91 51.23
N PRO G 56 9.71 16.38 50.01
CA PRO G 56 10.43 17.13 48.99
C PRO G 56 9.56 18.28 48.49
N PRO G 57 10.15 19.21 47.77
CA PRO G 57 9.33 20.30 47.24
C PRO G 57 8.32 19.77 46.24
N LEU G 58 7.25 20.50 46.11
CA LEU G 58 6.09 20.16 45.23
C LEU G 58 5.22 19.00 45.67
N ALA G 59 5.51 18.39 46.81
CA ALA G 59 4.74 17.23 47.26
C ALA G 59 3.43 17.60 47.79
N VAL G 60 3.29 18.81 48.35
CA VAL G 60 2.06 19.15 49.02
C VAL G 60 1.94 20.68 49.04
N THR G 61 0.70 21.14 49.18
CA THR G 61 0.38 22.52 49.57
C THR G 61 -0.39 22.41 50.90
N LEU G 62 0.26 22.80 52.00
CA LEU G 62 -0.32 22.64 53.32
C LEU G 62 0.30 23.59 54.30
N THR G 63 -0.56 24.46 54.85
CA THR G 63 -0.21 25.42 55.87
C THR G 63 -1.35 25.45 56.85
N PRO G 64 -1.10 26.08 58.02
CA PRO G 64 -2.21 26.23 59.02
C PRO G 64 -3.43 26.97 58.52
N ALA G 65 -3.26 27.93 57.58
CA ALA G 65 -4.41 28.63 57.01
C ALA G 65 -5.33 27.68 56.23
N MET G 66 -4.83 26.51 55.83
CA MET G 66 -5.63 25.49 55.07
C MET G 66 -6.33 24.48 55.98
N THR G 67 -6.39 24.79 57.27
CA THR G 67 -7.03 23.97 58.27
C THR G 67 -7.91 24.83 59.12
N ASN G 68 -8.92 24.21 59.73
CA ASN G 68 -9.74 24.87 60.75
C ASN G 68 -10.43 23.84 61.64
N VAL G 69 -11.13 24.33 62.64
CA VAL G 69 -12.01 23.46 63.44
C VAL G 69 -13.36 24.11 63.42
N VAL G 70 -14.35 23.42 62.85
CA VAL G 70 -15.67 23.93 62.72
C VAL G 70 -16.57 23.32 63.84
N THR G 71 -17.65 24.02 64.15
CA THR G 71 -18.59 23.56 65.17
C THR G 71 -19.95 23.50 64.52
N GLU G 72 -20.50 22.31 64.49
CA GLU G 72 -21.77 22.07 63.84
C GLU G 72 -22.98 22.47 64.74
N HIS G 73 -24.17 22.50 64.15
CA HIS G 73 -25.41 22.81 64.87
C HIS G 73 -25.67 21.92 66.08
N ASN G 74 -25.28 20.66 66.00
CA ASN G 74 -25.31 19.74 67.13
C ASN G 74 -24.23 19.91 68.21
N GLY G 75 -23.38 20.93 68.06
CA GLY G 75 -22.30 21.24 69.00
C GLY G 75 -21.05 20.40 68.82
N ARG G 76 -21.03 19.44 67.91
CA ARG G 76 -19.82 18.65 67.74
C ARG G 76 -18.78 19.42 66.86
N ARG G 77 -17.53 19.27 67.28
CA ARG G 77 -16.38 19.94 66.66
C ARG G 77 -15.58 19.02 65.72
N TYR G 78 -15.22 19.53 64.56
CA TYR G 78 -14.52 18.75 63.55
C TYR G 78 -13.37 19.53 62.98
N ASN G 79 -12.24 18.87 62.90
CA ASN G 79 -11.14 19.35 62.04
C ASN G 79 -11.56 19.37 60.60
N ILE G 80 -11.09 20.40 59.88
CA ILE G 80 -11.19 20.39 58.43
C ILE G 80 -9.84 20.75 57.85
N MET G 81 -9.59 20.30 56.63
CA MET G 81 -8.36 20.59 55.90
C MET G 81 -8.79 20.67 54.46
N VAL G 82 -8.59 21.83 53.81
CA VAL G 82 -9.08 22.08 52.45
C VAL G 82 -7.83 22.29 51.59
N VAL G 83 -7.52 21.29 50.76
CA VAL G 83 -6.27 21.28 50.02
C VAL G 83 -6.51 20.95 48.54
N PRO G 84 -5.62 21.42 47.65
CA PRO G 84 -5.82 21.24 46.21
C PRO G 84 -5.70 19.76 45.79
N ASP G 85 -6.47 19.40 44.79
CA ASP G 85 -6.55 18.06 44.26
C ASP G 85 -5.45 17.90 43.17
N LYS G 86 -4.51 17.02 43.43
CA LYS G 86 -3.41 16.73 42.47
C LYS G 86 -3.86 16.18 41.13
N ALA G 87 -4.97 15.46 41.13
CA ALA G 87 -5.43 14.78 39.94
C ALA G 87 -6.44 15.60 39.19
N CYS G 88 -6.77 16.82 39.65
CA CYS G 88 -7.73 17.63 38.89
C CYS G 88 -7.01 18.23 37.69
N VAL G 89 -7.59 18.09 36.50
CA VAL G 89 -6.93 18.60 35.28
C VAL G 89 -6.78 20.12 35.19
N VAL G 90 -7.62 20.85 35.92
CA VAL G 90 -7.61 22.31 35.86
C VAL G 90 -6.28 22.84 36.44
N ASN G 91 -6.01 22.42 37.69
CA ASN G 91 -4.94 22.96 38.51
C ASN G 91 -3.82 22.01 38.82
N SER G 92 -3.99 20.73 38.58
CA SER G 92 -2.94 19.70 38.82
C SER G 92 -2.32 19.89 40.18
N GLY G 93 -3.18 20.09 41.18
CA GLY G 93 -2.71 20.28 42.56
C GLY G 93 -2.24 21.66 42.98
N LEU G 94 -2.35 22.66 42.09
CA LEU G 94 -2.01 24.03 42.48
C LEU G 94 -3.16 24.68 43.26
N SER G 95 -2.75 25.59 44.13
CA SER G 95 -3.66 26.41 44.92
C SER G 95 -3.15 27.83 44.84
N SER G 96 -4.01 28.79 44.54
CA SER G 96 -3.61 30.19 44.61
C SER G 96 -3.67 30.64 46.08
N THR G 97 -3.15 31.85 46.32
CA THR G 97 -3.22 32.39 47.71
C THR G 97 -4.66 32.63 48.16
N ARG G 98 -5.58 32.81 47.22
CA ARG G 98 -6.92 33.13 47.55
C ARG G 98 -7.67 31.85 47.92
N GLY G 99 -7.60 30.82 47.07
CA GLY G 99 -8.20 29.51 47.30
C GLY G 99 -7.60 28.78 48.48
N GLY G 100 -6.30 28.98 48.69
CA GLY G 100 -5.62 28.40 49.81
C GLY G 100 -6.17 28.79 51.17
N LYS G 101 -6.85 29.93 51.25
CA LYS G 101 -7.41 30.41 52.49
C LYS G 101 -8.78 29.88 52.73
N MET G 102 -9.32 29.06 51.83
CA MET G 102 -10.69 28.59 52.06
C MET G 102 -10.97 28.01 53.43
N ALA G 103 -10.19 27.10 53.96
CA ALA G 103 -10.47 26.61 55.28
C ALA G 103 -10.61 27.70 56.35
N SER G 104 -9.77 28.73 56.24
CA SER G 104 -9.76 29.85 57.18
C SER G 104 -11.03 30.67 57.04
N TYR G 105 -11.61 30.68 55.85
CA TYR G 105 -12.79 31.51 55.58
C TYR G 105 -14.13 30.68 55.67
N MET G 106 -14.05 29.41 56.06
CA MET G 106 -15.23 28.70 56.46
C MET G 106 -15.66 29.32 57.82
N TYR G 107 -16.95 29.27 58.05
CA TYR G 107 -17.54 29.77 59.31
C TYR G 107 -17.07 29.03 60.54
N THR G 108 -16.58 29.79 61.52
CA THR G 108 -16.37 29.33 62.90
C THR G 108 -16.75 30.49 63.81
N PRO G 109 -17.17 30.17 65.05
CA PRO G 109 -17.57 31.27 65.96
C PRO G 109 -16.43 32.11 66.43
N THR G 110 -15.21 31.63 66.27
CA THR G 110 -14.03 32.36 66.77
C THR G 110 -13.04 32.84 65.72
N GLY G 111 -13.18 32.39 64.46
CA GLY G 111 -12.18 32.69 63.49
C GLY G 111 -12.55 33.85 62.57
N ASP G 112 -12.03 33.78 61.35
CA ASP G 112 -12.22 34.84 60.38
C ASP G 112 -13.65 35.07 60.01
N GLY G 113 -14.47 34.06 60.16
CA GLY G 113 -15.89 34.18 59.88
C GLY G 113 -16.82 34.47 61.03
N LYS G 114 -16.24 34.90 62.16
CA LYS G 114 -17.01 35.20 63.37
C LYS G 114 -18.20 36.11 63.06
N GLN G 115 -17.98 37.11 62.25
CA GLN G 115 -18.98 38.16 62.02
C GLN G 115 -20.01 37.81 60.95
N ARG G 116 -19.97 36.59 60.45
CA ARG G 116 -20.95 36.19 59.47
C ARG G 116 -22.36 36.49 59.94
N LEU G 117 -23.23 36.94 59.03
CA LEU G 117 -24.63 37.08 59.37
C LEU G 117 -25.20 35.70 59.73
N LYS G 118 -25.87 35.62 60.88
CA LYS G 118 -26.37 34.35 61.43
C LYS G 118 -27.88 34.39 61.68
N ALA G 119 -28.50 35.55 61.50
CA ALA G 119 -29.90 35.76 61.81
C ALA G 119 -30.28 36.99 60.97
N PRO G 120 -31.58 37.09 60.60
CA PRO G 120 -32.07 38.36 60.05
C PRO G 120 -31.77 39.52 60.97
N ARG G 121 -31.34 40.65 60.39
CA ARG G 121 -31.03 41.87 61.12
C ARG G 121 -31.94 43.02 60.64
N LEU G 122 -32.46 43.78 61.59
CA LEU G 122 -33.42 44.85 61.28
C LEU G 122 -32.93 46.15 61.86
N TYR G 123 -32.98 47.22 61.07
CA TYR G 123 -32.57 48.55 61.62
C TYR G 123 -33.89 49.19 61.97
N ALA G 124 -34.21 49.20 63.25
CA ALA G 124 -35.51 49.63 63.69
C ALA G 124 -35.42 51.10 64.05
N ALA G 125 -35.26 51.95 63.00
CA ALA G 125 -35.18 53.43 63.01
C ALA G 125 -33.87 54.01 63.50
N ASP G 126 -33.36 53.41 64.58
CA ASP G 126 -32.17 53.98 65.16
C ASP G 126 -31.26 52.96 65.83
N GLN G 127 -31.46 51.67 65.57
CA GLN G 127 -30.55 50.63 66.07
C GLN G 127 -30.73 49.37 65.23
N TRP G 128 -29.66 48.61 65.16
CA TRP G 128 -29.68 47.26 64.64
C TRP G 128 -30.11 46.30 65.71
N VAL G 129 -31.11 45.46 65.42
CA VAL G 129 -31.48 44.34 66.26
C VAL G 129 -31.73 43.07 65.42
N ASP G 130 -31.65 41.90 66.07
CA ASP G 130 -32.02 40.63 65.47
C ASP G 130 -33.54 40.70 65.27
N THR G 131 -34.04 40.06 64.22
CA THR G 131 -35.47 39.78 64.06
C THR G 131 -35.63 38.34 63.56
N THR G 132 -36.89 37.84 63.60
CA THR G 132 -37.17 36.49 63.14
C THR G 132 -37.26 36.50 61.62
N TRP G 133 -36.97 35.34 61.07
CA TRP G 133 -37.22 35.06 59.63
C TRP G 133 -38.65 35.31 59.23
N ASP G 134 -39.60 34.89 60.07
CA ASP G 134 -40.98 35.15 59.71
C ASP G 134 -41.30 36.64 59.70
N HIS G 135 -40.85 37.39 60.71
CA HIS G 135 -41.07 38.83 60.66
C HIS G 135 -40.36 39.53 59.46
N ALA G 136 -39.11 39.13 59.18
CA ALA G 136 -38.39 39.64 58.00
C ALA G 136 -39.16 39.43 56.72
N MET G 137 -39.72 38.24 56.58
CA MET G 137 -40.46 37.89 55.35
C MET G 137 -41.72 38.72 55.28
N ALA G 138 -42.40 38.90 56.42
CA ALA G 138 -43.66 39.66 56.45
C ALA G 138 -43.44 41.09 56.08
N LEU G 139 -42.35 41.67 56.54
CA LEU G 139 -42.02 43.04 56.20
C LEU G 139 -41.59 43.15 54.73
N TYR G 140 -40.70 42.25 54.31
CA TYR G 140 -40.10 42.33 52.97
C TYR G 140 -41.15 41.98 51.89
N ALA G 141 -41.83 40.84 52.03
CA ALA G 141 -42.95 40.52 51.15
C ALA G 141 -44.07 41.55 51.27
N GLY G 142 -44.33 42.06 52.48
CA GLY G 142 -45.34 43.11 52.64
C GLY G 142 -45.11 44.33 51.80
N LEU G 143 -43.86 44.80 51.79
CA LEU G 143 -43.47 45.94 50.98
C LEU G 143 -43.53 45.65 49.49
N ILE G 144 -42.97 44.51 49.09
CA ILE G 144 -43.01 44.11 47.69
C ILE G 144 -44.49 44.07 47.21
N LYS G 145 -45.38 43.41 47.98
CA LYS G 145 -46.81 43.26 47.62
C LYS G 145 -47.54 44.61 47.50
N LYS G 146 -47.26 45.49 48.45
CA LYS G 146 -47.85 46.80 48.45
C LYS G 146 -47.40 47.59 47.25
N THR G 147 -46.12 47.46 46.91
CA THR G 147 -45.56 48.13 45.72
C THR G 147 -46.14 47.53 44.42
N LEU G 148 -46.22 46.23 44.34
CA LEU G 148 -46.80 45.58 43.15
C LEU G 148 -48.24 46.01 42.96
N ASP G 149 -49.00 46.05 44.06
CA ASP G 149 -50.41 46.47 44.04
C ASP G 149 -50.63 47.92 43.66
N LYS G 150 -49.76 48.84 44.08
CA LYS G 150 -49.95 50.27 43.84
C LYS G 150 -49.12 50.79 42.68
N ASP G 151 -47.90 50.29 42.50
CA ASP G 151 -47.00 50.84 41.50
C ASP G 151 -46.69 49.85 40.37
N GLY G 152 -46.89 48.56 40.62
CA GLY G 152 -46.46 47.52 39.71
C GLY G 152 -44.98 47.14 39.94
N PRO G 153 -44.50 46.20 39.13
CA PRO G 153 -43.13 45.71 39.31
C PRO G 153 -42.03 46.77 39.20
N GLN G 154 -42.28 47.86 38.49
CA GLN G 154 -41.28 48.88 38.30
C GLN G 154 -40.88 49.60 39.59
N GLY G 155 -41.62 49.39 40.68
CA GLY G 155 -41.25 49.96 41.97
C GLY G 155 -40.33 49.01 42.76
N VAL G 156 -40.07 47.79 42.28
CA VAL G 156 -39.24 46.82 43.00
C VAL G 156 -37.89 46.64 42.30
N PHE G 157 -36.80 47.04 42.95
CA PHE G 157 -35.47 47.07 42.33
C PHE G 157 -34.55 46.01 42.90
N PHE G 158 -33.72 45.40 42.06
CA PHE G 158 -32.69 44.49 42.55
C PHE G 158 -31.32 44.86 41.96
N SER G 159 -30.25 44.66 42.74
CA SER G 159 -28.95 44.43 42.15
C SER G 159 -28.48 43.03 42.61
N CYS G 160 -28.27 42.12 41.68
CA CYS G 160 -28.06 40.72 42.05
C CYS G 160 -26.93 40.10 41.31
N PHE G 161 -26.21 39.20 41.96
CA PHE G 161 -25.24 38.35 41.27
C PHE G 161 -25.90 37.68 40.05
N ASP G 162 -25.11 37.50 38.99
CA ASP G 162 -25.48 36.58 37.90
C ASP G 162 -24.38 35.53 37.65
N HIS G 163 -23.37 35.51 38.52
CA HIS G 163 -22.19 34.71 38.29
C HIS G 163 -22.27 33.33 38.93
N GLY G 164 -21.17 32.58 38.79
CA GLY G 164 -20.99 31.25 39.41
C GLY G 164 -20.20 31.28 40.70
N GLY G 165 -19.80 30.08 41.12
CA GLY G 165 -19.00 29.93 42.33
C GLY G 165 -19.73 30.44 43.57
N ALA G 166 -18.97 30.79 44.61
CA ALA G 166 -19.62 31.19 45.84
C ALA G 166 -20.40 32.46 45.61
N GLY G 167 -21.65 32.49 46.14
CA GLY G 167 -22.55 33.62 45.92
C GLY G 167 -23.07 33.71 44.51
N GLY G 168 -23.13 32.54 43.90
CA GLY G 168 -23.72 32.37 42.59
C GLY G 168 -24.01 30.89 42.31
N GLY G 169 -23.94 30.54 41.03
CA GLY G 169 -24.06 29.17 40.64
C GLY G 169 -25.48 28.83 40.12
N PHE G 170 -25.58 27.69 39.44
CA PHE G 170 -26.79 27.39 38.67
C PHE G 170 -28.08 27.31 39.54
N GLU G 171 -27.99 26.75 40.75
CA GLU G 171 -29.10 26.74 41.72
C GLU G 171 -29.52 28.18 42.05
N ASN G 172 -28.53 28.99 42.42
CA ASN G 172 -28.81 30.33 42.95
C ASN G 172 -29.22 31.35 41.90
N THR G 173 -28.61 31.27 40.71
CA THR G 173 -29.02 32.19 39.63
C THR G 173 -30.48 31.87 39.18
N TRP G 174 -30.85 30.61 39.16
CA TRP G 174 -32.23 30.19 38.79
C TRP G 174 -33.25 30.63 39.84
N GLY G 175 -32.93 30.41 41.12
CA GLY G 175 -33.89 30.78 42.22
C GLY G 175 -34.14 32.26 42.21
N THR G 176 -33.05 33.04 42.16
CA THR G 176 -33.21 34.47 42.09
C THR G 176 -33.83 34.96 40.80
N GLY G 177 -33.41 34.40 39.67
CA GLY G 177 -33.99 34.81 38.39
C GLY G 177 -35.46 34.43 38.25
N LYS G 178 -35.77 33.27 38.74
CA LYS G 178 -37.20 32.89 38.79
C LYS G 178 -38.01 33.88 39.63
N LEU G 179 -37.50 34.26 40.81
CA LEU G 179 -38.19 35.19 41.67
C LEU G 179 -38.35 36.57 41.02
N MET G 180 -37.23 37.16 40.58
CA MET G 180 -37.23 38.49 40.01
C MET G 180 -38.03 38.57 38.70
N PHE G 181 -37.87 37.58 37.82
CA PHE G 181 -38.36 37.72 36.45
C PHE G 181 -39.69 37.02 36.21
N SER G 182 -39.86 35.84 36.78
CA SER G 182 -41.11 35.09 36.53
C SER G 182 -42.17 35.43 37.54
N ALA G 183 -41.80 35.75 38.78
CA ALA G 183 -42.78 35.82 39.90
C ALA G 183 -43.12 37.27 40.17
N ILE G 184 -42.12 38.07 40.58
CA ILE G 184 -42.34 39.50 40.74
C ILE G 184 -42.51 40.17 39.37
N GLN G 185 -41.71 39.73 38.41
CA GLN G 185 -41.71 40.27 37.03
C GLN G 185 -41.20 41.70 36.89
N THR G 186 -40.17 42.02 37.64
CA THR G 186 -39.62 43.34 37.58
C THR G 186 -38.47 43.40 36.55
N PRO G 187 -38.46 44.46 35.73
CA PRO G 187 -37.35 44.74 34.87
C PRO G 187 -36.28 45.64 35.54
N MET G 188 -36.48 46.03 36.81
CA MET G 188 -35.59 47.01 37.43
C MET G 188 -34.53 46.23 38.17
N VAL G 189 -33.72 45.53 37.37
CA VAL G 189 -32.71 44.60 37.86
C VAL G 189 -31.40 44.95 37.16
N ARG G 190 -30.36 45.24 37.96
CA ARG G 190 -29.00 45.29 37.47
C ARG G 190 -28.21 44.07 37.96
N ILE G 191 -26.92 44.05 37.56
CA ILE G 191 -26.08 42.88 37.77
C ILE G 191 -25.00 43.28 38.76
N HIS G 192 -24.40 42.30 39.42
CA HIS G 192 -23.48 42.64 40.51
C HIS G 192 -22.36 43.61 40.00
N ASN G 193 -21.92 43.43 38.74
CA ASN G 193 -20.75 44.22 38.21
C ASN G 193 -21.05 45.28 37.15
N ARG G 194 -22.33 45.47 36.83
CA ARG G 194 -22.71 46.41 35.78
C ARG G 194 -24.15 46.86 35.97
N PRO G 195 -24.39 48.17 35.71
CA PRO G 195 -25.60 48.80 36.24
C PRO G 195 -26.84 48.65 35.38
N ALA G 196 -27.00 47.56 34.65
CA ALA G 196 -28.22 47.26 33.86
C ALA G 196 -28.26 45.79 33.60
N TYR G 197 -29.34 45.29 32.99
CA TYR G 197 -29.42 43.88 32.70
C TYR G 197 -28.92 43.66 31.29
N ASN G 198 -27.61 43.44 31.16
CA ASN G 198 -26.95 43.36 29.88
C ASN G 198 -25.86 42.24 29.90
N SER G 199 -25.04 42.20 28.85
CA SER G 199 -23.98 41.22 28.70
C SER G 199 -22.69 42.01 28.56
N GLU G 200 -21.60 41.45 29.07
CA GLU G 200 -20.23 41.96 28.83
C GLU G 200 -19.78 41.68 27.37
N CYS G 201 -20.52 40.80 26.66
CA CYS G 201 -20.06 40.21 25.43
C CYS G 201 -21.12 40.31 24.31
N HIS G 202 -21.81 41.43 24.28
CA HIS G 202 -22.81 41.68 23.24
C HIS G 202 -22.24 41.49 21.85
N ALA G 203 -21.15 42.21 21.55
CA ALA G 203 -20.60 42.17 20.21
C ALA G 203 -20.16 40.77 19.82
N THR G 204 -19.31 40.13 20.61
CA THR G 204 -18.85 38.76 20.19
C THR G 204 -20.02 37.76 20.04
N ARG G 205 -20.98 37.80 20.97
CA ARG G 205 -22.17 36.92 20.82
C ARG G 205 -22.98 37.18 19.54
N GLU G 206 -23.26 38.45 19.25
CA GLU G 206 -23.95 38.82 18.03
C GLU G 206 -23.13 38.44 16.76
N MET G 207 -21.80 38.44 16.84
CA MET G 207 -20.95 38.01 15.71
C MET G 207 -20.95 36.49 15.53
N GLY G 208 -21.52 35.77 16.51
CA GLY G 208 -21.70 34.35 16.49
C GLY G 208 -20.70 33.59 17.35
N ILE G 209 -19.92 34.29 18.19
CA ILE G 209 -18.85 33.66 18.98
C ILE G 209 -19.06 33.93 20.44
N GLY G 210 -19.60 32.91 21.12
CA GLY G 210 -19.77 32.92 22.55
C GLY G 210 -18.39 33.00 23.16
N GLU G 211 -18.28 33.72 24.27
CA GLU G 211 -16.96 34.16 24.77
C GLU G 211 -16.16 33.07 25.48
N LEU G 212 -16.76 31.91 25.80
CA LEU G 212 -15.98 30.80 26.36
C LEU G 212 -16.01 29.68 25.33
N ASN G 213 -15.12 29.75 24.35
CA ASN G 213 -15.18 28.83 23.20
C ASN G 213 -14.09 27.81 23.11
N ASN G 214 -13.24 27.68 24.11
CA ASN G 214 -12.09 26.72 23.96
C ASN G 214 -11.93 25.95 25.26
N ALA G 215 -10.85 25.18 25.34
CA ALA G 215 -10.44 24.43 26.50
C ALA G 215 -9.13 25.09 27.05
N TYR G 216 -8.86 24.87 28.34
CA TYR G 216 -7.57 25.29 28.91
C TYR G 216 -6.39 24.59 28.23
N GLU G 217 -6.63 23.37 27.73
CA GLU G 217 -5.65 22.68 26.91
C GLU G 217 -5.25 23.48 25.67
N ASP G 218 -6.13 24.31 25.13
CA ASP G 218 -5.76 25.10 23.97
C ASP G 218 -4.59 26.06 24.27
N ALA G 219 -4.52 26.56 25.51
CA ALA G 219 -3.43 27.39 25.87
C ALA G 219 -2.12 26.63 25.81
N GLN G 220 -2.15 25.34 26.06
CA GLN G 220 -0.95 24.51 25.90
C GLN G 220 -0.58 24.23 24.43
N LEU G 221 -1.53 24.28 23.51
CA LEU G 221 -1.28 23.97 22.09
C LEU G 221 -0.94 25.17 21.20
N ALA G 222 -1.12 26.38 21.74
CA ALA G 222 -0.94 27.60 20.99
C ALA G 222 0.55 27.87 20.64
N ASP G 223 0.74 28.48 19.49
CA ASP G 223 2.04 29.10 19.13
C ASP G 223 2.20 30.44 19.84
N VAL G 224 1.14 31.23 19.88
CA VAL G 224 1.17 32.58 20.43
C VAL G 224 -0.05 32.76 21.29
N ILE G 225 0.10 33.36 22.44
CA ILE G 225 -1.03 33.75 23.27
C ILE G 225 -1.07 35.26 23.41
N TRP G 226 -2.21 35.86 23.12
CA TRP G 226 -2.49 37.29 23.44
C TRP G 226 -3.27 37.35 24.72
N SER G 227 -2.86 38.24 25.60
CA SER G 227 -3.52 38.62 26.84
C SER G 227 -3.81 40.11 26.71
N ILE G 228 -5.06 40.40 26.47
CA ILE G 228 -5.54 41.73 26.12
C ILE G 228 -6.40 42.32 27.28
N GLY G 229 -5.90 43.33 27.96
CA GLY G 229 -6.69 43.90 29.06
C GLY G 229 -6.85 42.91 30.20
N ASN G 230 -5.73 42.33 30.56
CA ASN G 230 -5.72 41.11 31.38
C ASN G 230 -4.40 40.98 32.14
N ASN G 231 -4.51 40.57 33.41
CA ASN G 231 -3.31 40.41 34.28
C ASN G 231 -3.32 39.02 34.91
N PRO G 232 -3.19 38.00 34.07
CA PRO G 232 -3.63 36.65 34.43
C PRO G 232 -2.87 35.97 35.51
N TYR G 233 -1.62 36.30 35.75
CA TYR G 233 -0.92 35.74 36.92
C TYR G 233 -1.65 36.10 38.21
N GLU G 234 -2.21 37.33 38.25
CA GLU G 234 -2.84 37.80 39.45
C GLU G 234 -4.35 37.44 39.50
N SER G 235 -4.97 37.38 38.32
CA SER G 235 -6.40 37.31 38.17
C SER G 235 -6.97 35.96 37.68
N GLN G 236 -6.14 35.10 37.06
CA GLN G 236 -6.51 33.77 36.66
C GLN G 236 -5.33 32.84 36.87
N THR G 237 -4.80 32.91 38.08
CA THR G 237 -3.46 32.49 38.45
C THR G 237 -3.22 31.05 37.97
N ASN G 238 -4.07 30.10 38.30
CA ASN G 238 -3.68 28.72 38.03
C ASN G 238 -3.92 28.31 36.60
N TYR G 239 -4.68 29.07 35.84
CA TYR G 239 -4.72 28.81 34.40
C TYR G 239 -3.39 29.30 33.75
N PHE G 240 -2.98 30.49 34.13
CA PHE G 240 -1.66 30.99 33.73
C PHE G 240 -0.50 30.03 34.15
N LEU G 241 -0.51 29.58 35.42
CA LEU G 241 0.60 28.69 35.93
C LEU G 241 0.62 27.27 35.37
N ASN G 242 -0.57 26.66 35.26
CA ASN G 242 -0.69 25.25 34.96
C ASN G 242 -0.81 24.94 33.47
N HIS G 243 -1.19 25.94 32.70
CA HIS G 243 -1.34 25.77 31.26
C HIS G 243 -0.50 26.73 30.41
N TRP G 244 -0.51 28.04 30.70
CA TRP G 244 0.24 29.01 29.88
C TRP G 244 1.76 28.86 30.01
N LEU G 245 2.24 28.79 31.24
CA LEU G 245 3.71 28.81 31.44
C LEU G 245 4.36 27.51 30.91
N PRO G 246 3.72 26.34 31.07
CA PRO G 246 4.33 25.11 30.55
C PRO G 246 4.49 25.17 29.03
N ASN G 247 3.60 25.91 28.36
CA ASN G 247 3.76 26.17 26.95
C ASN G 247 5.01 27.09 26.67
N LEU G 248 5.10 28.21 27.37
CA LEU G 248 6.29 29.07 27.25
C LEU G 248 7.59 28.33 27.57
N GLN G 249 7.54 27.43 28.55
CA GLN G 249 8.72 26.63 28.92
C GLN G 249 9.13 25.55 27.92
N GLY G 250 8.34 25.30 26.88
CA GLY G 250 8.57 24.13 26.00
C GLY G 250 8.15 22.76 26.51
N ALA G 251 7.38 22.70 27.59
CA ALA G 251 6.84 21.41 28.08
C ALA G 251 5.70 20.80 27.26
N THR G 252 5.04 21.61 26.42
CA THR G 252 3.96 21.09 25.65
C THR G 252 4.31 20.87 24.17
N THR G 253 5.54 21.12 23.78
CA THR G 253 5.97 21.00 22.40
C THR G 253 5.70 19.59 21.84
N SER G 254 5.98 18.57 22.62
CA SER G 254 5.80 17.21 22.17
C SER G 254 4.30 16.93 21.95
N LYS G 255 3.41 17.55 22.70
CA LYS G 255 1.98 17.37 22.50
C LYS G 255 1.50 17.99 21.21
N LYS G 256 1.99 19.20 20.91
CA LYS G 256 1.66 19.86 19.63
C LYS G 256 2.13 18.96 18.46
N LYS G 257 3.38 18.51 18.52
CA LYS G 257 3.96 17.72 17.43
C LYS G 257 3.28 16.33 17.23
N GLU G 258 2.82 15.72 18.31
CA GLU G 258 2.03 14.47 18.25
C GLU G 258 0.70 14.69 17.59
N ARG G 259 0.06 15.79 17.91
CA ARG G 259 -1.22 16.11 17.28
C ARG G 259 -1.14 16.48 15.81
N PHE G 260 -0.06 17.18 15.42
CA PHE G 260 0.09 17.78 14.12
C PHE G 260 1.49 17.40 13.59
N PRO G 261 1.59 16.15 13.06
CA PRO G 261 2.89 15.66 12.71
C PRO G 261 3.57 16.42 11.56
N ASN G 262 2.84 17.19 10.73
CA ASN G 262 3.46 17.89 9.62
C ASN G 262 3.44 19.40 9.77
N GLU G 263 3.52 19.87 11.02
CA GLU G 263 3.41 21.28 11.33
C GLU G 263 4.59 21.69 12.20
N ASN G 264 5.23 22.80 11.84
CA ASN G 264 6.23 23.42 12.65
C ASN G 264 5.60 24.10 13.85
N PHE G 265 6.26 23.97 14.99
CA PHE G 265 5.91 24.65 16.23
C PHE G 265 7.15 25.34 16.78
N PRO G 266 7.28 26.64 16.52
CA PRO G 266 8.42 27.37 17.08
C PRO G 266 8.16 27.55 18.58
N GLN G 267 9.15 28.05 19.27
CA GLN G 267 8.97 28.33 20.69
C GLN G 267 7.77 29.26 20.85
N ALA G 268 6.96 29.03 21.89
CA ALA G 268 5.74 29.81 22.06
C ALA G 268 6.05 31.22 22.46
N ARG G 269 5.22 32.15 22.04
CA ARG G 269 5.38 33.53 22.37
C ARG G 269 4.12 34.13 22.95
N ILE G 270 4.29 35.30 23.61
CA ILE G 270 3.21 35.90 24.33
C ILE G 270 3.20 37.41 24.17
N ILE G 271 2.02 37.95 23.86
CA ILE G 271 1.78 39.34 23.59
C ILE G 271 0.76 39.92 24.57
N PHE G 272 1.17 40.97 25.30
CA PHE G 272 0.27 41.66 26.26
C PHE G 272 -0.16 43.01 25.73
N VAL G 273 -1.44 43.27 25.66
CA VAL G 273 -1.95 44.58 25.35
C VAL G 273 -2.53 45.14 26.65
N ASP G 274 -1.77 46.02 27.25
CA ASP G 274 -2.12 46.61 28.53
C ASP G 274 -1.32 47.90 28.66
N PRO G 275 -1.96 49.05 28.86
CA PRO G 275 -1.18 50.22 29.16
C PRO G 275 -0.18 50.13 30.28
N ARG G 276 -0.38 49.20 31.22
CA ARG G 276 0.45 49.08 32.41
C ARG G 276 1.38 47.87 32.31
N GLU G 277 2.61 48.01 32.76
CA GLU G 277 3.53 46.86 32.98
C GLU G 277 3.17 46.15 34.29
N THR G 278 2.69 44.91 34.17
CA THR G 278 2.09 44.20 35.27
C THR G 278 3.01 43.07 35.72
N PRO G 279 2.70 42.47 36.87
CA PRO G 279 3.41 41.26 37.24
C PRO G 279 3.37 40.14 36.18
N SER G 280 2.28 40.03 35.44
CA SER G 280 2.19 39.00 34.39
C SER G 280 3.26 39.22 33.29
N VAL G 281 3.45 40.46 32.87
CA VAL G 281 4.48 40.84 31.87
C VAL G 281 5.83 40.45 32.41
N ALA G 282 6.10 40.83 33.67
CA ALA G 282 7.40 40.53 34.30
C ALA G 282 7.71 39.01 34.37
N ILE G 283 6.71 38.22 34.78
CA ILE G 283 6.87 36.77 34.95
C ILE G 283 7.00 36.13 33.56
N ALA G 284 6.23 36.63 32.60
CA ALA G 284 6.35 36.09 31.24
C ALA G 284 7.77 36.27 30.71
N ARG G 285 8.32 37.45 30.93
CA ARG G 285 9.70 37.73 30.54
C ARG G 285 10.70 36.85 31.31
N HIS G 286 10.49 36.69 32.62
CA HIS G 286 11.35 35.82 33.38
C HIS G 286 11.37 34.42 32.82
N VAL G 287 10.22 33.87 32.41
CA VAL G 287 10.16 32.48 31.99
C VAL G 287 10.57 32.33 30.54
N ALA G 288 10.05 33.15 29.64
CA ALA G 288 10.27 33.01 28.21
C ALA G 288 11.50 33.76 27.67
N GLY G 289 12.01 34.75 28.42
CA GLY G 289 12.94 35.74 27.91
C GLY G 289 12.28 36.96 27.28
N ASN G 290 13.03 38.05 27.23
CA ASN G 290 12.56 39.33 26.63
C ASN G 290 12.18 39.19 25.17
N ASP G 291 12.86 38.32 24.44
CA ASP G 291 12.67 38.22 22.99
C ASP G 291 11.42 37.47 22.58
N ARG G 292 10.79 36.73 23.52
CA ARG G 292 9.51 36.02 23.27
C ARG G 292 8.23 36.64 23.95
N VAL G 293 8.37 37.85 24.48
CA VAL G 293 7.28 38.58 25.02
C VAL G 293 7.23 39.93 24.30
N LEU G 294 6.03 40.33 23.86
CA LEU G 294 5.80 41.70 23.45
C LEU G 294 4.80 42.37 24.36
N HIS G 295 5.23 43.44 25.00
CA HIS G 295 4.33 44.27 25.77
C HIS G 295 3.92 45.48 24.92
N LEU G 296 2.69 45.46 24.43
CA LEU G 296 2.12 46.55 23.62
C LEU G 296 1.51 47.45 24.65
N ALA G 297 2.33 48.44 25.09
CA ALA G 297 1.92 49.28 26.22
C ALA G 297 1.11 50.46 25.66
N ILE G 298 -0.09 50.18 25.21
CA ILE G 298 -0.93 51.16 24.47
C ILE G 298 -1.36 52.33 25.33
N GLU G 299 -1.68 53.48 24.70
CA GLU G 299 -2.35 54.52 25.46
C GLU G 299 -3.69 54.02 25.98
N PRO G 300 -4.06 54.40 27.23
CA PRO G 300 -5.37 54.05 27.74
C PRO G 300 -6.52 54.24 26.71
N GLY G 301 -7.35 53.22 26.52
CA GLY G 301 -8.53 53.39 25.72
C GLY G 301 -8.36 53.28 24.21
N THR G 302 -7.14 52.95 23.74
CA THR G 302 -6.85 52.90 22.29
C THR G 302 -6.90 51.52 21.67
N ASP G 303 -7.53 50.54 22.35
CA ASP G 303 -7.60 49.16 21.85
C ASP G 303 -8.22 49.06 20.48
N THR G 304 -9.27 49.83 20.26
CA THR G 304 -9.95 49.75 18.97
C THR G 304 -9.00 50.13 17.80
N ALA G 305 -8.19 51.17 18.00
CA ALA G 305 -7.16 51.60 17.05
C ALA G 305 -6.14 50.51 16.80
N LEU G 306 -5.64 49.94 17.88
CA LEU G 306 -4.72 48.78 17.80
C LEU G 306 -5.23 47.71 16.86
N PHE G 307 -6.41 47.17 17.18
CA PHE G 307 -6.92 46.07 16.42
C PHE G 307 -7.31 46.44 15.01
N ASN G 308 -7.83 47.63 14.80
CA ASN G 308 -8.10 48.07 13.41
C ASN G 308 -6.80 48.20 12.57
N GLY G 309 -5.70 48.66 13.18
CA GLY G 309 -4.42 48.75 12.47
C GLY G 309 -3.90 47.37 12.17
N LEU G 310 -4.02 46.46 13.15
CA LEU G 310 -3.57 45.08 12.90
C LEU G 310 -4.44 44.34 11.86
N PHE G 311 -5.74 44.49 11.98
CA PHE G 311 -6.63 43.92 11.00
C PHE G 311 -6.27 44.43 9.58
N THR G 312 -6.09 45.74 9.44
CA THR G 312 -5.80 46.34 8.16
C THR G 312 -4.56 45.71 7.57
N TYR G 313 -3.51 45.64 8.41
CA TYR G 313 -2.20 45.11 8.04
C TYR G 313 -2.22 43.64 7.63
N VAL G 314 -2.88 42.75 8.40
CA VAL G 314 -2.90 41.34 8.00
C VAL G 314 -3.67 41.13 6.68
N VAL G 315 -4.72 41.91 6.48
CA VAL G 315 -5.43 41.90 5.20
C VAL G 315 -4.53 42.41 4.05
N GLU G 316 -3.86 43.54 4.24
CA GLU G 316 -2.90 44.01 3.24
C GLU G 316 -1.78 42.98 2.94
N GLN G 317 -1.30 42.26 3.94
CA GLN G 317 -0.28 41.20 3.77
C GLN G 317 -0.79 39.89 3.22
N GLY G 318 -2.10 39.72 3.19
CA GLY G 318 -2.71 38.45 2.91
C GLY G 318 -2.44 37.43 3.99
N TRP G 319 -2.13 37.84 5.23
CA TRP G 319 -2.00 36.88 6.35
C TRP G 319 -3.40 36.57 6.97
N ILE G 320 -4.27 36.07 6.11
CA ILE G 320 -5.64 35.76 6.46
C ILE G 320 -6.01 34.46 5.79
N ASP G 321 -7.17 33.93 6.19
CA ASP G 321 -7.62 32.64 5.69
C ASP G 321 -8.82 32.88 4.75
N LYS G 322 -8.49 33.06 3.45
CA LYS G 322 -9.48 33.42 2.43
C LYS G 322 -10.54 32.37 2.27
N PRO G 323 -10.16 31.08 2.16
CA PRO G 323 -11.21 30.06 2.06
C PRO G 323 -12.15 30.00 3.27
N PHE G 324 -11.61 30.23 4.47
CA PHE G 324 -12.46 30.29 5.68
C PHE G 324 -13.44 31.46 5.59
N ILE G 325 -12.89 32.62 5.27
CA ILE G 325 -13.69 33.84 5.10
C ILE G 325 -14.85 33.59 4.11
N GLU G 326 -14.56 32.95 2.98
CA GLU G 326 -15.56 32.82 1.92
C GLU G 326 -16.62 31.82 2.30
N ALA G 327 -16.24 30.76 2.99
CA ALA G 327 -17.16 29.70 3.35
C ALA G 327 -17.93 29.96 4.66
N HIS G 328 -17.35 30.68 5.61
CA HIS G 328 -17.95 30.70 6.96
C HIS G 328 -18.16 32.08 7.56
N THR G 329 -18.08 33.16 6.78
CA THR G 329 -18.23 34.51 7.32
C THR G 329 -19.10 35.39 6.46
N LYS G 330 -19.56 36.50 7.02
CA LYS G 330 -20.22 37.58 6.28
C LYS G 330 -19.67 38.88 6.77
N GLY G 331 -19.64 39.88 5.88
CA GLY G 331 -19.33 41.25 6.24
C GLY G 331 -17.83 41.61 6.09
N PHE G 332 -16.99 40.67 5.63
CA PHE G 332 -15.53 40.96 5.59
C PHE G 332 -15.17 42.19 4.75
N ASP G 333 -15.72 42.29 3.53
CA ASP G 333 -15.33 43.38 2.66
C ASP G 333 -15.72 44.72 3.23
N ASP G 334 -16.90 44.77 3.81
CA ASP G 334 -17.33 45.97 4.52
C ASP G 334 -16.45 46.35 5.72
N ALA G 335 -16.01 45.34 6.49
CA ALA G 335 -15.11 45.56 7.62
C ALA G 335 -13.73 46.11 7.19
N VAL G 336 -13.19 45.57 6.11
CA VAL G 336 -11.93 46.11 5.53
C VAL G 336 -12.08 47.59 5.27
N LYS G 337 -13.22 48.02 4.74
CA LYS G 337 -13.42 49.43 4.45
C LYS G 337 -13.62 50.30 5.71
N THR G 338 -14.54 49.88 6.55
CA THR G 338 -14.90 50.69 7.71
C THR G 338 -13.76 50.78 8.71
N ASN G 339 -12.94 49.75 8.81
CA ASN G 339 -11.88 49.63 9.83
C ASN G 339 -10.48 49.98 9.36
N ARG G 340 -10.38 50.52 8.14
CA ARG G 340 -9.11 50.79 7.54
C ARG G 340 -8.33 51.79 8.37
N LEU G 341 -7.09 51.45 8.72
CA LEU G 341 -6.20 52.37 9.44
C LEU G 341 -4.80 51.95 9.19
N SER G 342 -3.93 52.91 8.85
CA SER G 342 -2.53 52.60 8.52
C SER G 342 -1.75 52.33 9.78
N LEU G 343 -0.66 51.61 9.65
CA LEU G 343 0.15 51.35 10.84
C LEU G 343 0.74 52.62 11.41
N ASP G 344 1.08 53.60 10.57
CA ASP G 344 1.50 54.93 11.02
C ASP G 344 0.41 55.58 11.86
N GLU G 345 -0.84 55.58 11.38
CA GLU G 345 -1.97 56.18 12.17
C GLU G 345 -2.18 55.40 13.49
N CYS G 346 -2.20 54.07 13.38
CA CYS G 346 -2.27 53.16 14.51
C CYS G 346 -1.21 53.48 15.58
N SER G 347 0.04 53.57 15.15
CA SER G 347 1.14 53.93 16.06
C SER G 347 0.93 55.29 16.72
N ASN G 348 0.48 56.24 15.95
CA ASN G 348 0.25 57.58 16.50
C ASN G 348 -0.81 57.62 17.58
N ILE G 349 -1.91 56.92 17.37
CA ILE G 349 -2.99 56.83 18.33
C ILE G 349 -2.58 56.00 19.54
N THR G 350 -2.02 54.82 19.30
CA THR G 350 -1.78 53.92 20.40
C THR G 350 -0.51 54.22 21.16
N GLY G 351 0.45 54.89 20.50
CA GLY G 351 1.78 55.09 21.05
C GLY G 351 2.70 53.89 20.86
N VAL G 352 2.22 52.82 20.26
CA VAL G 352 3.06 51.66 20.06
C VAL G 352 3.83 51.86 18.73
N PRO G 353 5.17 51.71 18.77
CA PRO G 353 5.93 51.88 17.53
C PRO G 353 5.57 50.87 16.42
N VAL G 354 5.71 51.34 15.18
CA VAL G 354 5.37 50.59 13.99
C VAL G 354 6.13 49.25 13.98
N ASP G 355 7.40 49.25 14.38
CA ASP G 355 8.17 47.99 14.40
C ASP G 355 7.58 46.93 15.34
N MET G 356 6.98 47.36 16.47
CA MET G 356 6.33 46.42 17.35
C MET G 356 4.95 45.89 16.83
N LEU G 357 4.17 46.77 16.18
CA LEU G 357 2.90 46.38 15.53
C LEU G 357 3.23 45.29 14.50
N LYS G 358 4.29 45.50 13.73
CA LYS G 358 4.64 44.57 12.63
C LYS G 358 5.08 43.20 13.20
N ARG G 359 5.80 43.25 14.30
CA ARG G 359 6.30 42.05 14.95
C ARG G 359 5.12 41.22 15.54
N ALA G 360 4.18 41.92 16.20
CA ALA G 360 3.02 41.27 16.79
C ALA G 360 2.26 40.51 15.68
N ALA G 361 2.09 41.16 14.54
CA ALA G 361 1.43 40.58 13.38
C ALA G 361 2.20 39.38 12.76
N GLU G 362 3.52 39.51 12.61
CA GLU G 362 4.37 38.48 12.10
C GLU G 362 4.39 37.24 12.99
N TRP G 363 4.56 37.43 14.28
CA TRP G 363 4.55 36.30 15.20
C TRP G 363 3.16 35.55 15.17
N SER G 364 2.08 36.29 14.99
CA SER G 364 0.74 35.76 15.29
C SER G 364 -0.01 35.26 14.06
N TYR G 365 0.23 35.89 12.89
CA TYR G 365 -0.62 35.69 11.71
C TYR G 365 0.08 35.26 10.43
N LYS G 366 1.38 35.56 10.29
CA LYS G 366 2.12 35.18 9.10
C LYS G 366 2.29 33.65 9.08
N PRO G 367 1.98 33.00 7.94
CA PRO G 367 2.10 31.53 7.88
C PRO G 367 3.45 31.02 8.32
N LYS G 368 3.43 29.87 8.97
CA LYS G 368 4.66 29.21 9.38
C LYS G 368 5.24 28.55 8.12
N ALA G 369 6.51 28.19 8.20
CA ALA G 369 7.23 27.63 7.03
C ALA G 369 6.58 26.38 6.49
N SER G 370 5.95 25.59 7.37
CA SER G 370 5.19 24.38 6.96
C SER G 370 3.84 24.65 6.32
N GLY G 371 3.41 25.91 6.29
CA GLY G 371 2.23 26.30 5.53
C GLY G 371 1.06 26.80 6.36
N GLN G 372 0.96 26.32 7.59
CA GLN G 372 -0.20 26.61 8.40
C GLN G 372 -0.08 27.99 9.07
N ALA G 373 -1.23 28.62 9.34
CA ALA G 373 -1.25 29.86 10.15
C ALA G 373 -0.83 29.49 11.59
N PRO G 374 -0.13 30.40 12.30
CA PRO G 374 0.12 30.17 13.73
C PRO G 374 -1.23 29.92 14.46
N ARG G 375 -1.18 29.10 15.46
CA ARG G 375 -2.34 28.89 16.40
C ARG G 375 -2.21 29.97 17.46
N THR G 376 -2.98 31.02 17.30
CA THR G 376 -2.92 32.16 18.17
C THR G 376 -4.18 32.29 19.02
N MET G 377 -4.04 32.06 20.32
CA MET G 377 -5.16 32.17 21.27
C MET G 377 -5.27 33.62 21.71
N HIS G 378 -6.44 34.23 21.51
CA HIS G 378 -6.71 35.61 21.93
C HIS G 378 -7.57 35.66 23.22
N ALA G 379 -6.94 35.98 24.36
CA ALA G 379 -7.62 36.02 25.62
C ALA G 379 -7.73 37.49 26.03
N TYR G 380 -8.89 37.84 26.54
CA TYR G 380 -9.17 39.21 26.95
C TYR G 380 -9.96 39.26 28.25
N GLU G 381 -9.86 40.38 28.96
CA GLU G 381 -10.70 40.51 30.17
C GLU G 381 -11.03 41.98 30.39
N LYS G 382 -10.96 42.48 31.62
CA LYS G 382 -11.59 43.77 31.98
C LYS G 382 -10.93 45.04 31.45
N GLY G 383 -9.68 44.96 31.05
CA GLY G 383 -9.04 46.08 30.41
C GLY G 383 -9.76 46.48 29.14
N ILE G 384 -10.45 45.53 28.47
CA ILE G 384 -11.29 45.95 27.33
C ILE G 384 -12.76 45.79 27.55
N ILE G 385 -13.17 44.85 28.40
CA ILE G 385 -14.59 44.73 28.76
C ILE G 385 -15.08 45.98 29.48
N TRP G 386 -14.31 46.50 30.43
CA TRP G 386 -14.54 47.83 31.02
C TRP G 386 -13.69 48.93 30.36
N GLY G 387 -13.39 48.81 29.06
CA GLY G 387 -12.54 49.75 28.38
C GLY G 387 -13.41 50.76 27.60
N ASN G 388 -12.75 51.40 26.63
CA ASN G 388 -13.32 52.51 25.88
C ASN G 388 -14.28 52.01 24.84
N ASP G 389 -15.54 51.80 25.22
CA ASP G 389 -16.64 51.39 24.36
C ASP G 389 -16.51 49.89 24.12
N ASN G 390 -16.99 49.14 25.13
CA ASN G 390 -16.97 47.67 25.15
C ASN G 390 -17.40 47.04 23.79
N TYR G 391 -18.50 47.54 23.23
CA TYR G 391 -19.08 46.98 22.04
C TYR G 391 -18.12 47.12 20.84
N VAL G 392 -17.54 48.30 20.69
CA VAL G 392 -16.64 48.56 19.57
C VAL G 392 -15.32 47.78 19.66
N ILE G 393 -14.76 47.66 20.84
CA ILE G 393 -13.44 47.04 20.97
C ILE G 393 -13.56 45.59 20.60
N GLN G 394 -14.59 44.93 21.10
CA GLN G 394 -14.87 43.55 20.74
C GLN G 394 -15.17 43.38 19.23
N SER G 395 -15.90 44.33 18.63
CA SER G 395 -16.11 44.32 17.19
C SER G 395 -14.77 44.32 16.46
N ALA G 396 -13.86 45.20 16.88
CA ALA G 396 -12.55 45.32 16.23
C ALA G 396 -11.71 44.06 16.41
N LEU G 397 -11.69 43.54 17.63
CA LEU G 397 -10.87 42.37 17.95
C LEU G 397 -11.35 41.11 17.24
N LEU G 398 -12.64 40.88 17.32
CA LEU G 398 -13.17 39.68 16.72
C LEU G 398 -12.97 39.66 15.19
N ASP G 399 -13.00 40.84 14.56
CA ASP G 399 -12.76 40.96 13.10
C ASP G 399 -11.39 40.39 12.79
N LEU G 400 -10.39 40.80 13.59
CA LEU G 400 -9.04 40.29 13.41
C LEU G 400 -8.97 38.77 13.60
N VAL G 401 -9.66 38.29 14.61
CA VAL G 401 -9.65 36.88 14.96
C VAL G 401 -10.33 36.05 13.86
N ILE G 402 -11.46 36.53 13.40
CA ILE G 402 -12.26 35.76 12.42
C ILE G 402 -11.48 35.66 11.08
N ALA G 403 -10.93 36.77 10.63
CA ALA G 403 -10.17 36.80 9.37
C ALA G 403 -8.97 35.88 9.39
N THR G 404 -8.38 35.71 10.58
CA THR G 404 -7.21 34.86 10.74
C THR G 404 -7.53 33.48 11.20
N HIS G 405 -8.82 33.11 11.19
CA HIS G 405 -9.25 31.80 11.54
C HIS G 405 -8.74 31.36 12.89
N ASN G 406 -8.80 32.26 13.87
CA ASN G 406 -8.30 31.89 15.22
C ASN G 406 -9.44 31.60 16.21
N VAL G 407 -10.49 30.96 15.69
CA VAL G 407 -11.57 30.37 16.50
C VAL G 407 -11.83 29.04 15.88
N GLY G 408 -12.06 28.08 16.73
CA GLY G 408 -12.40 26.75 16.30
C GLY G 408 -11.27 25.89 15.81
N ARG G 409 -10.02 26.38 15.82
CA ARG G 409 -8.88 25.46 15.65
C ARG G 409 -8.24 25.21 17.01
N ARG G 410 -7.66 24.02 17.22
CA ARG G 410 -6.96 23.79 18.47
C ARG G 410 -5.73 24.72 18.63
N GLY G 411 -5.50 25.13 19.87
CA GLY G 411 -4.52 26.09 20.19
C GLY G 411 -4.95 27.52 19.85
N THR G 412 -6.23 27.76 19.56
CA THR G 412 -6.74 29.10 19.28
C THR G 412 -7.92 29.44 20.23
N GLY G 413 -8.70 30.42 19.84
CA GLY G 413 -9.80 30.90 20.62
C GLY G 413 -9.75 32.37 20.71
N CYS G 414 -10.91 33.00 20.85
CA CYS G 414 -10.95 34.43 21.21
C CYS G 414 -11.89 34.46 22.40
N VAL G 415 -11.30 34.49 23.60
CA VAL G 415 -12.04 34.08 24.81
C VAL G 415 -11.89 35.09 25.92
N ARG G 416 -12.96 35.22 26.69
CA ARG G 416 -12.86 35.80 28.02
C ARG G 416 -11.95 34.93 28.90
N MET G 417 -11.10 35.61 29.66
CA MET G 417 -10.41 34.92 30.74
C MET G 417 -11.34 34.66 31.96
N GLY G 418 -12.32 35.53 32.17
CA GLY G 418 -13.35 35.32 33.13
C GLY G 418 -12.98 36.03 34.41
N GLY G 419 -13.96 36.10 35.28
CA GLY G 419 -13.80 36.76 36.58
C GLY G 419 -14.14 35.84 37.70
N HIS G 420 -15.41 35.78 38.07
CA HIS G 420 -15.90 34.72 38.87
C HIS G 420 -16.04 33.51 37.94
N GLN G 421 -16.34 32.35 38.52
CA GLN G 421 -16.91 31.22 37.74
C GLN G 421 -18.25 31.60 37.18
N GLU G 422 -18.73 30.73 36.31
CA GLU G 422 -19.99 30.93 35.62
C GLU G 422 -21.01 29.90 36.15
N GLY G 423 -22.26 30.31 36.20
CA GLY G 423 -23.30 29.38 36.59
C GLY G 423 -24.67 29.96 36.36
N TYR G 424 -24.97 30.33 35.11
CA TYR G 424 -26.18 31.08 34.80
C TYR G 424 -27.30 30.16 34.21
N THR G 425 -28.42 30.12 34.93
CA THR G 425 -29.69 29.53 34.44
C THR G 425 -30.79 30.50 34.91
N ARG G 426 -31.45 31.18 34.00
CA ARG G 426 -32.52 32.09 34.34
C ARG G 426 -33.63 32.18 33.29
N PRO G 427 -34.83 32.64 33.70
CA PRO G 427 -35.80 33.07 32.73
C PRO G 427 -35.31 34.26 31.97
N PRO G 428 -35.86 34.51 30.78
CA PRO G 428 -35.56 35.77 30.08
C PRO G 428 -35.89 37.03 30.89
N TYR G 429 -35.07 38.06 30.72
CA TYR G 429 -35.28 39.38 31.27
C TYR G 429 -36.66 39.92 30.78
N PRO G 430 -37.55 40.35 31.70
CA PRO G 430 -38.93 40.69 31.31
C PRO G 430 -39.21 42.12 30.87
N GLY G 431 -38.24 42.84 30.34
CA GLY G 431 -38.54 44.09 29.59
C GLY G 431 -37.79 44.10 28.25
N ASP G 432 -37.92 45.18 27.51
CA ASP G 432 -37.31 45.29 26.18
C ASP G 432 -36.32 46.44 26.04
N LYS G 433 -36.08 47.20 27.12
CA LYS G 433 -35.13 48.32 27.06
C LYS G 433 -34.10 48.15 28.16
N LYS G 434 -32.95 48.79 28.00
CA LYS G 434 -31.92 48.72 29.03
C LYS G 434 -32.13 49.91 29.94
N ILE G 435 -31.95 49.63 31.21
CA ILE G 435 -32.27 50.62 32.23
C ILE G 435 -31.02 50.78 33.07
N TYR G 436 -30.57 52.02 33.19
CA TYR G 436 -29.40 52.34 33.98
C TYR G 436 -29.88 52.47 35.45
N ILE G 437 -29.77 51.37 36.17
CA ILE G 437 -30.40 51.23 37.46
C ILE G 437 -29.88 52.21 38.48
N ASP G 438 -28.57 52.39 38.55
CA ASP G 438 -28.00 53.31 39.48
C ASP G 438 -28.57 54.74 39.27
N GLN G 439 -28.70 55.15 38.01
CA GLN G 439 -29.17 56.49 37.70
C GLN G 439 -30.63 56.66 38.15
N GLU G 440 -31.43 55.63 37.92
CA GLU G 440 -32.78 55.56 38.38
C GLU G 440 -32.89 55.70 39.92
N LEU G 441 -32.04 54.99 40.68
CA LEU G 441 -32.04 55.12 42.17
C LEU G 441 -31.64 56.51 42.62
N ILE G 442 -30.61 57.06 41.99
CA ILE G 442 -30.11 58.41 42.27
C ILE G 442 -31.15 59.44 41.96
N LYS G 443 -31.93 59.24 40.92
CA LYS G 443 -33.02 60.17 40.56
C LYS G 443 -34.22 60.01 41.46
N GLY G 444 -34.27 59.01 42.33
CA GLY G 444 -35.39 58.85 43.27
C GLY G 444 -36.44 57.81 42.94
N LYS G 445 -36.18 56.93 41.97
CA LYS G 445 -37.12 55.89 41.61
C LYS G 445 -36.95 54.68 42.51
N GLY G 446 -38.00 53.86 42.57
CA GLY G 446 -38.06 52.64 43.36
C GLY G 446 -38.53 52.86 44.79
N ARG G 447 -39.26 51.88 45.30
CA ARG G 447 -39.71 51.83 46.71
C ARG G 447 -38.76 50.99 47.59
N ILE G 448 -38.23 49.93 46.98
CA ILE G 448 -37.46 48.93 47.69
C ILE G 448 -36.38 48.46 46.76
N MET G 449 -35.16 48.46 47.29
CA MET G 449 -33.98 48.03 46.57
C MET G 449 -33.35 46.89 47.40
N THR G 450 -33.13 45.75 46.76
CA THR G 450 -32.34 44.66 47.31
C THR G 450 -30.96 44.44 46.62
N TRP G 451 -29.87 44.51 47.40
CA TRP G 451 -28.52 44.10 47.01
C TRP G 451 -28.44 42.63 47.42
N TRP G 452 -28.13 41.76 46.48
CA TRP G 452 -28.18 40.33 46.71
C TRP G 452 -26.85 39.80 46.26
N GLY G 453 -26.00 39.44 47.23
CA GLY G 453 -24.68 38.93 46.96
C GLY G 453 -23.80 39.85 46.12
N CYS G 454 -23.88 41.17 46.39
CA CYS G 454 -22.96 42.16 45.83
C CYS G 454 -23.01 43.37 46.72
N ASN G 455 -22.08 44.28 46.46
CA ASN G 455 -21.89 45.46 47.32
C ASN G 455 -21.46 46.63 46.48
N ASN G 456 -22.44 47.25 45.82
CA ASN G 456 -22.18 48.34 44.93
C ASN G 456 -21.75 49.63 45.64
N PHE G 457 -21.82 49.68 46.97
CA PHE G 457 -21.18 50.77 47.66
C PHE G 457 -19.69 50.75 47.36
N GLN G 458 -19.10 49.56 47.23
CA GLN G 458 -17.69 49.47 46.96
C GLN G 458 -17.35 49.26 45.44
N THR G 459 -18.33 48.86 44.65
CA THR G 459 -18.08 48.42 43.29
C THR G 459 -18.84 49.09 42.14
N SER G 460 -19.81 49.99 42.43
CA SER G 460 -20.44 50.74 41.33
C SER G 460 -19.44 51.67 40.64
N ASN G 461 -19.67 51.96 39.37
CA ASN G 461 -19.04 53.08 38.73
C ASN G 461 -19.73 54.34 39.30
N ASN G 462 -19.00 55.44 39.40
CA ASN G 462 -19.61 56.70 39.96
C ASN G 462 -20.17 56.42 41.36
N ALA G 463 -19.36 55.68 42.15
CA ALA G 463 -19.86 55.05 43.39
C ALA G 463 -20.19 56.09 44.47
N GLN G 464 -19.50 57.22 44.47
CA GLN G 464 -19.78 58.24 45.48
C GLN G 464 -21.17 58.83 45.36
N ALA G 465 -21.58 59.09 44.14
CA ALA G 465 -22.90 59.60 43.86
C ALA G 465 -23.95 58.56 44.26
N LEU G 466 -23.66 57.29 43.98
CA LEU G 466 -24.58 56.25 44.37
C LEU G 466 -24.67 56.18 45.86
N ARG G 467 -23.52 56.12 46.55
CA ARG G 467 -23.61 55.98 48.02
C ARG G 467 -24.30 57.14 48.68
N GLU G 468 -23.97 58.34 48.23
CA GLU G 468 -24.63 59.53 48.78
C GLU G 468 -26.18 59.43 48.63
N ALA G 469 -26.64 59.07 47.45
CA ALA G 469 -28.07 59.01 47.22
C ALA G 469 -28.73 57.89 48.03
N ILE G 470 -28.10 56.74 48.11
CA ILE G 470 -28.66 55.69 48.88
C ILE G 470 -28.67 56.01 50.39
N LEU G 471 -27.60 56.54 50.92
CA LEU G 471 -27.59 56.90 52.34
C LEU G 471 -28.71 57.93 52.64
N GLN G 472 -28.87 58.91 51.76
CA GLN G 472 -29.91 59.92 51.93
C GLN G 472 -31.28 59.37 51.89
N ARG G 473 -31.56 58.56 50.88
CA ARG G 473 -32.88 57.95 50.78
C ARG G 473 -33.24 56.97 51.92
N SER G 474 -32.24 56.23 52.40
CA SER G 474 -32.38 55.29 53.49
C SER G 474 -32.71 56.01 54.76
N ALA G 475 -32.05 57.14 54.98
CA ALA G 475 -32.24 58.02 56.18
C ALA G 475 -33.69 58.55 56.30
N ILE G 476 -34.35 58.78 55.16
CA ILE G 476 -35.76 59.19 55.11
C ILE G 476 -36.63 58.07 55.72
N VAL G 477 -36.34 56.82 55.32
CA VAL G 477 -37.05 55.67 55.85
C VAL G 477 -36.76 55.50 57.37
N LYS G 478 -35.48 55.65 57.74
CA LYS G 478 -35.08 55.48 59.17
C LYS G 478 -35.83 56.49 60.02
N GLN G 479 -35.90 57.72 59.52
CA GLN G 479 -36.57 58.80 60.23
C GLN G 479 -38.08 58.57 60.38
N ALA G 480 -38.71 58.06 59.35
CA ALA G 480 -40.11 57.73 59.42
C ALA G 480 -40.40 56.57 60.35
N MET G 481 -39.57 55.52 60.32
CA MET G 481 -39.72 54.38 61.21
C MET G 481 -39.59 54.76 62.75
N GLN G 482 -38.91 55.89 63.04
CA GLN G 482 -38.69 56.45 64.40
CA GLN G 482 -38.68 56.36 64.42
C GLN G 482 -39.95 56.62 65.23
N LYS G 483 -40.98 57.17 64.57
CA LYS G 483 -42.22 57.52 65.25
C LYS G 483 -43.00 56.34 65.69
N ALA G 484 -42.83 55.18 65.04
CA ALA G 484 -43.63 54.01 65.36
C ALA G 484 -43.52 53.54 66.84
N ARG G 485 -44.65 53.11 67.39
CA ARG G 485 -44.75 52.57 68.72
C ARG G 485 -45.69 51.49 68.68
N GLY G 486 -45.22 50.30 68.89
CA GLY G 486 -46.09 49.18 68.94
C GLY G 486 -46.76 48.90 67.63
N ALA G 487 -46.09 49.23 66.52
CA ALA G 487 -46.70 49.08 65.18
C ALA G 487 -46.80 47.62 64.80
N THR G 488 -47.94 47.23 64.23
CA THR G 488 -48.04 45.91 63.62
C THR G 488 -47.16 45.94 62.38
N THR G 489 -46.93 44.77 61.83
CA THR G 489 -46.17 44.66 60.58
C THR G 489 -46.86 45.41 59.45
N GLU G 490 -48.14 45.18 59.28
CA GLU G 490 -48.91 45.94 58.30
C GLU G 490 -48.75 47.43 58.47
N GLU G 491 -48.87 47.94 59.70
CA GLU G 491 -48.71 49.35 59.93
C GLU G 491 -47.30 49.86 59.57
N MET G 492 -46.26 49.06 59.84
CA MET G 492 -44.86 49.47 59.54
C MET G 492 -44.63 49.48 58.03
N VAL G 493 -45.14 48.47 57.33
CA VAL G 493 -45.11 48.46 55.86
C VAL G 493 -45.74 49.74 55.30
N ASP G 494 -46.89 50.17 55.83
CA ASP G 494 -47.47 51.47 55.41
C ASP G 494 -46.65 52.68 55.74
N VAL G 495 -46.01 52.70 56.91
CA VAL G 495 -45.11 53.79 57.33
C VAL G 495 -43.95 53.92 56.31
N ILE G 496 -43.32 52.78 56.02
CA ILE G 496 -42.17 52.69 55.15
C ILE G 496 -42.60 53.13 53.77
N TYR G 497 -43.70 52.59 53.27
CA TYR G 497 -44.17 52.92 51.92
C TYR G 497 -44.44 54.40 51.78
N GLU G 498 -45.11 54.99 52.76
CA GLU G 498 -45.31 56.43 52.74
C GLU G 498 -43.98 57.19 52.71
N ALA G 499 -42.97 56.73 53.46
CA ALA G 499 -41.66 57.42 53.44
C ALA G 499 -41.03 57.35 52.02
N THR G 500 -41.28 56.25 51.34
CA THR G 500 -40.82 56.10 49.94
C THR G 500 -41.55 57.03 48.95
N GLN G 501 -42.74 57.52 49.32
CA GLN G 501 -43.43 58.55 48.52
C GLN G 501 -42.88 59.93 48.79
N ASN G 502 -42.06 60.07 49.81
CA ASN G 502 -41.36 61.29 50.11
C ASN G 502 -39.84 61.18 49.89
N GLY G 503 -39.41 60.42 48.88
CA GLY G 503 -37.98 60.43 48.54
C GLY G 503 -37.24 59.22 49.14
N GLY G 504 -37.94 58.45 49.99
CA GLY G 504 -37.32 57.34 50.70
C GLY G 504 -37.08 56.09 49.88
N LEU G 505 -36.31 55.15 50.45
CA LEU G 505 -35.98 53.86 49.82
C LEU G 505 -35.69 52.85 50.89
N PHE G 506 -36.41 51.75 50.85
CA PHE G 506 -36.17 50.68 51.79
C PHE G 506 -35.11 49.85 51.12
N VAL G 507 -34.15 49.38 51.92
CA VAL G 507 -32.93 48.75 51.41
C VAL G 507 -32.79 47.42 52.17
N THR G 508 -32.67 46.33 51.42
CA THR G 508 -32.36 45.05 51.97
C THR G 508 -31.04 44.59 51.40
N SER G 509 -30.28 43.84 52.21
CA SER G 509 -29.06 43.17 51.77
C SER G 509 -29.14 41.70 52.13
N ILE G 510 -28.81 40.86 51.17
CA ILE G 510 -28.76 39.42 51.34
C ILE G 510 -27.33 39.01 51.07
N ASN G 511 -26.66 38.53 52.12
CA ASN G 511 -25.18 38.58 52.15
C ASN G 511 -24.65 37.59 53.19
N LEU G 512 -23.37 37.38 53.15
CA LEU G 512 -22.66 36.63 54.19
C LEU G 512 -22.29 37.50 55.39
N TYR G 513 -22.14 38.83 55.19
CA TYR G 513 -21.61 39.71 56.22
C TYR G 513 -22.40 41.05 56.15
N PRO G 514 -22.23 41.90 57.17
CA PRO G 514 -22.89 43.20 57.11
C PRO G 514 -22.46 44.06 55.92
N THR G 515 -21.13 44.16 55.74
CA THR G 515 -20.45 44.99 54.74
C THR G 515 -20.77 46.48 54.94
N LYS G 516 -20.14 47.35 54.16
CA LYS G 516 -20.51 48.78 54.15
C LYS G 516 -22.01 49.00 53.85
N LEU G 517 -22.64 48.07 53.17
CA LEU G 517 -24.09 48.23 52.92
C LEU G 517 -24.87 48.45 54.26
N ALA G 518 -24.42 47.84 55.35
CA ALA G 518 -25.04 48.05 56.68
C ALA G 518 -25.16 49.50 57.12
N GLU G 519 -24.41 50.40 56.51
CA GLU G 519 -24.55 51.83 56.72
C GLU G 519 -25.89 52.37 56.22
N ALA G 520 -26.53 51.69 55.27
CA ALA G 520 -27.81 52.14 54.67
C ALA G 520 -28.96 51.18 54.85
N ALA G 521 -28.69 49.87 55.01
CA ALA G 521 -29.71 48.85 54.93
C ALA G 521 -30.65 48.97 56.06
N HIS G 522 -31.89 48.57 55.82
CA HIS G 522 -32.86 48.41 56.91
C HIS G 522 -33.10 46.96 57.31
N LEU G 523 -32.69 46.02 56.43
CA LEU G 523 -32.90 44.61 56.61
C LEU G 523 -31.77 43.86 55.98
N MET G 524 -31.23 42.88 56.69
CA MET G 524 -30.17 42.05 56.15
C MET G 524 -30.50 40.61 56.45
N LEU G 525 -30.42 39.77 55.41
CA LEU G 525 -30.62 38.36 55.50
C LEU G 525 -29.35 37.50 55.34
N PRO G 526 -29.19 36.43 56.16
CA PRO G 526 -27.99 35.61 56.15
C PRO G 526 -27.99 34.50 55.09
N ALA G 527 -26.98 34.49 54.25
CA ALA G 527 -26.82 33.47 53.24
C ALA G 527 -25.73 32.48 53.58
N ALA G 528 -25.64 31.46 52.74
CA ALA G 528 -24.73 30.33 52.93
C ALA G 528 -23.88 30.16 51.68
N HIS G 529 -22.64 29.78 51.88
CA HIS G 529 -21.67 29.65 50.80
C HIS G 529 -21.31 28.15 50.56
N PRO G 530 -20.58 27.83 49.45
CA PRO G 530 -20.38 26.41 49.10
C PRO G 530 -19.64 25.64 50.19
N GLY G 531 -20.07 24.39 50.44
CA GLY G 531 -19.59 23.63 51.59
C GLY G 531 -20.59 23.71 52.76
N GLU G 532 -21.25 24.88 52.93
CA GLU G 532 -22.45 24.98 53.77
C GLU G 532 -23.69 24.55 52.98
N MET G 533 -23.53 24.44 51.66
CA MET G 533 -24.54 23.98 50.77
C MET G 533 -23.84 23.30 49.62
N ASN G 534 -24.64 22.54 48.87
CA ASN G 534 -24.18 22.01 47.58
C ASN G 534 -24.23 23.12 46.56
N LEU G 535 -23.31 23.11 45.58
CA LEU G 535 -23.37 24.16 44.56
C LEU G 535 -22.68 23.70 43.25
N THR G 536 -23.30 24.00 42.12
CA THR G 536 -22.71 23.72 40.86
C THR G 536 -22.34 24.99 40.14
N SER G 537 -21.25 24.90 39.40
CA SER G 537 -20.74 26.00 38.59
C SER G 537 -19.76 25.51 37.55
N MET G 538 -19.49 26.35 36.58
CA MET G 538 -18.47 25.97 35.55
C MET G 538 -17.38 27.00 35.52
N ASN G 539 -16.22 26.58 35.02
CA ASN G 539 -15.00 27.47 34.96
C ASN G 539 -14.82 28.08 33.52
N GLY G 540 -13.62 28.61 33.17
CA GLY G 540 -13.49 29.39 31.97
C GLY G 540 -13.40 28.54 30.70
N GLU G 541 -13.45 27.22 30.84
CA GLU G 541 -13.52 26.23 29.75
C GLU G 541 -14.84 25.43 29.85
N ARG G 542 -15.82 25.99 30.56
CA ARG G 542 -17.19 25.42 30.65
C ARG G 542 -17.22 24.10 31.41
N ARG G 543 -16.25 23.86 32.27
CA ARG G 543 -16.17 22.65 33.04
C ARG G 543 -17.04 22.72 34.30
N ILE G 544 -18.21 22.07 34.26
CA ILE G 544 -19.18 22.10 35.41
C ILE G 544 -18.78 21.08 36.46
N ARG G 545 -18.74 21.51 37.72
CA ARG G 545 -18.40 20.61 38.85
C ARG G 545 -19.42 20.85 39.98
N LEU G 546 -19.59 19.84 40.81
CA LEU G 546 -20.33 19.95 42.03
C LEU G 546 -19.39 20.21 43.21
N SER G 547 -19.66 21.31 43.93
CA SER G 547 -19.10 21.50 45.28
C SER G 547 -20.04 20.90 46.36
N GLU G 548 -19.51 19.99 47.17
CA GLU G 548 -20.31 19.21 48.11
C GLU G 548 -20.44 19.86 49.49
N LYS G 549 -21.63 19.83 50.02
CA LYS G 549 -21.88 20.26 51.42
C LYS G 549 -21.09 19.36 52.35
N PHE G 550 -20.43 19.95 53.34
CA PHE G 550 -19.74 19.18 54.39
C PHE G 550 -19.91 19.71 55.81
N MET G 551 -20.64 20.83 55.99
CA MET G 551 -20.80 21.50 57.30
C MET G 551 -22.10 22.33 57.31
N ASP G 552 -22.57 22.70 58.50
CA ASP G 552 -23.76 23.51 58.64
C ASP G 552 -23.45 24.95 58.40
N PRO G 553 -24.41 25.71 57.89
CA PRO G 553 -24.15 27.16 57.89
C PRO G 553 -24.27 27.75 59.29
N PRO G 554 -23.77 28.99 59.46
CA PRO G 554 -23.98 29.69 60.74
C PRO G 554 -25.42 30.01 61.00
N GLY G 555 -25.84 29.75 62.23
CA GLY G 555 -27.19 30.13 62.71
C GLY G 555 -28.25 29.64 61.71
N THR G 556 -29.09 30.57 61.22
CA THR G 556 -30.16 30.30 60.30
C THR G 556 -29.86 30.78 58.87
N ALA G 557 -28.57 30.91 58.54
CA ALA G 557 -28.17 31.30 57.21
C ALA G 557 -28.69 30.24 56.19
N MET G 558 -29.06 30.71 55.00
CA MET G 558 -29.67 29.84 54.00
C MET G 558 -29.07 29.98 52.61
N ALA G 559 -29.10 28.91 51.86
CA ALA G 559 -28.73 29.00 50.45
C ALA G 559 -29.58 30.07 49.76
N ASP G 560 -29.01 30.83 48.85
CA ASP G 560 -29.72 31.96 48.22
C ASP G 560 -30.99 31.51 47.43
N CYS G 561 -30.91 30.41 46.70
CA CYS G 561 -32.07 29.85 46.01
C CYS G 561 -33.22 29.53 46.97
N LEU G 562 -32.87 29.11 48.20
CA LEU G 562 -33.85 28.84 49.24
C LEU G 562 -34.41 30.12 49.91
N ILE G 563 -33.62 31.17 49.95
CA ILE G 563 -34.13 32.47 50.39
C ILE G 563 -35.12 32.97 49.35
N ALA G 564 -34.78 32.83 48.08
CA ALA G 564 -35.67 33.24 47.00
C ALA G 564 -37.01 32.47 47.11
N ALA G 565 -36.94 31.18 47.36
CA ALA G 565 -38.16 30.32 47.52
C ALA G 565 -38.97 30.81 48.74
N ARG G 566 -38.27 31.21 49.79
CA ARG G 566 -38.93 31.71 50.98
C ARG G 566 -39.75 32.99 50.72
N ILE G 567 -39.14 33.90 50.02
CA ILE G 567 -39.78 35.17 49.67
C ILE G 567 -40.97 34.86 48.74
N ALA G 568 -40.77 33.99 47.76
CA ALA G 568 -41.82 33.72 46.79
C ALA G 568 -43.06 33.08 47.51
N ASN G 569 -42.81 32.18 48.45
CA ASN G 569 -43.84 31.48 49.19
C ASN G 569 -44.55 32.39 50.17
N ALA G 570 -43.81 33.36 50.69
CA ALA G 570 -44.39 34.36 51.58
C ALA G 570 -45.32 35.30 50.75
N LEU G 571 -44.89 35.62 49.53
CA LEU G 571 -45.72 36.47 48.66
C LEU G 571 -46.98 35.67 48.16
N ARG G 572 -46.82 34.40 47.83
CA ARG G 572 -47.94 33.58 47.37
C ARG G 572 -49.06 33.54 48.45
N ASP G 573 -48.65 33.24 49.70
CA ASP G 573 -49.59 33.17 50.83
CA ASP G 573 -49.57 33.18 50.84
C ASP G 573 -50.31 34.51 51.03
N MET G 574 -49.58 35.60 50.97
CA MET G 574 -50.21 36.93 51.11
C MET G 574 -51.26 37.13 50.05
N TYR G 575 -50.93 36.79 48.81
CA TYR G 575 -51.90 36.93 47.73
C TYR G 575 -53.10 35.97 47.84
N GLN G 576 -52.85 34.72 48.24
CA GLN G 576 -53.91 33.79 48.51
C GLN G 576 -54.82 34.34 49.63
N LYS G 577 -54.27 34.76 50.75
CA LYS G 577 -55.09 35.36 51.87
C LYS G 577 -55.94 36.60 51.44
N ASP G 578 -55.40 37.39 50.53
CA ASP G 578 -56.05 38.59 49.99
C ASP G 578 -57.03 38.25 48.85
N GLY G 579 -57.25 36.97 48.57
CA GLY G 579 -58.14 36.50 47.52
C GLY G 579 -57.71 36.75 46.08
N LYS G 580 -56.40 36.87 45.82
CA LYS G 580 -55.87 37.27 44.51
C LYS G 580 -55.19 36.07 43.86
N ALA G 581 -56.02 35.20 43.26
CA ALA G 581 -55.56 33.92 42.70
C ALA G 581 -54.55 34.09 41.55
N GLU G 582 -54.76 35.09 40.69
CA GLU G 582 -53.91 35.34 39.53
C GLU G 582 -52.49 35.82 39.99
N MET G 583 -52.42 36.73 40.95
CA MET G 583 -51.12 37.16 41.51
C MET G 583 -50.45 36.01 42.23
N ALA G 584 -51.19 35.26 43.01
CA ALA G 584 -50.64 34.13 43.75
C ALA G 584 -50.07 33.07 42.82
N ALA G 585 -50.69 32.84 41.67
CA ALA G 585 -50.14 31.82 40.73
C ALA G 585 -48.77 32.26 40.14
N GLN G 586 -48.52 33.55 40.04
CA GLN G 586 -47.17 34.01 39.65
C GLN G 586 -46.04 33.52 40.59
N PHE G 587 -46.39 33.21 41.84
CA PHE G 587 -45.44 32.77 42.86
C PHE G 587 -45.41 31.26 43.06
N GLU G 588 -46.06 30.52 42.15
CA GLU G 588 -45.92 29.08 42.12
C GLU G 588 -44.52 28.61 41.68
N GLY G 589 -44.21 27.37 42.06
CA GLY G 589 -43.03 26.67 41.57
C GLY G 589 -41.77 26.91 42.35
N PHE G 590 -41.94 27.23 43.64
CA PHE G 590 -40.83 27.34 44.60
C PHE G 590 -41.01 26.42 45.82
N ASP G 591 -41.58 25.24 45.58
CA ASP G 591 -41.72 24.24 46.62
C ASP G 591 -40.42 23.51 46.81
N TRP G 592 -39.41 24.18 47.34
CA TRP G 592 -38.03 23.64 47.33
C TRP G 592 -37.56 23.36 48.75
N LYS G 593 -37.08 22.16 49.02
CA LYS G 593 -36.55 21.82 50.36
C LYS G 593 -35.02 21.94 50.44
N THR G 594 -34.36 21.80 49.30
CA THR G 594 -32.90 21.76 49.23
C THR G 594 -32.49 22.39 47.92
N GLU G 595 -31.26 22.86 47.85
CA GLU G 595 -30.76 23.50 46.65
C GLU G 595 -30.81 22.63 45.38
N GLU G 596 -30.63 21.32 45.51
CA GLU G 596 -30.78 20.40 44.40
C GLU G 596 -32.12 20.55 43.68
N ASP G 597 -33.17 20.95 44.41
CA ASP G 597 -34.50 21.15 43.83
C ASP G 597 -34.44 22.29 42.86
N ALA G 598 -33.57 23.27 43.14
CA ALA G 598 -33.37 24.40 42.26
C ALA G 598 -32.58 24.02 41.02
N PHE G 599 -31.61 23.14 41.17
CA PHE G 599 -30.89 22.59 40.03
C PHE G 599 -31.84 21.81 39.14
N ASN G 600 -32.68 20.98 39.74
CA ASN G 600 -33.70 20.23 38.96
C ASN G 600 -34.74 21.08 38.26
N ASP G 601 -35.15 22.18 38.86
CA ASP G 601 -36.16 23.07 38.28
C ASP G 601 -35.65 24.00 37.18
N GLY G 602 -34.36 24.41 37.23
CA GLY G 602 -33.79 25.34 36.27
C GLY G 602 -32.91 24.61 35.24
N PHE G 603 -31.65 24.40 35.60
CA PHE G 603 -30.63 23.81 34.72
C PHE G 603 -31.16 22.52 34.04
N ARG G 604 -31.72 21.63 34.84
CA ARG G 604 -32.19 20.37 34.31
C ARG G 604 -33.48 20.46 33.54
N ARG G 605 -34.21 21.59 33.57
CA ARG G 605 -35.46 21.70 32.76
C ARG G 605 -35.33 22.45 31.43
N ALA G 606 -34.19 23.14 31.22
CA ALA G 606 -33.97 23.92 30.03
C ALA G 606 -34.14 23.06 28.78
N GLY G 607 -35.01 23.55 27.91
CA GLY G 607 -35.18 22.97 26.61
C GLY G 607 -36.09 21.80 26.68
N GLN G 608 -36.67 21.45 27.84
CA GLN G 608 -37.38 20.17 27.99
C GLN G 608 -38.89 20.31 27.74
N PRO G 609 -39.56 19.19 27.38
CA PRO G 609 -40.99 19.28 27.06
C PRO G 609 -41.80 19.86 28.21
N GLY G 610 -42.57 20.92 27.92
CA GLY G 610 -43.38 21.55 28.96
C GLY G 610 -42.69 22.54 29.87
N ALA G 611 -41.40 22.83 29.63
CA ALA G 611 -40.65 23.75 30.50
C ALA G 611 -40.96 25.16 30.00
N PRO G 612 -40.89 26.18 30.85
CA PRO G 612 -40.99 27.55 30.36
C PRO G 612 -39.66 27.93 29.66
N ALA G 613 -39.60 29.13 29.11
CA ALA G 613 -38.42 29.61 28.47
C ALA G 613 -37.29 29.77 29.53
N ILE G 614 -36.13 29.18 29.25
CA ILE G 614 -35.01 29.18 30.17
C ILE G 614 -33.75 29.46 29.37
N ASP G 615 -32.96 30.44 29.78
CA ASP G 615 -31.63 30.72 29.24
C ASP G 615 -30.66 30.05 30.18
N SER G 616 -30.00 29.01 29.71
CA SER G 616 -29.06 28.25 30.55
C SER G 616 -27.72 28.01 29.84
N GLN G 617 -26.62 28.23 30.56
CA GLN G 617 -25.32 27.80 30.06
C GLN G 617 -25.17 26.27 29.85
N GLY G 618 -26.04 25.46 30.41
CA GLY G 618 -26.00 24.02 30.17
C GLY G 618 -26.72 23.59 28.88
N GLY G 619 -27.54 24.46 28.32
CA GLY G 619 -28.27 24.20 27.08
C GLY G 619 -29.34 23.16 27.32
N SER G 620 -29.85 22.61 26.23
CA SER G 620 -30.98 21.72 26.32
C SER G 620 -30.54 20.29 26.75
N THR G 621 -29.24 19.99 26.85
CA THR G 621 -28.77 18.70 27.38
C THR G 621 -28.36 18.78 28.85
N GLY G 622 -28.67 19.88 29.50
CA GLY G 622 -28.39 20.02 30.95
C GLY G 622 -29.07 18.95 31.79
N HIS G 623 -30.24 18.45 31.33
CA HIS G 623 -30.96 17.42 32.06
C HIS G 623 -30.12 16.15 32.26
N LEU G 624 -29.09 15.97 31.43
CA LEU G 624 -28.23 14.81 31.56
C LEU G 624 -27.33 14.87 32.78
N VAL G 625 -27.12 16.09 33.27
CA VAL G 625 -26.30 16.30 34.47
C VAL G 625 -27.18 16.11 35.69
N THR G 626 -26.70 15.38 36.69
CA THR G 626 -27.34 15.31 38.02
C THR G 626 -26.23 15.40 39.06
N TYR G 627 -26.55 15.72 40.32
CA TYR G 627 -25.53 15.72 41.37
C TYR G 627 -24.77 14.39 41.46
N ASP G 628 -25.47 13.26 41.44
CA ASP G 628 -24.78 11.96 41.53
C ASP G 628 -23.80 11.71 40.37
N ARG G 629 -24.16 12.12 39.16
CA ARG G 629 -23.26 11.96 37.99
C ARG G 629 -22.04 12.87 38.07
N LEU G 630 -22.25 14.10 38.52
CA LEU G 630 -21.10 15.02 38.77
C LEU G 630 -20.19 14.56 39.84
N ARG G 631 -20.78 14.04 40.89
CA ARG G 631 -20.01 13.48 41.98
C ARG G 631 -19.09 12.38 41.46
N LYS G 632 -19.60 11.54 40.56
CA LYS G 632 -18.81 10.46 40.00
C LYS G 632 -17.73 10.99 39.03
N SER G 633 -17.95 12.10 38.34
CA SER G 633 -16.92 12.70 37.50
C SER G 633 -15.76 13.31 38.32
N GLY G 634 -16.00 13.58 39.61
CA GLY G 634 -14.96 14.20 40.45
C GLY G 634 -14.74 15.68 40.10
N ASN G 635 -13.56 16.19 40.48
CA ASN G 635 -13.24 17.57 40.22
C ASN G 635 -12.95 17.85 38.73
N ASN G 636 -12.79 16.80 37.93
CA ASN G 636 -12.75 17.00 36.48
C ASN G 636 -14.08 17.32 35.80
N GLY G 637 -15.19 16.91 36.44
CA GLY G 637 -16.53 17.29 35.98
C GLY G 637 -16.70 16.95 34.50
N VAL G 638 -17.32 17.85 33.77
CA VAL G 638 -17.54 17.70 32.35
C VAL G 638 -17.61 19.07 31.70
N GLN G 639 -17.02 19.16 30.50
CA GLN G 639 -17.09 20.41 29.76
C GLN G 639 -18.41 20.46 29.05
N LEU G 640 -19.17 21.53 29.31
CA LEU G 640 -20.42 21.75 28.66
C LEU G 640 -20.24 22.22 27.19
N PRO G 641 -21.22 21.98 26.31
CA PRO G 641 -22.41 21.14 26.58
C PRO G 641 -22.15 19.63 26.67
N VAL G 642 -22.91 18.95 27.53
CA VAL G 642 -22.86 17.53 27.60
C VAL G 642 -23.41 16.98 26.25
N VAL G 643 -22.70 16.04 25.68
CA VAL G 643 -23.17 15.35 24.44
C VAL G 643 -23.86 14.05 24.76
N SER G 644 -23.39 13.31 25.77
CA SER G 644 -24.01 12.03 26.08
C SER G 644 -23.79 11.67 27.54
N TRP G 645 -24.74 10.93 28.09
CA TRP G 645 -24.56 10.25 29.37
C TRP G 645 -24.95 8.77 29.22
N ASP G 646 -24.08 7.87 29.68
CA ASP G 646 -24.52 6.53 30.11
C ASP G 646 -23.64 6.04 31.26
N GLU G 647 -24.09 4.95 31.89
CA GLU G 647 -23.38 4.35 33.02
C GLU G 647 -21.92 4.01 32.71
N SER G 648 -21.69 3.48 31.51
CA SER G 648 -20.39 2.95 31.15
C SER G 648 -19.36 4.02 30.84
N LYS G 649 -19.75 5.12 30.21
CA LYS G 649 -18.78 6.20 29.93
C LYS G 649 -18.99 7.53 30.67
N GLY G 650 -20.03 7.64 31.51
CA GLY G 650 -20.22 8.84 32.30
C GLY G 650 -20.68 9.98 31.44
N LEU G 651 -20.56 11.19 31.99
CA LEU G 651 -20.82 12.41 31.22
C LEU G 651 -19.70 12.62 30.19
N VAL G 652 -20.08 12.83 28.95
CA VAL G 652 -19.14 13.16 27.87
C VAL G 652 -19.46 14.54 27.35
N GLY G 653 -18.41 15.38 27.23
CA GLY G 653 -18.57 16.79 26.97
C GLY G 653 -17.97 17.31 25.67
N THR G 654 -17.77 18.62 25.62
CA THR G 654 -17.34 19.29 24.43
C THR G 654 -16.09 20.14 24.78
N GLU G 655 -15.01 19.87 24.08
CA GLU G 655 -13.69 20.53 24.33
C GLU G 655 -13.64 21.93 23.81
N MET G 656 -13.97 22.08 22.54
CA MET G 656 -13.90 23.38 21.85
C MET G 656 -15.11 23.63 20.99
N LEU G 657 -15.54 24.89 20.99
CA LEU G 657 -16.65 25.28 20.16
C LEU G 657 -16.18 25.76 18.79
N TYR G 658 -17.09 25.67 17.83
CA TYR G 658 -16.90 26.22 16.46
C TYR G 658 -15.87 25.53 15.62
N THR G 659 -15.57 24.29 15.91
CA THR G 659 -14.58 23.53 15.15
C THR G 659 -15.03 23.08 13.73
N GLU G 660 -16.31 23.21 13.36
CA GLU G 660 -16.72 22.99 11.96
C GLU G 660 -17.07 24.29 11.27
N GLY G 661 -16.79 25.43 11.90
CA GLY G 661 -17.10 26.73 11.30
C GLY G 661 -18.55 27.14 11.25
N LYS G 662 -19.35 26.49 12.08
CA LYS G 662 -20.74 26.78 12.24
C LYS G 662 -20.86 27.63 13.50
N PHE G 663 -21.34 28.85 13.33
CA PHE G 663 -21.37 29.84 14.40
C PHE G 663 -22.80 30.09 14.90
N ASP G 664 -22.90 30.82 16.00
CA ASP G 664 -24.21 31.03 16.64
C ASP G 664 -24.86 32.27 16.09
N THR G 665 -25.25 32.18 14.83
CA THR G 665 -25.95 33.22 14.08
C THR G 665 -27.07 32.54 13.23
N ASP G 666 -27.92 33.35 12.66
CA ASP G 666 -29.00 32.87 11.78
C ASP G 666 -28.49 31.99 10.64
N ASP G 667 -27.38 32.39 10.01
CA ASP G 667 -26.88 31.68 8.84
C ASP G 667 -25.74 30.74 9.17
N GLY G 668 -25.40 30.58 10.45
CA GLY G 668 -24.28 29.73 10.84
C GLY G 668 -22.89 30.34 10.54
N LYS G 669 -22.82 31.53 9.98
CA LYS G 669 -21.56 32.18 9.71
C LYS G 669 -21.20 33.19 10.79
N ALA G 670 -19.89 33.43 10.96
CA ALA G 670 -19.39 34.51 11.81
C ALA G 670 -19.59 35.82 11.10
N HIS G 671 -19.99 36.85 11.81
CA HIS G 671 -20.31 38.12 11.18
C HIS G 671 -19.31 39.16 11.62
N PHE G 672 -18.59 39.71 10.66
CA PHE G 672 -17.68 40.83 10.86
C PHE G 672 -18.52 42.08 11.16
N LYS G 673 -17.95 43.04 11.87
CA LYS G 673 -18.63 44.28 12.24
C LYS G 673 -17.77 45.50 12.10
N PRO G 674 -18.42 46.67 11.85
CA PRO G 674 -17.67 47.91 11.78
C PRO G 674 -17.17 48.26 13.18
N ALA G 675 -15.98 48.83 13.26
CA ALA G 675 -15.43 49.30 14.51
C ALA G 675 -14.88 50.72 14.37
N PRO G 676 -15.74 51.73 14.44
CA PRO G 676 -15.21 53.10 14.29
C PRO G 676 -14.26 53.49 15.44
N TRP G 677 -13.15 54.15 15.12
CA TRP G 677 -12.33 54.82 16.14
C TRP G 677 -12.86 56.25 16.45
N ASN G 678 -13.37 56.49 17.67
CA ASN G 678 -14.01 57.76 18.04
C ASN G 678 -13.29 58.50 19.11
N GLY G 679 -12.06 58.08 19.46
CA GLY G 679 -11.36 58.59 20.63
C GLY G 679 -12.03 58.20 21.95
N LEU G 680 -11.63 58.90 23.00
CA LEU G 680 -12.20 58.73 24.34
C LEU G 680 -13.56 59.39 24.37
N PRO G 681 -14.50 58.86 25.18
CA PRO G 681 -15.80 59.54 25.28
C PRO G 681 -15.65 60.89 25.91
N ALA G 682 -16.53 61.83 25.53
CA ALA G 682 -16.42 63.21 25.98
C ALA G 682 -16.39 63.31 27.52
N THR G 683 -17.22 62.55 28.21
CA THR G 683 -17.27 62.60 29.68
C THR G 683 -15.90 62.27 30.28
N VAL G 684 -15.23 61.29 29.67
CA VAL G 684 -13.90 60.88 30.12
C VAL G 684 -12.82 61.87 29.69
N GLN G 685 -12.87 62.29 28.43
CA GLN G 685 -11.94 63.30 27.89
C GLN G 685 -11.96 64.60 28.73
N GLN G 686 -13.13 65.00 29.23
CA GLN G 686 -13.19 66.21 30.11
C GLN G 686 -12.38 66.11 31.39
N GLN G 687 -12.40 64.91 32.01
CA GLN G 687 -11.57 64.66 33.22
C GLN G 687 -10.08 64.65 32.86
N LYS G 688 -9.74 63.99 31.77
CA LYS G 688 -8.39 63.98 31.29
C LYS G 688 -7.84 65.39 30.97
N ASP G 689 -8.67 66.26 30.43
CA ASP G 689 -8.26 67.62 30.10
C ASP G 689 -8.04 68.42 31.38
N LYS G 690 -8.82 68.16 32.43
CA LYS G 690 -8.82 68.94 33.66
C LYS G 690 -7.74 68.44 34.65
N TYR G 691 -7.42 67.14 34.62
CA TYR G 691 -6.63 66.53 35.70
C TYR G 691 -5.44 65.76 35.19
N ARG G 692 -4.51 65.45 36.08
CA ARG G 692 -3.18 65.06 35.71
C ARG G 692 -2.96 63.55 35.52
N PHE G 693 -3.64 62.71 36.29
CA PHE G 693 -3.29 61.30 36.31
C PHE G 693 -4.36 60.40 35.77
N TRP G 694 -3.92 59.41 34.97
CA TRP G 694 -4.83 58.35 34.59
C TRP G 694 -5.04 57.41 35.78
N LEU G 695 -6.30 57.17 36.15
CA LEU G 695 -6.63 56.39 37.36
C LEU G 695 -7.02 54.97 37.01
N ASN G 696 -6.03 54.28 36.46
CA ASN G 696 -6.16 52.84 36.23
C ASN G 696 -6.47 52.15 37.55
N ASN G 697 -7.10 51.00 37.46
CA ASN G 697 -7.61 50.30 38.61
C ASN G 697 -7.87 48.86 38.28
N GLY G 698 -7.91 48.02 39.32
CA GLY G 698 -8.17 46.60 39.12
C GLY G 698 -7.70 45.75 40.28
N ARG G 699 -7.18 44.57 39.92
CA ARG G 699 -6.91 43.51 40.86
C ARG G 699 -5.54 43.43 41.45
N ASN G 700 -5.49 42.86 42.67
CA ASN G 700 -4.27 42.50 43.37
C ASN G 700 -4.32 41.04 43.61
N ASN G 701 -3.24 40.32 43.36
CA ASN G 701 -3.21 38.85 43.50
C ASN G 701 -3.78 38.32 44.84
N GLU G 702 -3.45 39.01 45.93
CA GLU G 702 -3.74 38.53 47.27
C GLU G 702 -5.16 38.84 47.68
N VAL G 703 -5.72 39.97 47.22
CA VAL G 703 -7.01 40.42 47.72
C VAL G 703 -8.09 39.86 46.79
N TRP G 704 -9.12 39.30 47.39
CA TRP G 704 -10.31 38.86 46.62
C TRP G 704 -11.45 39.89 46.68
N GLN G 705 -11.75 40.49 45.54
CA GLN G 705 -12.88 41.31 45.28
C GLN G 705 -13.05 42.36 46.38
N THR G 706 -14.21 42.45 46.99
CA THR G 706 -14.49 43.51 48.01
C THR G 706 -13.93 43.16 49.37
N ALA G 707 -13.11 42.12 49.45
CA ALA G 707 -12.41 41.82 50.66
C ALA G 707 -13.33 41.45 51.80
N TYR G 708 -14.45 40.80 51.47
CA TYR G 708 -15.48 40.53 52.43
C TYR G 708 -14.99 39.53 53.44
N HIS G 709 -14.21 38.54 53.04
CA HIS G 709 -13.50 37.70 54.04
C HIS G 709 -12.16 38.38 54.50
N ASP G 710 -11.43 38.90 53.52
CA ASP G 710 -10.07 39.39 53.74
C ASP G 710 -9.97 40.48 54.77
N GLN G 711 -11.06 41.27 54.88
CA GLN G 711 -11.13 42.33 55.90
C GLN G 711 -10.97 41.82 57.34
N TYR G 712 -11.19 40.53 57.57
CA TYR G 712 -11.14 39.95 58.91
C TYR G 712 -9.90 39.12 59.12
N ASN G 713 -9.09 38.96 58.09
CA ASN G 713 -7.93 38.10 58.14
C ASN G 713 -6.71 38.96 58.55
N SER G 714 -6.01 38.55 59.64
CA SER G 714 -4.99 39.39 60.25
C SER G 714 -3.80 39.56 59.29
N LEU G 715 -3.45 38.51 58.54
CA LEU G 715 -2.35 38.59 57.57
C LEU G 715 -2.64 39.58 56.43
N MET G 716 -3.84 39.52 55.89
CA MET G 716 -4.33 40.44 54.85
C MET G 716 -4.38 41.86 55.33
N GLN G 717 -4.86 42.06 56.57
CA GLN G 717 -4.97 43.42 57.10
C GLN G 717 -3.56 44.07 57.45
N GLU G 718 -2.61 43.21 57.86
CA GLU G 718 -1.21 43.59 58.02
C GLU G 718 -0.57 44.00 56.69
N ARG G 719 -0.81 43.21 55.64
CA ARG G 719 -0.21 43.45 54.38
C ARG G 719 -0.80 44.67 53.61
N TYR G 720 -2.11 44.73 53.58
CA TYR G 720 -2.89 45.77 52.85
C TYR G 720 -3.87 46.47 53.80
N PRO G 721 -3.37 47.28 54.71
CA PRO G 721 -4.30 47.89 55.69
C PRO G 721 -5.18 48.95 55.00
N MET G 722 -4.73 49.45 53.85
CA MET G 722 -5.49 50.41 53.05
C MET G 722 -5.30 50.07 51.61
N ALA G 723 -6.22 50.53 50.78
CA ALA G 723 -6.11 50.33 49.37
C ALA G 723 -4.86 51.10 48.97
N TYR G 724 -4.13 50.57 48.02
CA TYR G 724 -2.89 51.26 47.59
C TYR G 724 -3.01 51.77 46.17
N ILE G 725 -2.14 52.72 45.82
CA ILE G 725 -2.11 53.28 44.47
C ILE G 725 -0.67 53.26 43.99
N GLU G 726 -0.40 52.51 42.92
CA GLU G 726 0.90 52.43 42.33
C GLU G 726 1.18 53.75 41.64
N MET G 727 2.33 54.35 41.91
CA MET G 727 2.68 55.64 41.32
C MET G 727 4.09 55.60 40.80
N ASN G 728 4.31 56.31 39.70
CA ASN G 728 5.68 56.47 39.14
C ASN G 728 6.54 57.19 40.18
N PRO G 729 7.78 56.74 40.38
CA PRO G 729 8.65 57.37 41.41
C PRO G 729 9.06 58.83 41.20
N ASP G 730 9.15 59.26 39.95
CA ASP G 730 9.36 60.68 39.68
C ASP G 730 8.12 61.51 40.01
N ASP G 731 6.96 60.99 39.67
CA ASP G 731 5.72 61.61 40.09
C ASP G 731 5.64 61.72 41.63
N CYS G 732 6.03 60.64 42.32
CA CYS G 732 6.09 60.64 43.80
C CYS G 732 7.00 61.74 44.32
N LYS G 733 8.20 61.86 43.74
CA LYS G 733 9.17 62.87 44.18
C LYS G 733 8.62 64.27 44.03
N GLN G 734 7.99 64.49 42.91
CA GLN G 734 7.34 65.75 42.66
C GLN G 734 6.24 66.08 43.70
N LEU G 735 5.44 65.08 44.08
CA LEU G 735 4.40 65.25 45.12
C LEU G 735 4.85 65.08 46.57
N ASP G 736 6.16 64.85 46.77
CA ASP G 736 6.79 64.62 48.04
C ASP G 736 6.12 63.47 48.82
N VAL G 737 5.84 62.39 48.09
CA VAL G 737 5.29 61.19 48.69
C VAL G 737 6.19 59.99 48.43
N THR G 738 6.09 59.06 49.36
CA THR G 738 6.78 57.80 49.32
C THR G 738 5.90 56.70 49.89
N GLY G 739 6.42 55.47 49.95
CA GLY G 739 5.60 54.30 50.36
C GLY G 739 5.06 54.51 51.76
N GLY G 740 3.76 54.30 51.93
CA GLY G 740 3.11 54.42 53.24
C GLY G 740 2.58 55.82 53.52
N ASP G 741 2.76 56.78 52.62
CA ASP G 741 2.05 58.07 52.72
C ASP G 741 0.65 57.83 52.27
N ILE G 742 -0.29 58.62 52.76
CA ILE G 742 -1.69 58.58 52.29
C ILE G 742 -1.94 59.76 51.37
N VAL G 743 -2.66 59.46 50.29
CA VAL G 743 -3.11 60.48 49.36
C VAL G 743 -4.56 60.51 49.18
N GLU G 744 -5.07 61.72 48.87
CA GLU G 744 -6.43 61.86 48.32
C GLU G 744 -6.32 61.86 46.79
N VAL G 745 -7.23 61.13 46.15
CA VAL G 745 -7.36 61.00 44.72
C VAL G 745 -8.72 61.55 44.39
N TYR G 746 -8.82 62.44 43.42
CA TYR G 746 -10.08 63.12 43.23
C TYR G 746 -10.23 63.74 41.84
N ASN G 747 -11.48 63.82 41.43
CA ASN G 747 -11.85 64.51 40.20
C ASN G 747 -13.27 65.11 40.39
N ASP G 748 -13.97 65.46 39.32
CA ASP G 748 -15.31 65.98 39.44
C ASP G 748 -16.30 64.94 40.02
N PHE G 749 -16.04 63.65 39.82
CA PHE G 749 -16.97 62.62 40.22
C PHE G 749 -16.89 62.26 41.72
N GLY G 750 -15.74 62.43 42.32
CA GLY G 750 -15.60 62.05 43.70
C GLY G 750 -14.21 62.19 44.21
N SER G 751 -14.08 61.81 45.46
CA SER G 751 -12.79 61.93 46.16
C SER G 751 -12.60 60.58 46.91
N THR G 752 -11.39 60.07 46.96
CA THR G 752 -11.14 58.85 47.75
C THR G 752 -9.72 58.86 48.23
N PHE G 753 -9.27 57.80 48.88
CA PHE G 753 -7.99 57.81 49.58
C PHE G 753 -7.23 56.50 49.34
N ALA G 754 -5.90 56.57 49.28
CA ALA G 754 -5.09 55.37 49.11
C ALA G 754 -3.78 55.58 49.79
N MET G 755 -3.09 54.48 50.08
CA MET G 755 -1.73 54.55 50.50
C MET G 755 -0.79 54.45 49.28
N VAL G 756 0.23 55.31 49.28
CA VAL G 756 1.16 55.43 48.12
C VAL G 756 2.02 54.20 48.01
N TYR G 757 2.16 53.67 46.80
CA TYR G 757 3.02 52.51 46.52
C TYR G 757 3.89 52.84 45.32
N PRO G 758 5.12 53.34 45.52
CA PRO G 758 5.95 53.65 44.37
C PRO G 758 6.35 52.44 43.58
N VAL G 759 6.18 52.53 42.27
CA VAL G 759 6.39 51.37 41.41
C VAL G 759 7.12 51.90 40.15
N ALA G 760 8.32 51.42 39.96
CA ALA G 760 9.24 51.96 38.90
C ALA G 760 8.66 51.74 37.50
N GLU G 761 7.88 50.67 37.33
CA GLU G 761 7.29 50.30 36.05
C GLU G 761 6.12 51.17 35.62
N ILE G 762 5.57 51.93 36.53
CA ILE G 762 4.39 52.76 36.20
C ILE G 762 4.81 53.96 35.40
N LYS G 763 4.03 54.28 34.37
CA LYS G 763 4.41 55.39 33.49
C LYS G 763 4.10 56.72 34.17
N ARG G 764 4.94 57.73 33.91
CA ARG G 764 4.63 59.11 34.30
C ARG G 764 3.20 59.51 33.90
N GLY G 765 2.47 60.09 34.83
CA GLY G 765 1.14 60.55 34.53
C GLY G 765 0.09 59.43 34.62
N GLN G 766 0.53 58.20 34.97
CA GLN G 766 -0.35 57.08 35.16
C GLN G 766 -0.22 56.55 36.58
N THR G 767 -1.27 55.86 37.01
CA THR G 767 -1.34 55.23 38.32
C THR G 767 -2.17 53.97 38.23
N PHE G 768 -2.13 53.17 39.30
CA PHE G 768 -3.00 52.01 39.41
C PHE G 768 -3.46 51.81 40.83
N MET G 769 -4.78 51.84 41.06
CA MET G 769 -5.31 51.73 42.41
C MET G 769 -6.11 50.46 42.51
N LEU G 770 -5.91 49.77 43.62
CA LEU G 770 -6.73 48.63 43.96
C LEU G 770 -8.22 48.99 44.01
N PHE G 771 -9.04 48.26 43.26
CA PHE G 771 -10.46 48.51 43.18
C PHE G 771 -11.22 47.83 44.35
N GLY G 772 -12.41 48.33 44.63
CA GLY G 772 -13.41 47.69 45.46
C GLY G 772 -13.12 47.43 46.92
N TYR G 773 -12.09 48.06 47.47
CA TYR G 773 -11.63 47.67 48.78
C TYR G 773 -12.42 48.34 49.93
N VAL G 774 -12.18 47.80 51.13
CA VAL G 774 -12.82 48.22 52.39
C VAL G 774 -12.28 49.46 53.04
N ASN G 775 -11.15 49.96 52.58
CA ASN G 775 -10.58 51.15 53.16
C ASN G 775 -9.96 51.94 52.00
N GLY G 776 -10.76 52.83 51.41
CA GLY G 776 -10.38 53.65 50.28
C GLY G 776 -11.01 53.04 49.04
N ILE G 777 -12.20 53.46 48.68
CA ILE G 777 -12.97 52.87 47.61
C ILE G 777 -12.57 53.59 46.32
N GLN G 778 -12.05 52.82 45.37
CA GLN G 778 -11.54 53.42 44.09
C GLN G 778 -12.65 53.99 43.21
N GLY G 779 -13.84 53.33 43.22
CA GLY G 779 -14.90 53.64 42.30
C GLY G 779 -15.52 55.03 42.38
N ASP G 780 -15.25 55.71 43.49
CA ASP G 780 -15.64 57.10 43.68
C ASP G 780 -15.23 58.08 42.56
N VAL G 781 -14.12 57.78 41.88
CA VAL G 781 -13.55 58.65 40.87
C VAL G 781 -13.80 58.10 39.45
N THR G 782 -14.53 57.00 39.32
CA THR G 782 -14.97 56.55 38.00
C THR G 782 -16.16 57.37 37.53
N THR G 783 -16.30 57.50 36.21
CA THR G 783 -17.38 58.33 35.64
C THR G 783 -18.67 57.53 35.49
N ASP G 784 -19.71 58.23 35.06
CA ASP G 784 -21.00 57.63 34.81
C ASP G 784 -21.10 57.10 33.42
N TRP G 785 -20.06 57.27 32.63
CA TRP G 785 -20.16 56.95 31.20
C TRP G 785 -20.26 55.45 30.97
N THR G 786 -21.17 55.05 30.08
CA THR G 786 -21.28 53.68 29.68
C THR G 786 -21.48 53.60 28.15
N ASP G 787 -21.20 52.43 27.58
CA ASP G 787 -21.38 52.23 26.14
C ASP G 787 -22.87 52.06 25.77
N ARG G 788 -23.14 51.70 24.53
CA ARG G 788 -24.51 51.65 24.04
C ARG G 788 -25.36 50.67 24.80
N ASN G 789 -24.76 49.61 25.40
CA ASN G 789 -25.48 48.63 26.17
C ASN G 789 -25.40 48.82 27.69
N ILE G 790 -25.00 50.03 28.10
CA ILE G 790 -24.83 50.42 29.50
C ILE G 790 -23.67 49.62 30.16
N ILE G 791 -22.56 49.48 29.41
CA ILE G 791 -21.30 48.88 29.97
C ILE G 791 -20.31 49.96 30.34
N PRO G 792 -19.96 50.07 31.65
CA PRO G 792 -19.14 51.21 32.07
C PRO G 792 -17.70 51.17 31.65
N TYR G 793 -17.13 52.34 31.38
CA TYR G 793 -15.72 52.44 31.15
C TYR G 793 -15.04 52.59 32.49
N TYR G 794 -15.04 51.49 33.28
CA TYR G 794 -14.44 51.58 34.63
C TYR G 794 -12.96 51.94 34.58
N LYS G 795 -12.22 51.54 33.53
CA LYS G 795 -10.79 51.80 33.43
C LYS G 795 -10.44 53.17 32.84
N GLY G 796 -11.47 54.01 32.62
CA GLY G 796 -11.38 55.27 31.95
C GLY G 796 -11.76 56.43 32.85
N THR G 797 -10.76 56.97 33.52
CA THR G 797 -10.95 58.11 34.38
C THR G 797 -9.61 58.74 34.71
N TRP G 798 -9.66 60.06 34.94
CA TRP G 798 -8.49 60.83 35.25
C TRP G 798 -8.80 61.68 36.50
N GLY G 799 -7.74 62.02 37.24
CA GLY G 799 -7.90 62.76 38.51
C GLY G 799 -6.59 63.34 39.02
N ASP G 800 -6.68 64.19 40.04
CA ASP G 800 -5.51 64.74 40.73
C ASP G 800 -5.27 63.99 42.03
N ILE G 801 -4.08 64.18 42.55
CA ILE G 801 -3.58 63.50 43.71
C ILE G 801 -2.95 64.52 44.66
N ARG G 802 -3.34 64.45 45.90
CA ARG G 802 -2.87 65.37 46.91
C ARG G 802 -2.40 64.58 48.15
N LYS G 803 -1.23 64.95 48.66
CA LYS G 803 -0.71 64.34 49.87
C LYS G 803 -1.60 64.69 51.07
N VAL G 804 -2.07 63.66 51.80
CA VAL G 804 -2.66 63.83 53.14
C VAL G 804 -1.60 63.81 54.21
N GLY G 805 -0.82 62.74 54.28
CA GLY G 805 0.12 62.63 55.34
C GLY G 805 0.90 61.33 55.32
N SER G 806 1.97 61.27 56.10
CA SER G 806 2.71 60.00 56.31
C SER G 806 2.11 59.17 57.44
N MET G 807 1.73 57.94 57.10
CA MET G 807 1.22 57.00 58.07
C MET G 807 2.39 56.22 58.56
N GLU G 808 2.95 56.64 59.69
CA GLU G 808 4.17 55.99 60.19
CA GLU G 808 4.17 55.98 60.20
C GLU G 808 3.91 54.50 60.43
N GLU G 809 2.73 54.13 60.91
CA GLU G 809 2.43 52.72 61.14
C GLU G 809 2.48 51.84 59.87
N PHE G 810 2.02 52.40 58.74
CA PHE G 810 2.17 51.71 57.43
C PHE G 810 3.61 51.61 57.06
N LYS G 811 4.39 52.69 57.28
CA LYS G 811 5.84 52.59 56.94
C LYS G 811 6.52 51.52 57.79
N ARG G 812 6.05 51.37 59.04
CA ARG G 812 6.65 50.40 59.94
C ARG G 812 6.35 48.96 59.60
N THR G 813 5.16 48.70 59.03
CA THR G 813 4.58 47.35 59.01
C THR G 813 4.30 46.78 57.61
N VAL G 814 4.16 47.66 56.62
CA VAL G 814 3.79 47.30 55.24
C VAL G 814 4.99 47.31 54.33
N SER G 815 5.17 46.24 53.54
CA SER G 815 6.17 46.19 52.51
C SER G 815 5.76 47.01 51.31
N PHE G 816 6.62 47.89 50.85
CA PHE G 816 6.43 48.60 49.58
C PHE G 816 7.41 48.13 48.52
N LYS G 817 7.90 46.89 48.66
CA LYS G 817 8.84 46.36 47.71
C LYS G 817 8.14 45.88 46.45
N SER G 818 8.92 45.64 45.40
CA SER G 818 8.34 45.43 44.07
C SER G 818 7.49 44.13 44.03
N ARG G 819 6.31 44.23 43.47
CA ARG G 819 5.45 43.08 43.27
C ARG G 819 5.62 42.46 41.84
N ARG G 820 6.59 42.96 41.09
CA ARG G 820 6.95 42.43 39.77
C ARG G 820 8.23 41.65 39.90
N PHE G 821 8.11 40.35 39.74
CA PHE G 821 9.22 39.41 40.01
C PHE G 821 10.32 39.60 38.98
N ALA G 822 11.54 39.83 39.44
CA ALA G 822 12.68 40.07 38.48
C ALA G 822 13.46 38.79 38.18
N ARG H 1 2.91 18.12 77.80
CA ARG H 1 3.66 19.31 77.27
C ARG H 1 3.08 19.78 75.96
N THR H 2 2.95 21.10 75.83
CA THR H 2 2.37 21.72 74.70
C THR H 2 3.39 22.24 73.70
N THR H 3 4.65 22.37 74.09
CA THR H 3 5.66 22.95 73.19
C THR H 3 6.55 21.88 72.58
N LEU H 4 7.01 22.15 71.36
CA LEU H 4 8.01 21.35 70.72
C LEU H 4 9.38 21.55 71.42
N GLN H 5 10.22 20.53 71.33
CA GLN H 5 11.51 20.60 71.92
C GLN H 5 12.50 21.09 70.83
N TYR H 6 12.67 22.40 70.74
CA TYR H 6 13.60 22.98 69.77
C TYR H 6 15.04 22.88 70.27
N PRO H 7 15.99 22.47 69.41
CA PRO H 7 17.42 22.59 69.77
C PRO H 7 17.88 24.03 69.91
N ALA H 8 19.04 24.19 70.56
CA ALA H 8 19.70 25.50 70.63
C ALA H 8 20.94 25.37 69.78
N THR H 9 20.94 25.95 68.60
CA THR H 9 21.99 25.73 67.64
C THR H 9 22.77 27.01 67.41
N GLN H 10 24.02 26.96 67.78
CA GLN H 10 24.99 28.03 67.45
C GLN H 10 25.01 28.34 65.94
N VAL H 11 24.81 29.61 65.60
CA VAL H 11 24.96 30.05 64.22
C VAL H 11 26.39 30.60 63.94
N SER H 12 26.71 31.70 64.59
CA SER H 12 28.04 32.32 64.53
C SER H 12 28.05 33.38 65.65
N VAL H 13 29.10 34.20 65.71
CA VAL H 13 29.06 35.41 66.52
C VAL H 13 28.65 36.57 65.61
N ALA H 14 27.99 37.55 66.19
CA ALA H 14 27.37 38.65 65.44
C ALA H 14 28.38 39.47 64.66
N LYS H 15 29.53 39.72 65.29
CA LYS H 15 30.53 40.54 64.65
C LYS H 15 31.13 39.90 63.37
N ASN H 16 31.07 38.58 63.22
CA ASN H 16 31.58 37.96 62.03
C ASN H 16 30.68 38.18 60.80
N LEU H 17 29.41 38.52 60.98
CA LEU H 17 28.47 38.71 59.86
C LEU H 17 28.69 40.07 59.22
N LYS H 18 28.79 40.12 57.90
CA LYS H 18 28.96 41.40 57.19
C LYS H 18 27.59 41.83 56.71
N ALA H 19 27.36 43.12 56.66
CA ALA H 19 26.08 43.64 56.23
C ALA H 19 25.68 43.06 54.85
N ASN H 20 24.47 42.54 54.83
CA ASN H 20 23.80 42.03 53.64
C ASN H 20 24.51 40.91 52.99
N GLU H 21 25.25 40.13 53.78
CA GLU H 21 25.93 38.91 53.29
C GLU H 21 25.37 37.70 54.02
N PRO H 22 24.43 36.96 53.36
CA PRO H 22 23.66 35.89 54.02
C PRO H 22 24.51 34.73 54.48
N VAL H 23 24.19 34.20 55.63
CA VAL H 23 24.84 33.00 56.18
C VAL H 23 23.86 31.81 56.08
N SER H 24 24.29 30.70 55.50
CA SER H 24 23.46 29.51 55.43
C SER H 24 23.68 28.65 56.63
N PHE H 25 22.60 28.10 57.18
CA PHE H 25 22.75 27.10 58.25
C PHE H 25 21.48 26.22 58.23
N THR H 26 21.49 25.10 58.95
CA THR H 26 20.31 24.25 59.02
C THR H 26 19.77 24.30 60.45
N TYR H 27 18.45 24.32 60.57
CA TYR H 27 17.75 24.46 61.81
C TYR H 27 16.26 24.14 61.55
N PRO H 28 15.62 23.30 62.37
CA PRO H 28 16.17 22.70 63.59
C PRO H 28 16.81 21.32 63.32
N ASP H 29 17.09 20.98 62.07
CA ASP H 29 17.75 19.74 61.68
C ASP H 29 18.36 19.98 60.27
N THR H 30 19.14 19.03 59.81
CA THR H 30 19.86 19.17 58.56
C THR H 30 18.97 19.13 57.31
N SER H 31 17.70 18.76 57.44
CA SER H 31 16.79 18.87 56.31
C SER H 31 16.05 20.23 56.24
N SER H 32 16.37 21.19 57.09
CA SER H 32 15.62 22.47 57.11
C SER H 32 16.65 23.59 56.88
N PRO H 33 16.82 24.04 55.64
CA PRO H 33 17.84 25.07 55.34
C PRO H 33 17.33 26.44 55.73
N CYS H 34 18.22 27.23 56.27
CA CYS H 34 17.88 28.56 56.78
C CYS H 34 18.97 29.54 56.35
N VAL H 35 18.64 30.86 56.40
CA VAL H 35 19.60 31.90 56.19
C VAL H 35 19.45 32.89 57.33
N ALA H 36 20.58 33.36 57.84
CA ALA H 36 20.64 34.56 58.67
C ALA H 36 21.32 35.70 57.90
N VAL H 37 20.88 36.92 58.13
CA VAL H 37 21.50 38.08 57.50
C VAL H 37 21.47 39.30 58.41
N LYS H 38 22.60 40.00 58.47
CA LYS H 38 22.71 41.30 59.11
C LYS H 38 22.25 42.37 58.08
N LEU H 39 21.11 43.00 58.31
CA LEU H 39 20.50 43.84 57.28
C LEU H 39 21.18 45.21 57.09
N GLY H 40 21.81 45.70 58.15
CA GLY H 40 22.62 46.92 58.13
C GLY H 40 21.84 48.07 58.74
N SER H 41 20.56 47.87 58.98
CA SER H 41 19.68 48.89 59.49
C SER H 41 18.64 48.21 60.35
N PRO H 42 18.29 48.79 61.49
CA PRO H 42 17.37 48.10 62.43
C PRO H 42 16.00 47.72 61.85
N VAL H 43 15.50 46.58 62.23
CA VAL H 43 14.16 46.19 61.96
C VAL H 43 13.50 45.67 63.26
N PRO H 44 12.17 45.80 63.37
CA PRO H 44 11.46 45.20 64.52
C PRO H 44 11.87 43.75 64.76
N GLY H 45 12.25 43.46 65.98
CA GLY H 45 12.73 42.08 66.24
C GLY H 45 14.03 41.59 65.58
N GLY H 46 14.78 42.49 64.93
CA GLY H 46 16.20 42.23 64.63
C GLY H 46 17.02 42.13 65.89
N VAL H 47 18.01 41.25 65.91
CA VAL H 47 18.89 41.14 67.09
C VAL H 47 20.31 41.56 66.75
N GLY H 48 21.16 41.61 67.77
CA GLY H 48 22.54 42.01 67.58
C GLY H 48 22.70 43.41 68.07
N PRO H 49 23.94 43.94 68.00
CA PRO H 49 24.29 45.32 68.41
C PRO H 49 23.51 46.34 67.67
N ASN H 50 23.24 46.09 66.40
CA ASN H 50 22.44 47.07 65.63
C ASN H 50 20.93 46.67 65.44
N ASN H 51 20.41 45.68 66.18
CA ASN H 51 19.02 45.16 66.04
C ASN H 51 18.59 44.88 64.61
N ASP H 52 19.51 44.31 63.86
CA ASP H 52 19.32 44.13 62.39
C ASP H 52 19.61 42.74 61.91
N ILE H 53 19.92 41.81 62.79
CA ILE H 53 20.18 40.45 62.34
C ILE H 53 18.84 39.67 62.42
N VAL H 54 18.49 39.04 61.30
CA VAL H 54 17.25 38.26 61.25
C VAL H 54 17.59 36.94 60.58
N ALA H 55 16.73 35.94 60.79
CA ALA H 55 16.88 34.67 60.13
C ALA H 55 15.53 34.03 59.81
N TYR H 56 15.57 33.21 58.76
CA TYR H 56 14.41 32.54 58.18
C TYR H 56 14.71 31.10 57.70
N SER H 57 13.67 30.31 57.71
CA SER H 57 13.62 29.14 56.87
C SER H 57 13.59 29.64 55.41
N VAL H 58 14.35 29.00 54.52
CA VAL H 58 14.29 29.35 53.11
C VAL H 58 13.36 28.50 52.23
N LEU H 59 12.73 27.47 52.79
CA LEU H 59 11.72 26.70 52.02
C LEU H 59 10.44 27.53 51.81
N CYS H 60 10.09 27.73 50.55
CA CYS H 60 8.93 28.51 50.19
C CYS H 60 7.71 27.88 50.89
N THR H 61 6.90 28.67 51.58
CA THR H 61 5.70 28.15 52.26
C THR H 61 4.55 27.83 51.32
N HIS H 62 4.68 28.14 50.03
CA HIS H 62 3.72 27.71 49.06
C HIS H 62 3.85 26.17 48.82
N MET H 63 4.87 25.76 48.05
CA MET H 63 5.12 24.33 47.82
C MET H 63 6.55 23.86 48.01
N GLY H 64 7.30 24.57 48.85
CA GLY H 64 8.54 24.06 49.38
C GLY H 64 9.78 24.28 48.56
N CYS H 65 9.69 24.87 47.37
CA CYS H 65 10.94 25.15 46.60
C CYS H 65 11.88 26.03 47.44
N PRO H 66 13.19 25.71 47.45
CA PRO H 66 14.13 26.60 48.15
C PRO H 66 14.16 28.02 47.55
N THR H 67 14.00 29.02 48.40
CA THR H 67 14.01 30.39 47.94
C THR H 67 15.50 30.89 47.91
N SER H 68 15.74 31.94 47.19
CA SER H 68 17.07 32.50 47.18
C SER H 68 16.98 33.92 47.72
N TYR H 69 18.01 34.29 48.47
CA TYR H 69 18.07 35.61 49.04
C TYR H 69 18.58 36.57 47.98
N ASP H 70 17.82 37.64 47.71
CA ASP H 70 18.23 38.70 46.81
C ASP H 70 18.79 39.88 47.64
N LYS H 71 20.11 40.08 47.56
CA LYS H 71 20.83 41.14 48.30
C LYS H 71 20.34 42.58 47.97
N SER H 72 20.04 42.89 46.73
CA SER H 72 19.70 44.26 46.39
C SER H 72 18.31 44.63 46.88
N SER H 73 17.38 43.68 46.96
CA SER H 73 16.06 44.02 47.49
C SER H 73 15.85 43.60 48.96
N LYS H 74 16.73 42.74 49.49
CA LYS H 74 16.54 42.14 50.84
C LYS H 74 15.19 41.39 50.92
N THR H 75 15.05 40.48 49.97
CA THR H 75 13.90 39.62 49.83
C THR H 75 14.34 38.19 49.57
N PHE H 76 13.47 37.23 49.85
CA PHE H 76 13.64 35.86 49.46
C PHE H 76 12.67 35.60 48.30
N LYS H 77 13.16 35.04 47.20
CA LYS H 77 12.39 34.86 45.95
C LYS H 77 12.24 33.39 45.60
N CYS H 78 11.03 32.97 45.29
CA CYS H 78 10.79 31.62 44.86
C CYS H 78 10.49 31.69 43.36
N PRO H 79 11.31 31.06 42.56
CA PRO H 79 11.02 31.20 41.15
C PRO H 79 10.07 30.08 40.59
N CYS H 80 9.48 29.25 41.46
CA CYS H 80 8.57 28.20 40.96
CA CYS H 80 8.55 28.15 41.07
C CYS H 80 7.20 28.80 40.64
N HIS H 81 6.55 29.49 41.58
CA HIS H 81 5.33 30.27 41.24
C HIS H 81 5.45 31.71 41.64
N PHE H 82 6.67 32.20 41.81
CA PHE H 82 6.97 33.64 41.83
C PHE H 82 6.56 34.36 43.10
N THR H 83 6.59 33.64 44.20
CA THR H 83 6.31 34.24 45.49
C THR H 83 7.60 34.97 45.98
N GLU H 84 7.42 36.08 46.67
CA GLU H 84 8.53 36.87 47.17
C GLU H 84 8.18 37.36 48.61
N PHE H 85 9.16 37.23 49.51
CA PHE H 85 8.98 37.50 50.93
C PHE H 85 9.97 38.59 51.39
N ASP H 86 9.51 39.48 52.28
CA ASP H 86 10.29 40.62 52.69
C ASP H 86 11.08 40.27 53.95
N ALA H 87 12.42 40.23 53.82
CA ALA H 87 13.30 39.95 54.98
C ALA H 87 13.27 41.02 56.07
N GLU H 88 12.87 42.23 55.69
CA GLU H 88 12.75 43.37 56.58
C GLU H 88 11.37 43.52 57.25
N LYS H 89 10.40 42.68 56.87
CA LYS H 89 9.08 42.76 57.42
C LYS H 89 8.66 41.39 57.94
N ALA H 90 9.59 40.75 58.65
CA ALA H 90 9.36 39.46 59.29
C ALA H 90 8.76 38.43 58.31
N GLY H 91 9.25 38.42 57.07
CA GLY H 91 8.84 37.46 56.07
C GLY H 91 7.49 37.67 55.44
N GLN H 92 6.95 38.91 55.54
CA GLN H 92 5.73 39.25 54.85
C GLN H 92 5.81 38.92 53.37
N MET H 93 4.74 38.30 52.87
CA MET H 93 4.66 37.97 51.45
C MET H 93 4.34 39.23 50.67
N ILE H 94 5.26 39.66 49.79
CA ILE H 94 5.08 40.87 49.03
C ILE H 94 4.04 40.68 47.91
N CYS H 95 4.14 39.52 47.25
CA CYS H 95 3.26 39.07 46.15
C CYS H 95 3.46 37.56 46.11
N GLY H 96 2.42 36.77 45.85
CA GLY H 96 2.70 35.37 45.68
C GLY H 96 1.56 34.48 45.99
N GLN H 97 1.85 33.17 45.96
CA GLN H 97 0.80 32.21 46.17
C GLN H 97 0.68 31.54 47.54
N ALA H 98 1.61 31.85 48.43
CA ALA H 98 1.65 31.28 49.73
C ALA H 98 0.51 31.84 50.57
N THR H 99 0.15 31.06 51.57
CA THR H 99 -0.78 31.57 52.60
C THR H 99 -0.14 31.69 53.98
N GLU H 100 1.17 31.69 54.04
CA GLU H 100 1.88 31.83 55.29
C GLU H 100 3.13 32.70 54.99
N ASN H 101 3.46 33.58 55.92
CA ASN H 101 4.72 34.29 55.79
C ASN H 101 5.93 33.36 55.99
N LEU H 102 7.11 33.81 55.54
CA LEU H 102 8.27 32.97 55.60
C LEU H 102 8.58 32.72 57.06
N PRO H 103 8.73 31.45 57.49
CA PRO H 103 8.92 31.24 58.94
C PRO H 103 10.22 31.90 59.47
N ARG H 104 10.15 32.62 60.59
CA ARG H 104 11.36 33.21 61.13
C ARG H 104 12.02 32.30 62.12
N VAL H 105 13.33 32.30 62.08
CA VAL H 105 14.11 31.52 63.01
C VAL H 105 14.41 32.50 64.13
N LEU H 106 13.96 32.15 65.33
CA LEU H 106 14.20 32.96 66.49
C LEU H 106 15.68 32.84 66.95
N LEU H 107 16.37 33.98 66.97
CA LEU H 107 17.82 34.04 67.36
C LEU H 107 17.96 34.71 68.75
N ARG H 108 18.73 34.08 69.62
CA ARG H 108 19.15 34.76 70.86
C ARG H 108 20.52 35.39 70.52
N TYR H 109 20.68 36.63 70.89
CA TYR H 109 21.96 37.31 70.87
C TYR H 109 22.44 37.48 72.30
N ASP H 110 23.65 36.98 72.57
CA ASP H 110 24.25 36.98 73.87
C ASP H 110 25.40 38.01 73.86
N GLU H 111 25.20 39.14 74.50
CA GLU H 111 26.22 40.17 74.56
C GLU H 111 27.51 39.71 75.19
N ALA H 112 27.44 38.92 76.26
CA ALA H 112 28.66 38.45 76.97
C ALA H 112 29.61 37.67 76.08
N SER H 113 29.06 36.94 75.09
CA SER H 113 29.85 36.08 74.20
C SER H 113 29.91 36.54 72.73
N ASP H 114 29.07 37.53 72.40
CA ASP H 114 28.73 37.84 71.00
C ASP H 114 28.03 36.74 70.17
N ALA H 115 27.60 35.65 70.81
CA ALA H 115 27.00 34.47 70.11
C ALA H 115 25.59 34.72 69.61
N LEU H 116 25.30 34.17 68.43
CA LEU H 116 23.95 34.09 67.89
C LEU H 116 23.58 32.65 67.93
N THR H 117 22.41 32.33 68.53
CA THR H 117 21.94 30.98 68.65
C THR H 117 20.49 30.87 68.15
N ALA H 118 20.24 29.90 67.29
CA ALA H 118 18.86 29.64 66.83
C ALA H 118 18.21 28.85 67.93
N VAL H 119 17.07 29.36 68.41
CA VAL H 119 16.35 28.70 69.50
C VAL H 119 14.90 28.34 69.28
N GLY H 120 14.32 28.75 68.17
CA GLY H 120 12.96 28.31 67.85
C GLY H 120 12.58 28.79 66.47
N VAL H 121 11.32 28.51 66.08
CA VAL H 121 10.81 28.94 64.81
C VAL H 121 9.40 29.49 64.99
N ASP H 122 9.16 30.69 64.45
CA ASP H 122 7.84 31.31 64.43
C ASP H 122 7.23 31.07 63.03
N GLY H 123 6.25 30.17 62.97
CA GLY H 123 5.63 29.75 61.72
C GLY H 123 5.98 28.30 61.49
N LEU H 124 5.22 27.65 60.61
CA LEU H 124 5.41 26.24 60.29
C LEU H 124 6.21 26.09 59.01
N ILE H 125 7.38 25.46 59.10
CA ILE H 125 8.24 25.13 57.96
C ILE H 125 7.52 24.24 56.94
N TYR H 126 7.76 24.48 55.63
CA TYR H 126 7.17 23.69 54.56
C TYR H 126 7.42 22.20 54.79
N GLY H 127 6.37 21.40 54.55
CA GLY H 127 6.56 19.96 54.29
C GLY H 127 6.84 19.14 55.53
N ARG H 128 6.29 19.62 56.64
CA ARG H 128 6.36 18.89 57.86
C ARG H 128 5.09 19.07 58.69
N GLN H 129 4.81 18.04 59.45
CA GLN H 129 3.66 18.03 60.35
C GLN H 129 3.89 18.91 61.58
N ALA H 130 5.17 19.00 62.00
CA ALA H 130 5.57 19.84 63.11
C ALA H 130 6.99 20.34 62.79
N ASN H 131 7.38 21.50 63.29
CA ASN H 131 8.77 21.99 63.01
C ASN H 131 9.87 21.01 63.42
N VAL H 132 9.66 20.31 64.51
CA VAL H 132 10.60 19.33 65.02
C VAL H 132 9.99 18.00 64.65
N ILE H 133 10.74 17.26 63.83
CA ILE H 133 10.31 16.00 63.31
C ILE H 133 10.83 14.98 64.31
#